data_7TKU
#
_entry.id   7TKU
#
_cell.length_a   1.00
_cell.length_b   1.00
_cell.length_c   1.00
_cell.angle_alpha   90.00
_cell.angle_beta   90.00
_cell.angle_gamma   90.00
#
_symmetry.space_group_name_H-M   'P 1'
#
loop_
_entity.id
_entity.type
_entity.pdbx_description
1 polymer 'Replication factor C subunit 1'
2 polymer 'Replication factor C subunit 4'
3 polymer 'Replication factor C subunit 3'
4 polymer 'Replication factor C subunit 2'
5 polymer 'Replication factor C subunit 5'
6 polymer 'Proliferating cell nuclear antigen'
7 non-polymer 'PHOSPHOTHIOPHOSPHORIC ACID-ADENYLATE ESTER'
8 non-polymer 'MAGNESIUM ION'
9 non-polymer "ADENOSINE-5'-DIPHOSPHATE"
#
loop_
_entity_poly.entity_id
_entity_poly.type
_entity_poly.pdbx_seq_one_letter_code
_entity_poly.pdbx_strand_id
1 'polypeptide(L)'
;MVNISDFFGKNKKSVRSSTSRPTRQVGSSKPEVIDLDTESDQESTNKTPKKMPVSNVIDVSETPEGEKKLPLPAKRKASS
PTVKPASSKKTKPSSKSSDSASNITAQDVLDKIPSLDLSNVHVKENAKFDFKSANSNADPDEIVSEIGSFPEGKPNCLLG
LTIVFTGVLPTLERGASEALAKRYGARVTKSISSKTSVVVLGDEAGPKKLEKIKQLKIKAIDEEGFKQLIAGMPAEGGDG
EAAEKARRKLEEQHNIATKEAELLVKKEEERSKKLAATRVSGGHLERDNVVREEDKLWTVKYAPTNLQQVCGNKGSVMKL
KNWLANWENSKKNSFKHAGKDGSGVFRAAMLYGPPGIGKTTAAHLVAQELGYDILEQNASDVRSKTLLNAGVKNALDNMS
VVGYFKHNEEAQNLNGKHFVIIMDEVDGMSGGDRGGVGQLAQFCRKTSTPLILICNERNLPKMRPFDRVCLDIQFRRPDA
NSIKSRLMTIAIREKFKLDPNVIDRLIQTTRGDIRQVINLLSTISTTTKTINHENINEISKAWEKNIALKPFDIAHKMLD
GQIYSDIGSRNFTLNDKIALYFDDFDFTPLMIQENYLSTRPSVLKPGQSHLEAVAEAANCISLGDIVEKKIRSSEQLWSL
LPLHAVLSSVYPASKVAGHMAGRINFTAWLGQNSKSAKYYRLLQEIHYHTRLGTSTDKIGLRLDYLPTFRKRLLDPFLKQ
GADAISSVIEVMDDYYLTKEDWDSIMEFFVGPDVTTAIIKKIPATVKSGFTRKYNSMTHPVAIYRTGSTIGGGGVGTSTS
TPDFEDVVDADDNPVPADDEETQDSSTDLKKDKLIKQKAKPTKRKTATSKPGGSKKRKTKA
;
A
2 'polypeptide(L)'
;MSKTLSLQLPWVEKYRPQVLSDIVGNKETIDRLQQIAKDGNMPHMIISGMPGIGKTTSVHCLAHELLGRSYADGVLELNA
SDDRGIDVVRNQIKHFAQKKLHLPPGKHKIVILDEADSMTAGAQQALRRTMELYSNSTRFAFACNQSNKIIEPLQSRCAI
LRYSKLSDEDVLKRLLQIIKLEDVKYTNDGLEAIIFTAEGDMRQAINNLQSTVAGHGLVNADNVFKIVDSPHPLIVKKML
LASNLEDSIQILRTDLWKKGYSSIDIVTTSFRVTKNLAQVKESVRLEMIKEIGLTHMRILEGVGTYLQLASMLAKIHKLN
NKA
;
B
3 'polypeptide(L)'
;MSTSTEKRSKENLPWVEKYRPETLDEVYGQNEVITTVRKFVDEGKLPHLLFYGPPGTGKTSTIVALAREIYGKNYSNMVL
ELNASDDRGIDVVRNQIKDFASTRQIFSKGFKLIILDEADAMTNAAQNALRRVIERYTKNTRFCVLANYAHKLTPALLSR
CTRFRFQPLPQEAIERRIANVLVHEKLKLSPNAEKALIELSNGDMRRVLNVLQSCKATLDNPDEDEISDDVIYECCGAPR
PSDLKAVLKSILEDDWGTAHYTLNKVRSAKGLALIDLIEGIVKILEDYELQNEETRVHLLTKLADIEYSISKGGNDQIQG
SAVIGAIKASFENETVKANV
;
C
4 'polypeptide(L)'
;MFEGFGPNKKRKISKLAAEQSLAQQPWVEKYRPKNLDEVTAQDHAVTVLKKTLKSANLPHMLFYGPPGTGKTSTILALTK
ELYGPDLMKSRILELNASDERGISIVREKVKNFARLTVSKPSKHDLENYPCPPYKIIILDEADSMTADAQSALRRTMETY
SGVTRFCLICNYVTRIIDPLASRCSKFRFKALDASNAIDRLRFISEQENVKCDDGVLERILDISAGDLRRGITLLQSASK
GAQYLGDGKNITSTQVEELAGVVPHDILIEIVEKVKSGDFDEIKKYVNTFMKSGWSAASVVNQLHEYYITNDNFDTNFKN
QISWLLFTTDSRLNNGTNEHIQLLNLLVKISQL
;
D
5 'polypeptide(L)'
;MSLWVDKYRPKSLNALSHNEELTNFLKSLSDQPRDLPHLLLYGPNGTGKKTRCMALLESIFGPGVYRLKIDVRQFVTASN
RKLELNVVSSPYHLEITPSDMGNNDRIVIQELLKEVAQMEQVDFQDSKDGLAHRYKCVIINEANSLTKDAQAALRRTMEK
YSKNIRLIMVCDSMSPIIAPIKSRCLLIRCPAPSDSEISTILSDVVTNERIQLETKDILKRIAQASNGNLRVSLLMLESM
ALNNELALKSSSPIIKPDWIIVIHKLTRKIVKERSVNSLIECRAVLYDLLAHCIPANIILKELTFSLLDVETLNTTNKSS
IIEYSSVFDERLSLGNKAIFHLEGFIAKVMCCLD
;
E
6 'polypeptide(L)'
;PHMASMLEAKFEEASLFKRIIDGFKDCVQLVNFQCKEDGIIAQAVDDSRVLLVSLEIGVEAFQEYRCDHPVTLGMDLTSL
SKILRCGNNTDTLTLIADNTPDSIILLFEDTKKDRIAEYSLKLMDIDADFLKIEELQYDSTLSLPSSEFSKIVRDLSQLS
DSINIMITKETIKFVADGDIGSGSVIIKPFVDMEHPETSIKLEMDQPVDLTFGAKYLLDIIKGSSLSDRVGIRLSSEAPA
LFQFDLKSGFLQFFLAPKFNDEE
;
F,G,H
#
# COMPACT_ATOMS: atom_id res chain seq x y z
N VAL A 291 3.82 -33.25 40.84
CA VAL A 291 3.60 -32.14 41.75
C VAL A 291 4.92 -31.72 42.38
N ARG A 292 5.05 -30.44 42.72
CA ARG A 292 6.27 -29.91 43.31
C ARG A 292 5.96 -28.57 43.95
N GLU A 293 6.73 -28.22 44.97
CA GLU A 293 6.54 -26.98 45.71
C GLU A 293 7.61 -25.93 45.43
N GLU A 294 8.82 -26.33 45.03
CA GLU A 294 9.89 -25.37 44.78
C GLU A 294 9.85 -24.86 43.35
N ASP A 295 9.43 -25.71 42.41
CA ASP A 295 9.41 -25.37 40.99
C ASP A 295 8.47 -24.22 40.68
N LYS A 296 7.59 -23.88 41.62
CA LYS A 296 6.64 -22.81 41.42
C LYS A 296 7.36 -21.49 41.19
N LEU A 297 6.66 -20.55 40.56
CA LEU A 297 7.23 -19.30 40.07
C LEU A 297 7.21 -18.18 41.09
N TRP A 298 7.11 -18.51 42.38
CA TRP A 298 7.15 -17.52 43.46
C TRP A 298 5.95 -16.59 43.42
N THR A 299 5.06 -16.78 42.45
CA THR A 299 3.86 -15.96 42.31
C THR A 299 2.57 -16.77 42.39
N VAL A 300 2.66 -18.10 42.29
CA VAL A 300 1.51 -18.98 42.47
C VAL A 300 1.52 -19.64 43.84
N LYS A 301 2.70 -19.90 44.40
CA LYS A 301 2.78 -20.41 45.77
C LYS A 301 2.42 -19.33 46.79
N TYR A 302 2.55 -18.05 46.43
CA TYR A 302 2.26 -16.95 47.33
C TYR A 302 1.03 -16.16 46.89
N ALA A 303 0.24 -16.70 45.97
CA ALA A 303 -0.98 -16.04 45.55
C ALA A 303 -2.00 -16.05 46.68
N PRO A 304 -2.82 -15.01 46.78
CA PRO A 304 -3.81 -14.94 47.87
C PRO A 304 -4.86 -16.05 47.72
N THR A 305 -4.96 -16.89 48.75
CA THR A 305 -5.96 -17.94 48.78
C THR A 305 -7.22 -17.53 49.53
N ASN A 306 -7.28 -16.30 50.01
CA ASN A 306 -8.47 -15.80 50.69
C ASN A 306 -8.50 -14.28 50.54
N LEU A 307 -9.71 -13.70 50.61
CA LEU A 307 -9.88 -12.29 50.36
C LEU A 307 -9.16 -11.41 51.40
N GLN A 308 -8.88 -11.95 52.59
CA GLN A 308 -8.17 -11.16 53.58
C GLN A 308 -6.67 -11.10 53.35
N GLN A 309 -6.19 -11.55 52.19
CA GLN A 309 -4.78 -11.49 51.85
C GLN A 309 -4.50 -10.59 50.66
N VAL A 310 -5.53 -10.05 50.00
CA VAL A 310 -5.35 -9.14 48.88
C VAL A 310 -4.96 -7.78 49.43
N CYS A 311 -3.67 -7.46 49.38
CA CYS A 311 -3.18 -6.21 49.95
C CYS A 311 -3.53 -5.05 49.03
N GLY A 312 -4.22 -4.05 49.58
CA GLY A 312 -4.54 -2.85 48.84
C GLY A 312 -5.97 -2.88 48.30
N ASN A 313 -6.55 -1.68 48.20
CA ASN A 313 -7.90 -1.48 47.68
C ASN A 313 -8.92 -2.33 48.41
N LYS A 314 -9.09 -2.10 49.72
CA LYS A 314 -10.10 -2.82 50.48
C LYS A 314 -11.51 -2.41 50.09
N GLY A 315 -11.74 -1.12 49.86
CA GLY A 315 -13.07 -0.66 49.52
C GLY A 315 -13.60 -1.23 48.21
N SER A 316 -12.76 -1.30 47.19
CA SER A 316 -13.20 -1.82 45.89
C SER A 316 -13.58 -3.29 45.98
N VAL A 317 -12.73 -4.11 46.60
CA VAL A 317 -13.04 -5.53 46.69
C VAL A 317 -14.23 -5.77 47.60
N MET A 318 -14.39 -4.93 48.64
CA MET A 318 -15.56 -5.06 49.50
C MET A 318 -16.84 -4.72 48.74
N LYS A 319 -16.81 -3.65 47.94
CA LYS A 319 -17.97 -3.29 47.13
C LYS A 319 -18.31 -4.40 46.14
N LEU A 320 -17.29 -4.96 45.50
CA LEU A 320 -17.53 -6.04 44.54
C LEU A 320 -18.07 -7.29 45.23
N LYS A 321 -17.58 -7.59 46.43
CA LYS A 321 -18.11 -8.72 47.18
C LYS A 321 -19.58 -8.52 47.53
N ASN A 322 -19.92 -7.33 48.02
CA ASN A 322 -21.33 -7.04 48.32
C ASN A 322 -22.19 -7.11 47.07
N TRP A 323 -21.66 -6.66 45.93
CA TRP A 323 -22.41 -6.73 44.69
C TRP A 323 -22.67 -8.17 44.27
N LEU A 324 -21.63 -9.01 44.33
CA LEU A 324 -21.81 -10.40 43.94
C LEU A 324 -22.72 -11.13 44.92
N ALA A 325 -22.74 -10.70 46.18
CA ALA A 325 -23.62 -11.32 47.16
C ALA A 325 -25.07 -10.92 46.94
N ASN A 326 -25.32 -9.64 46.65
CA ASN A 326 -26.68 -9.14 46.45
C ASN A 326 -27.14 -9.25 45.00
N TRP A 327 -26.34 -9.87 44.13
CA TRP A 327 -26.77 -10.07 42.74
C TRP A 327 -28.07 -10.88 42.68
N GLU A 328 -28.20 -11.90 43.51
CA GLU A 328 -29.42 -12.71 43.49
C GLU A 328 -30.62 -11.89 43.96
N ASN A 329 -30.46 -11.13 45.04
CA ASN A 329 -31.56 -10.30 45.54
C ASN A 329 -31.96 -9.25 44.51
N SER A 330 -30.99 -8.71 43.77
CA SER A 330 -31.31 -7.75 42.72
C SER A 330 -31.95 -8.42 41.52
N LYS A 331 -31.60 -9.69 41.26
CA LYS A 331 -32.24 -10.44 40.18
C LYS A 331 -33.70 -10.73 40.52
N LYS A 332 -34.00 -10.91 41.82
CA LYS A 332 -35.38 -11.12 42.24
C LYS A 332 -36.23 -9.90 41.89
N ASN A 333 -35.66 -8.70 41.97
CA ASN A 333 -36.37 -7.46 41.62
C ASN A 333 -36.16 -7.05 40.17
N SER A 334 -35.75 -7.99 39.31
CA SER A 334 -35.55 -7.74 37.88
C SER A 334 -34.53 -6.62 37.64
N PHE A 335 -33.60 -6.43 38.58
CA PHE A 335 -32.54 -5.44 38.51
C PHE A 335 -33.05 -4.01 38.36
N LYS A 336 -34.30 -3.75 38.75
CA LYS A 336 -34.90 -2.42 38.61
C LYS A 336 -35.04 -1.72 39.96
N HIS A 337 -34.14 -1.99 40.90
CA HIS A 337 -34.16 -1.34 42.20
C HIS A 337 -32.72 -1.13 42.65
N ALA A 338 -32.27 0.11 42.61
CA ALA A 338 -30.89 0.42 42.98
C ALA A 338 -30.66 0.18 44.47
N GLY A 339 -29.47 -0.34 44.79
CA GLY A 339 -29.13 -0.60 46.17
C GLY A 339 -28.68 0.65 46.91
N LYS A 340 -28.08 0.42 48.08
CA LYS A 340 -27.57 1.50 48.91
C LYS A 340 -26.52 2.30 48.15
N ASP A 341 -25.61 1.61 47.48
CA ASP A 341 -24.57 2.25 46.68
C ASP A 341 -24.94 2.37 45.21
N GLY A 342 -26.18 2.06 44.85
CA GLY A 342 -26.56 2.09 43.45
C GLY A 342 -25.89 1.02 42.62
N SER A 343 -25.84 -0.21 43.14
CA SER A 343 -25.14 -1.32 42.47
C SER A 343 -26.07 -2.40 41.95
N GLY A 344 -27.28 -2.51 42.48
CA GLY A 344 -28.20 -3.55 42.05
C GLY A 344 -28.85 -3.34 40.70
N VAL A 345 -28.61 -2.20 40.07
CA VAL A 345 -29.21 -1.90 38.78
C VAL A 345 -28.30 -2.33 37.62
N PHE A 346 -27.16 -2.94 37.94
CA PHE A 346 -26.20 -3.37 36.92
C PHE A 346 -26.02 -4.88 37.02
N ARG A 347 -26.07 -5.55 35.87
CA ARG A 347 -25.95 -7.01 35.86
C ARG A 347 -24.50 -7.45 35.73
N ALA A 348 -23.69 -6.66 35.04
CA ALA A 348 -22.31 -7.03 34.74
C ALA A 348 -21.34 -6.11 35.46
N ALA A 349 -20.20 -6.67 35.86
CA ALA A 349 -19.16 -5.93 36.56
C ALA A 349 -17.93 -5.74 35.67
N MET A 350 -17.23 -4.64 35.89
CA MET A 350 -16.06 -4.26 35.09
C MET A 350 -14.91 -3.93 36.03
N LEU A 351 -13.75 -4.54 35.76
CA LEU A 351 -12.55 -4.34 36.55
C LEU A 351 -11.50 -3.65 35.70
N TYR A 352 -11.02 -2.49 36.16
CA TYR A 352 -9.99 -1.77 35.43
C TYR A 352 -9.06 -1.09 36.42
N GLY A 353 -7.79 -1.04 36.05
CA GLY A 353 -6.74 -0.48 36.87
C GLY A 353 -5.38 -0.81 36.29
N PRO A 354 -4.32 -0.28 36.90
CA PRO A 354 -2.98 -0.56 36.41
C PRO A 354 -2.65 -2.03 36.51
N PRO A 355 -1.74 -2.54 35.69
CA PRO A 355 -1.45 -3.97 35.69
C PRO A 355 -0.73 -4.41 36.96
N GLY A 356 -0.96 -5.66 37.32
CA GLY A 356 -0.33 -6.27 38.48
C GLY A 356 -0.82 -5.73 39.82
N ILE A 357 -2.13 -5.79 40.05
CA ILE A 357 -2.70 -5.33 41.31
C ILE A 357 -3.60 -6.37 41.97
N GLY A 358 -4.06 -7.38 41.25
CA GLY A 358 -4.89 -8.40 41.85
C GLY A 358 -6.29 -8.44 41.27
N LYS A 359 -6.48 -7.94 40.05
CA LYS A 359 -7.80 -7.94 39.43
C LYS A 359 -8.28 -9.38 39.20
N THR A 360 -7.48 -10.17 38.48
CA THR A 360 -7.85 -11.56 38.24
C THR A 360 -7.88 -12.36 39.54
N THR A 361 -6.93 -12.10 40.44
CA THR A 361 -6.93 -12.78 41.73
C THR A 361 -8.20 -12.49 42.51
N ALA A 362 -8.61 -11.22 42.59
CA ALA A 362 -9.82 -10.87 43.31
C ALA A 362 -11.04 -11.48 42.63
N ALA A 363 -11.10 -11.42 41.29
CA ALA A 363 -12.26 -11.95 40.57
C ALA A 363 -12.38 -13.46 40.74
N HIS A 364 -11.25 -14.16 40.91
CA HIS A 364 -11.31 -15.60 41.15
C HIS A 364 -11.69 -15.90 42.59
N LEU A 365 -11.12 -15.18 43.56
CA LEU A 365 -11.38 -15.48 44.96
C LEU A 365 -12.80 -15.11 45.37
N VAL A 366 -13.34 -14.02 44.84
CA VAL A 366 -14.71 -13.64 45.19
C VAL A 366 -15.72 -14.64 44.65
N ALA A 367 -15.43 -15.29 43.52
CA ALA A 367 -16.32 -16.31 42.99
C ALA A 367 -16.12 -17.64 43.71
N GLN A 368 -14.89 -17.91 44.16
CA GLN A 368 -14.65 -19.17 44.87
C GLN A 368 -15.21 -19.13 46.30
N GLU A 369 -15.26 -17.94 46.90
CA GLU A 369 -15.71 -17.86 48.29
C GLU A 369 -17.21 -18.05 48.42
N LEU A 370 -17.99 -17.58 47.44
CA LEU A 370 -19.44 -17.68 47.49
C LEU A 370 -19.96 -19.00 46.92
N GLY A 371 -19.08 -19.99 46.74
CA GLY A 371 -19.51 -21.29 46.27
C GLY A 371 -19.92 -21.35 44.82
N TYR A 372 -19.68 -20.32 44.03
CA TYR A 372 -20.07 -20.30 42.64
C TYR A 372 -19.15 -21.21 41.81
N ASP A 373 -19.44 -21.29 40.52
CA ASP A 373 -18.59 -21.98 39.56
C ASP A 373 -17.97 -20.95 38.63
N ILE A 374 -16.70 -21.14 38.30
CA ILE A 374 -15.91 -20.15 37.58
C ILE A 374 -15.80 -20.58 36.12
N LEU A 375 -16.29 -19.72 35.22
CA LEU A 375 -16.05 -19.86 33.79
C LEU A 375 -15.17 -18.70 33.33
N GLU A 376 -13.98 -19.02 32.84
CA GLU A 376 -12.97 -18.01 32.54
C GLU A 376 -12.55 -18.11 31.08
N GLN A 377 -12.77 -17.04 30.33
CA GLN A 377 -12.28 -16.91 28.96
C GLN A 377 -11.24 -15.80 28.90
N ASN A 378 -10.18 -16.02 28.14
CA ASN A 378 -9.08 -15.08 28.08
C ASN A 378 -8.67 -14.87 26.62
N ALA A 379 -7.61 -14.07 26.44
CA ALA A 379 -7.15 -13.64 25.12
C ALA A 379 -6.70 -14.81 24.26
N SER A 380 -6.15 -15.86 24.88
CA SER A 380 -5.70 -17.01 24.11
C SER A 380 -6.84 -17.67 23.37
N ASP A 381 -8.03 -17.70 23.96
CA ASP A 381 -9.20 -18.20 23.26
C ASP A 381 -9.61 -17.23 22.16
N VAL A 382 -10.17 -17.78 21.08
CA VAL A 382 -10.62 -16.99 19.95
C VAL A 382 -11.97 -16.37 20.30
N ARG A 383 -12.02 -15.04 20.34
CA ARG A 383 -13.24 -14.31 20.69
C ARG A 383 -13.69 -13.47 19.51
N SER A 384 -14.88 -13.76 19.00
CA SER A 384 -15.51 -12.98 17.95
C SER A 384 -17.01 -13.20 18.06
N LYS A 385 -17.78 -12.29 17.47
CA LYS A 385 -19.24 -12.34 17.60
C LYS A 385 -19.79 -13.71 17.23
N THR A 386 -19.25 -14.32 16.18
CA THR A 386 -19.68 -15.66 15.79
C THR A 386 -19.34 -16.68 16.87
N LEU A 387 -18.06 -16.78 17.21
CA LEU A 387 -17.65 -17.77 18.21
C LEU A 387 -18.18 -17.44 19.60
N LEU A 388 -18.38 -16.15 19.90
CA LEU A 388 -18.93 -15.78 21.19
C LEU A 388 -20.40 -16.19 21.29
N ASN A 389 -21.18 -15.92 20.25
CA ASN A 389 -22.56 -16.38 20.22
C ASN A 389 -22.65 -17.90 20.08
N ALA A 390 -21.56 -18.55 19.67
CA ALA A 390 -21.55 -20.00 19.52
C ALA A 390 -21.25 -20.73 20.83
N GLY A 391 -20.18 -20.35 21.52
CA GLY A 391 -19.72 -21.10 22.66
C GLY A 391 -20.27 -20.67 24.01
N VAL A 392 -20.11 -19.40 24.34
CA VAL A 392 -20.48 -18.91 25.67
C VAL A 392 -21.91 -18.40 25.74
N LYS A 393 -22.57 -18.15 24.60
CA LYS A 393 -23.96 -17.72 24.63
C LYS A 393 -24.85 -18.79 25.22
N ASN A 394 -24.57 -20.06 24.94
CA ASN A 394 -25.32 -21.16 25.54
C ASN A 394 -25.03 -21.27 27.04
N ALA A 395 -23.82 -20.97 27.46
CA ALA A 395 -23.46 -20.97 28.87
C ALA A 395 -23.85 -19.69 29.58
N LEU A 396 -24.65 -18.84 28.95
CA LEU A 396 -25.09 -17.60 29.57
C LEU A 396 -26.28 -17.85 30.51
N ASP A 397 -27.22 -18.68 30.08
CA ASP A 397 -28.44 -18.95 30.85
C ASP A 397 -28.60 -20.42 31.21
N ASN A 398 -27.56 -21.23 31.07
CA ASN A 398 -27.61 -22.64 31.41
C ASN A 398 -27.10 -22.87 32.83
N MET A 399 -27.09 -24.13 33.25
CA MET A 399 -26.65 -24.54 34.57
C MET A 399 -25.33 -25.30 34.46
N SER A 400 -24.66 -25.46 35.59
CA SER A 400 -23.39 -26.17 35.60
C SER A 400 -23.61 -27.67 35.60
N VAL A 401 -22.80 -28.37 34.81
CA VAL A 401 -22.85 -29.83 34.79
C VAL A 401 -21.84 -30.43 35.76
N VAL A 402 -20.69 -29.78 35.95
CA VAL A 402 -19.68 -30.30 36.86
C VAL A 402 -20.03 -29.94 38.30
N GLY A 403 -20.74 -28.84 38.52
CA GLY A 403 -21.09 -28.44 39.88
C GLY A 403 -22.07 -29.40 40.54
N TYR A 404 -22.94 -30.03 39.75
CA TYR A 404 -23.92 -30.95 40.32
C TYR A 404 -23.25 -32.14 40.99
N PHE A 405 -22.07 -32.55 40.50
CA PHE A 405 -21.34 -33.65 41.10
C PHE A 405 -20.33 -33.21 42.15
N LYS A 406 -20.09 -31.90 42.28
CA LYS A 406 -19.11 -31.42 43.25
C LYS A 406 -19.55 -31.73 44.67
N HIS A 407 -20.67 -31.16 45.11
CA HIS A 407 -21.16 -31.39 46.46
C HIS A 407 -22.62 -30.99 46.52
N ASN A 408 -23.49 -31.93 46.88
CA ASN A 408 -24.91 -31.66 47.02
C ASN A 408 -25.56 -32.31 48.22
N GLU A 409 -24.82 -33.07 49.03
CA GLU A 409 -25.43 -33.75 50.17
C GLU A 409 -25.81 -32.77 51.27
N GLU A 410 -24.91 -31.83 51.58
CA GLU A 410 -25.16 -30.81 52.59
C GLU A 410 -25.63 -29.53 51.93
N ALA A 411 -26.39 -28.74 52.68
CA ALA A 411 -26.94 -27.48 52.18
C ALA A 411 -25.97 -26.36 52.50
N GLN A 412 -24.98 -26.16 51.61
CA GLN A 412 -24.04 -25.07 51.78
C GLN A 412 -24.59 -23.75 51.24
N ASN A 413 -25.17 -23.78 50.05
CA ASN A 413 -25.69 -22.59 49.38
C ASN A 413 -26.47 -23.03 48.15
N LEU A 414 -27.40 -22.18 47.73
CA LEU A 414 -28.23 -22.46 46.57
C LEU A 414 -27.60 -22.01 45.26
N ASN A 415 -26.53 -21.22 45.30
CA ASN A 415 -25.86 -20.73 44.10
C ASN A 415 -24.58 -21.49 43.81
N GLY A 416 -24.54 -22.77 44.13
CA GLY A 416 -23.38 -23.59 43.83
C GLY A 416 -23.52 -24.33 42.51
N LYS A 417 -24.60 -24.05 41.78
CA LYS A 417 -24.87 -24.68 40.50
C LYS A 417 -24.93 -23.67 39.37
N HIS A 418 -24.50 -22.42 39.60
CA HIS A 418 -24.61 -21.36 38.61
C HIS A 418 -23.24 -20.95 38.09
N PHE A 419 -23.27 -20.20 36.98
CA PHE A 419 -22.07 -19.74 36.30
C PHE A 419 -21.72 -18.31 36.69
N VAL A 420 -20.42 -18.06 36.78
CA VAL A 420 -19.86 -16.72 36.81
C VAL A 420 -18.80 -16.64 35.72
N ILE A 421 -19.17 -16.01 34.60
CA ILE A 421 -18.31 -15.93 33.42
C ILE A 421 -17.38 -14.74 33.59
N ILE A 422 -16.08 -15.01 33.67
CA ILE A 422 -15.06 -13.99 33.85
C ILE A 422 -14.38 -13.75 32.51
N MET A 423 -14.66 -12.60 31.91
CA MET A 423 -13.99 -12.20 30.67
C MET A 423 -12.76 -11.39 31.02
N ASP A 424 -11.59 -11.99 30.85
CA ASP A 424 -10.33 -11.38 31.22
C ASP A 424 -9.66 -10.77 30.01
N GLU A 425 -8.94 -9.66 30.23
CA GLU A 425 -8.20 -8.97 29.18
C GLU A 425 -9.11 -8.62 28.00
N VAL A 426 -10.12 -7.79 28.25
CA VAL A 426 -11.04 -7.38 27.19
C VAL A 426 -10.34 -6.47 26.18
N ASP A 427 -9.19 -5.90 26.55
CA ASP A 427 -8.50 -4.98 25.66
C ASP A 427 -8.08 -5.66 24.37
N GLY A 428 -7.59 -6.90 24.46
CA GLY A 428 -7.09 -7.58 23.28
C GLY A 428 -8.16 -8.29 22.49
N MET A 429 -8.65 -7.63 21.43
CA MET A 429 -9.68 -8.15 20.54
C MET A 429 -9.24 -8.02 19.09
N SER A 430 -7.99 -8.43 18.82
CA SER A 430 -7.46 -8.34 17.46
C SER A 430 -8.12 -9.32 16.51
N GLY A 431 -8.78 -10.36 17.03
CA GLY A 431 -9.46 -11.33 16.18
C GLY A 431 -10.94 -11.09 16.08
N GLY A 435 -16.74 -8.52 16.62
CA GLY A 435 -17.58 -8.61 17.80
C GLY A 435 -16.79 -8.77 19.09
N GLY A 436 -15.79 -7.90 19.27
CA GLY A 436 -14.96 -7.95 20.45
C GLY A 436 -15.53 -7.16 21.61
N VAL A 437 -16.02 -5.94 21.34
CA VAL A 437 -16.59 -5.08 22.35
C VAL A 437 -18.09 -4.90 22.18
N GLY A 438 -18.59 -4.92 20.94
CA GLY A 438 -20.02 -4.75 20.71
C GLY A 438 -20.84 -5.90 21.23
N GLN A 439 -20.49 -7.12 20.84
CA GLN A 439 -21.25 -8.29 21.26
C GLN A 439 -21.13 -8.52 22.76
N LEU A 440 -19.95 -8.28 23.33
CA LEU A 440 -19.78 -8.43 24.77
C LEU A 440 -20.60 -7.39 25.53
N ALA A 441 -20.70 -6.16 24.99
CA ALA A 441 -21.57 -5.16 25.62
C ALA A 441 -23.04 -5.56 25.50
N GLN A 442 -23.41 -6.20 24.37
CA GLN A 442 -24.76 -6.72 24.23
C GLN A 442 -25.03 -7.88 25.18
N PHE A 443 -23.99 -8.58 25.63
CA PHE A 443 -24.17 -9.62 26.64
C PHE A 443 -24.53 -9.02 28.00
N CYS A 444 -24.22 -7.75 28.22
CA CYS A 444 -24.44 -7.15 29.53
C CYS A 444 -25.91 -6.88 29.82
N ARG A 445 -26.77 -6.89 28.82
CA ARG A 445 -28.18 -6.61 29.00
C ARG A 445 -29.06 -7.86 28.99
N LYS A 446 -28.74 -8.86 28.18
CA LYS A 446 -29.51 -10.09 28.08
C LYS A 446 -28.86 -11.23 28.85
N THR A 447 -28.25 -10.93 29.99
CA THR A 447 -27.57 -11.93 30.81
C THR A 447 -28.48 -12.42 31.93
N SER A 448 -28.12 -13.58 32.49
CA SER A 448 -28.84 -14.15 33.61
C SER A 448 -27.90 -14.71 34.67
N THR A 449 -26.59 -14.53 34.52
CA THR A 449 -25.58 -14.99 35.46
C THR A 449 -24.60 -13.87 35.74
N PRO A 450 -23.91 -13.92 36.89
CA PRO A 450 -22.90 -12.89 37.18
C PRO A 450 -21.84 -12.82 36.08
N LEU A 451 -21.67 -11.62 35.52
CA LEU A 451 -20.74 -11.39 34.42
C LEU A 451 -19.69 -10.40 34.88
N ILE A 452 -18.48 -10.90 35.15
CA ILE A 452 -17.36 -10.06 35.57
C ILE A 452 -16.41 -9.89 34.39
N LEU A 453 -16.10 -8.64 34.05
CA LEU A 453 -15.18 -8.32 32.98
C LEU A 453 -13.95 -7.63 33.55
N ILE A 454 -12.79 -7.94 32.99
CA ILE A 454 -11.52 -7.43 33.48
C ILE A 454 -10.76 -6.83 32.29
N CYS A 455 -10.36 -5.57 32.41
CA CYS A 455 -9.53 -4.90 31.43
C CYS A 455 -8.41 -4.15 32.16
N ASN A 456 -7.57 -3.48 31.38
CA ASN A 456 -6.43 -2.74 31.93
C ASN A 456 -6.62 -1.23 31.87
N GLU A 457 -7.07 -0.70 30.75
CA GLU A 457 -7.29 0.74 30.58
C GLU A 457 -8.73 0.95 30.13
N ARG A 458 -9.44 1.85 30.82
CA ARG A 458 -10.88 1.98 30.67
C ARG A 458 -11.29 3.01 29.61
N ASN A 459 -10.57 4.12 29.52
CA ASN A 459 -10.95 5.22 28.65
C ASN A 459 -10.51 5.02 27.20
N LEU A 460 -10.10 3.81 26.82
CA LEU A 460 -9.72 3.57 25.44
C LEU A 460 -10.96 3.63 24.54
N PRO A 461 -10.84 4.23 23.34
CA PRO A 461 -12.04 4.51 22.53
C PRO A 461 -12.78 3.26 22.06
N LYS A 462 -12.07 2.15 21.89
CA LYS A 462 -12.72 0.95 21.34
C LYS A 462 -13.73 0.37 22.33
N MET A 463 -13.43 0.43 23.63
CA MET A 463 -14.31 -0.12 24.65
C MET A 463 -15.23 0.91 25.27
N ARG A 464 -15.64 1.93 24.51
CA ARG A 464 -16.57 2.93 25.03
C ARG A 464 -17.96 2.37 25.34
N PRO A 465 -18.56 1.46 24.53
CA PRO A 465 -19.91 0.96 24.85
C PRO A 465 -20.12 0.51 26.29
N PHE A 466 -19.05 0.08 26.98
CA PHE A 466 -19.15 -0.39 28.35
C PHE A 466 -19.39 0.74 29.35
N ASP A 467 -19.69 1.94 28.85
CA ASP A 467 -19.75 3.13 29.70
C ASP A 467 -20.85 3.04 30.76
N ARG A 468 -22.10 2.84 30.34
CA ARG A 468 -23.22 2.84 31.27
C ARG A 468 -24.03 1.54 31.23
N VAL A 469 -23.60 0.54 30.46
CA VAL A 469 -24.35 -0.71 30.38
C VAL A 469 -24.01 -1.66 31.52
N CYS A 470 -22.89 -1.46 32.20
CA CYS A 470 -22.47 -2.34 33.29
C CYS A 470 -21.77 -1.52 34.36
N LEU A 471 -21.85 -2.01 35.59
CA LEU A 471 -21.15 -1.36 36.69
C LEU A 471 -19.65 -1.54 36.51
N ASP A 472 -18.88 -0.50 36.87
CA ASP A 472 -17.44 -0.55 36.80
C ASP A 472 -16.85 -0.11 38.13
N ILE A 473 -15.71 -0.72 38.50
CA ILE A 473 -14.96 -0.31 39.67
C ILE A 473 -13.51 -0.12 39.28
N GLN A 474 -12.83 0.79 39.99
CA GLN A 474 -11.47 1.18 39.68
C GLN A 474 -10.53 0.67 40.77
N PHE A 475 -9.51 -0.08 40.37
CA PHE A 475 -8.49 -0.57 41.29
C PHE A 475 -7.26 0.30 41.16
N ARG A 476 -6.81 0.87 42.27
CA ARG A 476 -5.72 1.84 42.28
C ARG A 476 -4.39 1.17 42.63
N ARG A 477 -3.31 1.88 42.34
CA ARG A 477 -1.98 1.41 42.72
C ARG A 477 -1.84 1.42 44.23
N PRO A 478 -1.56 0.29 44.86
CA PRO A 478 -1.48 0.25 46.33
C PRO A 478 -0.30 1.04 46.85
N ASP A 479 -0.40 1.42 48.11
CA ASP A 479 0.67 2.16 48.79
C ASP A 479 1.74 1.20 49.25
N ALA A 480 2.68 1.69 50.05
CA ALA A 480 3.76 0.88 50.59
C ALA A 480 3.41 0.24 51.92
N ASN A 481 2.20 0.46 52.44
CA ASN A 481 1.81 -0.06 53.74
C ASN A 481 1.05 -1.38 53.63
N SER A 482 0.44 -1.63 52.48
CA SER A 482 -0.35 -2.86 52.31
C SER A 482 0.56 -4.06 52.04
N ILE A 483 1.48 -3.92 51.08
CA ILE A 483 2.30 -5.05 50.67
C ILE A 483 3.49 -5.22 51.60
N LYS A 484 3.69 -4.30 52.54
CA LYS A 484 4.87 -4.38 53.41
C LYS A 484 4.82 -5.61 54.30
N SER A 485 3.65 -5.93 54.85
CA SER A 485 3.54 -7.11 55.71
C SER A 485 3.75 -8.39 54.91
N ARG A 486 3.19 -8.44 53.70
CA ARG A 486 3.40 -9.60 52.83
C ARG A 486 4.87 -9.78 52.51
N LEU A 487 5.56 -8.68 52.17
CA LEU A 487 6.96 -8.78 51.81
C LEU A 487 7.82 -9.20 53.00
N MET A 488 7.52 -8.68 54.19
CA MET A 488 8.28 -9.09 55.37
C MET A 488 8.03 -10.56 55.71
N THR A 489 6.78 -11.02 55.56
CA THR A 489 6.50 -12.43 55.82
C THR A 489 7.17 -13.33 54.79
N ILE A 490 7.31 -12.86 53.56
CA ILE A 490 8.05 -13.63 52.55
C ILE A 490 9.53 -13.67 52.90
N ALA A 491 10.09 -12.52 53.31
CA ALA A 491 11.50 -12.48 53.68
C ALA A 491 11.78 -13.38 54.87
N ILE A 492 10.81 -13.50 55.79
CA ILE A 492 11.01 -14.39 56.94
C ILE A 492 11.01 -15.85 56.50
N ARG A 493 10.16 -16.20 55.54
CA ARG A 493 9.97 -17.58 55.11
C ARG A 493 10.97 -18.00 54.03
N GLU A 494 11.97 -17.17 53.73
CA GLU A 494 12.95 -17.53 52.71
C GLU A 494 14.40 -17.32 53.14
N LYS A 495 14.67 -16.92 54.38
CA LYS A 495 16.02 -16.85 54.93
C LYS A 495 16.90 -15.89 54.13
N PHE A 496 16.40 -14.67 53.95
CA PHE A 496 17.16 -13.61 53.29
C PHE A 496 16.69 -12.27 53.80
N LYS A 497 17.64 -11.37 54.06
CA LYS A 497 17.35 -10.14 54.78
C LYS A 497 16.67 -9.11 53.88
N LEU A 498 15.74 -8.36 54.48
CA LEU A 498 15.07 -7.25 53.81
C LEU A 498 14.87 -6.13 54.82
N ASP A 499 15.47 -4.98 54.56
CA ASP A 499 15.27 -3.84 55.43
C ASP A 499 13.89 -3.25 55.21
N PRO A 500 13.13 -2.96 56.27
CA PRO A 500 11.82 -2.31 56.07
C PRO A 500 11.90 -0.92 55.47
N ASN A 501 13.10 -0.40 55.19
CA ASN A 501 13.22 0.95 54.67
C ASN A 501 13.34 0.97 53.15
N VAL A 502 13.70 -0.16 52.54
CA VAL A 502 13.90 -0.17 51.09
C VAL A 502 12.63 -0.59 50.36
N ILE A 503 11.63 -1.11 51.08
CA ILE A 503 10.42 -1.58 50.44
C ILE A 503 9.67 -0.44 49.76
N ASP A 504 9.75 0.77 50.34
CA ASP A 504 9.09 1.91 49.71
C ASP A 504 9.75 2.25 48.38
N ARG A 505 11.08 2.17 48.31
CA ARG A 505 11.77 2.40 47.04
C ARG A 505 11.46 1.28 46.05
N LEU A 506 11.31 0.05 46.54
CA LEU A 506 10.95 -1.06 45.66
C LEU A 506 9.56 -0.86 45.07
N ILE A 507 8.63 -0.33 45.87
CA ILE A 507 7.30 -0.02 45.35
C ILE A 507 7.34 1.20 44.43
N GLN A 508 8.24 2.14 44.67
CA GLN A 508 8.32 3.33 43.83
C GLN A 508 8.92 3.04 42.47
N THR A 509 9.94 2.18 42.39
CA THR A 509 10.57 1.90 41.11
C THR A 509 9.65 1.10 40.19
N THR A 510 8.78 0.28 40.76
CA THR A 510 7.75 -0.44 40.01
C THR A 510 6.41 0.08 40.53
N ARG A 511 5.86 1.06 39.81
CA ARG A 511 4.78 1.92 40.32
C ARG A 511 3.69 1.17 41.06
N GLY A 512 3.01 0.25 40.38
CA GLY A 512 1.89 -0.44 41.01
C GLY A 512 1.78 -1.91 40.67
N ASP A 513 2.89 -2.56 40.33
CA ASP A 513 2.87 -3.97 39.98
C ASP A 513 3.55 -4.75 41.11
N ILE A 514 2.73 -5.34 41.98
CA ILE A 514 3.26 -6.13 43.09
C ILE A 514 3.96 -7.38 42.58
N ARG A 515 3.40 -7.99 41.54
CA ARG A 515 4.03 -9.17 40.94
C ARG A 515 5.43 -8.84 40.44
N GLN A 516 5.63 -7.62 39.94
CA GLN A 516 6.97 -7.21 39.52
C GLN A 516 7.91 -7.12 40.71
N VAL A 517 7.41 -6.67 41.85
CA VAL A 517 8.23 -6.61 43.07
C VAL A 517 8.62 -8.01 43.51
N ILE A 518 7.66 -8.95 43.44
CA ILE A 518 7.94 -10.32 43.84
C ILE A 518 8.98 -10.94 42.92
N ASN A 519 8.85 -10.71 41.61
CA ASN A 519 9.82 -11.24 40.66
C ASN A 519 11.20 -10.61 40.86
N LEU A 520 11.22 -9.30 41.12
CA LEU A 520 12.49 -8.63 41.39
C LEU A 520 13.18 -9.21 42.62
N LEU A 521 12.43 -9.44 43.70
CA LEU A 521 13.03 -10.06 44.88
C LEU A 521 13.51 -11.48 44.60
N SER A 522 12.71 -12.26 43.87
CA SER A 522 13.07 -13.66 43.62
C SER A 522 14.31 -13.76 42.74
N THR A 523 14.42 -12.90 41.73
CA THR A 523 15.54 -12.98 40.80
C THR A 523 16.85 -12.61 41.48
N ILE A 524 16.80 -11.67 42.43
CA ILE A 524 18.03 -11.22 43.10
C ILE A 524 18.36 -12.09 44.30
N SER A 525 17.38 -12.76 44.89
CA SER A 525 17.65 -13.57 46.07
C SER A 525 18.41 -14.86 45.77
N THR A 526 18.84 -15.08 44.53
CA THR A 526 19.57 -16.32 44.22
C THR A 526 21.05 -16.20 44.55
N THR A 527 21.62 -15.00 44.42
CA THR A 527 23.04 -14.77 44.71
C THR A 527 23.25 -13.78 45.85
N THR A 528 22.34 -12.83 46.02
CA THR A 528 22.43 -11.85 47.09
C THR A 528 21.22 -11.98 48.01
N LYS A 529 21.48 -12.21 49.30
CA LYS A 529 20.42 -12.38 50.29
C LYS A 529 20.25 -11.16 51.18
N THR A 530 21.01 -10.10 50.96
CA THR A 530 20.94 -8.88 51.73
C THR A 530 20.59 -7.72 50.80
N ILE A 531 19.35 -7.25 50.86
CA ILE A 531 18.88 -6.12 50.06
C ILE A 531 18.60 -4.99 51.04
N ASN A 532 19.47 -3.99 51.05
CA ASN A 532 19.36 -2.86 51.96
C ASN A 532 19.75 -1.60 51.21
N HIS A 533 19.98 -0.51 51.96
CA HIS A 533 20.34 0.77 51.40
C HIS A 533 21.74 0.81 50.80
N GLU A 534 22.49 -0.29 50.88
CA GLU A 534 23.84 -0.32 50.32
C GLU A 534 23.87 -0.65 48.84
N ASN A 535 22.82 -1.30 48.32
CA ASN A 535 22.78 -1.64 46.90
C ASN A 535 21.40 -1.37 46.29
N ILE A 536 20.57 -0.54 46.93
CA ILE A 536 19.22 -0.29 46.43
C ILE A 536 19.27 0.57 45.17
N ASN A 537 20.30 1.40 45.02
CA ASN A 537 20.38 2.29 43.87
C ASN A 537 20.53 1.51 42.57
N GLU A 538 21.41 0.50 42.56
CA GLU A 538 21.60 -0.30 41.36
C GLU A 538 20.34 -1.05 40.98
N ILE A 539 19.63 -1.58 41.98
CA ILE A 539 18.39 -2.29 41.72
C ILE A 539 17.34 -1.34 41.13
N SER A 540 17.16 -0.19 41.76
CA SER A 540 16.18 0.78 41.28
C SER A 540 16.53 1.34 39.91
N LYS A 541 17.83 1.36 39.54
CA LYS A 541 18.23 1.88 38.25
C LYS A 541 18.16 0.82 37.14
N ALA A 542 18.41 -0.45 37.49
CA ALA A 542 18.44 -1.50 36.49
C ALA A 542 17.09 -2.16 36.24
N TRP A 543 16.13 -1.98 37.15
CA TRP A 543 14.82 -2.63 37.04
C TRP A 543 13.70 -1.61 36.86
N GLU A 544 13.95 -0.51 36.16
CA GLU A 544 12.92 0.47 35.91
C GLU A 544 11.87 -0.09 34.94
N LYS A 545 10.67 0.47 35.03
CA LYS A 545 9.53 0.06 34.21
C LYS A 545 9.34 1.07 33.09
N ASN A 546 9.46 0.60 31.84
CA ASN A 546 9.28 1.46 30.67
C ASN A 546 7.87 1.32 30.11
N ILE A 547 6.91 1.89 30.84
CA ILE A 547 5.51 1.85 30.43
C ILE A 547 5.33 2.81 29.25
N ALA A 548 4.32 2.56 28.43
CA ALA A 548 3.97 3.43 27.32
C ALA A 548 3.04 4.54 27.79
N LEU A 549 3.26 5.74 27.27
CA LEU A 549 2.55 6.93 27.73
C LEU A 549 1.36 7.21 26.82
N LYS A 550 0.27 7.68 27.42
CA LYS A 550 -0.98 7.90 26.70
C LYS A 550 -1.06 9.37 26.26
N PRO A 551 -1.97 9.72 25.34
CA PRO A 551 -2.04 11.12 24.86
C PRO A 551 -2.10 12.17 25.96
N PHE A 552 -2.77 11.89 27.09
CA PHE A 552 -2.80 12.85 28.18
C PHE A 552 -1.44 12.95 28.86
N ASP A 553 -0.85 11.81 29.19
CA ASP A 553 0.39 11.79 29.95
C ASP A 553 1.56 12.29 29.12
N ILE A 554 1.59 11.97 27.82
CA ILE A 554 2.68 12.44 26.97
C ILE A 554 2.66 13.96 26.89
N ALA A 555 1.46 14.55 26.76
CA ALA A 555 1.35 16.00 26.74
C ALA A 555 1.74 16.61 28.08
N HIS A 556 1.28 16.01 29.18
CA HIS A 556 1.62 16.53 30.50
C HIS A 556 3.13 16.48 30.75
N LYS A 557 3.80 15.47 30.20
CA LYS A 557 5.23 15.34 30.41
C LYS A 557 6.01 16.29 29.52
N MET A 558 5.67 16.33 28.22
CA MET A 558 6.41 17.18 27.30
C MET A 558 6.12 18.66 27.51
N LEU A 559 5.02 19.00 28.19
CA LEU A 559 4.70 20.38 28.47
C LEU A 559 5.21 20.86 29.82
N ASP A 560 5.82 19.98 30.61
CA ASP A 560 6.34 20.36 31.92
C ASP A 560 7.63 21.16 31.75
N GLY A 561 7.75 22.28 32.44
CA GLY A 561 8.90 23.15 32.31
C GLY A 561 10.11 22.69 33.12
N GLN A 562 10.07 21.48 33.65
CA GLN A 562 11.17 20.98 34.46
C GLN A 562 12.23 20.25 33.64
N ILE A 563 11.85 19.64 32.50
CA ILE A 563 12.81 18.88 31.71
C ILE A 563 13.75 19.81 30.96
N TYR A 564 13.21 20.90 30.40
CA TYR A 564 13.99 21.80 29.56
C TYR A 564 14.83 22.79 30.37
N SER A 565 14.98 22.57 31.67
CA SER A 565 15.88 23.38 32.47
C SER A 565 17.32 22.90 32.29
N ASP A 566 18.25 23.65 32.88
CA ASP A 566 19.66 23.30 32.77
C ASP A 566 19.99 21.99 33.48
N ILE A 567 19.32 21.67 34.58
CA ILE A 567 19.56 20.43 35.31
C ILE A 567 18.82 19.26 34.68
N GLY A 568 17.54 19.47 34.34
CA GLY A 568 16.75 18.39 33.76
C GLY A 568 17.17 18.01 32.35
N SER A 569 17.90 18.89 31.67
CA SER A 569 18.33 18.59 30.29
C SER A 569 19.28 17.41 30.23
N ARG A 570 20.02 17.13 31.31
CA ARG A 570 20.93 15.99 31.35
C ARG A 570 20.36 14.80 32.09
N ASN A 571 19.27 14.97 32.84
CA ASN A 571 18.58 13.86 33.47
C ASN A 571 17.53 13.24 32.55
N PHE A 572 16.96 14.02 31.64
CA PHE A 572 16.00 13.56 30.65
C PHE A 572 16.43 14.15 29.32
N THR A 573 17.26 13.41 28.59
CA THR A 573 17.91 13.93 27.40
C THR A 573 16.91 14.08 26.24
N LEU A 574 17.42 14.59 25.12
CA LEU A 574 16.58 14.80 23.95
C LEU A 574 16.23 13.48 23.28
N ASN A 575 17.12 12.48 23.37
CA ASN A 575 16.82 11.17 22.81
C ASN A 575 15.58 10.57 23.47
N ASP A 576 15.48 10.69 24.80
CA ASP A 576 14.28 10.26 25.49
C ASP A 576 13.06 11.07 25.07
N LYS A 577 13.24 12.37 24.82
CA LYS A 577 12.13 13.21 24.37
C LYS A 577 11.60 12.73 23.02
N ILE A 578 12.50 12.31 22.13
CA ILE A 578 12.07 11.83 20.82
C ILE A 578 11.44 10.44 20.94
N ALA A 579 11.97 9.61 21.84
CA ALA A 579 11.33 8.32 22.10
C ALA A 579 9.93 8.49 22.66
N LEU A 580 9.71 9.56 23.43
CA LEU A 580 8.39 9.86 23.95
C LEU A 580 7.39 10.07 22.82
N TYR A 581 7.81 10.78 21.76
CA TYR A 581 6.97 10.87 20.56
C TYR A 581 6.82 9.52 19.89
N PHE A 582 7.92 8.78 19.75
CA PHE A 582 7.90 7.48 19.10
C PHE A 582 6.99 6.47 19.79
N ASP A 583 6.64 6.69 21.06
CA ASP A 583 5.66 5.81 21.71
C ASP A 583 4.31 5.87 21.01
N ASP A 584 3.89 7.07 20.58
CA ASP A 584 2.63 7.22 19.87
C ASP A 584 2.79 8.41 18.91
N PHE A 585 3.06 8.11 17.64
CA PHE A 585 3.18 9.13 16.61
C PHE A 585 1.85 9.42 15.93
N ASP A 586 0.74 8.95 16.49
CA ASP A 586 -0.57 9.15 15.89
C ASP A 586 -1.38 10.23 16.58
N PHE A 587 -1.13 10.48 17.86
CA PHE A 587 -1.89 11.46 18.63
C PHE A 587 -1.05 12.55 19.26
N THR A 588 0.26 12.34 19.41
CA THR A 588 1.11 13.34 20.04
C THR A 588 1.13 14.69 19.31
N PRO A 589 1.31 14.75 17.98
CA PRO A 589 1.25 16.07 17.32
C PRO A 589 -0.10 16.75 17.48
N LEU A 590 -1.19 15.98 17.40
CA LEU A 590 -2.51 16.55 17.59
C LEU A 590 -2.70 17.09 19.01
N MET A 591 -2.24 16.32 20.00
CA MET A 591 -2.32 16.79 21.39
C MET A 591 -1.53 18.08 21.57
N ILE A 592 -0.30 18.11 21.05
CA ILE A 592 0.54 19.30 21.21
C ILE A 592 -0.10 20.51 20.53
N GLN A 593 -0.61 20.32 19.31
CA GLN A 593 -1.29 21.43 18.63
C GLN A 593 -2.55 21.85 19.38
N GLU A 594 -3.17 20.91 20.10
CA GLU A 594 -4.39 21.25 20.83
C GLU A 594 -4.10 22.09 22.06
N ASN A 595 -3.05 21.74 22.81
CA ASN A 595 -2.82 22.39 24.11
C ASN A 595 -1.39 22.88 24.25
N TYR A 596 -0.87 23.57 23.22
CA TYR A 596 0.45 24.18 23.37
C TYR A 596 0.37 25.61 23.88
N LEU A 597 -0.76 26.31 23.67
CA LEU A 597 -0.93 27.67 24.12
C LEU A 597 -1.83 27.78 25.34
N SER A 598 -2.23 26.65 25.94
CA SER A 598 -3.08 26.62 27.12
C SER A 598 -2.28 26.38 28.40
N THR A 599 -1.06 26.92 28.47
CA THR A 599 -0.20 26.72 29.62
C THR A 599 0.54 28.03 29.93
N ARG A 600 1.13 28.07 31.12
CA ARG A 600 1.93 29.21 31.54
C ARG A 600 3.40 28.82 31.51
N PRO A 601 4.19 29.38 30.60
CA PRO A 601 5.57 28.90 30.43
C PRO A 601 6.47 29.33 31.59
N SER A 602 7.66 28.71 31.62
CA SER A 602 8.68 29.06 32.59
C SER A 602 10.07 29.16 31.97
N VAL A 603 10.20 28.98 30.66
CA VAL A 603 11.48 29.05 29.97
C VAL A 603 11.57 30.31 29.11
N LEU A 604 10.69 31.29 29.36
CA LEU A 604 10.64 32.50 28.56
C LEU A 604 11.97 33.24 28.62
N LYS A 605 12.58 33.46 27.47
CA LYS A 605 13.84 34.19 27.40
C LYS A 605 13.61 35.66 27.79
N PRO A 606 14.65 36.33 28.30
CA PRO A 606 14.49 37.74 28.67
C PRO A 606 14.08 38.59 27.47
N GLY A 607 12.96 39.28 27.62
CA GLY A 607 12.43 40.11 26.55
C GLY A 607 11.29 39.44 25.80
N GLN A 608 11.38 38.13 25.63
CA GLN A 608 10.36 37.38 24.90
C GLN A 608 9.14 37.20 25.79
N SER A 609 7.97 37.56 25.27
CA SER A 609 6.71 37.42 26.01
C SER A 609 6.07 36.08 25.66
N HIS A 610 4.84 35.88 26.14
CA HIS A 610 4.14 34.63 25.86
C HIS A 610 3.64 34.55 24.43
N LEU A 611 3.20 35.70 23.87
CA LEU A 611 2.65 35.70 22.52
C LEU A 611 3.69 35.33 21.48
N GLU A 612 4.92 35.84 21.63
CA GLU A 612 5.98 35.52 20.69
C GLU A 612 6.36 34.05 20.76
N ALA A 613 6.43 33.49 21.97
CA ALA A 613 6.71 32.07 22.11
C ALA A 613 5.61 31.23 21.47
N VAL A 614 4.36 31.62 21.66
CA VAL A 614 3.26 30.90 21.02
C VAL A 614 3.35 31.00 19.50
N ALA A 615 3.76 32.16 19.00
CA ALA A 615 3.89 32.34 17.56
C ALA A 615 4.99 31.45 16.99
N GLU A 616 6.13 31.37 17.67
CA GLU A 616 7.19 30.49 17.20
C GLU A 616 6.78 29.02 17.29
N ALA A 617 6.05 28.65 18.35
CA ALA A 617 5.55 27.30 18.48
C ALA A 617 4.61 26.96 17.32
N ALA A 618 3.73 27.89 16.95
CA ALA A 618 2.82 27.65 15.84
C ALA A 618 3.53 27.60 14.50
N ASN A 619 4.59 28.40 14.32
CA ASN A 619 5.39 28.31 13.10
C ASN A 619 6.03 26.92 12.98
N CYS A 620 6.61 26.43 14.08
CA CYS A 620 7.18 25.08 14.05
C CYS A 620 6.09 24.02 13.86
N ILE A 621 4.88 24.29 14.37
CA ILE A 621 3.76 23.37 14.14
C ILE A 621 3.43 23.30 12.66
N SER A 622 3.41 24.45 11.98
CA SER A 622 3.14 24.47 10.54
C SER A 622 4.22 23.72 9.78
N LEU A 623 5.49 23.93 10.17
CA LEU A 623 6.58 23.21 9.51
C LEU A 623 6.46 21.69 9.73
N GLY A 624 6.10 21.28 10.94
CA GLY A 624 5.89 19.86 11.19
C GLY A 624 4.72 19.30 10.41
N ASP A 625 3.69 20.13 10.19
CA ASP A 625 2.57 19.70 9.35
C ASP A 625 3.04 19.49 7.92
N ILE A 626 3.88 20.40 7.41
CA ILE A 626 4.43 20.23 6.06
C ILE A 626 5.22 18.93 5.97
N VAL A 627 6.05 18.68 6.97
CA VAL A 627 6.85 17.44 6.99
C VAL A 627 5.95 16.22 7.06
N GLU A 628 4.87 16.28 7.84
CA GLU A 628 3.96 15.14 7.95
C GLU A 628 3.25 14.87 6.63
N LYS A 629 2.82 15.93 5.95
CA LYS A 629 2.18 15.75 4.64
C LYS A 629 3.16 15.14 3.64
N LYS A 630 4.42 15.60 3.66
CA LYS A 630 5.42 14.99 2.80
C LYS A 630 5.70 13.54 3.16
N ILE A 631 5.55 13.18 4.43
CA ILE A 631 5.80 11.79 4.85
C ILE A 631 4.67 10.88 4.37
N ARG A 632 3.42 11.26 4.65
CA ARG A 632 2.28 10.43 4.32
C ARG A 632 1.82 10.59 2.87
N SER A 633 2.59 11.28 2.04
CA SER A 633 2.30 11.39 0.62
C SER A 633 2.91 10.20 -0.12
N SER A 634 2.98 10.29 -1.44
CA SER A 634 3.60 9.24 -2.24
C SER A 634 5.09 9.13 -1.91
N GLU A 635 5.70 8.08 -2.48
CA GLU A 635 7.12 7.74 -2.30
C GLU A 635 7.38 7.17 -0.92
N GLN A 636 6.36 7.20 -0.05
CA GLN A 636 6.41 6.59 1.28
C GLN A 636 7.70 6.94 2.02
N LEU A 637 7.95 8.23 2.16
CA LEU A 637 9.16 8.68 2.84
C LEU A 637 9.02 8.52 4.35
N TRP A 638 9.43 7.36 4.87
CA TRP A 638 9.33 7.09 6.29
C TRP A 638 10.61 7.41 7.05
N SER A 639 11.72 7.64 6.35
CA SER A 639 12.97 8.01 7.00
C SER A 639 12.94 9.44 7.55
N LEU A 640 11.86 10.18 7.31
CA LEU A 640 11.73 11.56 7.76
C LEU A 640 10.95 11.68 9.06
N LEU A 641 10.73 10.56 9.77
CA LEU A 641 9.90 10.59 10.97
C LEU A 641 10.52 11.41 12.10
N PRO A 642 11.80 11.21 12.47
CA PRO A 642 12.33 11.99 13.61
C PRO A 642 12.35 13.49 13.39
N LEU A 643 12.51 13.94 12.14
CA LEU A 643 12.39 15.38 11.87
C LEU A 643 10.99 15.86 12.22
N HIS A 644 9.96 15.08 11.86
CA HIS A 644 8.61 15.42 12.27
C HIS A 644 8.46 15.39 13.79
N ALA A 645 9.11 14.43 14.45
CA ALA A 645 9.07 14.37 15.91
C ALA A 645 9.63 15.64 16.54
N VAL A 646 10.71 16.17 15.98
CA VAL A 646 11.33 17.38 16.53
C VAL A 646 10.51 18.63 16.19
N LEU A 647 10.03 18.73 14.95
CA LEU A 647 9.36 19.95 14.50
C LEU A 647 7.96 20.08 15.11
N SER A 648 7.19 18.98 15.08
CA SER A 648 5.79 19.07 15.50
C SER A 648 5.66 19.06 17.02
N SER A 649 6.45 18.23 17.70
CA SER A 649 6.25 17.98 19.12
C SER A 649 7.30 18.66 20.01
N VAL A 650 8.58 18.40 19.77
CA VAL A 650 9.61 18.78 20.73
C VAL A 650 9.81 20.29 20.75
N TYR A 651 9.92 20.91 19.57
CA TYR A 651 10.23 22.34 19.52
C TYR A 651 9.10 23.20 20.06
N PRO A 652 7.84 23.05 19.65
CA PRO A 652 6.79 23.91 20.23
C PRO A 652 6.58 23.67 21.71
N ALA A 653 6.80 22.43 22.17
CA ALA A 653 6.72 22.16 23.60
C ALA A 653 7.83 22.89 24.36
N SER A 654 9.07 22.75 23.89
CA SER A 654 10.19 23.44 24.52
C SER A 654 10.05 24.95 24.49
N LYS A 655 9.38 25.50 23.48
CA LYS A 655 9.21 26.95 23.39
C LYS A 655 8.22 27.50 24.39
N VAL A 656 7.23 26.72 24.82
CA VAL A 656 6.17 27.20 25.70
C VAL A 656 6.14 26.28 26.92
N ALA A 657 7.30 25.72 27.27
CA ALA A 657 7.38 24.77 28.38
C ALA A 657 7.24 25.49 29.71
N GLY A 658 6.32 25.03 30.55
CA GLY A 658 6.12 25.60 31.87
C GLY A 658 5.22 24.74 32.71
N HIS A 659 4.33 25.38 33.46
CA HIS A 659 3.36 24.69 34.31
C HIS A 659 1.97 24.86 33.72
N MET A 660 1.28 23.75 33.49
CA MET A 660 -0.04 23.80 32.87
C MET A 660 -1.07 24.38 33.83
N ALA A 661 -1.91 25.27 33.33
CA ALA A 661 -2.90 25.93 34.16
C ALA A 661 -4.08 25.00 34.44
N GLY A 662 -4.77 24.55 33.40
CA GLY A 662 -5.92 23.69 33.56
C GLY A 662 -5.59 22.22 33.44
N ARG A 663 -6.46 21.47 32.76
CA ARG A 663 -6.27 20.04 32.54
C ARG A 663 -5.91 19.76 31.10
N ILE A 664 -5.41 18.55 30.85
CA ILE A 664 -5.04 18.14 29.50
C ILE A 664 -6.30 17.94 28.67
N ASN A 665 -6.55 18.86 27.74
CA ASN A 665 -7.73 18.80 26.91
C ASN A 665 -7.55 17.81 25.77
N PHE A 666 -8.62 17.13 25.41
CA PHE A 666 -8.58 16.20 24.29
C PHE A 666 -8.50 16.97 22.97
N THR A 667 -7.84 16.35 21.99
CA THR A 667 -7.69 16.99 20.68
C THR A 667 -9.05 17.20 20.03
N ALA A 668 -9.18 18.32 19.34
CA ALA A 668 -10.44 18.70 18.70
C ALA A 668 -10.44 18.55 17.19
N TRP A 669 -9.28 18.36 16.57
CA TRP A 669 -9.23 18.31 15.11
C TRP A 669 -9.85 17.01 14.59
N LEU A 670 -9.80 15.93 15.36
CA LEU A 670 -10.35 14.66 14.90
C LEU A 670 -11.86 14.75 14.70
N GLY A 671 -12.55 15.50 15.56
CA GLY A 671 -13.97 15.68 15.41
C GLY A 671 -14.33 16.73 14.38
N GLN A 672 -13.53 17.81 14.33
CA GLN A 672 -13.76 18.86 13.36
C GLN A 672 -13.57 18.38 11.94
N ASN A 673 -12.60 17.50 11.68
CA ASN A 673 -12.43 16.95 10.34
C ASN A 673 -13.58 16.06 9.95
N SER A 674 -14.09 15.26 10.89
CA SER A 674 -15.26 14.43 10.60
C SER A 674 -16.48 15.28 10.30
N LYS A 675 -16.66 16.36 11.06
CA LYS A 675 -17.78 17.27 10.79
C LYS A 675 -17.62 17.94 9.43
N SER A 676 -16.39 18.34 9.10
CA SER A 676 -16.14 18.97 7.79
C SER A 676 -16.42 18.01 6.65
N ALA A 677 -16.05 16.73 6.83
CA ALA A 677 -16.34 15.74 5.80
C ALA A 677 -17.84 15.50 5.67
N LYS A 678 -18.55 15.38 6.80
CA LYS A 678 -19.98 15.22 6.78
C LYS A 678 -20.69 16.38 6.10
N TYR A 679 -20.19 17.61 6.28
CA TYR A 679 -20.74 18.77 5.61
C TYR A 679 -20.36 18.84 4.13
N TYR A 680 -19.15 18.40 3.78
CA TYR A 680 -18.74 18.38 2.39
C TYR A 680 -19.56 17.40 1.58
N ARG A 681 -19.93 16.26 2.19
CA ARG A 681 -20.80 15.32 1.50
C ARG A 681 -22.13 15.97 1.15
N LEU A 682 -22.74 16.67 2.12
CA LEU A 682 -24.02 17.33 1.86
C LEU A 682 -23.86 18.44 0.82
N LEU A 683 -22.75 19.17 0.88
CA LEU A 683 -22.52 20.23 -0.11
C LEU A 683 -22.38 19.66 -1.50
N GLN A 684 -21.66 18.53 -1.64
CA GLN A 684 -21.52 17.89 -2.94
C GLN A 684 -22.86 17.39 -3.45
N GLU A 685 -23.68 16.82 -2.56
CA GLU A 685 -25.01 16.37 -2.95
C GLU A 685 -25.86 17.53 -3.46
N ILE A 686 -25.86 18.64 -2.72
CA ILE A 686 -26.65 19.81 -3.13
C ILE A 686 -26.14 20.36 -4.46
N HIS A 687 -24.82 20.42 -4.62
CA HIS A 687 -24.25 20.94 -5.85
C HIS A 687 -24.60 20.07 -7.05
N TYR A 688 -24.53 18.75 -6.89
CA TYR A 688 -24.86 17.87 -8.01
C TYR A 688 -26.37 17.76 -8.22
N HIS A 689 -27.18 18.17 -7.25
CA HIS A 689 -28.61 18.31 -7.49
C HIS A 689 -28.90 19.56 -8.30
N THR A 690 -28.22 20.66 -7.99
CA THR A 690 -28.49 21.94 -8.65
C THR A 690 -27.63 22.16 -9.90
N ARG A 691 -26.75 21.21 -10.25
CA ARG A 691 -25.85 21.37 -11.38
C ARG A 691 -26.57 21.70 -12.67
N LEU A 692 -27.83 21.28 -12.83
CA LEU A 692 -28.53 21.50 -14.08
C LEU A 692 -28.79 22.99 -14.33
N GLY A 693 -28.90 23.78 -13.26
CA GLY A 693 -29.23 25.19 -13.42
C GLY A 693 -28.20 26.16 -12.89
N THR A 694 -27.42 25.75 -11.89
CA THR A 694 -26.51 26.68 -11.24
C THR A 694 -25.30 26.99 -12.12
N SER A 695 -24.71 25.96 -12.73
CA SER A 695 -23.51 26.10 -13.56
C SER A 695 -22.39 26.77 -12.77
N THR A 696 -22.08 26.18 -11.62
CA THR A 696 -21.05 26.70 -10.73
C THR A 696 -20.47 25.53 -9.95
N ASP A 697 -19.20 25.68 -9.55
CA ASP A 697 -18.50 24.67 -8.80
C ASP A 697 -19.11 24.50 -7.40
N LYS A 698 -18.70 23.44 -6.70
CA LYS A 698 -19.21 23.19 -5.37
C LYS A 698 -18.73 24.25 -4.38
N ILE A 699 -17.68 25.00 -4.75
CA ILE A 699 -17.14 26.03 -3.87
C ILE A 699 -17.89 27.34 -4.03
N GLY A 700 -18.07 27.82 -5.27
CA GLY A 700 -18.74 29.08 -5.49
C GLY A 700 -20.20 29.08 -5.09
N LEU A 701 -20.80 27.90 -4.90
CA LEU A 701 -22.20 27.82 -4.50
C LEU A 701 -22.35 28.09 -3.01
N ARG A 702 -21.49 27.49 -2.19
CA ARG A 702 -21.59 27.68 -0.75
C ARG A 702 -21.29 29.12 -0.35
N LEU A 703 -20.33 29.75 -1.03
CA LEU A 703 -19.92 31.09 -0.64
C LEU A 703 -20.92 32.15 -1.10
N ASP A 704 -21.62 31.92 -2.20
CA ASP A 704 -22.47 32.93 -2.80
C ASP A 704 -23.93 32.54 -2.85
N TYR A 705 -24.26 31.37 -3.40
CA TYR A 705 -25.64 31.04 -3.72
C TYR A 705 -26.50 30.91 -2.46
N LEU A 706 -25.96 30.25 -1.43
CA LEU A 706 -26.77 29.94 -0.26
C LEU A 706 -27.29 31.16 0.50
N PRO A 707 -26.55 32.26 0.64
CA PRO A 707 -27.17 33.47 1.22
C PRO A 707 -28.46 33.90 0.54
N THR A 708 -28.52 33.88 -0.79
CA THR A 708 -29.73 34.28 -1.48
C THR A 708 -30.78 33.18 -1.45
N PHE A 709 -30.34 31.92 -1.49
CA PHE A 709 -31.29 30.81 -1.35
C PHE A 709 -31.98 30.82 0.00
N ARG A 710 -31.31 31.34 1.04
CA ARG A 710 -31.95 31.48 2.34
C ARG A 710 -33.08 32.50 2.28
N LYS A 711 -32.82 33.65 1.66
CA LYS A 711 -33.86 34.66 1.50
C LYS A 711 -35.02 34.13 0.67
N ARG A 712 -34.72 33.37 -0.38
CA ARG A 712 -35.76 32.88 -1.27
C ARG A 712 -36.60 31.78 -0.63
N LEU A 713 -35.95 30.89 0.14
CA LEU A 713 -36.63 29.72 0.65
C LEU A 713 -37.23 29.98 2.04
N LEU A 714 -36.41 30.47 2.96
CA LEU A 714 -36.83 30.55 4.36
C LEU A 714 -37.66 31.78 4.65
N ASP A 715 -37.24 32.94 4.13
CA ASP A 715 -37.88 34.20 4.47
C ASP A 715 -39.39 34.21 4.21
N PRO A 716 -39.91 33.69 3.08
CA PRO A 716 -41.38 33.66 2.92
C PRO A 716 -42.10 32.91 4.02
N PHE A 717 -41.45 31.95 4.68
CA PHE A 717 -42.07 31.24 5.78
C PHE A 717 -42.14 32.07 7.05
N LEU A 718 -41.41 33.18 7.13
CA LEU A 718 -41.41 34.04 8.31
C LEU A 718 -42.33 35.24 8.14
N LYS A 719 -42.23 35.93 7.01
CA LYS A 719 -42.97 37.16 6.77
C LYS A 719 -44.39 36.91 6.26
N GLN A 720 -44.65 35.73 5.70
CA GLN A 720 -45.93 35.47 5.06
C GLN A 720 -46.67 34.29 5.69
N GLY A 721 -45.97 33.43 6.43
CA GLY A 721 -46.64 32.35 7.12
C GLY A 721 -46.90 31.15 6.22
N ALA A 722 -48.03 30.49 6.47
CA ALA A 722 -48.36 29.22 5.83
C ALA A 722 -49.00 29.38 4.46
N ASP A 723 -49.16 30.60 3.95
CA ASP A 723 -49.69 30.82 2.61
C ASP A 723 -48.58 30.98 1.57
N ALA A 724 -47.33 31.07 2.00
CA ALA A 724 -46.19 31.12 1.11
C ALA A 724 -45.72 29.72 0.74
N ILE A 725 -46.34 28.69 1.31
CA ILE A 725 -46.03 27.30 0.99
C ILE A 725 -46.16 27.05 -0.51
N SER A 726 -47.04 27.80 -1.18
CA SER A 726 -47.22 27.61 -2.62
C SER A 726 -46.05 28.17 -3.40
N SER A 727 -45.43 29.25 -2.91
CA SER A 727 -44.34 29.88 -3.66
C SER A 727 -43.04 29.10 -3.48
N VAL A 728 -42.68 28.82 -2.22
CA VAL A 728 -41.40 28.17 -1.92
C VAL A 728 -41.21 26.91 -2.75
N ILE A 729 -42.26 26.09 -2.86
CA ILE A 729 -42.13 24.83 -3.60
C ILE A 729 -41.78 25.09 -5.06
N GLU A 730 -42.42 26.09 -5.68
CA GLU A 730 -42.13 26.39 -7.08
C GLU A 730 -40.69 26.81 -7.28
N VAL A 731 -39.94 27.01 -6.20
CA VAL A 731 -38.52 27.24 -6.29
C VAL A 731 -37.75 25.92 -6.34
N MET A 732 -38.01 25.03 -5.38
CA MET A 732 -37.14 23.87 -5.22
C MET A 732 -37.34 22.86 -6.35
N ASP A 733 -38.58 22.72 -6.84
CA ASP A 733 -38.81 21.87 -8.00
C ASP A 733 -38.05 22.37 -9.22
N ASP A 734 -37.68 23.66 -9.23
CA ASP A 734 -36.84 24.18 -10.28
C ASP A 734 -35.43 23.63 -10.20
N TYR A 735 -34.90 23.44 -8.99
CA TYR A 735 -33.54 22.96 -8.79
C TYR A 735 -33.49 21.51 -8.31
N TYR A 736 -34.60 20.78 -8.45
CA TYR A 736 -34.68 19.36 -8.11
C TYR A 736 -34.34 19.08 -6.65
N LEU A 737 -34.69 19.98 -5.75
CA LEU A 737 -34.46 19.77 -4.33
C LEU A 737 -35.61 18.98 -3.71
N THR A 738 -35.39 18.54 -2.48
CA THR A 738 -36.41 17.86 -1.71
C THR A 738 -36.39 18.37 -0.28
N LYS A 739 -37.20 17.73 0.57
CA LYS A 739 -37.21 18.06 1.99
C LYS A 739 -35.83 17.81 2.62
N GLU A 740 -35.13 16.78 2.16
CA GLU A 740 -33.81 16.49 2.69
C GLU A 740 -32.81 17.58 2.36
N ASP A 741 -32.90 18.17 1.16
CA ASP A 741 -31.99 19.27 0.83
C ASP A 741 -32.35 20.54 1.60
N TRP A 742 -33.65 20.77 1.85
CA TRP A 742 -34.04 21.92 2.65
C TRP A 742 -33.60 21.76 4.10
N ASP A 743 -33.52 20.52 4.59
CA ASP A 743 -33.04 20.29 5.94
C ASP A 743 -31.54 20.59 6.04
N SER A 744 -30.81 20.38 4.94
CA SER A 744 -29.36 20.49 4.98
C SER A 744 -28.88 21.90 4.64
N ILE A 745 -29.58 22.60 3.73
CA ILE A 745 -29.13 23.92 3.30
C ILE A 745 -29.12 24.91 4.45
N MET A 746 -30.08 24.79 5.37
CA MET A 746 -30.20 25.76 6.45
C MET A 746 -29.05 25.64 7.44
N GLU A 747 -28.41 24.47 7.51
CA GLU A 747 -27.40 24.23 8.54
C GLU A 747 -26.04 24.81 8.19
N PHE A 748 -25.88 25.42 7.01
CA PHE A 748 -24.56 25.83 6.56
C PHE A 748 -24.19 27.22 7.04
N PHE A 749 -25.19 28.08 7.26
CA PHE A 749 -24.92 29.47 7.56
C PHE A 749 -24.29 29.64 8.94
N VAL A 750 -23.34 30.57 9.02
CA VAL A 750 -22.57 30.83 10.24
C VAL A 750 -22.62 32.33 10.53
N GLY A 751 -22.24 32.70 11.74
CA GLY A 751 -22.12 34.10 12.12
C GLY A 751 -23.43 34.67 12.62
N PRO A 752 -23.81 35.84 12.08
CA PRO A 752 -25.10 36.43 12.47
C PRO A 752 -26.29 35.59 12.05
N ASP A 753 -26.24 35.01 10.85
CA ASP A 753 -27.33 34.18 10.34
C ASP A 753 -27.17 32.78 10.87
N VAL A 754 -27.94 32.45 11.90
CA VAL A 754 -27.97 31.11 12.49
C VAL A 754 -29.38 30.60 12.38
N THR A 755 -29.58 29.54 11.58
CA THR A 755 -30.92 29.05 11.29
C THR A 755 -31.39 27.97 12.26
N THR A 756 -30.47 27.25 12.91
CA THR A 756 -30.85 26.19 13.83
C THR A 756 -31.66 26.70 15.03
N ALA A 757 -31.70 28.01 15.24
CA ALA A 757 -32.54 28.62 16.26
C ALA A 757 -33.78 29.29 15.68
N ILE A 758 -33.69 29.81 14.46
CA ILE A 758 -34.85 30.43 13.83
C ILE A 758 -35.87 29.38 13.39
N ILE A 759 -35.43 28.16 13.13
CA ILE A 759 -36.37 27.11 12.72
C ILE A 759 -37.34 26.80 13.85
N LYS A 760 -36.86 26.83 15.09
CA LYS A 760 -37.69 26.54 16.26
C LYS A 760 -38.65 27.67 16.59
N LYS A 761 -38.59 28.79 15.86
CA LYS A 761 -39.44 29.94 16.11
C LYS A 761 -40.75 29.91 15.32
N ILE A 762 -40.73 29.40 14.09
CA ILE A 762 -41.95 29.31 13.28
C ILE A 762 -42.88 28.29 13.91
N PRO A 763 -44.20 28.42 13.72
CA PRO A 763 -45.13 27.46 14.33
C PRO A 763 -44.89 26.04 13.83
N ALA A 764 -45.32 25.07 14.62
CA ALA A 764 -45.20 23.66 14.24
C ALA A 764 -46.24 23.25 13.21
N THR A 765 -47.38 23.95 13.14
CA THR A 765 -48.42 23.57 12.18
C THR A 765 -47.97 23.79 10.74
N VAL A 766 -47.19 24.85 10.49
CA VAL A 766 -46.66 25.05 9.14
C VAL A 766 -45.60 24.02 8.82
N LYS A 767 -44.86 23.57 9.85
CA LYS A 767 -43.92 22.46 9.66
C LYS A 767 -44.64 21.19 9.26
N SER A 768 -45.74 20.87 9.93
CA SER A 768 -46.50 19.66 9.60
C SER A 768 -47.26 19.79 8.29
N GLY A 769 -47.57 21.01 7.86
CA GLY A 769 -48.25 21.18 6.59
C GLY A 769 -47.32 21.20 5.40
N PHE A 770 -46.08 21.68 5.57
CA PHE A 770 -45.16 21.78 4.45
C PHE A 770 -44.76 20.39 3.95
N THR A 771 -44.43 19.48 4.86
CA THR A 771 -44.08 18.12 4.46
C THR A 771 -45.25 17.42 3.80
N ARG A 772 -46.47 17.63 4.31
CA ARG A 772 -47.64 17.00 3.71
C ARG A 772 -47.90 17.54 2.31
N LYS A 773 -47.83 18.86 2.14
CA LYS A 773 -48.00 19.47 0.83
C LYS A 773 -46.94 18.98 -0.14
N TYR A 774 -45.72 18.78 0.33
CA TYR A 774 -44.66 18.29 -0.56
C TYR A 774 -44.87 16.83 -0.93
N ASN A 775 -45.26 16.00 0.04
CA ASN A 775 -45.44 14.58 -0.25
C ASN A 775 -46.66 14.34 -1.13
N SER A 776 -47.65 15.23 -1.05
CA SER A 776 -48.87 15.04 -1.83
C SER A 776 -48.65 15.32 -3.30
N MET A 777 -48.08 16.47 -3.62
CA MET A 777 -47.95 16.88 -5.02
C MET A 777 -46.86 16.06 -5.72
N THR A 778 -47.06 15.85 -7.02
CA THR A 778 -46.11 15.14 -7.84
C THR A 778 -45.20 16.14 -8.57
N HIS A 779 -43.93 15.76 -8.72
CA HIS A 779 -42.96 16.61 -9.40
C HIS A 779 -43.22 16.66 -10.90
N LEU B 5 35.91 -29.37 -1.97
CA LEU B 5 35.71 -27.96 -1.70
C LEU B 5 35.05 -27.76 -0.34
N SER B 6 35.86 -27.61 0.70
CA SER B 6 35.37 -27.41 2.05
C SER B 6 35.57 -25.96 2.47
N LEU B 7 34.53 -25.37 3.03
CA LEU B 7 34.55 -23.97 3.45
C LEU B 7 34.57 -23.92 4.97
N GLN B 8 35.65 -23.38 5.53
CA GLN B 8 35.80 -23.26 6.97
C GLN B 8 34.80 -22.27 7.54
N LEU B 9 34.30 -22.57 8.74
CA LEU B 9 33.35 -21.70 9.40
C LEU B 9 34.00 -20.36 9.73
N PRO B 10 33.21 -19.28 9.80
CA PRO B 10 33.78 -17.98 10.15
C PRO B 10 34.21 -17.94 11.61
N TRP B 11 35.08 -16.98 11.91
CA TRP B 11 35.55 -16.81 13.28
C TRP B 11 34.42 -16.40 14.21
N VAL B 12 33.34 -15.84 13.65
CA VAL B 12 32.19 -15.48 14.48
C VAL B 12 31.40 -16.72 14.87
N GLU B 13 31.38 -17.73 13.99
CA GLU B 13 30.62 -18.95 14.27
C GLU B 13 31.50 -20.08 14.79
N LYS B 14 32.72 -20.22 14.26
CA LYS B 14 33.61 -21.28 14.71
C LYS B 14 33.95 -21.13 16.18
N TYR B 15 34.02 -19.90 16.68
CA TYR B 15 34.36 -19.63 18.07
C TYR B 15 33.16 -19.10 18.86
N ARG B 16 31.95 -19.45 18.42
CA ARG B 16 30.76 -19.10 19.19
C ARG B 16 30.75 -19.89 20.50
N PRO B 17 30.65 -19.24 21.65
CA PRO B 17 30.73 -19.95 22.93
C PRO B 17 29.60 -20.95 23.08
N GLN B 18 29.96 -22.18 23.47
CA GLN B 18 29.00 -23.23 23.77
C GLN B 18 28.90 -23.50 25.27
N VAL B 19 29.52 -22.66 26.09
CA VAL B 19 29.49 -22.80 27.54
C VAL B 19 29.25 -21.42 28.13
N LEU B 20 28.35 -21.37 29.14
CA LEU B 20 27.98 -20.10 29.74
C LEU B 20 29.15 -19.40 30.41
N SER B 21 30.24 -20.11 30.68
CA SER B 21 31.39 -19.48 31.33
C SER B 21 32.19 -18.64 30.33
N ASP B 22 32.17 -19.02 29.04
CA ASP B 22 32.94 -18.30 28.04
C ASP B 22 32.34 -16.95 27.67
N ILE B 23 31.16 -16.61 28.17
CA ILE B 23 30.57 -15.31 27.88
C ILE B 23 31.32 -14.24 28.67
N VAL B 24 31.74 -13.18 27.98
CA VAL B 24 32.55 -12.12 28.57
C VAL B 24 31.74 -10.84 28.73
N GLY B 25 30.42 -10.92 28.67
CA GLY B 25 29.59 -9.74 28.76
C GLY B 25 29.44 -9.19 30.17
N ASN B 26 28.24 -8.70 30.49
CA ASN B 26 27.98 -8.17 31.82
C ASN B 26 28.17 -9.27 32.88
N LYS B 27 29.06 -9.01 33.83
CA LYS B 27 29.44 -10.05 34.78
C LYS B 27 28.28 -10.42 35.71
N GLU B 28 27.52 -9.43 36.16
CA GLU B 28 26.47 -9.69 37.15
C GLU B 28 25.35 -10.55 36.56
N THR B 29 24.85 -10.17 35.38
CA THR B 29 23.74 -10.91 34.78
C THR B 29 24.19 -12.30 34.35
N ILE B 30 25.43 -12.42 33.85
CA ILE B 30 25.94 -13.73 33.45
C ILE B 30 26.10 -14.63 34.67
N ASP B 31 26.55 -14.07 35.79
CA ASP B 31 26.65 -14.87 37.01
C ASP B 31 25.28 -15.27 37.52
N ARG B 32 24.29 -14.39 37.39
CA ARG B 32 22.93 -14.73 37.77
C ARG B 32 22.40 -15.89 36.92
N LEU B 33 22.60 -15.80 35.60
CA LEU B 33 22.18 -16.89 34.72
C LEU B 33 22.93 -18.18 35.03
N GLN B 34 24.21 -18.08 35.38
CA GLN B 34 24.98 -19.27 35.73
C GLN B 34 24.41 -19.94 36.97
N GLN B 35 24.13 -19.16 38.01
CA GLN B 35 23.55 -19.73 39.22
C GLN B 35 22.17 -20.31 38.95
N ILE B 36 21.37 -19.64 38.12
CA ILE B 36 20.07 -20.18 37.75
C ILE B 36 20.22 -21.53 37.04
N ALA B 37 21.20 -21.63 36.13
CA ALA B 37 21.41 -22.87 35.41
C ALA B 37 21.87 -23.99 36.35
N LYS B 38 22.75 -23.68 37.31
CA LYS B 38 23.18 -24.71 38.25
C LYS B 38 22.04 -25.11 39.18
N ASP B 39 21.13 -24.19 39.49
CA ASP B 39 19.98 -24.51 40.33
C ASP B 39 18.86 -25.15 39.52
N GLY B 40 18.36 -24.44 38.51
CA GLY B 40 17.37 -24.97 37.58
C GLY B 40 16.05 -24.23 37.59
N ASN B 41 15.74 -23.49 38.66
CA ASN B 41 14.47 -22.77 38.73
C ASN B 41 14.53 -21.49 37.90
N MET B 42 14.47 -21.62 36.59
CA MET B 42 14.62 -20.49 35.70
C MET B 42 13.28 -19.81 35.46
N PRO B 43 13.13 -18.54 35.82
CA PRO B 43 11.87 -17.84 35.57
C PRO B 43 11.89 -17.10 34.23
N HIS B 44 10.71 -16.64 33.82
CA HIS B 44 10.60 -15.92 32.57
C HIS B 44 11.49 -14.68 32.59
N MET B 45 12.16 -14.41 31.47
CA MET B 45 13.15 -13.35 31.40
C MET B 45 13.12 -12.69 30.04
N ILE B 46 13.30 -11.37 30.02
CA ILE B 46 13.49 -10.61 28.79
C ILE B 46 14.93 -10.12 28.76
N ILE B 47 15.63 -10.38 27.66
CA ILE B 47 17.00 -9.94 27.46
C ILE B 47 17.04 -8.96 26.31
N SER B 48 17.48 -7.73 26.59
CA SER B 48 17.51 -6.69 25.58
C SER B 48 18.77 -5.86 25.73
N GLY B 49 19.25 -5.32 24.62
CA GLY B 49 20.45 -4.51 24.63
C GLY B 49 20.86 -4.13 23.23
N MET B 50 22.09 -3.61 23.15
CA MET B 50 22.62 -3.17 21.87
C MET B 50 22.84 -4.36 20.94
N PRO B 51 22.79 -4.15 19.62
CA PRO B 51 22.99 -5.27 18.68
C PRO B 51 24.43 -5.79 18.74
N GLY B 52 24.57 -7.07 19.05
CA GLY B 52 25.87 -7.71 19.04
C GLY B 52 26.59 -7.69 20.37
N ILE B 53 25.93 -8.16 21.43
CA ILE B 53 26.52 -8.22 22.76
C ILE B 53 26.48 -9.62 23.36
N GLY B 54 25.75 -10.54 22.75
CA GLY B 54 25.70 -11.91 23.22
C GLY B 54 24.44 -12.34 23.95
N LYS B 55 23.29 -11.77 23.59
CA LYS B 55 22.05 -12.16 24.24
C LYS B 55 21.58 -13.53 23.77
N THR B 56 21.47 -13.71 22.44
CA THR B 56 21.00 -14.96 21.90
C THR B 56 21.91 -16.12 22.28
N THR B 57 23.22 -15.92 22.18
CA THR B 57 24.14 -16.99 22.56
C THR B 57 24.06 -17.28 24.05
N SER B 58 23.81 -16.26 24.88
CA SER B 58 23.68 -16.49 26.30
C SER B 58 22.47 -17.35 26.61
N VAL B 59 21.31 -17.00 26.04
CA VAL B 59 20.11 -17.79 26.31
C VAL B 59 20.23 -19.18 25.71
N HIS B 60 20.95 -19.32 24.60
CA HIS B 60 21.10 -20.64 23.99
C HIS B 60 22.00 -21.55 24.82
N CYS B 61 23.12 -21.02 25.32
CA CYS B 61 23.95 -21.79 26.23
C CYS B 61 23.20 -22.12 27.51
N LEU B 62 22.37 -21.18 27.99
CA LEU B 62 21.54 -21.45 29.17
C LEU B 62 20.62 -22.65 28.92
N ALA B 63 19.93 -22.65 27.78
CA ALA B 63 19.03 -23.75 27.47
C ALA B 63 19.80 -25.07 27.31
N HIS B 64 20.95 -25.03 26.63
CA HIS B 64 21.73 -26.24 26.41
C HIS B 64 22.22 -26.81 27.74
N GLU B 65 22.61 -25.95 28.68
CA GLU B 65 23.07 -26.43 29.97
C GLU B 65 21.92 -26.89 30.85
N LEU B 66 20.74 -26.29 30.69
CA LEU B 66 19.61 -26.65 31.53
C LEU B 66 18.98 -27.97 31.08
N LEU B 67 18.92 -28.22 29.78
CA LEU B 67 18.26 -29.41 29.26
C LEU B 67 19.22 -30.48 28.77
N GLY B 68 20.47 -30.13 28.48
CA GLY B 68 21.46 -31.10 28.10
C GLY B 68 21.11 -31.91 26.86
N ARG B 69 20.80 -33.19 27.06
CA ARG B 69 20.44 -34.08 25.96
C ARG B 69 18.99 -33.92 25.51
N SER B 70 18.13 -33.36 26.36
CA SER B 70 16.73 -33.13 26.02
C SER B 70 16.52 -31.87 25.18
N TYR B 71 17.59 -31.15 24.84
CA TYR B 71 17.48 -29.95 24.02
C TYR B 71 16.78 -30.21 22.71
N ALA B 72 16.79 -31.45 22.21
CA ALA B 72 16.13 -31.75 20.95
C ALA B 72 14.61 -31.68 21.05
N ASP B 73 14.06 -31.97 22.23
CA ASP B 73 12.61 -32.00 22.39
C ASP B 73 12.09 -31.12 23.52
N GLY B 74 12.96 -30.44 24.25
CA GLY B 74 12.52 -29.60 25.36
C GLY B 74 12.41 -28.13 25.03
N VAL B 75 13.10 -27.69 23.98
CA VAL B 75 13.14 -26.28 23.59
C VAL B 75 12.41 -26.12 22.27
N LEU B 76 11.57 -25.09 22.19
CA LEU B 76 10.89 -24.72 20.96
C LEU B 76 11.23 -23.26 20.68
N GLU B 77 12.17 -23.02 19.77
CA GLU B 77 12.62 -21.67 19.44
C GLU B 77 11.90 -21.17 18.20
N LEU B 78 11.34 -19.97 18.29
CA LEU B 78 10.65 -19.34 17.18
C LEU B 78 11.33 -18.02 16.87
N ASN B 79 11.95 -17.94 15.69
CA ASN B 79 12.66 -16.76 15.22
C ASN B 79 11.76 -15.97 14.28
N ALA B 80 12.31 -14.86 13.75
CA ALA B 80 11.54 -14.03 12.84
C ALA B 80 11.32 -14.71 11.49
N SER B 81 12.20 -15.64 11.11
CA SER B 81 12.01 -16.38 9.87
C SER B 81 10.78 -17.27 9.95
N ASP B 82 10.59 -17.94 11.08
CA ASP B 82 9.38 -18.73 11.29
C ASP B 82 8.20 -17.80 11.56
N ASP B 83 7.00 -18.30 11.31
CA ASP B 83 5.80 -17.50 11.48
C ASP B 83 5.52 -17.26 12.96
N ARG B 84 5.15 -16.02 13.29
CA ARG B 84 4.82 -15.66 14.66
C ARG B 84 3.54 -14.85 14.74
N GLY B 85 2.53 -15.21 13.94
CA GLY B 85 1.26 -14.55 13.99
C GLY B 85 0.39 -15.06 15.13
N ILE B 86 -0.90 -14.75 15.04
CA ILE B 86 -1.84 -15.16 16.07
C ILE B 86 -2.12 -16.66 15.96
N ASP B 87 -2.22 -17.17 14.74
CA ASP B 87 -2.55 -18.59 14.53
C ASP B 87 -1.51 -19.49 15.19
N VAL B 88 -0.23 -19.24 14.92
CA VAL B 88 0.82 -20.10 15.44
C VAL B 88 0.93 -19.96 16.96
N VAL B 89 0.85 -18.72 17.47
CA VAL B 89 0.99 -18.52 18.91
C VAL B 89 -0.20 -19.11 19.66
N ARG B 90 -1.31 -19.30 18.96
CA ARG B 90 -2.48 -19.88 19.61
C ARG B 90 -2.47 -21.41 19.52
N ASN B 91 -1.98 -21.96 18.41
CA ASN B 91 -2.01 -23.41 18.21
C ASN B 91 -0.72 -24.09 18.65
N GLN B 92 0.41 -23.75 18.02
CA GLN B 92 1.62 -24.54 18.22
C GLN B 92 2.27 -24.25 19.57
N ILE B 93 2.32 -22.98 19.97
CA ILE B 93 2.88 -22.64 21.27
C ILE B 93 2.06 -23.26 22.39
N LYS B 94 0.73 -23.28 22.23
CA LYS B 94 -0.12 -23.88 23.25
C LYS B 94 0.06 -25.39 23.28
N HIS B 95 0.10 -26.04 22.12
CA HIS B 95 0.31 -27.48 22.07
C HIS B 95 1.66 -27.89 22.64
N PHE B 96 2.68 -27.05 22.47
CA PHE B 96 3.98 -27.31 23.09
C PHE B 96 3.98 -27.00 24.58
N ALA B 97 3.10 -26.09 25.02
CA ALA B 97 3.02 -25.77 26.44
C ALA B 97 2.45 -26.94 27.24
N GLN B 98 1.42 -27.60 26.72
CA GLN B 98 0.81 -28.72 27.39
C GLN B 98 1.48 -30.05 27.08
N LYS B 99 2.56 -30.05 26.29
CA LYS B 99 3.26 -31.29 25.97
C LYS B 99 3.85 -31.92 27.22
N LYS B 100 3.33 -33.08 27.58
CA LYS B 100 3.80 -33.79 28.76
C LYS B 100 5.17 -34.38 28.49
N LEU B 101 6.17 -33.92 29.24
CA LEU B 101 7.54 -34.40 29.09
C LEU B 101 8.12 -34.67 30.47
N HIS B 102 8.81 -35.81 30.60
CA HIS B 102 9.40 -36.22 31.87
C HIS B 102 10.85 -35.75 31.88
N LEU B 103 11.09 -34.62 32.53
CA LEU B 103 12.40 -34.00 32.68
C LEU B 103 12.94 -34.27 34.07
N PRO B 104 14.24 -34.06 34.28
CA PRO B 104 14.80 -34.16 35.64
C PRO B 104 14.07 -33.23 36.60
N PRO B 105 14.15 -33.49 37.92
CA PRO B 105 13.31 -32.76 38.88
C PRO B 105 13.38 -31.24 38.77
N GLY B 106 14.59 -30.69 38.84
CA GLY B 106 14.74 -29.24 38.85
C GLY B 106 14.93 -28.62 37.48
N LYS B 107 14.25 -29.16 36.48
CA LYS B 107 14.36 -28.66 35.11
C LYS B 107 12.96 -28.27 34.62
N HIS B 108 12.92 -27.63 33.45
CA HIS B 108 11.66 -27.14 32.89
C HIS B 108 11.79 -27.01 31.39
N LYS B 109 10.66 -27.05 30.69
CA LYS B 109 10.66 -26.77 29.27
C LYS B 109 10.83 -25.27 29.03
N ILE B 110 11.56 -24.93 27.97
CA ILE B 110 11.92 -23.55 27.67
C ILE B 110 11.43 -23.21 26.28
N VAL B 111 10.98 -21.96 26.11
CA VAL B 111 10.55 -21.44 24.81
C VAL B 111 11.39 -20.20 24.52
N ILE B 112 12.18 -20.26 23.45
CA ILE B 112 13.09 -19.17 23.08
C ILE B 112 12.41 -18.38 21.98
N LEU B 113 11.79 -17.26 22.35
CA LEU B 113 11.20 -16.33 21.38
C LEU B 113 12.21 -15.22 21.12
N ASP B 114 13.05 -15.42 20.10
CA ASP B 114 14.03 -14.43 19.71
C ASP B 114 13.34 -13.30 18.94
N GLU B 115 13.95 -12.11 18.99
CA GLU B 115 13.45 -10.94 18.28
C GLU B 115 12.00 -10.66 18.67
N ALA B 116 11.77 -10.48 19.97
CA ALA B 116 10.40 -10.29 20.47
C ALA B 116 9.80 -8.97 19.99
N ASP B 117 10.64 -7.99 19.64
CA ASP B 117 10.14 -6.69 19.24
C ASP B 117 9.45 -6.70 17.88
N SER B 118 9.50 -7.82 17.15
CA SER B 118 8.88 -7.90 15.84
C SER B 118 7.50 -8.54 15.88
N MET B 119 7.08 -9.09 17.01
CA MET B 119 5.78 -9.75 17.09
C MET B 119 4.67 -8.72 17.20
N THR B 120 3.48 -9.11 16.74
CA THR B 120 2.31 -8.25 16.84
C THR B 120 1.79 -8.22 18.28
N ALA B 121 1.11 -7.13 18.63
CA ALA B 121 0.59 -6.98 19.99
C ALA B 121 -0.41 -8.08 20.32
N GLY B 122 -1.23 -8.48 19.34
CA GLY B 122 -2.19 -9.55 19.59
C GLY B 122 -1.53 -10.86 19.95
N ALA B 123 -0.37 -11.13 19.35
CA ALA B 123 0.36 -12.35 19.68
C ALA B 123 0.78 -12.37 21.14
N GLN B 124 1.32 -11.25 21.64
CA GLN B 124 1.70 -11.17 23.04
C GLN B 124 0.48 -11.24 23.95
N GLN B 125 -0.63 -10.62 23.53
CA GLN B 125 -1.87 -10.69 24.31
C GLN B 125 -2.32 -12.14 24.46
N ALA B 126 -2.31 -12.90 23.36
CA ALA B 126 -2.70 -14.31 23.44
C ALA B 126 -1.66 -15.13 24.20
N LEU B 127 -0.40 -14.69 24.20
CA LEU B 127 0.67 -15.43 24.86
C LEU B 127 0.67 -15.22 26.38
N ARG B 128 0.10 -14.11 26.85
CA ARG B 128 0.07 -13.82 28.29
C ARG B 128 -0.43 -15.00 29.10
N ARG B 129 -1.68 -15.40 28.86
CA ARG B 129 -2.28 -16.45 29.68
C ARG B 129 -1.67 -17.82 29.40
N THR B 130 -1.30 -18.06 28.13
CA THR B 130 -0.64 -19.32 27.79
C THR B 130 0.66 -19.49 28.57
N MET B 131 1.34 -18.38 28.86
CA MET B 131 2.54 -18.45 29.68
C MET B 131 2.23 -18.51 31.17
N GLU B 132 1.23 -17.76 31.62
CA GLU B 132 0.93 -17.67 33.05
C GLU B 132 0.32 -18.97 33.59
N LEU B 133 -0.46 -19.68 32.79
CA LEU B 133 -1.20 -20.82 33.30
C LEU B 133 -0.29 -22.01 33.56
N TYR B 134 0.61 -22.31 32.63
CA TYR B 134 1.44 -23.51 32.68
C TYR B 134 2.85 -23.21 33.21
N SER B 135 2.96 -22.32 34.19
CA SER B 135 4.26 -21.98 34.75
C SER B 135 4.96 -23.18 35.38
N ASN B 136 4.24 -24.26 35.67
CA ASN B 136 4.84 -25.44 36.25
C ASN B 136 5.62 -26.26 35.24
N SER B 137 5.44 -25.99 33.95
CA SER B 137 6.15 -26.75 32.92
C SER B 137 6.81 -25.89 31.84
N THR B 138 6.40 -24.66 31.63
CA THR B 138 6.94 -23.83 30.56
C THR B 138 7.51 -22.55 31.14
N ARG B 139 8.73 -22.19 30.69
CA ARG B 139 9.39 -20.96 31.13
C ARG B 139 9.87 -20.24 29.87
N PHE B 140 9.13 -19.22 29.46
CA PHE B 140 9.47 -18.47 28.26
C PHE B 140 10.70 -17.60 28.50
N ALA B 141 11.38 -17.24 27.42
CA ALA B 141 12.59 -16.41 27.50
C ALA B 141 12.65 -15.57 26.23
N PHE B 142 12.39 -14.27 26.37
CA PHE B 142 12.42 -13.35 25.25
C PHE B 142 13.79 -12.71 25.12
N ALA B 143 14.20 -12.48 23.87
CA ALA B 143 15.48 -11.84 23.56
C ALA B 143 15.26 -10.89 22.39
N CYS B 144 15.16 -9.60 22.68
CA CYS B 144 14.91 -8.58 21.67
C CYS B 144 15.99 -7.51 21.74
N ASN B 145 15.82 -6.46 20.94
CA ASN B 145 16.73 -5.32 20.92
C ASN B 145 16.11 -4.02 21.41
N GLN B 146 14.78 -3.92 21.46
CA GLN B 146 14.07 -2.73 21.92
C GLN B 146 12.98 -3.19 22.88
N SER B 147 13.23 -3.03 24.18
CA SER B 147 12.26 -3.45 25.19
C SER B 147 10.98 -2.63 25.17
N ASN B 148 11.02 -1.44 24.55
CA ASN B 148 9.82 -0.60 24.52
C ASN B 148 8.76 -1.17 23.59
N LYS B 149 9.16 -1.96 22.59
CA LYS B 149 8.23 -2.51 21.62
C LYS B 149 7.42 -3.68 22.15
N ILE B 150 7.69 -4.15 23.37
CA ILE B 150 6.96 -5.26 23.97
C ILE B 150 5.84 -4.69 24.83
N ILE B 151 4.68 -5.33 24.77
CA ILE B 151 3.53 -4.85 25.55
C ILE B 151 3.84 -4.94 27.04
N GLU B 152 3.11 -4.16 27.83
CA GLU B 152 3.43 -4.04 29.25
C GLU B 152 3.17 -5.32 30.04
N PRO B 153 2.04 -6.01 29.89
CA PRO B 153 1.82 -7.20 30.74
C PRO B 153 2.85 -8.30 30.53
N LEU B 154 3.15 -8.63 29.26
CA LEU B 154 4.16 -9.64 28.97
C LEU B 154 5.50 -9.27 29.59
N GLN B 155 5.87 -7.99 29.51
CA GLN B 155 7.14 -7.54 30.09
C GLN B 155 7.12 -7.58 31.62
N SER B 156 5.95 -7.38 32.22
CA SER B 156 5.87 -7.30 33.68
C SER B 156 5.86 -8.69 34.30
N ARG B 157 5.22 -9.66 33.63
CA ARG B 157 5.19 -11.02 34.16
C ARG B 157 6.61 -11.58 34.31
N CYS B 158 7.45 -11.38 33.30
CA CYS B 158 8.80 -11.90 33.34
C CYS B 158 9.71 -11.00 34.17
N ALA B 159 10.85 -11.55 34.58
CA ALA B 159 11.87 -10.78 35.26
C ALA B 159 12.80 -10.15 34.23
N ILE B 160 12.90 -8.83 34.22
CA ILE B 160 13.67 -8.13 33.19
C ILE B 160 15.15 -8.27 33.52
N LEU B 161 15.99 -8.34 32.48
CA LEU B 161 17.44 -8.45 32.61
C LEU B 161 18.07 -7.58 31.52
N ARG B 162 18.44 -6.36 31.87
CA ARG B 162 19.04 -5.45 30.92
C ARG B 162 20.47 -5.88 30.59
N TYR B 163 20.95 -5.41 29.45
CA TYR B 163 22.30 -5.71 28.98
C TYR B 163 22.95 -4.42 28.51
N SER B 164 24.18 -4.17 28.99
CA SER B 164 24.91 -2.97 28.62
C SER B 164 25.98 -3.28 27.58
N LYS B 165 26.49 -2.23 26.96
CA LYS B 165 27.51 -2.38 25.93
C LYS B 165 28.78 -2.98 26.53
N LEU B 166 29.50 -3.74 25.70
CA LEU B 166 30.74 -4.37 26.13
C LEU B 166 31.83 -3.34 26.29
N SER B 167 32.43 -3.28 27.48
CA SER B 167 33.55 -2.39 27.70
C SER B 167 34.77 -2.88 26.92
N ASP B 168 35.75 -1.97 26.76
CA ASP B 168 36.93 -2.30 25.98
C ASP B 168 37.73 -3.43 26.61
N GLU B 169 37.65 -3.58 27.93
CA GLU B 169 38.42 -4.64 28.59
C GLU B 169 37.93 -6.02 28.19
N ASP B 170 36.61 -6.21 28.19
CA ASP B 170 36.05 -7.50 27.80
C ASP B 170 36.36 -7.83 26.35
N VAL B 171 36.24 -6.82 25.46
CA VAL B 171 36.53 -7.02 24.05
C VAL B 171 37.99 -7.38 23.84
N LEU B 172 38.90 -6.69 24.55
CA LEU B 172 40.32 -7.00 24.39
C LEU B 172 40.65 -8.38 24.95
N LYS B 173 39.98 -8.78 26.03
CA LYS B 173 40.20 -10.11 26.57
C LYS B 173 39.78 -11.19 25.57
N ARG B 174 38.59 -11.04 24.99
CA ARG B 174 38.14 -12.02 24.00
C ARG B 174 39.02 -12.00 22.76
N LEU B 175 39.49 -10.81 22.35
CA LEU B 175 40.39 -10.72 21.20
C LEU B 175 41.69 -11.44 21.47
N LEU B 176 42.26 -11.26 22.66
CA LEU B 176 43.48 -11.95 23.02
C LEU B 176 43.27 -13.46 23.06
N GLN B 177 42.11 -13.90 23.55
CA GLN B 177 41.79 -15.33 23.52
C GLN B 177 41.77 -15.85 22.10
N ILE B 178 41.12 -15.11 21.19
CA ILE B 178 41.03 -15.56 19.80
C ILE B 178 42.41 -15.63 19.16
N ILE B 179 43.24 -14.61 19.40
CA ILE B 179 44.59 -14.61 18.82
C ILE B 179 45.42 -15.76 19.38
N LYS B 180 45.29 -16.02 20.69
CA LYS B 180 46.04 -17.12 21.28
C LYS B 180 45.58 -18.46 20.70
N LEU B 181 44.29 -18.58 20.41
CA LEU B 181 43.79 -19.84 19.86
C LEU B 181 44.06 -19.97 18.36
N GLU B 182 44.35 -18.87 17.67
CA GLU B 182 44.53 -18.90 16.22
C GLU B 182 45.96 -18.66 15.77
N ASP B 183 46.87 -18.32 16.69
CA ASP B 183 48.29 -18.15 16.39
C ASP B 183 48.51 -17.10 15.29
N VAL B 184 48.14 -15.85 15.64
CA VAL B 184 48.23 -14.72 14.73
C VAL B 184 49.23 -13.72 15.29
N LYS B 185 50.02 -13.12 14.40
CA LYS B 185 50.96 -12.08 14.79
C LYS B 185 50.21 -10.75 14.91
N TYR B 186 50.37 -10.08 16.04
CA TYR B 186 49.63 -8.86 16.31
C TYR B 186 50.49 -7.89 17.12
N THR B 187 50.06 -6.62 17.12
CA THR B 187 50.65 -5.58 17.95
C THR B 187 49.54 -4.92 18.76
N ASN B 188 49.94 -4.21 19.82
CA ASN B 188 48.95 -3.57 20.67
C ASN B 188 48.17 -2.49 19.93
N ASP B 189 48.85 -1.75 19.04
CA ASP B 189 48.20 -0.65 18.32
C ASP B 189 47.07 -1.17 17.45
N GLY B 190 47.29 -2.31 16.79
CA GLY B 190 46.24 -2.89 15.96
C GLY B 190 45.03 -3.30 16.76
N LEU B 191 45.24 -3.91 17.92
CA LEU B 191 44.11 -4.30 18.77
C LEU B 191 43.36 -3.08 19.29
N GLU B 192 44.09 -2.04 19.70
CA GLU B 192 43.43 -0.82 20.15
C GLU B 192 42.61 -0.21 19.02
N ALA B 193 43.14 -0.20 17.80
CA ALA B 193 42.40 0.33 16.67
C ALA B 193 41.16 -0.51 16.37
N ILE B 194 41.28 -1.83 16.48
CA ILE B 194 40.14 -2.71 16.25
C ILE B 194 39.04 -2.44 17.29
N ILE B 195 39.44 -2.28 18.55
CA ILE B 195 38.47 -1.99 19.60
C ILE B 195 37.82 -0.63 19.36
N PHE B 196 38.61 0.34 18.92
CA PHE B 196 38.08 1.68 18.68
C PHE B 196 37.09 1.70 17.51
N THR B 197 37.35 0.90 16.48
CA THR B 197 36.44 0.88 15.33
C THR B 197 35.29 -0.11 15.54
N ALA B 198 35.36 -0.92 16.59
CA ALA B 198 34.33 -1.91 16.88
C ALA B 198 33.08 -1.28 17.48
N GLU B 199 33.19 -0.04 17.95
CA GLU B 199 32.13 0.69 18.67
C GLU B 199 31.39 -0.20 19.66
N GLY B 200 32.10 -1.10 20.33
CA GLY B 200 31.49 -2.01 21.28
C GLY B 200 30.58 -3.01 20.64
N ASP B 201 31.10 -3.77 19.66
CA ASP B 201 30.32 -4.78 18.95
C ASP B 201 31.20 -6.01 18.80
N MET B 202 30.87 -7.08 19.52
CA MET B 202 31.69 -8.29 19.50
C MET B 202 31.75 -8.90 18.09
N ARG B 203 30.59 -9.05 17.46
CA ARG B 203 30.56 -9.64 16.13
C ARG B 203 31.33 -8.80 15.12
N GLN B 204 31.12 -7.49 15.13
CA GLN B 204 31.84 -6.61 14.22
C GLN B 204 33.33 -6.64 14.49
N ALA B 205 33.72 -6.68 15.78
CA ALA B 205 35.14 -6.74 16.12
C ALA B 205 35.78 -8.02 15.59
N ILE B 206 35.11 -9.16 15.79
CA ILE B 206 35.68 -10.43 15.33
C ILE B 206 35.73 -10.48 13.81
N ASN B 207 34.70 -9.95 13.14
CA ASN B 207 34.71 -9.94 11.68
C ASN B 207 35.84 -9.08 11.14
N ASN B 208 36.04 -7.89 11.73
CA ASN B 208 37.14 -7.04 11.29
C ASN B 208 38.48 -7.68 11.58
N LEU B 209 38.59 -8.38 12.71
CA LEU B 209 39.82 -9.12 13.01
C LEU B 209 40.12 -10.14 11.93
N GLN B 210 39.13 -10.99 11.61
CA GLN B 210 39.35 -12.02 10.60
C GLN B 210 39.68 -11.39 9.25
N SER B 211 39.00 -10.29 8.90
CA SER B 211 39.26 -9.62 7.64
C SER B 211 40.71 -9.13 7.55
N THR B 212 41.16 -8.38 8.56
CA THR B 212 42.51 -7.84 8.50
C THR B 212 43.57 -8.93 8.60
N VAL B 213 43.27 -10.00 9.35
CA VAL B 213 44.22 -11.09 9.50
C VAL B 213 44.41 -11.81 8.19
N ALA B 214 43.30 -12.15 7.51
CA ALA B 214 43.41 -12.80 6.21
C ALA B 214 43.94 -11.86 5.14
N GLY B 215 43.76 -10.55 5.30
CA GLY B 215 44.17 -9.62 4.27
C GLY B 215 45.64 -9.24 4.32
N HIS B 216 46.20 -9.09 5.52
CA HIS B 216 47.58 -8.66 5.65
C HIS B 216 48.42 -9.50 6.61
N GLY B 217 47.81 -10.37 7.41
CA GLY B 217 48.58 -11.25 8.28
C GLY B 217 48.99 -10.61 9.59
N LEU B 218 49.50 -9.39 9.53
CA LEU B 218 49.98 -8.66 10.70
C LEU B 218 48.91 -7.64 11.10
N VAL B 219 48.43 -7.73 12.33
CA VAL B 219 47.41 -6.82 12.83
C VAL B 219 48.08 -5.56 13.35
N ASN B 220 48.31 -4.60 12.47
CA ASN B 220 48.92 -3.33 12.82
C ASN B 220 47.98 -2.20 12.45
N ALA B 221 48.21 -1.02 13.05
CA ALA B 221 47.33 0.12 12.84
C ALA B 221 47.15 0.45 11.37
N ASP B 222 48.20 0.32 10.57
CA ASP B 222 48.10 0.66 9.16
C ASP B 222 47.11 -0.26 8.45
N ASN B 223 47.20 -1.57 8.69
CA ASN B 223 46.33 -2.51 7.99
C ASN B 223 44.86 -2.30 8.35
N VAL B 224 44.56 -2.16 9.64
CA VAL B 224 43.17 -1.98 10.06
C VAL B 224 42.64 -0.64 9.56
N PHE B 225 43.34 0.45 9.85
CA PHE B 225 42.90 1.75 9.34
C PHE B 225 42.91 1.80 7.82
N LYS B 226 43.48 0.79 7.17
CA LYS B 226 43.45 0.72 5.71
C LYS B 226 42.20 0.01 5.21
N ILE B 227 41.83 -1.10 5.86
CA ILE B 227 40.74 -1.92 5.35
C ILE B 227 39.63 -2.14 6.39
N VAL B 228 39.47 -1.22 7.33
CA VAL B 228 38.36 -1.33 8.28
C VAL B 228 37.48 -0.09 8.18
N ASP B 229 38.06 1.04 7.74
CA ASP B 229 37.30 2.26 7.47
C ASP B 229 36.60 2.77 8.74
N SER B 230 37.43 3.31 9.63
CA SER B 230 37.10 3.83 10.96
C SER B 230 35.72 4.47 11.01
N PRO B 231 34.94 4.23 12.07
CA PRO B 231 33.49 4.43 12.02
C PRO B 231 33.05 5.80 11.54
N HIS B 232 31.83 5.83 10.99
CA HIS B 232 31.30 7.06 10.40
C HIS B 232 30.90 8.10 11.46
N PRO B 233 30.07 7.77 12.47
CA PRO B 233 29.50 8.82 13.32
C PRO B 233 30.53 9.70 14.02
N LEU B 234 31.71 9.16 14.29
CA LEU B 234 32.76 9.94 14.94
C LEU B 234 33.29 11.05 14.04
N ILE B 235 33.48 10.78 12.75
CA ILE B 235 33.93 11.81 11.82
C ILE B 235 32.90 12.92 11.72
N VAL B 236 31.61 12.55 11.70
CA VAL B 236 30.55 13.55 11.58
C VAL B 236 30.47 14.37 12.87
N LYS B 237 30.66 13.73 14.02
CA LYS B 237 30.68 14.46 15.28
C LYS B 237 31.86 15.43 15.32
N LYS B 238 33.00 15.03 14.77
CA LYS B 238 34.14 15.93 14.68
C LYS B 238 33.89 17.07 13.71
N MET B 239 33.10 16.83 12.66
CA MET B 239 32.86 17.86 11.66
C MET B 239 31.94 18.96 12.19
N LEU B 240 30.91 18.58 12.96
CA LEU B 240 29.94 19.55 13.42
C LEU B 240 30.45 20.42 14.56
N LEU B 241 31.63 20.14 15.10
CA LEU B 241 32.18 20.89 16.23
C LEU B 241 33.42 21.71 15.86
N ALA B 242 33.65 21.94 14.57
CA ALA B 242 34.81 22.73 14.16
C ALA B 242 34.61 24.19 14.55
N SER B 243 35.74 24.90 14.67
CA SER B 243 35.69 26.31 15.06
C SER B 243 35.22 27.18 13.91
N ASN B 244 35.96 27.17 12.81
CA ASN B 244 35.60 27.97 11.64
C ASN B 244 34.95 27.09 10.57
N LEU B 245 34.18 27.73 9.69
CA LEU B 245 33.47 27.00 8.65
C LEU B 245 34.42 26.28 7.70
N GLU B 246 35.61 26.85 7.48
CA GLU B 246 36.54 26.26 6.51
C GLU B 246 37.02 24.89 6.96
N ASP B 247 37.30 24.74 8.25
CA ASP B 247 37.77 23.45 8.76
C ASP B 247 36.69 22.38 8.62
N SER B 248 35.46 22.71 8.98
CA SER B 248 34.37 21.75 8.86
C SER B 248 34.11 21.40 7.40
N ILE B 249 34.20 22.39 6.51
CA ILE B 249 34.00 22.12 5.08
C ILE B 249 35.10 21.21 4.55
N GLN B 250 36.35 21.46 4.97
CA GLN B 250 37.45 20.60 4.54
C GLN B 250 37.30 19.19 5.08
N ILE B 251 36.82 19.05 6.31
CA ILE B 251 36.56 17.71 6.85
C ILE B 251 35.50 17.00 6.03
N LEU B 252 34.38 17.68 5.75
CA LEU B 252 33.31 17.09 4.95
C LEU B 252 33.83 16.68 3.56
N ARG B 253 34.69 17.50 2.97
CA ARG B 253 35.17 17.22 1.62
C ARG B 253 36.14 16.04 1.61
N THR B 254 37.14 16.06 2.50
CA THR B 254 38.19 15.05 2.44
C THR B 254 37.74 13.73 3.03
N ASP B 255 37.15 13.76 4.24
CA ASP B 255 36.86 12.52 4.96
C ASP B 255 35.55 11.89 4.51
N LEU B 256 34.52 12.68 4.27
CA LEU B 256 33.19 12.15 3.93
C LEU B 256 32.95 12.08 2.43
N TRP B 257 33.05 13.21 1.73
CA TRP B 257 32.66 13.26 0.33
C TRP B 257 33.65 12.51 -0.55
N LYS B 258 34.94 12.82 -0.41
CA LYS B 258 35.95 12.22 -1.27
C LYS B 258 36.04 10.71 -1.08
N LYS B 259 35.71 10.22 0.12
CA LYS B 259 35.78 8.78 0.39
C LYS B 259 34.56 8.02 -0.11
N GLY B 260 33.65 8.68 -0.82
CA GLY B 260 32.52 8.00 -1.42
C GLY B 260 31.40 7.68 -0.46
N TYR B 261 30.80 8.71 0.14
CA TYR B 261 29.67 8.57 1.03
C TYR B 261 28.49 9.32 0.47
N SER B 262 27.33 8.65 0.40
CA SER B 262 26.14 9.29 -0.14
C SER B 262 25.70 10.44 0.76
N SER B 263 25.11 11.47 0.15
CA SER B 263 24.71 12.65 0.91
C SER B 263 23.62 12.32 1.92
N ILE B 264 22.70 11.42 1.54
CA ILE B 264 21.61 11.07 2.45
C ILE B 264 22.15 10.39 3.70
N ASP B 265 23.19 9.57 3.56
CA ASP B 265 23.77 8.90 4.73
C ASP B 265 24.47 9.91 5.64
N ILE B 266 25.18 10.88 5.04
CA ILE B 266 25.83 11.91 5.83
C ILE B 266 24.80 12.72 6.59
N VAL B 267 23.70 13.07 5.94
CA VAL B 267 22.66 13.87 6.60
C VAL B 267 22.03 13.08 7.74
N THR B 268 21.71 11.81 7.51
CA THR B 268 21.09 11.00 8.56
C THR B 268 22.04 10.81 9.73
N THR B 269 23.33 10.57 9.45
CA THR B 269 24.31 10.40 10.52
C THR B 269 24.50 11.69 11.30
N SER B 270 24.50 12.84 10.62
CA SER B 270 24.62 14.12 11.30
C SER B 270 23.42 14.38 12.19
N PHE B 271 22.22 14.04 11.72
CA PHE B 271 21.02 14.16 12.54
C PHE B 271 21.13 13.28 13.78
N ARG B 272 21.53 12.02 13.60
CA ARG B 272 21.63 11.11 14.73
C ARG B 272 22.71 11.54 15.72
N VAL B 273 23.78 12.17 15.23
CA VAL B 273 24.84 12.63 16.12
C VAL B 273 24.37 13.85 16.91
N THR B 274 23.72 14.81 16.23
CA THR B 274 23.18 15.97 16.94
C THR B 274 22.11 15.57 17.93
N LYS B 275 21.40 14.46 17.67
CA LYS B 275 20.40 13.98 18.62
C LYS B 275 21.01 13.67 19.99
N ASN B 276 22.27 13.23 20.02
CA ASN B 276 22.95 12.85 21.25
C ASN B 276 24.20 13.69 21.47
N LEU B 277 24.10 15.00 21.25
CA LEU B 277 25.22 15.93 21.46
C LEU B 277 24.99 16.62 22.81
N ALA B 278 25.56 16.04 23.86
CA ALA B 278 25.33 16.55 25.21
C ALA B 278 26.15 17.81 25.52
N GLN B 279 27.11 18.16 24.67
CA GLN B 279 27.96 19.32 24.96
C GLN B 279 27.18 20.62 24.84
N VAL B 280 26.61 20.86 23.65
CA VAL B 280 25.92 22.13 23.38
C VAL B 280 24.57 22.15 24.07
N LYS B 281 23.94 23.33 24.09
CA LYS B 281 22.70 23.53 24.85
C LYS B 281 21.52 22.91 24.12
N GLU B 282 20.32 23.16 24.63
CA GLU B 282 19.11 22.54 24.08
C GLU B 282 18.57 23.32 22.89
N SER B 283 18.51 24.65 23.00
CA SER B 283 17.95 25.46 21.92
C SER B 283 18.82 25.38 20.67
N VAL B 284 20.14 25.44 20.85
CA VAL B 284 21.05 25.32 19.70
C VAL B 284 20.91 23.93 19.09
N ARG B 285 20.72 22.90 19.92
CA ARG B 285 20.51 21.56 19.38
C ARG B 285 19.24 21.48 18.56
N LEU B 286 18.15 22.09 19.05
CA LEU B 286 16.89 22.05 18.32
C LEU B 286 17.00 22.81 17.00
N GLU B 287 17.67 23.96 17.00
CA GLU B 287 17.83 24.72 15.76
C GLU B 287 18.72 23.98 14.76
N MET B 288 19.79 23.35 15.25
CA MET B 288 20.64 22.55 14.37
C MET B 288 19.87 21.38 13.79
N ILE B 289 19.04 20.73 14.60
CA ILE B 289 18.23 19.63 14.10
C ILE B 289 17.23 20.12 13.07
N LYS B 290 16.65 21.30 13.28
CA LYS B 290 15.71 21.85 12.30
C LYS B 290 16.41 22.12 10.97
N GLU B 291 17.61 22.70 11.01
CA GLU B 291 18.34 22.98 9.77
C GLU B 291 18.77 21.68 9.08
N ILE B 292 19.21 20.69 9.86
CA ILE B 292 19.59 19.41 9.29
C ILE B 292 18.38 18.74 8.65
N GLY B 293 17.20 18.91 9.25
CA GLY B 293 16.00 18.34 8.67
C GLY B 293 15.57 19.06 7.41
N LEU B 294 15.77 20.37 7.35
CA LEU B 294 15.53 21.10 6.11
C LEU B 294 16.44 20.60 5.01
N THR B 295 17.73 20.40 5.33
CA THR B 295 18.65 19.84 4.35
C THR B 295 18.25 18.43 3.95
N HIS B 296 17.75 17.64 4.90
CA HIS B 296 17.29 16.28 4.58
C HIS B 296 16.11 16.32 3.61
N MET B 297 15.15 17.21 3.87
CA MET B 297 14.02 17.36 2.94
C MET B 297 14.51 17.79 1.56
N ARG B 298 15.49 18.68 1.50
CA ARG B 298 16.04 19.07 0.21
C ARG B 298 16.73 17.90 -0.48
N ILE B 299 17.39 17.03 0.29
CA ILE B 299 18.08 15.89 -0.30
C ILE B 299 17.09 14.88 -0.85
N LEU B 300 15.97 14.67 -0.14
CA LEU B 300 15.05 13.60 -0.51
C LEU B 300 14.31 13.89 -1.81
N GLU B 301 14.24 15.16 -2.22
CA GLU B 301 13.61 15.49 -3.50
C GLU B 301 14.50 15.19 -4.69
N GLY B 302 15.71 14.70 -4.48
CA GLY B 302 16.58 14.33 -5.56
C GLY B 302 17.88 15.10 -5.62
N VAL B 303 17.82 16.40 -5.38
CA VAL B 303 19.03 17.24 -5.39
C VAL B 303 19.86 16.90 -4.16
N GLY B 304 21.03 16.31 -4.38
CA GLY B 304 21.87 15.86 -3.29
C GLY B 304 23.34 16.15 -3.48
N THR B 305 23.66 17.26 -4.14
CA THR B 305 25.03 17.58 -4.46
C THR B 305 25.80 18.02 -3.20
N TYR B 306 27.07 18.36 -3.41
CA TYR B 306 27.93 18.80 -2.31
C TYR B 306 27.53 20.18 -1.82
N LEU B 307 26.93 21.00 -2.70
CA LEU B 307 26.56 22.36 -2.32
C LEU B 307 25.52 22.36 -1.20
N GLN B 308 24.61 21.39 -1.20
CA GLN B 308 23.60 21.34 -0.16
C GLN B 308 24.21 21.07 1.20
N LEU B 309 25.15 20.11 1.28
CA LEU B 309 25.82 19.84 2.54
C LEU B 309 26.68 21.03 2.96
N ALA B 310 27.31 21.71 2.00
CA ALA B 310 28.10 22.88 2.34
C ALA B 310 27.22 23.99 2.92
N SER B 311 26.05 24.22 2.33
CA SER B 311 25.14 25.23 2.86
C SER B 311 24.58 24.82 4.21
N MET B 312 24.33 23.52 4.41
CA MET B 312 23.90 23.04 5.72
C MET B 312 24.95 23.34 6.78
N LEU B 313 26.21 23.05 6.48
CA LEU B 313 27.29 23.34 7.43
C LEU B 313 27.41 24.84 7.67
N ALA B 314 27.24 25.65 6.62
CA ALA B 314 27.30 27.10 6.78
C ALA B 314 26.19 27.59 7.71
N LYS B 315 24.99 27.02 7.57
CA LYS B 315 23.88 27.42 8.42
C LYS B 315 24.10 26.97 9.86
N ILE B 316 24.63 25.77 10.06
CA ILE B 316 24.96 25.32 11.42
C ILE B 316 26.00 26.23 12.06
N HIS B 317 26.98 26.67 11.27
CA HIS B 317 28.01 27.55 11.83
C HIS B 317 27.46 28.93 12.13
N LYS B 318 26.60 29.47 11.26
CA LYS B 318 25.95 30.74 11.54
C LYS B 318 25.07 30.65 12.78
N LEU B 319 24.46 29.50 13.01
CA LEU B 319 23.60 29.34 14.18
C LEU B 319 24.42 29.20 15.46
N ASN B 320 25.49 28.39 15.42
CA ASN B 320 26.27 28.14 16.62
C ASN B 320 27.16 29.33 16.98
N ASN B 321 27.55 30.14 15.99
CA ASN B 321 28.44 31.27 16.24
C ASN B 321 27.71 32.51 16.74
N LYS B 322 26.38 32.54 16.61
CA LYS B 322 25.61 33.70 17.07
C LYS B 322 24.23 33.27 17.56
N LYS C 7 23.70 -11.76 -36.34
CA LYS C 7 22.89 -10.68 -35.80
C LYS C 7 23.40 -10.25 -34.43
N ARG C 8 22.99 -10.98 -33.39
CA ARG C 8 23.40 -10.66 -32.03
C ARG C 8 24.85 -11.06 -31.82
N SER C 9 25.64 -10.12 -31.29
CA SER C 9 27.05 -10.36 -31.03
C SER C 9 27.50 -9.45 -29.89
N LYS C 10 28.78 -9.58 -29.54
CA LYS C 10 29.34 -8.79 -28.45
C LYS C 10 29.54 -7.33 -28.81
N GLU C 11 29.61 -7.00 -30.10
CA GLU C 11 29.84 -5.63 -30.52
C GLU C 11 28.58 -4.78 -30.52
N ASN C 12 27.40 -5.39 -30.37
CA ASN C 12 26.17 -4.61 -30.36
C ASN C 12 25.87 -4.01 -29.00
N LEU C 13 26.48 -4.55 -27.94
CA LEU C 13 26.21 -4.05 -26.60
C LEU C 13 26.80 -2.65 -26.44
N PRO C 14 26.17 -1.80 -25.62
CA PRO C 14 26.75 -0.49 -25.35
C PRO C 14 28.04 -0.61 -24.55
N TRP C 15 28.84 0.46 -24.59
CA TRP C 15 30.13 0.43 -23.91
C TRP C 15 30.00 0.31 -22.40
N VAL C 16 28.82 0.57 -21.85
CA VAL C 16 28.61 0.41 -20.41
C VAL C 16 28.72 -1.06 -20.02
N GLU C 17 28.21 -1.95 -20.87
CA GLU C 17 28.20 -3.37 -20.60
C GLU C 17 29.19 -4.17 -21.43
N LYS C 18 29.57 -3.67 -22.62
CA LYS C 18 30.49 -4.41 -23.48
C LYS C 18 31.83 -4.63 -22.80
N TYR C 19 32.28 -3.68 -21.98
CA TYR C 19 33.56 -3.78 -21.28
C TYR C 19 33.37 -4.19 -19.82
N ARG C 20 32.39 -5.03 -19.54
CA ARG C 20 32.19 -5.49 -18.16
C ARG C 20 33.33 -6.40 -17.75
N PRO C 21 33.93 -6.19 -16.58
CA PRO C 21 35.05 -7.04 -16.15
C PRO C 21 34.60 -8.49 -15.99
N GLU C 22 35.25 -9.38 -16.74
CA GLU C 22 34.91 -10.80 -16.67
C GLU C 22 35.45 -11.42 -15.39
N THR C 23 36.72 -11.20 -15.09
CA THR C 23 37.37 -11.74 -13.91
C THR C 23 37.71 -10.60 -12.95
N LEU C 24 38.34 -10.97 -11.83
CA LEU C 24 38.72 -9.96 -10.84
C LEU C 24 39.93 -9.17 -11.29
N ASP C 25 40.72 -9.71 -12.23
CA ASP C 25 41.90 -9.02 -12.72
C ASP C 25 41.56 -7.77 -13.51
N GLU C 26 40.34 -7.68 -14.05
CA GLU C 26 39.92 -6.53 -14.84
C GLU C 26 39.10 -5.53 -14.03
N VAL C 27 39.31 -5.49 -12.72
CA VAL C 27 38.63 -4.56 -11.82
C VAL C 27 39.69 -3.66 -11.22
N TYR C 28 39.86 -2.47 -11.79
CA TYR C 28 40.86 -1.53 -11.32
C TYR C 28 40.31 -0.67 -10.17
N GLY C 29 41.20 0.04 -9.51
CA GLY C 29 40.81 0.99 -8.49
C GLY C 29 40.70 0.39 -7.10
N GLN C 30 39.73 -0.51 -6.92
CA GLN C 30 39.48 -1.12 -5.61
C GLN C 30 40.47 -2.26 -5.35
N ASN C 31 41.76 -1.91 -5.39
CA ASN C 31 42.80 -2.91 -5.19
C ASN C 31 42.76 -3.48 -3.78
N GLU C 32 42.54 -2.61 -2.79
CA GLU C 32 42.61 -3.04 -1.39
C GLU C 32 41.43 -3.92 -0.98
N VAL C 33 40.39 -4.01 -1.81
CA VAL C 33 39.28 -4.92 -1.58
C VAL C 33 39.38 -6.17 -2.45
N ILE C 34 39.79 -6.01 -3.71
CA ILE C 34 39.98 -7.16 -4.58
C ILE C 34 41.06 -8.08 -4.03
N THR C 35 42.14 -7.51 -3.49
CA THR C 35 43.20 -8.33 -2.93
C THR C 35 42.68 -9.15 -1.74
N THR C 36 41.91 -8.51 -0.85
CA THR C 36 41.38 -9.22 0.30
C THR C 36 40.39 -10.30 -0.12
N VAL C 37 39.58 -10.02 -1.14
CA VAL C 37 38.61 -11.01 -1.61
C VAL C 37 39.32 -12.20 -2.26
N ARG C 38 40.36 -11.94 -3.05
CA ARG C 38 41.12 -13.02 -3.66
C ARG C 38 41.81 -13.86 -2.59
N LYS C 39 42.35 -13.23 -1.56
CA LYS C 39 42.98 -14.00 -0.49
C LYS C 39 41.93 -14.79 0.30
N PHE C 40 40.73 -14.22 0.46
CA PHE C 40 39.63 -14.96 1.07
C PHE C 40 39.35 -16.24 0.30
N VAL C 41 39.09 -16.12 -1.01
CA VAL C 41 38.74 -17.29 -1.80
C VAL C 41 39.90 -18.26 -1.95
N ASP C 42 41.14 -17.77 -1.83
CA ASP C 42 42.30 -18.65 -1.92
C ASP C 42 42.49 -19.45 -0.63
N GLU C 43 42.37 -18.79 0.53
CA GLU C 43 42.54 -19.50 1.80
C GLU C 43 41.42 -20.52 2.02
N GLY C 44 40.24 -20.26 1.48
CA GLY C 44 39.10 -21.15 1.61
C GLY C 44 37.97 -20.59 2.44
N LYS C 45 38.21 -19.52 3.20
CA LYS C 45 37.18 -18.92 4.03
C LYS C 45 36.62 -17.68 3.34
N LEU C 46 35.29 -17.55 3.37
CA LEU C 46 34.61 -16.42 2.74
C LEU C 46 33.41 -16.04 3.60
N PRO C 47 33.56 -15.06 4.48
CA PRO C 47 32.44 -14.68 5.36
C PRO C 47 31.38 -13.89 4.61
N HIS C 48 30.30 -13.58 5.33
CA HIS C 48 29.21 -12.78 4.78
C HIS C 48 29.72 -11.40 4.42
N LEU C 49 29.61 -11.03 3.14
CA LEU C 49 30.15 -9.76 2.67
C LEU C 49 29.06 -8.70 2.57
N LEU C 50 29.47 -7.44 2.68
CA LEU C 50 28.56 -6.31 2.51
C LEU C 50 29.31 -5.21 1.77
N PHE C 51 29.06 -5.10 0.48
CA PHE C 51 29.67 -4.07 -0.35
C PHE C 51 28.87 -2.78 -0.28
N TYR C 52 29.57 -1.67 -0.05
CA TYR C 52 28.92 -0.37 0.12
C TYR C 52 29.75 0.65 -0.64
N GLY C 53 29.15 1.25 -1.66
CA GLY C 53 29.86 2.22 -2.48
C GLY C 53 28.96 3.11 -3.30
N PRO C 54 29.53 4.17 -3.86
CA PRO C 54 28.76 5.07 -4.72
C PRO C 54 28.32 4.36 -5.98
N PRO C 55 27.35 4.91 -6.71
CA PRO C 55 26.90 4.27 -7.96
C PRO C 55 28.02 4.18 -8.97
N GLY C 56 28.11 3.02 -9.64
CA GLY C 56 29.09 2.82 -10.68
C GLY C 56 30.52 2.77 -10.17
N THR C 57 30.82 1.77 -9.33
CA THR C 57 32.16 1.67 -8.75
C THR C 57 32.76 0.29 -9.04
N GLY C 58 31.91 -0.73 -9.11
CA GLY C 58 32.39 -2.07 -9.43
C GLY C 58 31.85 -3.16 -8.53
N LYS C 59 30.83 -2.85 -7.74
CA LYS C 59 30.31 -3.82 -6.78
C LYS C 59 29.73 -5.04 -7.47
N THR C 60 28.74 -4.83 -8.34
CA THR C 60 28.09 -5.94 -9.02
C THR C 60 29.07 -6.71 -9.89
N SER C 61 29.95 -5.97 -10.60
CA SER C 61 30.96 -6.64 -11.42
C SER C 61 31.90 -7.48 -10.57
N THR C 62 32.33 -6.95 -9.43
CA THR C 62 33.22 -7.70 -8.56
C THR C 62 32.55 -8.97 -8.04
N ILE C 63 31.29 -8.86 -7.61
CA ILE C 63 30.64 -10.04 -7.05
C ILE C 63 30.35 -11.07 -8.14
N VAL C 64 30.04 -10.63 -9.36
CA VAL C 64 29.83 -11.58 -10.45
C VAL C 64 31.13 -12.27 -10.83
N ALA C 65 32.23 -11.52 -10.88
CA ALA C 65 33.52 -12.13 -11.15
C ALA C 65 33.91 -13.12 -10.04
N LEU C 66 33.59 -12.79 -8.79
CA LEU C 66 33.87 -13.72 -7.70
C LEU C 66 33.04 -14.99 -7.82
N ALA C 67 31.75 -14.85 -8.15
CA ALA C 67 30.92 -16.03 -8.34
C ALA C 67 31.40 -16.88 -9.52
N ARG C 68 31.96 -16.24 -10.55
CA ARG C 68 32.52 -16.99 -11.66
C ARG C 68 33.79 -17.72 -11.27
N GLU C 69 34.64 -17.06 -10.45
CA GLU C 69 35.91 -17.65 -10.06
C GLU C 69 35.70 -18.83 -9.11
N ILE C 70 34.72 -18.70 -8.20
CA ILE C 70 34.53 -19.74 -7.18
C ILE C 70 34.04 -21.03 -7.82
N TYR C 71 32.90 -20.96 -8.51
CA TYR C 71 32.24 -22.17 -9.00
C TYR C 71 32.74 -22.55 -10.39
N GLY C 72 32.58 -21.65 -11.36
CA GLY C 72 33.01 -21.94 -12.71
C GLY C 72 32.45 -20.92 -13.69
N LYS C 73 32.57 -21.28 -14.97
CA LYS C 73 32.13 -20.38 -16.04
C LYS C 73 30.61 -20.28 -16.08
N ASN C 74 29.92 -21.17 -15.36
CA ASN C 74 28.47 -21.14 -15.22
C ASN C 74 28.16 -20.73 -13.78
N TYR C 75 28.08 -19.43 -13.56
CA TYR C 75 27.87 -18.92 -12.20
C TYR C 75 26.40 -18.89 -11.84
N SER C 76 25.53 -18.53 -12.78
CA SER C 76 24.10 -18.45 -12.49
C SER C 76 23.45 -19.82 -12.60
N ASN C 77 24.05 -20.82 -11.96
CA ASN C 77 23.49 -22.17 -11.89
C ASN C 77 23.23 -22.62 -10.47
N MET C 78 24.23 -22.51 -9.59
CA MET C 78 24.08 -22.85 -8.19
C MET C 78 24.16 -21.63 -7.28
N VAL C 79 24.12 -20.43 -7.84
CA VAL C 79 24.17 -19.19 -7.09
C VAL C 79 22.82 -18.48 -7.23
N LEU C 80 22.24 -18.10 -6.11
CA LEU C 80 20.98 -17.37 -6.14
C LEU C 80 21.25 -15.86 -6.12
N GLU C 81 20.42 -15.12 -6.85
CA GLU C 81 20.63 -13.68 -6.99
C GLU C 81 19.28 -12.98 -6.90
N LEU C 82 19.08 -12.18 -5.86
CA LEU C 82 17.83 -11.44 -5.66
C LEU C 82 18.12 -9.95 -5.83
N ASN C 83 17.95 -9.47 -7.06
CA ASN C 83 18.08 -8.04 -7.31
C ASN C 83 16.76 -7.34 -7.02
N ALA C 84 16.72 -6.03 -7.32
CA ALA C 84 15.51 -5.25 -7.09
C ALA C 84 14.38 -5.59 -8.05
N SER C 85 14.63 -6.45 -9.03
CA SER C 85 13.60 -6.80 -10.00
C SER C 85 12.66 -7.88 -9.48
N ASP C 86 13.12 -8.68 -8.52
CA ASP C 86 12.26 -9.71 -7.94
C ASP C 86 11.64 -9.22 -6.63
N ASP C 87 10.52 -9.84 -6.27
CA ASP C 87 9.87 -9.53 -5.00
C ASP C 87 10.68 -10.08 -3.84
N ARG C 88 10.92 -9.23 -2.84
CA ARG C 88 11.73 -9.59 -1.68
C ARG C 88 11.01 -9.26 -0.39
N GLY C 89 9.71 -9.54 -0.33
CA GLY C 89 8.95 -9.34 0.87
C GLY C 89 9.30 -10.37 1.94
N ILE C 90 8.60 -10.27 3.07
CA ILE C 90 8.82 -11.24 4.15
C ILE C 90 8.37 -12.63 3.72
N ASP C 91 7.29 -12.72 2.94
CA ASP C 91 6.82 -14.01 2.43
C ASP C 91 7.80 -14.63 1.43
N VAL C 92 8.75 -13.86 0.92
CA VAL C 92 9.80 -14.38 0.05
C VAL C 92 11.01 -14.86 0.86
N VAL C 93 11.46 -14.05 1.82
CA VAL C 93 12.58 -14.46 2.65
C VAL C 93 12.19 -15.64 3.53
N ARG C 94 10.89 -15.84 3.75
CA ARG C 94 10.44 -17.00 4.50
C ARG C 94 10.57 -18.27 3.67
N ASN C 95 9.99 -18.28 2.48
CA ASN C 95 9.98 -19.50 1.68
C ASN C 95 11.25 -19.67 0.86
N GLN C 96 11.49 -18.76 -0.09
CA GLN C 96 12.47 -18.99 -1.14
C GLN C 96 13.90 -19.01 -0.60
N ILE C 97 14.31 -17.93 0.07
CA ILE C 97 15.67 -17.84 0.58
C ILE C 97 15.96 -18.94 1.59
N LYS C 98 15.00 -19.25 2.48
CA LYS C 98 15.21 -20.29 3.46
C LYS C 98 15.33 -21.67 2.83
N ASP C 99 14.49 -21.98 1.84
CA ASP C 99 14.61 -23.26 1.16
C ASP C 99 15.92 -23.36 0.38
N PHE C 100 16.37 -22.25 -0.19
CA PHE C 100 17.64 -22.29 -0.91
C PHE C 100 18.81 -22.45 0.05
N ALA C 101 18.71 -21.88 1.25
CA ALA C 101 19.77 -21.97 2.23
C ALA C 101 19.71 -23.23 3.08
N SER C 102 18.64 -24.01 2.98
CA SER C 102 18.48 -25.21 3.79
C SER C 102 18.78 -26.51 3.05
N THR C 103 19.04 -26.45 1.75
CA THR C 103 19.32 -27.63 0.96
C THR C 103 20.73 -27.54 0.36
N ARG C 104 21.12 -28.62 -0.31
CA ARG C 104 22.43 -28.71 -0.94
C ARG C 104 22.34 -28.22 -2.39
N GLN C 105 23.47 -28.27 -3.08
CA GLN C 105 23.50 -27.91 -4.49
C GLN C 105 23.06 -29.09 -5.35
N ILE C 106 22.81 -28.82 -6.62
CA ILE C 106 22.39 -29.85 -7.56
C ILE C 106 23.53 -30.37 -8.42
N PHE C 107 24.57 -29.56 -8.63
CA PHE C 107 25.61 -29.88 -9.61
C PHE C 107 26.89 -30.35 -8.93
N SER C 108 27.45 -29.58 -8.00
CA SER C 108 28.69 -29.91 -7.34
C SER C 108 28.49 -29.93 -5.82
N LYS C 109 29.59 -30.10 -5.10
CA LYS C 109 29.62 -30.13 -3.64
C LYS C 109 30.43 -28.93 -3.18
N GLY C 110 29.74 -27.88 -2.77
CA GLY C 110 30.40 -26.70 -2.25
C GLY C 110 29.42 -25.84 -1.48
N PHE C 111 29.91 -24.71 -0.99
CA PHE C 111 29.05 -23.77 -0.28
C PHE C 111 28.21 -22.98 -1.29
N LYS C 112 26.96 -22.70 -0.94
CA LYS C 112 26.10 -21.95 -1.82
C LYS C 112 26.27 -20.46 -1.61
N LEU C 113 25.99 -19.70 -2.66
CA LEU C 113 26.15 -18.24 -2.64
C LEU C 113 24.80 -17.59 -2.91
N ILE C 114 24.46 -16.60 -2.09
CA ILE C 114 23.24 -15.82 -2.23
C ILE C 114 23.62 -14.36 -2.32
N ILE C 115 23.25 -13.71 -3.42
CA ILE C 115 23.61 -12.32 -3.66
C ILE C 115 22.38 -11.44 -3.58
N LEU C 116 22.22 -10.73 -2.46
CA LEU C 116 21.12 -9.79 -2.31
C LEU C 116 21.58 -8.42 -2.81
N ASP C 117 21.37 -8.16 -4.10
CA ASP C 117 21.79 -6.91 -4.73
C ASP C 117 20.79 -5.81 -4.40
N GLU C 118 21.31 -4.65 -4.00
CA GLU C 118 20.51 -3.48 -3.70
C GLU C 118 19.49 -3.79 -2.61
N ALA C 119 20.00 -4.33 -1.49
CA ALA C 119 19.13 -4.69 -0.38
C ALA C 119 18.62 -3.48 0.39
N ASP C 120 19.06 -2.27 0.03
CA ASP C 120 18.52 -1.07 0.64
C ASP C 120 17.05 -0.88 0.31
N ALA C 121 16.55 -1.55 -0.73
CA ALA C 121 15.14 -1.46 -1.12
C ALA C 121 14.30 -2.57 -0.50
N MET C 122 14.69 -3.07 0.67
CA MET C 122 13.96 -4.10 1.39
C MET C 122 13.25 -3.50 2.58
N THR C 123 12.05 -4.00 2.87
CA THR C 123 11.30 -3.54 4.03
C THR C 123 12.01 -3.95 5.32
N ASN C 124 11.71 -3.25 6.41
CA ASN C 124 12.35 -3.55 7.69
C ASN C 124 12.00 -4.93 8.17
N ALA C 125 10.76 -5.39 7.92
CA ALA C 125 10.36 -6.72 8.34
C ALA C 125 11.15 -7.79 7.60
N ALA C 126 11.41 -7.58 6.31
CA ALA C 126 12.19 -8.55 5.54
C ALA C 126 13.61 -8.66 6.08
N GLN C 127 14.24 -7.54 6.40
CA GLN C 127 15.59 -7.59 6.96
C GLN C 127 15.59 -8.21 8.34
N ASN C 128 14.58 -7.92 9.16
CA ASN C 128 14.48 -8.52 10.48
C ASN C 128 14.30 -10.03 10.39
N ALA C 129 13.55 -10.50 9.38
CA ALA C 129 13.40 -11.93 9.19
C ALA C 129 14.70 -12.56 8.69
N LEU C 130 15.39 -11.87 7.79
CA LEU C 130 16.68 -12.37 7.28
C LEU C 130 17.74 -12.40 8.37
N ARG C 131 17.59 -11.55 9.39
CA ARG C 131 18.61 -11.41 10.43
C ARG C 131 18.97 -12.74 11.10
N ARG C 132 18.03 -13.68 11.21
CA ARG C 132 18.30 -14.96 11.85
C ARG C 132 18.63 -16.07 10.86
N VAL C 133 18.02 -16.05 9.67
CA VAL C 133 18.33 -17.10 8.69
C VAL C 133 19.70 -16.87 8.09
N ILE C 134 20.24 -15.66 8.20
CA ILE C 134 21.57 -15.38 7.67
C ILE C 134 22.65 -16.04 8.51
N GLU C 135 22.33 -16.31 9.78
CA GLU C 135 23.31 -16.90 10.69
C GLU C 135 22.93 -18.31 11.16
N ARG C 136 21.69 -18.74 10.93
CA ARG C 136 21.30 -20.09 11.32
C ARG C 136 21.99 -21.13 10.44
N TYR C 137 22.08 -20.85 9.14
CA TYR C 137 22.73 -21.74 8.18
C TYR C 137 23.98 -21.03 7.66
N THR C 138 25.08 -21.19 8.40
CA THR C 138 26.35 -20.56 8.06
C THR C 138 27.34 -21.51 7.40
N LYS C 139 27.41 -22.76 7.86
CA LYS C 139 28.38 -23.70 7.31
C LYS C 139 27.99 -24.25 5.96
N ASN C 140 26.94 -23.73 5.33
CA ASN C 140 26.52 -24.20 4.01
C ASN C 140 26.34 -23.09 3.00
N THR C 141 25.88 -21.91 3.42
CA THR C 141 25.61 -20.81 2.50
C THR C 141 26.29 -19.54 3.00
N ARG C 142 26.47 -18.59 2.08
CA ARG C 142 27.10 -17.31 2.37
C ARG C 142 26.28 -16.19 1.72
N PHE C 143 26.13 -15.09 2.44
CA PHE C 143 25.35 -13.97 1.96
C PHE C 143 26.25 -12.81 1.54
N CYS C 144 25.86 -12.13 0.47
CA CYS C 144 26.57 -10.96 -0.03
C CYS C 144 25.55 -9.86 -0.25
N VAL C 145 25.63 -8.80 0.56
CA VAL C 145 24.68 -7.70 0.56
C VAL C 145 25.34 -6.52 -0.13
N LEU C 146 24.80 -6.10 -1.27
CA LEU C 146 25.28 -4.95 -2.00
C LEU C 146 24.34 -3.77 -1.74
N ALA C 147 24.92 -2.60 -1.48
CA ALA C 147 24.09 -1.45 -1.13
C ALA C 147 24.80 -0.16 -1.49
N ASN C 148 24.00 0.90 -1.66
CA ASN C 148 24.52 2.23 -1.89
C ASN C 148 24.24 3.20 -0.75
N TYR C 149 23.16 3.00 -0.01
CA TYR C 149 22.81 3.82 1.14
C TYR C 149 22.85 2.93 2.37
N ALA C 150 23.84 3.18 3.25
CA ALA C 150 24.08 2.34 4.41
C ALA C 150 23.15 2.67 5.58
N HIS C 151 22.12 3.49 5.38
CA HIS C 151 21.17 3.78 6.44
C HIS C 151 19.86 3.01 6.31
N LYS C 152 19.55 2.49 5.12
CA LYS C 152 18.34 1.70 4.95
C LYS C 152 18.45 0.36 5.67
N LEU C 153 19.66 -0.17 5.82
CA LEU C 153 19.85 -1.44 6.50
C LEU C 153 19.75 -1.26 8.01
N THR C 154 19.07 -2.20 8.67
CA THR C 154 18.99 -2.18 10.11
C THR C 154 20.38 -2.43 10.71
N PRO C 155 20.65 -1.90 11.90
CA PRO C 155 21.98 -2.12 12.51
C PRO C 155 22.31 -3.58 12.71
N ALA C 156 21.32 -4.43 13.00
CA ALA C 156 21.58 -5.84 13.21
C ALA C 156 22.14 -6.50 11.96
N LEU C 157 21.41 -6.39 10.84
CA LEU C 157 21.89 -6.94 9.59
C LEU C 157 23.19 -6.29 9.15
N LEU C 158 23.37 -5.01 9.45
CA LEU C 158 24.60 -4.31 9.10
C LEU C 158 25.78 -4.86 9.88
N SER C 159 25.56 -5.36 11.08
CA SER C 159 26.66 -5.83 11.91
C SER C 159 27.09 -7.24 11.55
N ARG C 160 26.16 -8.08 11.09
CA ARG C 160 26.46 -9.48 10.83
C ARG C 160 27.36 -9.67 9.61
N CYS C 161 27.47 -8.67 8.76
CA CYS C 161 28.22 -8.78 7.52
C CYS C 161 29.50 -7.95 7.60
N THR C 162 30.55 -8.48 6.99
CA THR C 162 31.82 -7.75 6.92
C THR C 162 31.69 -6.59 5.94
N ARG C 163 31.96 -5.39 6.43
CA ARG C 163 31.76 -4.16 5.67
C ARG C 163 32.96 -3.93 4.77
N PHE C 164 32.71 -3.81 3.46
CA PHE C 164 33.72 -3.48 2.47
C PHE C 164 33.25 -2.25 1.70
N ARG C 165 33.97 -1.14 1.85
CA ARG C 165 33.63 0.09 1.16
C ARG C 165 34.36 0.18 -0.17
N PHE C 166 33.64 0.61 -1.20
CA PHE C 166 34.17 0.74 -2.55
C PHE C 166 34.44 2.22 -2.80
N GLN C 167 35.68 2.62 -2.60
CA GLN C 167 36.05 4.01 -2.77
C GLN C 167 35.86 4.43 -4.23
N PRO C 168 35.55 5.70 -4.50
CA PRO C 168 35.45 6.15 -5.89
C PRO C 168 36.76 5.94 -6.63
N LEU C 169 36.65 5.68 -7.93
CA LEU C 169 37.81 5.36 -8.74
C LEU C 169 38.79 6.53 -8.80
N PRO C 170 40.03 6.37 -8.34
CA PRO C 170 41.00 7.44 -8.47
C PRO C 170 41.37 7.69 -9.93
N GLN C 171 42.18 8.74 -10.14
CA GLN C 171 42.52 9.14 -11.50
C GLN C 171 43.28 8.03 -12.23
N GLU C 172 44.16 7.33 -11.53
CA GLU C 172 44.99 6.31 -12.17
C GLU C 172 44.15 5.16 -12.70
N ALA C 173 43.12 4.74 -11.96
CA ALA C 173 42.29 3.63 -12.40
C ALA C 173 41.50 3.99 -13.65
N ILE C 174 40.89 5.18 -13.66
CA ILE C 174 40.13 5.60 -14.83
C ILE C 174 41.06 5.79 -16.02
N GLU C 175 42.28 6.26 -15.78
CA GLU C 175 43.24 6.41 -16.87
C GLU C 175 43.61 5.05 -17.46
N ARG C 176 43.86 4.06 -16.60
CA ARG C 176 44.17 2.72 -17.08
C ARG C 176 43.02 2.14 -17.88
N ARG C 177 41.79 2.35 -17.39
CA ARG C 177 40.63 1.84 -18.13
C ARG C 177 40.45 2.55 -19.46
N ILE C 178 40.69 3.86 -19.51
CA ILE C 178 40.62 4.59 -20.77
C ILE C 178 41.66 4.07 -21.74
N ALA C 179 42.87 3.79 -21.26
CA ALA C 179 43.91 3.24 -22.13
C ALA C 179 43.51 1.86 -22.66
N ASN C 180 42.96 1.01 -21.79
CA ASN C 180 42.53 -0.31 -22.23
C ASN C 180 41.41 -0.23 -23.25
N VAL C 181 40.49 0.72 -23.09
CA VAL C 181 39.41 0.88 -24.06
C VAL C 181 39.94 1.41 -25.38
N LEU C 182 40.87 2.37 -25.32
CA LEU C 182 41.49 2.90 -26.53
C LEU C 182 42.36 1.87 -27.24
N VAL C 183 42.81 0.84 -26.54
CA VAL C 183 43.56 -0.23 -27.20
C VAL C 183 42.62 -1.05 -28.09
N HIS C 184 41.49 -1.50 -27.53
CA HIS C 184 40.58 -2.36 -28.29
C HIS C 184 39.83 -1.61 -29.37
N GLU C 185 39.56 -0.33 -29.19
CA GLU C 185 38.83 0.48 -30.16
C GLU C 185 39.80 1.48 -30.77
N LYS C 186 39.93 1.46 -32.10
CA LYS C 186 40.81 2.39 -32.79
C LYS C 186 40.36 3.83 -32.53
N LEU C 187 41.16 4.57 -31.76
CA LEU C 187 40.77 5.90 -31.32
C LEU C 187 41.97 6.58 -30.70
N LYS C 188 41.93 7.91 -30.70
CA LYS C 188 42.98 8.72 -30.09
C LYS C 188 42.32 9.81 -29.25
N LEU C 189 42.92 10.09 -28.08
CA LEU C 189 42.32 10.98 -27.10
C LEU C 189 43.40 11.90 -26.55
N SER C 190 43.08 13.19 -26.47
CA SER C 190 44.07 14.21 -26.10
C SER C 190 44.32 14.21 -24.59
N PRO C 191 45.52 14.61 -24.15
CA PRO C 191 45.80 14.67 -22.71
C PRO C 191 44.92 15.64 -21.95
N ASN C 192 44.77 16.87 -22.46
CA ASN C 192 43.86 17.81 -21.80
C ASN C 192 42.42 17.32 -21.85
N ALA C 193 42.04 16.67 -22.94
CA ALA C 193 40.73 16.01 -23.00
C ALA C 193 40.63 14.92 -21.94
N GLU C 194 41.72 14.19 -21.71
CA GLU C 194 41.73 13.17 -20.67
C GLU C 194 41.51 13.79 -19.29
N LYS C 195 42.19 14.91 -19.02
CA LYS C 195 42.02 15.57 -17.72
C LYS C 195 40.60 16.08 -17.55
N ALA C 196 40.04 16.67 -18.61
CA ALA C 196 38.66 17.13 -18.53
C ALA C 196 37.69 15.98 -18.29
N LEU C 197 37.92 14.85 -18.96
CA LEU C 197 37.06 13.69 -18.78
C LEU C 197 37.17 13.15 -17.35
N ILE C 198 38.39 13.12 -16.81
CA ILE C 198 38.58 12.66 -15.43
C ILE C 198 37.83 13.57 -14.46
N GLU C 199 37.98 14.89 -14.64
CA GLU C 199 37.30 15.82 -13.75
C GLU C 199 35.78 15.78 -13.91
N LEU C 200 35.29 15.43 -15.10
CA LEU C 200 33.85 15.34 -15.31
C LEU C 200 33.29 14.00 -14.82
N SER C 201 34.15 12.99 -14.69
CA SER C 201 33.69 11.66 -14.29
C SER C 201 33.04 11.68 -12.93
N ASN C 202 33.63 12.39 -11.97
CA ASN C 202 33.17 12.44 -10.58
C ASN C 202 33.14 11.04 -9.97
N GLY C 203 34.06 10.18 -10.39
CA GLY C 203 34.13 8.82 -9.92
C GLY C 203 33.32 7.83 -10.72
N ASP C 204 32.31 8.30 -11.45
CA ASP C 204 31.42 7.43 -12.20
C ASP C 204 32.13 6.80 -13.38
N MET C 205 32.33 5.47 -13.34
CA MET C 205 32.93 4.78 -14.47
C MET C 205 31.98 4.66 -15.66
N ARG C 206 30.67 4.81 -15.43
CA ARG C 206 29.69 4.70 -16.50
C ARG C 206 29.61 5.98 -17.33
N ARG C 207 29.68 7.15 -16.67
CA ARG C 207 29.67 8.41 -17.39
C ARG C 207 30.90 8.53 -18.29
N VAL C 208 32.03 7.98 -17.85
CA VAL C 208 33.24 7.98 -18.67
C VAL C 208 32.98 7.28 -20.00
N LEU C 209 32.51 6.03 -19.94
CA LEU C 209 32.29 5.25 -21.15
C LEU C 209 31.18 5.87 -21.99
N ASN C 210 30.16 6.45 -21.34
CA ASN C 210 29.07 7.07 -22.08
C ASN C 210 29.56 8.25 -22.90
N VAL C 211 30.25 9.20 -22.27
CA VAL C 211 30.72 10.37 -23.00
C VAL C 211 31.83 9.96 -23.98
N LEU C 212 32.53 8.86 -23.70
CA LEU C 212 33.54 8.39 -24.65
C LEU C 212 32.88 7.87 -25.93
N GLN C 213 31.86 7.04 -25.79
CA GLN C 213 31.09 6.62 -26.96
C GLN C 213 30.50 7.81 -27.69
N SER C 214 30.04 8.81 -26.95
CA SER C 214 29.46 10.00 -27.58
C SER C 214 30.50 10.74 -28.42
N CYS C 215 31.67 11.02 -27.85
CA CYS C 215 32.68 11.78 -28.59
C CYS C 215 33.26 10.94 -29.73
N LYS C 216 33.24 9.62 -29.59
CA LYS C 216 33.66 8.78 -30.71
C LYS C 216 32.64 8.83 -31.85
N ALA C 217 31.35 8.86 -31.50
CA ALA C 217 30.31 8.95 -32.53
C ALA C 217 30.32 10.32 -33.20
N THR C 218 30.73 11.36 -32.47
CA THR C 218 30.72 12.72 -33.03
C THR C 218 32.01 13.08 -33.75
N LEU C 219 32.72 12.10 -34.30
CA LEU C 219 33.96 12.36 -35.03
C LEU C 219 33.82 12.30 -36.54
N ASP C 220 32.82 11.58 -37.05
CA ASP C 220 32.53 11.44 -38.48
C ASP C 220 33.56 10.54 -39.17
N ASN C 221 34.62 10.19 -38.44
CA ASN C 221 35.62 9.22 -38.89
C ASN C 221 36.44 8.76 -37.70
N PRO C 222 35.90 7.89 -36.84
CA PRO C 222 36.60 7.54 -35.60
C PRO C 222 37.80 6.62 -35.81
N ASP C 223 38.69 7.00 -36.72
CA ASP C 223 39.92 6.24 -36.95
C ASP C 223 41.17 7.09 -37.05
N GLU C 224 41.07 8.37 -37.39
CA GLU C 224 42.25 9.23 -37.55
C GLU C 224 42.23 10.44 -36.64
N ASP C 225 41.12 11.19 -36.60
CA ASP C 225 41.08 12.41 -35.82
C ASP C 225 40.98 12.12 -34.34
N GLU C 226 41.69 12.92 -33.55
CA GLU C 226 41.76 12.75 -32.11
C GLU C 226 40.64 13.52 -31.42
N ILE C 227 40.17 12.98 -30.31
CA ILE C 227 39.09 13.60 -29.54
C ILE C 227 39.70 14.75 -28.73
N SER C 228 39.47 15.98 -29.17
CA SER C 228 39.95 17.14 -28.43
C SER C 228 39.00 17.48 -27.29
N ASP C 229 39.42 18.43 -26.45
CA ASP C 229 38.60 18.82 -25.30
C ASP C 229 37.29 19.44 -25.73
N ASP C 230 37.28 20.13 -26.88
CA ASP C 230 36.05 20.78 -27.33
C ASP C 230 34.97 19.75 -27.66
N VAL C 231 35.36 18.61 -28.23
CA VAL C 231 34.38 17.58 -28.55
C VAL C 231 33.76 17.01 -27.28
N ILE C 232 34.59 16.74 -26.27
CA ILE C 232 34.07 16.23 -25.01
C ILE C 232 33.14 17.26 -24.36
N TYR C 233 33.55 18.54 -24.36
CA TYR C 233 32.74 19.57 -23.73
C TYR C 233 31.42 19.77 -24.48
N GLU C 234 31.43 19.51 -25.79
CA GLU C 234 30.21 19.66 -26.57
C GLU C 234 29.27 18.48 -26.41
N CYS C 235 29.83 17.27 -26.27
CA CYS C 235 28.99 16.08 -26.20
C CYS C 235 28.08 16.11 -24.98
N CYS C 236 28.60 16.54 -23.84
CA CYS C 236 27.81 16.63 -22.62
C CYS C 236 27.29 18.04 -22.36
N GLY C 237 27.65 19.01 -23.21
CA GLY C 237 27.21 20.38 -23.02
C GLY C 237 27.75 21.07 -21.79
N ALA C 238 28.76 20.49 -21.13
CA ALA C 238 29.33 21.11 -19.95
C ALA C 238 30.09 22.38 -20.32
N PRO C 239 30.08 23.37 -19.44
CA PRO C 239 30.79 24.62 -19.74
C PRO C 239 32.30 24.46 -19.67
N ARG C 240 33.01 24.98 -20.66
CA ARG C 240 34.46 24.97 -20.64
C ARG C 240 34.97 25.85 -19.50
N PRO C 241 36.11 25.49 -18.89
CA PRO C 241 36.65 26.35 -17.83
C PRO C 241 36.94 27.77 -18.29
N SER C 242 37.22 27.95 -19.57
CA SER C 242 37.57 29.27 -20.09
C SER C 242 36.43 30.27 -19.90
N ASP C 243 35.30 30.03 -20.56
CA ASP C 243 34.19 30.98 -20.46
C ASP C 243 33.56 30.96 -19.07
N LEU C 244 33.71 29.87 -18.32
CA LEU C 244 33.26 29.84 -16.94
C LEU C 244 34.04 30.85 -16.10
N LYS C 245 35.38 30.81 -16.18
CA LYS C 245 36.18 31.78 -15.45
C LYS C 245 35.95 33.19 -15.97
N ALA C 246 35.71 33.32 -17.28
CA ALA C 246 35.40 34.64 -17.83
C ALA C 246 34.12 35.21 -17.24
N VAL C 247 33.08 34.37 -17.14
CA VAL C 247 31.81 34.81 -16.57
C VAL C 247 31.99 35.17 -15.10
N LEU C 248 32.75 34.35 -14.36
CA LEU C 248 32.98 34.64 -12.95
C LEU C 248 33.72 35.97 -12.78
N LYS C 249 34.73 36.22 -13.61
CA LYS C 249 35.47 37.47 -13.52
C LYS C 249 34.59 38.66 -13.87
N SER C 250 33.77 38.51 -14.91
CA SER C 250 32.89 39.62 -15.31
C SER C 250 31.84 39.90 -14.25
N ILE C 251 31.40 38.86 -13.53
CA ILE C 251 30.44 39.07 -12.46
C ILE C 251 31.10 39.75 -11.27
N LEU C 252 32.33 39.33 -10.94
CA LEU C 252 33.01 39.87 -9.76
C LEU C 252 33.47 41.30 -9.97
N GLU C 253 33.90 41.65 -11.19
CA GLU C 253 34.54 42.93 -11.43
C GLU C 253 33.61 43.95 -12.10
N ASP C 254 32.97 43.57 -13.21
CA ASP C 254 32.23 44.53 -14.01
C ASP C 254 30.92 44.93 -13.31
N ASP C 255 30.18 45.82 -13.97
CA ASP C 255 28.92 46.32 -13.43
C ASP C 255 27.79 45.35 -13.76
N TRP C 256 26.55 45.79 -13.51
CA TRP C 256 25.40 44.90 -13.64
C TRP C 256 25.02 44.66 -15.10
N GLY C 257 24.90 45.74 -15.87
CA GLY C 257 24.44 45.59 -17.24
C GLY C 257 25.33 44.70 -18.08
N THR C 258 26.64 44.99 -18.08
CA THR C 258 27.56 44.21 -18.89
C THR C 258 27.72 42.79 -18.36
N ALA C 259 27.60 42.59 -17.04
CA ALA C 259 27.68 41.23 -16.51
C ALA C 259 26.47 40.40 -16.95
N HIS C 260 25.28 40.97 -16.87
CA HIS C 260 24.09 40.27 -17.37
C HIS C 260 24.20 40.01 -18.86
N TYR C 261 24.75 40.98 -19.61
CA TYR C 261 24.91 40.80 -21.06
C TYR C 261 25.87 39.66 -21.37
N THR C 262 27.02 39.62 -20.70
CA THR C 262 27.99 38.58 -20.98
C THR C 262 27.50 37.21 -20.49
N LEU C 263 26.70 37.18 -19.42
CA LEU C 263 26.13 35.90 -19.00
C LEU C 263 25.13 35.39 -20.03
N ASN C 264 24.24 36.26 -20.50
CA ASN C 264 23.28 35.85 -21.52
C ASN C 264 23.96 35.54 -22.85
N LYS C 265 25.15 36.09 -23.09
CA LYS C 265 25.86 35.79 -24.32
C LYS C 265 26.62 34.46 -24.22
N VAL C 266 27.15 34.14 -23.04
CA VAL C 266 27.87 32.88 -22.87
C VAL C 266 26.90 31.71 -22.79
N ARG C 267 25.81 31.87 -22.04
CA ARG C 267 24.83 30.80 -21.91
C ARG C 267 23.99 30.58 -23.15
N SER C 268 24.16 31.41 -24.19
CA SER C 268 23.43 31.27 -25.44
C SER C 268 24.35 30.99 -26.62
N ALA C 269 25.67 30.95 -26.40
CA ALA C 269 26.60 30.62 -27.47
C ALA C 269 26.69 29.13 -27.73
N LYS C 270 26.56 28.31 -26.69
CA LYS C 270 26.55 26.85 -26.83
C LYS C 270 25.30 26.21 -26.24
N GLY C 271 24.38 27.00 -25.71
CA GLY C 271 23.19 26.45 -25.08
C GLY C 271 23.48 25.80 -23.74
N LEU C 272 24.21 26.50 -22.88
CA LEU C 272 24.53 25.96 -21.56
C LEU C 272 23.31 26.02 -20.65
N ALA C 273 23.44 25.38 -19.49
CA ALA C 273 22.40 25.35 -18.48
C ALA C 273 22.89 26.03 -17.21
N LEU C 274 21.99 26.73 -16.52
CA LEU C 274 22.37 27.43 -15.30
C LEU C 274 22.75 26.47 -14.19
N ILE C 275 22.17 25.26 -14.19
CA ILE C 275 22.48 24.29 -13.14
C ILE C 275 23.94 23.87 -13.21
N ASP C 276 24.51 23.80 -14.42
CA ASP C 276 25.91 23.44 -14.55
C ASP C 276 26.82 24.64 -14.29
N LEU C 277 26.37 25.84 -14.68
CA LEU C 277 27.15 27.05 -14.41
C LEU C 277 27.29 27.28 -12.91
N ILE C 278 26.24 27.02 -12.14
CA ILE C 278 26.31 27.20 -10.70
C ILE C 278 27.35 26.26 -10.10
N GLU C 279 27.32 24.99 -10.51
CA GLU C 279 28.27 24.02 -9.98
C GLU C 279 29.69 24.38 -10.36
N GLY C 280 29.90 24.80 -11.62
CA GLY C 280 31.23 25.18 -12.05
C GLY C 280 31.76 26.39 -11.31
N ILE C 281 30.92 27.40 -11.11
CA ILE C 281 31.34 28.59 -10.38
C ILE C 281 31.64 28.24 -8.93
N VAL C 282 30.84 27.35 -8.32
CA VAL C 282 31.09 26.93 -6.95
C VAL C 282 32.43 26.21 -6.84
N LYS C 283 32.70 25.31 -7.80
CA LYS C 283 33.95 24.56 -7.75
C LYS C 283 35.16 25.46 -7.97
N ILE C 284 35.02 26.46 -8.85
CA ILE C 284 36.13 27.38 -9.10
C ILE C 284 36.33 28.32 -7.92
N LEU C 285 35.25 28.72 -7.26
CA LEU C 285 35.30 29.75 -6.23
C LEU C 285 35.56 29.19 -4.83
N GLU C 286 35.41 27.88 -4.65
CA GLU C 286 35.78 27.25 -3.38
C GLU C 286 37.28 27.37 -3.09
N ASP C 287 38.09 27.68 -4.10
CA ASP C 287 39.53 27.81 -3.94
C ASP C 287 39.97 29.18 -3.43
N TYR C 288 39.12 30.20 -3.56
CA TYR C 288 39.48 31.54 -3.12
C TYR C 288 39.71 31.58 -1.61
N GLU C 289 40.53 32.54 -1.19
CA GLU C 289 40.83 32.75 0.22
C GLU C 289 40.08 33.98 0.71
N LEU C 290 38.85 33.74 1.17
CA LEU C 290 38.02 34.81 1.71
C LEU C 290 38.49 35.16 3.11
N GLN C 291 38.76 36.44 3.35
CA GLN C 291 39.27 36.89 4.66
C GLN C 291 38.12 37.29 5.59
N ASN C 292 37.13 36.41 5.71
CA ASN C 292 36.01 36.54 6.63
C ASN C 292 35.16 35.28 6.51
N GLU C 293 34.36 35.02 7.54
CA GLU C 293 33.48 33.86 7.55
C GLU C 293 32.07 34.17 7.08
N GLU C 294 31.63 35.43 7.19
CA GLU C 294 30.29 35.81 6.80
C GLU C 294 30.09 35.82 5.29
N THR C 295 31.17 35.91 4.52
CA THR C 295 31.05 35.88 3.07
C THR C 295 30.65 34.49 2.58
N ARG C 296 31.39 33.47 3.01
CA ARG C 296 31.13 32.11 2.53
C ARG C 296 29.76 31.61 2.96
N VAL C 297 29.29 32.04 4.14
CA VAL C 297 27.98 31.60 4.63
C VAL C 297 26.90 32.00 3.65
N HIS C 298 26.82 33.29 3.32
CA HIS C 298 25.82 33.75 2.36
C HIS C 298 26.08 33.17 0.97
N LEU C 299 27.36 33.11 0.58
CA LEU C 299 27.72 32.59 -0.74
C LEU C 299 27.21 31.17 -0.95
N LEU C 300 27.22 30.35 0.09
CA LEU C 300 26.71 29.00 0.01
C LEU C 300 25.20 28.95 0.17
N THR C 301 24.65 29.71 1.12
CA THR C 301 23.21 29.63 1.39
C THR C 301 22.39 30.08 0.18
N LYS C 302 22.70 31.27 -0.35
CA LYS C 302 21.91 31.78 -1.46
C LYS C 302 22.06 30.90 -2.70
N LEU C 303 23.28 30.40 -2.95
CA LEU C 303 23.48 29.56 -4.13
C LEU C 303 22.75 28.23 -3.98
N ALA C 304 22.72 27.66 -2.78
CA ALA C 304 21.97 26.43 -2.58
C ALA C 304 20.48 26.65 -2.74
N ASP C 305 19.97 27.78 -2.24
CA ASP C 305 18.56 28.09 -2.44
C ASP C 305 18.23 28.25 -3.92
N ILE C 306 19.10 28.92 -4.67
CA ILE C 306 18.87 29.09 -6.10
C ILE C 306 18.92 27.75 -6.82
N GLU C 307 19.83 26.86 -6.40
CA GLU C 307 19.90 25.54 -7.02
C GLU C 307 18.65 24.72 -6.74
N TYR C 308 18.16 24.78 -5.50
CA TYR C 308 16.94 24.04 -5.16
C TYR C 308 15.74 24.60 -5.93
N SER C 309 15.73 25.91 -6.16
CA SER C 309 14.65 26.50 -6.95
C SER C 309 14.76 26.11 -8.41
N ILE C 310 15.98 26.03 -8.95
CA ILE C 310 16.18 25.55 -10.31
C ILE C 310 15.72 24.11 -10.44
N SER C 311 15.89 23.31 -9.37
CA SER C 311 15.48 21.91 -9.38
C SER C 311 13.98 21.76 -9.63
N LYS C 312 13.22 22.85 -9.49
CA LYS C 312 11.79 22.84 -9.77
C LYS C 312 11.45 23.55 -11.07
N GLY C 313 12.41 24.24 -11.69
CA GLY C 313 12.20 24.86 -12.98
C GLY C 313 11.19 25.99 -12.98
N GLY C 314 11.40 26.99 -12.14
CA GLY C 314 10.52 28.15 -12.11
C GLY C 314 10.69 29.06 -13.32
N ASN C 315 11.85 29.70 -13.42
CA ASN C 315 12.16 30.59 -14.53
C ASN C 315 13.54 30.24 -15.06
N ASP C 316 14.06 31.08 -15.97
CA ASP C 316 15.38 30.86 -16.53
C ASP C 316 16.30 32.08 -16.47
N GLN C 317 15.77 33.30 -16.55
CA GLN C 317 16.61 34.49 -16.47
C GLN C 317 16.58 35.12 -15.09
N ILE C 318 15.44 35.04 -14.40
CA ILE C 318 15.35 35.54 -13.03
C ILE C 318 16.33 34.81 -12.14
N GLN C 319 16.48 33.49 -12.34
CA GLN C 319 17.44 32.73 -11.55
C GLN C 319 18.87 33.08 -11.90
N GLY C 320 19.15 33.42 -13.16
CA GLY C 320 20.50 33.85 -13.51
C GLY C 320 20.86 35.17 -12.87
N SER C 321 19.96 36.14 -12.95
CA SER C 321 20.20 37.40 -12.26
C SER C 321 20.25 37.21 -10.75
N ALA C 322 19.53 36.22 -10.23
CA ALA C 322 19.62 35.91 -8.80
C ALA C 322 21.00 35.37 -8.45
N VAL C 323 21.57 34.53 -9.30
CA VAL C 323 22.93 34.04 -9.09
C VAL C 323 23.91 35.21 -9.10
N ILE C 324 23.75 36.11 -10.08
CA ILE C 324 24.63 37.28 -10.17
C ILE C 324 24.53 38.11 -8.90
N GLY C 325 23.30 38.38 -8.45
CA GLY C 325 23.10 39.18 -7.26
C GLY C 325 23.64 38.52 -6.01
N ALA C 326 23.47 37.20 -5.90
CA ALA C 326 24.00 36.48 -4.74
C ALA C 326 25.52 36.56 -4.71
N ILE C 327 26.17 36.35 -5.85
CA ILE C 327 27.63 36.44 -5.91
C ILE C 327 28.09 37.84 -5.54
N LYS C 328 27.44 38.86 -6.10
CA LYS C 328 27.88 40.24 -5.86
C LYS C 328 27.65 40.64 -4.41
N ALA C 329 26.51 40.28 -3.83
CA ALA C 329 26.23 40.63 -2.45
C ALA C 329 27.10 39.85 -1.48
N SER C 330 27.50 38.62 -1.84
CA SER C 330 28.41 37.88 -0.98
C SER C 330 29.82 38.43 -1.05
N PHE C 331 30.25 38.89 -2.23
CA PHE C 331 31.55 39.53 -2.37
C PHE C 331 31.48 41.02 -2.08
N GLU C 332 30.91 41.37 -0.93
CA GLU C 332 30.82 42.74 -0.47
C GLU C 332 31.30 42.94 0.96
N ASN C 333 31.20 41.94 1.82
CA ASN C 333 31.74 42.06 3.17
C ASN C 333 33.26 42.07 3.19
N GLU C 334 33.90 41.73 2.06
CA GLU C 334 35.36 41.73 2.01
C GLU C 334 35.90 43.15 2.05
N THR C 335 35.24 44.08 1.37
CA THR C 335 35.67 45.47 1.34
C THR C 335 35.33 46.18 2.65
N ALA D 18 -5.00 9.96 -43.79
CA ALA D 18 -3.57 10.12 -43.99
C ALA D 18 -3.21 11.59 -44.13
N GLU D 19 -3.16 12.07 -45.38
CA GLU D 19 -2.86 13.48 -45.62
C GLU D 19 -3.99 14.37 -45.13
N GLN D 20 -5.24 13.96 -45.39
CA GLN D 20 -6.37 14.71 -44.86
C GLN D 20 -6.40 14.66 -43.34
N SER D 21 -5.89 13.57 -42.75
CA SER D 21 -5.82 13.48 -41.30
C SER D 21 -4.78 14.44 -40.74
N LEU D 22 -3.61 14.52 -41.38
CA LEU D 22 -2.57 15.44 -40.90
C LEU D 22 -2.95 16.89 -41.19
N ALA D 23 -3.84 17.10 -42.16
CA ALA D 23 -4.35 18.44 -42.41
C ALA D 23 -5.33 18.87 -41.32
N GLN D 24 -6.08 17.92 -40.77
CA GLN D 24 -7.11 18.21 -39.76
C GLN D 24 -6.56 17.97 -38.35
N GLN D 25 -5.57 18.78 -37.99
CA GLN D 25 -5.01 18.78 -36.65
C GLN D 25 -4.22 20.07 -36.45
N PRO D 26 -4.00 20.50 -35.21
CA PRO D 26 -3.28 21.75 -34.97
C PRO D 26 -1.86 21.70 -35.55
N TRP D 27 -1.26 22.89 -35.65
CA TRP D 27 0.06 23.01 -36.27
C TRP D 27 1.13 22.32 -35.44
N VAL D 28 0.86 22.09 -34.15
CA VAL D 28 1.82 21.37 -33.31
C VAL D 28 2.03 19.95 -33.84
N GLU D 29 0.93 19.25 -34.12
CA GLU D 29 1.01 17.89 -34.65
C GLU D 29 1.13 17.86 -36.16
N LYS D 30 0.74 18.95 -36.84
CA LYS D 30 0.85 19.00 -38.30
C LYS D 30 2.30 19.07 -38.77
N TYR D 31 3.20 19.66 -37.98
CA TYR D 31 4.59 19.81 -38.39
C TYR D 31 5.54 19.11 -37.43
N ARG D 32 5.06 18.07 -36.75
CA ARG D 32 5.93 17.28 -35.89
C ARG D 32 6.97 16.57 -36.75
N PRO D 33 8.26 16.74 -36.48
CA PRO D 33 9.29 16.11 -37.32
C PRO D 33 9.12 14.60 -37.39
N LYS D 34 9.32 14.04 -38.58
CA LYS D 34 9.18 12.62 -38.81
C LYS D 34 10.52 11.89 -38.94
N ASN D 35 11.59 12.59 -39.30
CA ASN D 35 12.92 11.99 -39.39
C ASN D 35 13.88 12.80 -38.53
N LEU D 36 15.15 12.35 -38.52
CA LEU D 36 16.17 13.01 -37.72
C LEU D 36 16.69 14.29 -38.35
N ASP D 37 16.20 14.68 -39.52
CA ASP D 37 16.68 15.88 -40.20
C ASP D 37 15.80 17.09 -39.98
N GLU D 38 14.52 16.91 -39.66
CA GLU D 38 13.64 18.04 -39.43
C GLU D 38 13.77 18.62 -38.02
N VAL D 39 14.45 17.92 -37.11
CA VAL D 39 14.65 18.43 -35.76
C VAL D 39 15.92 19.29 -35.75
N THR D 40 15.76 20.57 -36.05
CA THR D 40 16.88 21.50 -36.14
C THR D 40 17.04 22.31 -34.85
N ALA D 41 17.20 21.62 -33.73
CA ALA D 41 17.41 22.35 -32.48
C ALA D 41 18.61 21.87 -31.69
N GLN D 42 18.87 20.57 -31.66
CA GLN D 42 19.91 19.97 -30.82
C GLN D 42 20.83 19.17 -31.73
N ASP D 43 21.85 19.84 -32.28
CA ASP D 43 22.78 19.18 -33.19
C ASP D 43 23.76 18.27 -32.47
N HIS D 44 23.88 18.39 -31.14
CA HIS D 44 24.84 17.56 -30.41
C HIS D 44 24.31 16.16 -30.17
N ALA D 45 22.99 16.00 -30.07
CA ALA D 45 22.38 14.70 -29.79
C ALA D 45 21.93 13.99 -31.05
N VAL D 46 21.37 14.73 -32.02
CA VAL D 46 20.90 14.10 -33.24
C VAL D 46 22.08 13.54 -34.02
N THR D 47 23.27 14.13 -33.87
CA THR D 47 24.45 13.57 -34.52
C THR D 47 24.76 12.17 -34.01
N VAL D 48 24.75 11.99 -32.69
CA VAL D 48 24.98 10.66 -32.13
C VAL D 48 23.86 9.71 -32.52
N LEU D 49 22.61 10.18 -32.49
CA LEU D 49 21.48 9.33 -32.82
C LEU D 49 21.53 8.90 -34.28
N LYS D 50 22.10 9.72 -35.15
CA LYS D 50 22.20 9.37 -36.57
C LYS D 50 23.40 8.47 -36.82
N LYS D 51 24.50 8.70 -36.10
CA LYS D 51 25.66 7.82 -36.22
C LYS D 51 25.35 6.43 -35.70
N THR D 52 24.44 6.34 -34.74
CA THR D 52 24.01 5.06 -34.19
C THR D 52 23.37 4.19 -35.27
N LEU D 53 22.73 4.82 -36.25
CA LEU D 53 22.06 4.11 -37.34
C LEU D 53 23.00 3.13 -38.04
N LYS D 54 24.16 3.63 -38.48
CA LYS D 54 25.11 2.76 -39.16
C LYS D 54 25.69 1.71 -38.23
N SER D 55 25.91 2.07 -36.97
CA SER D 55 26.44 1.13 -35.98
C SER D 55 25.28 0.37 -35.35
N ALA D 56 25.56 -0.34 -34.25
CA ALA D 56 24.53 -1.05 -33.51
C ALA D 56 24.58 -0.85 -32.02
N ASN D 57 25.57 -0.12 -31.49
CA ASN D 57 25.73 0.07 -30.05
C ASN D 57 24.97 1.32 -29.62
N LEU D 58 23.66 1.16 -29.49
CA LEU D 58 22.81 2.24 -29.00
C LEU D 58 22.72 2.15 -27.48
N PRO D 59 23.32 3.08 -26.74
CA PRO D 59 23.27 3.01 -25.28
C PRO D 59 21.93 3.45 -24.74
N HIS D 60 21.71 3.12 -23.47
CA HIS D 60 20.51 3.58 -22.77
C HIS D 60 20.50 5.10 -22.73
N MET D 61 19.45 5.70 -23.28
CA MET D 61 19.41 7.15 -23.45
C MET D 61 18.60 7.79 -22.33
N LEU D 62 19.00 9.02 -21.98
CA LEU D 62 18.28 9.81 -20.99
C LEU D 62 18.22 11.25 -21.50
N PHE D 63 17.13 11.59 -22.18
CA PHE D 63 16.90 12.93 -22.67
C PHE D 63 16.31 13.77 -21.54
N TYR D 64 16.91 14.92 -21.27
CA TYR D 64 16.37 15.78 -20.24
C TYR D 64 16.49 17.24 -20.69
N GLY D 65 15.49 18.03 -20.32
CA GLY D 65 15.51 19.43 -20.65
C GLY D 65 14.20 20.17 -20.47
N PRO D 66 14.19 21.45 -20.83
CA PRO D 66 13.01 22.30 -20.60
C PRO D 66 11.82 21.80 -21.39
N PRO D 67 10.60 22.20 -21.01
CA PRO D 67 9.40 21.72 -21.71
C PRO D 67 9.31 22.25 -23.12
N GLY D 68 8.86 21.41 -24.04
CA GLY D 68 8.69 21.81 -25.42
C GLY D 68 10.01 22.06 -26.13
N THR D 69 10.80 21.00 -26.29
CA THR D 69 12.11 21.14 -26.91
C THR D 69 12.38 20.12 -28.02
N GLY D 70 11.75 18.95 -27.98
CA GLY D 70 11.91 18.00 -29.07
C GLY D 70 12.23 16.58 -28.67
N LYS D 71 12.25 16.31 -27.36
CA LYS D 71 12.62 14.98 -26.87
C LYS D 71 11.64 13.93 -27.38
N THR D 72 10.36 14.04 -27.01
CA THR D 72 9.36 13.08 -27.44
C THR D 72 9.19 13.08 -28.95
N SER D 73 9.53 14.17 -29.62
CA SER D 73 9.42 14.27 -31.07
C SER D 73 10.66 13.75 -31.79
N THR D 74 11.79 13.64 -31.11
CA THR D 74 12.98 13.06 -31.73
C THR D 74 13.15 11.58 -31.44
N ILE D 75 12.65 11.10 -30.29
CA ILE D 75 12.74 9.66 -30.03
C ILE D 75 11.82 8.90 -30.98
N LEU D 76 10.64 9.43 -31.27
CA LEU D 76 9.75 8.78 -32.22
C LEU D 76 10.33 8.79 -33.63
N ALA D 77 10.99 9.89 -34.01
CA ALA D 77 11.63 9.94 -35.32
C ALA D 77 12.78 8.94 -35.41
N LEU D 78 13.57 8.82 -34.34
CA LEU D 78 14.63 7.82 -34.32
C LEU D 78 14.06 6.42 -34.46
N THR D 79 12.96 6.14 -33.75
CA THR D 79 12.34 4.83 -33.85
C THR D 79 11.84 4.55 -35.27
N LYS D 80 11.17 5.54 -35.88
CA LYS D 80 10.64 5.37 -37.22
C LYS D 80 11.76 5.13 -38.23
N GLU D 81 12.86 5.86 -38.08
CA GLU D 81 13.99 5.69 -38.99
C GLU D 81 14.73 4.38 -38.76
N LEU D 82 14.74 3.89 -37.52
CA LEU D 82 15.43 2.64 -37.22
C LEU D 82 14.65 1.43 -37.71
N TYR D 83 13.41 1.27 -37.24
CA TYR D 83 12.66 0.05 -37.55
C TYR D 83 11.72 0.21 -38.74
N GLY D 84 11.04 1.34 -38.85
CA GLY D 84 10.10 1.56 -39.92
C GLY D 84 8.67 1.47 -39.44
N PRO D 85 7.73 1.95 -40.26
CA PRO D 85 6.33 1.98 -39.83
C PRO D 85 5.71 0.60 -39.62
N ASP D 86 6.35 -0.46 -40.10
CA ASP D 86 5.78 -1.80 -39.95
C ASP D 86 6.24 -2.45 -38.65
N LEU D 87 7.54 -2.37 -38.35
CA LEU D 87 8.07 -3.02 -37.16
C LEU D 87 7.93 -2.17 -35.91
N MET D 88 7.65 -0.87 -36.08
CA MET D 88 7.59 0.04 -34.93
C MET D 88 6.53 -0.39 -33.94
N LYS D 89 5.33 -0.72 -34.43
CA LYS D 89 4.22 -1.06 -33.54
C LYS D 89 4.42 -2.39 -32.84
N SER D 90 5.43 -3.17 -33.24
CA SER D 90 5.67 -4.48 -32.65
C SER D 90 7.03 -4.62 -31.99
N ARG D 91 7.90 -3.60 -32.07
CA ARG D 91 9.23 -3.68 -31.51
C ARG D 91 9.51 -2.65 -30.42
N ILE D 92 8.52 -1.88 -30.00
CA ILE D 92 8.71 -0.89 -28.94
C ILE D 92 7.60 -1.03 -27.92
N LEU D 93 7.90 -0.61 -26.69
CA LEU D 93 6.91 -0.45 -25.64
C LEU D 93 7.01 0.99 -25.14
N GLU D 94 5.86 1.60 -24.85
CA GLU D 94 5.79 3.00 -24.46
C GLU D 94 4.97 3.13 -23.18
N LEU D 95 5.61 3.63 -22.13
CA LEU D 95 4.93 3.93 -20.87
C LEU D 95 5.14 5.41 -20.59
N ASN D 96 4.13 6.23 -20.92
CA ASN D 96 4.35 7.66 -20.80
C ASN D 96 3.72 8.29 -19.57
N ALA D 97 2.39 8.37 -19.51
CA ALA D 97 1.75 8.79 -18.27
C ALA D 97 0.43 8.08 -17.97
N SER D 98 -0.28 7.57 -18.97
CA SER D 98 -1.62 7.05 -18.73
C SER D 98 -1.58 5.67 -18.10
N ASP D 99 -0.60 4.85 -18.48
CA ASP D 99 -0.49 3.53 -17.90
C ASP D 99 -0.14 3.63 -16.42
N GLU D 100 -0.50 2.58 -15.68
CA GLU D 100 -0.22 2.53 -14.25
C GLU D 100 1.22 2.09 -14.07
N ARG D 101 2.11 3.04 -13.83
CA ARG D 101 3.53 2.78 -13.66
C ARG D 101 3.82 2.69 -12.17
N GLY D 102 3.63 1.49 -11.60
CA GLY D 102 3.90 1.26 -10.21
C GLY D 102 5.01 0.24 -10.05
N ILE D 103 5.29 -0.11 -8.79
CA ILE D 103 6.35 -1.07 -8.52
C ILE D 103 5.97 -2.45 -9.06
N SER D 104 4.71 -2.85 -8.88
CA SER D 104 4.27 -4.15 -9.37
C SER D 104 4.30 -4.21 -10.89
N ILE D 105 3.85 -3.15 -11.55
CA ILE D 105 3.83 -3.14 -13.01
C ILE D 105 5.26 -3.11 -13.57
N VAL D 106 6.13 -2.28 -12.99
CA VAL D 106 7.50 -2.22 -13.49
C VAL D 106 8.24 -3.51 -13.16
N ARG D 107 7.75 -4.27 -12.18
CA ARG D 107 8.38 -5.55 -11.86
C ARG D 107 7.90 -6.65 -12.80
N GLU D 108 6.63 -6.61 -13.20
CA GLU D 108 6.07 -7.69 -14.00
C GLU D 108 6.12 -7.40 -15.50
N LYS D 109 5.43 -6.34 -15.94
CA LYS D 109 5.19 -6.14 -17.37
C LYS D 109 6.42 -5.62 -18.10
N VAL D 110 7.10 -4.63 -17.53
CA VAL D 110 8.30 -4.10 -18.16
C VAL D 110 9.38 -5.16 -18.22
N LYS D 111 9.48 -5.97 -17.16
CA LYS D 111 10.47 -7.05 -17.15
C LYS D 111 10.12 -8.12 -18.18
N ASN D 112 8.83 -8.44 -18.31
CA ASN D 112 8.41 -9.44 -19.29
C ASN D 112 8.70 -8.96 -20.71
N PHE D 113 8.45 -7.69 -20.99
CA PHE D 113 8.71 -7.18 -22.33
C PHE D 113 10.21 -7.03 -22.60
N ALA D 114 11.00 -6.72 -21.58
CA ALA D 114 12.44 -6.63 -21.77
C ALA D 114 13.06 -8.01 -21.95
N ARG D 115 12.72 -8.94 -21.07
CA ARG D 115 13.17 -10.33 -21.18
C ARG D 115 12.29 -11.10 -22.17
N LEU D 116 12.35 -10.66 -23.42
CA LEU D 116 11.52 -11.22 -24.48
C LEU D 116 12.28 -11.21 -25.79
N THR D 117 12.01 -12.20 -26.63
CA THR D 117 12.75 -12.38 -27.87
C THR D 117 12.32 -11.35 -28.90
N VAL D 118 13.32 -10.74 -29.56
CA VAL D 118 13.03 -9.76 -30.60
C VAL D 118 12.29 -10.43 -31.73
N SER D 119 11.36 -9.70 -32.35
CA SER D 119 10.54 -10.28 -33.40
C SER D 119 11.35 -10.45 -34.69
N LYS D 120 10.82 -11.29 -35.57
CA LYS D 120 11.48 -11.56 -36.85
C LYS D 120 11.22 -10.42 -37.82
N PRO D 121 12.24 -9.69 -38.25
CA PRO D 121 12.02 -8.62 -39.24
C PRO D 121 11.67 -9.17 -40.61
N SER D 122 10.65 -8.62 -41.24
CA SER D 122 10.25 -9.06 -42.57
C SER D 122 11.33 -8.70 -43.59
N LYS D 123 11.24 -9.34 -44.76
CA LYS D 123 12.22 -9.08 -45.81
C LYS D 123 12.18 -7.63 -46.28
N HIS D 124 10.97 -7.07 -46.37
CA HIS D 124 10.83 -5.67 -46.78
C HIS D 124 11.50 -4.75 -45.78
N ASP D 125 11.17 -4.91 -44.50
CA ASP D 125 11.77 -4.08 -43.46
C ASP D 125 13.28 -4.29 -43.38
N LEU D 126 13.72 -5.55 -43.46
CA LEU D 126 15.15 -5.85 -43.37
C LEU D 126 15.91 -5.23 -44.54
N GLU D 127 15.29 -5.19 -45.71
CA GLU D 127 15.95 -4.63 -46.88
C GLU D 127 15.99 -3.10 -46.81
N ASN D 128 14.88 -2.48 -46.44
CA ASN D 128 14.81 -1.03 -46.43
C ASN D 128 15.46 -0.44 -45.18
N TYR D 129 14.92 -0.77 -44.00
CA TYR D 129 15.46 -0.12 -42.82
C TYR D 129 16.47 -1.02 -42.11
N PRO D 130 17.53 -0.44 -41.55
CA PRO D 130 18.49 -1.27 -40.78
C PRO D 130 17.90 -1.68 -39.44
N CYS D 131 17.54 -2.95 -39.31
CA CYS D 131 16.89 -3.44 -38.10
C CYS D 131 17.94 -3.94 -37.11
N PRO D 132 18.14 -3.26 -35.99
CA PRO D 132 19.10 -3.74 -34.99
C PRO D 132 18.51 -4.89 -34.20
N PRO D 133 19.34 -5.72 -33.57
CA PRO D 133 18.84 -6.89 -32.84
C PRO D 133 18.44 -6.57 -31.40
N TYR D 134 17.56 -5.57 -31.25
CA TYR D 134 17.04 -5.23 -29.93
C TYR D 134 15.78 -4.40 -30.07
N LYS D 135 14.90 -4.50 -29.08
CA LYS D 135 13.70 -3.69 -29.01
C LYS D 135 13.99 -2.39 -28.27
N ILE D 136 12.95 -1.59 -28.03
CA ILE D 136 13.09 -0.30 -27.38
C ILE D 136 11.94 -0.10 -26.40
N ILE D 137 12.28 0.13 -25.13
CA ILE D 137 11.30 0.47 -24.10
C ILE D 137 11.50 1.93 -23.71
N ILE D 138 10.51 2.76 -23.99
CA ILE D 138 10.58 4.19 -23.69
C ILE D 138 9.65 4.49 -22.53
N LEU D 139 10.21 4.99 -21.44
CA LEU D 139 9.46 5.46 -20.28
C LEU D 139 9.47 6.98 -20.32
N ASP D 140 8.40 7.55 -20.89
CA ASP D 140 8.30 8.99 -21.08
C ASP D 140 7.94 9.66 -19.76
N GLU D 141 8.57 10.80 -19.50
CA GLU D 141 8.35 11.58 -18.28
C GLU D 141 8.57 10.71 -17.04
N ALA D 142 9.80 10.20 -16.89
CA ALA D 142 10.15 9.35 -15.77
C ALA D 142 10.14 10.09 -14.44
N ASP D 143 10.05 11.42 -14.45
CA ASP D 143 10.01 12.18 -13.21
C ASP D 143 8.71 11.98 -12.42
N SER D 144 7.75 11.25 -12.98
CA SER D 144 6.51 10.95 -12.28
C SER D 144 6.51 9.59 -11.60
N MET D 145 7.50 8.73 -11.90
CA MET D 145 7.59 7.44 -11.24
C MET D 145 8.07 7.62 -9.80
N THR D 146 7.77 6.62 -8.98
CA THR D 146 8.18 6.64 -7.58
C THR D 146 9.65 6.25 -7.49
N ALA D 147 10.20 6.24 -6.27
CA ALA D 147 11.59 5.86 -6.08
C ALA D 147 11.79 4.35 -6.17
N ASP D 148 10.83 3.57 -5.64
CA ASP D 148 10.96 2.13 -5.69
C ASP D 148 10.87 1.59 -7.11
N ALA D 149 10.06 2.20 -7.96
CA ALA D 149 9.97 1.76 -9.35
C ALA D 149 11.29 1.98 -10.08
N GLN D 150 11.88 3.16 -9.92
CA GLN D 150 13.18 3.42 -10.53
C GLN D 150 14.26 2.51 -9.95
N SER D 151 14.19 2.22 -8.65
CA SER D 151 15.15 1.32 -8.04
C SER D 151 15.03 -0.09 -8.62
N ALA D 152 13.80 -0.53 -8.88
CA ALA D 152 13.60 -1.84 -9.48
C ALA D 152 14.03 -1.84 -10.94
N LEU D 153 13.96 -0.70 -11.62
CA LEU D 153 14.36 -0.62 -13.02
C LEU D 153 15.84 -0.92 -13.24
N ARG D 154 16.66 -0.82 -12.19
CA ARG D 154 18.12 -0.86 -12.36
C ARG D 154 18.58 -2.17 -13.00
N ARG D 155 18.41 -3.28 -12.28
CA ARG D 155 18.92 -4.54 -12.79
C ARG D 155 18.08 -5.05 -13.97
N THR D 156 16.80 -4.67 -14.02
CA THR D 156 15.97 -5.02 -15.17
C THR D 156 16.55 -4.42 -16.46
N MET D 157 17.02 -3.17 -16.40
CA MET D 157 17.61 -2.56 -17.58
C MET D 157 19.06 -3.00 -17.76
N GLU D 158 19.68 -3.50 -16.69
CA GLU D 158 21.09 -3.87 -16.78
C GLU D 158 21.30 -5.26 -17.39
N THR D 159 20.54 -6.27 -16.94
CA THR D 159 20.87 -7.64 -17.34
C THR D 159 20.41 -7.95 -18.76
N TYR D 160 19.25 -7.45 -19.16
CA TYR D 160 18.75 -7.67 -20.52
C TYR D 160 19.16 -6.52 -21.43
N SER D 161 20.45 -6.22 -21.47
CA SER D 161 20.98 -5.13 -22.29
C SER D 161 21.27 -5.56 -23.72
N GLY D 162 21.10 -6.83 -24.05
CA GLY D 162 21.39 -7.30 -25.39
C GLY D 162 20.17 -7.36 -26.29
N VAL D 163 18.98 -7.35 -25.68
CA VAL D 163 17.74 -7.47 -26.44
C VAL D 163 16.80 -6.33 -26.10
N THR D 164 17.26 -5.37 -25.30
CA THR D 164 16.41 -4.28 -24.86
C THR D 164 17.24 -3.07 -24.44
N ARG D 165 16.90 -1.89 -24.94
CA ARG D 165 17.55 -0.64 -24.58
C ARG D 165 16.50 0.35 -24.11
N PHE D 166 16.80 1.05 -23.02
CA PHE D 166 15.84 1.94 -22.37
C PHE D 166 16.12 3.39 -22.76
N CYS D 167 15.06 4.16 -22.95
CA CYS D 167 15.15 5.58 -23.26
C CYS D 167 14.22 6.35 -22.33
N LEU D 168 14.81 7.07 -21.38
CA LEU D 168 14.06 7.89 -20.44
C LEU D 168 14.03 9.33 -20.92
N ILE D 169 12.98 10.05 -20.53
CA ILE D 169 12.79 11.45 -20.91
C ILE D 169 12.29 12.20 -19.69
N CYS D 170 12.84 13.40 -19.45
CA CYS D 170 12.45 14.14 -18.27
C CYS D 170 12.76 15.63 -18.43
N ASN D 171 12.07 16.43 -17.61
CA ASN D 171 12.33 17.85 -17.52
C ASN D 171 13.21 18.23 -16.34
N TYR D 172 13.40 17.31 -15.39
CA TYR D 172 14.22 17.55 -14.20
C TYR D 172 15.03 16.30 -13.92
N VAL D 173 16.34 16.39 -14.12
CA VAL D 173 17.20 15.23 -13.95
C VAL D 173 17.32 14.86 -12.47
N THR D 174 17.14 15.84 -11.58
CA THR D 174 17.29 15.56 -10.15
C THR D 174 16.21 14.62 -9.63
N ARG D 175 15.02 14.64 -10.24
CA ARG D 175 13.95 13.77 -9.78
C ARG D 175 14.29 12.30 -9.99
N ILE D 176 15.05 11.98 -11.03
CA ILE D 176 15.48 10.61 -11.27
C ILE D 176 16.55 10.24 -10.25
N ILE D 177 16.48 9.01 -9.72
CA ILE D 177 17.41 8.59 -8.70
C ILE D 177 18.83 8.56 -9.25
N ASP D 178 19.80 8.51 -8.33
CA ASP D 178 21.21 8.55 -8.73
C ASP D 178 21.63 7.34 -9.56
N PRO D 179 21.27 6.10 -9.21
CA PRO D 179 21.74 4.96 -10.02
C PRO D 179 21.33 5.02 -11.49
N LEU D 180 20.10 5.46 -11.77
CA LEU D 180 19.67 5.54 -13.16
C LEU D 180 20.37 6.68 -13.90
N ALA D 181 20.86 7.68 -13.17
CA ALA D 181 21.61 8.75 -13.80
C ALA D 181 22.98 8.31 -14.30
N SER D 182 23.45 7.12 -13.90
CA SER D 182 24.72 6.59 -14.34
C SER D 182 24.58 5.56 -15.45
N ARG D 183 23.54 4.72 -15.37
CA ARG D 183 23.34 3.69 -16.39
C ARG D 183 23.05 4.32 -17.74
N CYS D 184 22.12 5.26 -17.79
CA CYS D 184 21.75 5.89 -19.05
C CYS D 184 22.76 6.96 -19.44
N SER D 185 22.94 7.13 -20.75
CA SER D 185 23.77 8.19 -21.28
C SER D 185 22.94 9.47 -21.35
N LYS D 186 23.45 10.54 -20.74
CA LYS D 186 22.69 11.78 -20.59
C LYS D 186 22.73 12.59 -21.87
N PHE D 187 21.62 13.24 -22.19
CA PHE D 187 21.50 14.14 -23.33
C PHE D 187 20.66 15.34 -22.91
N ARG D 188 21.31 16.48 -22.75
CA ARG D 188 20.62 17.70 -22.38
C ARG D 188 20.12 18.42 -23.64
N PHE D 189 18.82 18.70 -23.67
CA PHE D 189 18.21 19.41 -24.79
C PHE D 189 18.23 20.90 -24.49
N LYS D 190 19.05 21.64 -25.22
CA LYS D 190 19.21 23.07 -24.97
C LYS D 190 17.91 23.82 -25.26
N ALA D 191 17.75 24.96 -24.59
CA ALA D 191 16.57 25.79 -24.78
C ALA D 191 16.53 26.33 -26.21
N LEU D 192 15.36 26.82 -26.60
CA LEU D 192 15.13 27.32 -27.96
C LEU D 192 14.82 28.81 -27.89
N ASP D 193 15.83 29.62 -28.16
CA ASP D 193 15.67 31.06 -28.25
C ASP D 193 15.51 31.46 -29.72
N ALA D 194 15.56 32.76 -29.99
CA ALA D 194 15.40 33.26 -31.35
C ALA D 194 16.67 33.13 -32.18
N SER D 195 17.66 32.37 -31.72
CA SER D 195 18.93 32.24 -32.43
C SER D 195 19.02 30.96 -33.26
N ASN D 196 18.71 29.82 -32.66
CA ASN D 196 18.85 28.53 -33.33
C ASN D 196 17.51 27.87 -33.65
N ALA D 197 16.40 28.55 -33.40
CA ALA D 197 15.08 27.99 -33.69
C ALA D 197 14.25 28.87 -34.63
N ILE D 198 14.81 29.94 -35.16
CA ILE D 198 14.04 30.83 -36.03
C ILE D 198 13.82 30.20 -37.40
N ASP D 199 14.70 29.27 -37.81
CA ASP D 199 14.57 28.67 -39.13
C ASP D 199 13.31 27.82 -39.24
N ARG D 200 13.02 27.03 -38.20
CA ARG D 200 11.82 26.19 -38.21
C ARG D 200 10.56 27.04 -38.23
N LEU D 201 10.53 28.12 -37.45
CA LEU D 201 9.38 29.00 -37.46
C LEU D 201 9.20 29.69 -38.81
N ARG D 202 10.31 30.12 -39.43
CA ARG D 202 10.22 30.68 -40.77
C ARG D 202 9.67 29.67 -41.76
N PHE D 203 10.15 28.43 -41.69
CA PHE D 203 9.68 27.39 -42.60
C PHE D 203 8.20 27.13 -42.42
N ILE D 204 7.73 27.08 -41.18
CA ILE D 204 6.31 26.83 -40.93
C ILE D 204 5.47 28.00 -41.41
N SER D 205 5.92 29.23 -41.16
CA SER D 205 5.18 30.40 -41.61
C SER D 205 5.12 30.47 -43.13
N GLU D 206 6.18 30.02 -43.81
CA GLU D 206 6.15 29.98 -45.26
C GLU D 206 5.26 28.87 -45.79
N GLN D 207 5.23 27.72 -45.11
CA GLN D 207 4.37 26.63 -45.53
C GLN D 207 2.90 26.92 -45.26
N GLU D 208 2.60 27.80 -44.31
CA GLU D 208 1.22 28.18 -44.01
C GLU D 208 0.84 29.53 -44.60
N ASN D 209 1.72 30.16 -45.37
CA ASN D 209 1.45 31.43 -46.04
C ASN D 209 1.02 32.52 -45.05
N VAL D 210 1.60 32.51 -43.86
CA VAL D 210 1.30 33.52 -42.85
C VAL D 210 2.01 34.81 -43.25
N LYS D 211 1.24 35.87 -43.45
CA LYS D 211 1.80 37.16 -43.82
C LYS D 211 2.42 37.84 -42.60
N CYS D 212 3.56 37.31 -42.15
CA CYS D 212 4.24 37.86 -40.98
C CYS D 212 4.98 39.14 -41.35
N ASP D 213 5.37 39.89 -40.32
CA ASP D 213 6.14 41.10 -40.49
C ASP D 213 7.63 40.75 -40.52
N ASP D 214 8.49 41.75 -40.42
CA ASP D 214 9.93 41.50 -40.55
C ASP D 214 10.49 40.81 -39.32
N GLY D 215 10.23 41.37 -38.14
CA GLY D 215 10.82 40.85 -36.92
C GLY D 215 9.83 40.45 -35.85
N VAL D 216 8.67 39.93 -36.25
CA VAL D 216 7.69 39.48 -35.28
C VAL D 216 8.01 38.07 -34.79
N LEU D 217 8.66 37.28 -35.64
CA LEU D 217 9.06 35.94 -35.22
C LEU D 217 10.07 35.99 -34.08
N GLU D 218 10.97 36.97 -34.10
CA GLU D 218 11.92 37.13 -33.00
C GLU D 218 11.19 37.41 -31.70
N ARG D 219 10.19 38.29 -31.74
CA ARG D 219 9.41 38.58 -30.53
C ARG D 219 8.63 37.36 -30.08
N ILE D 220 8.08 36.59 -31.02
CA ILE D 220 7.35 35.38 -30.66
C ILE D 220 8.27 34.40 -29.95
N LEU D 221 9.50 34.25 -30.45
CA LEU D 221 10.43 33.31 -29.84
C LEU D 221 10.97 33.84 -28.51
N ASP D 222 11.05 35.17 -28.34
CA ASP D 222 11.48 35.72 -27.07
C ASP D 222 10.38 35.61 -26.01
N ILE D 223 9.12 35.66 -26.41
CA ILE D 223 8.03 35.49 -25.45
C ILE D 223 8.05 34.08 -24.88
N SER D 224 8.15 33.07 -25.74
CA SER D 224 8.23 31.68 -25.31
C SER D 224 9.67 31.37 -24.94
N ALA D 225 10.04 31.80 -23.73
CA ALA D 225 11.41 31.62 -23.25
C ALA D 225 11.71 30.14 -23.06
N GLY D 226 12.65 29.63 -23.86
CA GLY D 226 13.04 28.23 -23.78
C GLY D 226 11.93 27.27 -24.14
N ASP D 227 11.20 27.57 -25.21
CA ASP D 227 10.10 26.74 -25.66
C ASP D 227 9.76 27.11 -27.10
N LEU D 228 9.39 26.11 -27.89
CA LEU D 228 8.99 26.33 -29.28
C LEU D 228 7.52 26.04 -29.54
N ARG D 229 6.96 25.02 -28.87
CA ARG D 229 5.56 24.67 -29.09
C ARG D 229 4.65 25.83 -28.74
N ARG D 230 4.96 26.56 -27.67
CA ARG D 230 4.20 27.76 -27.35
C ARG D 230 4.29 28.78 -28.47
N GLY D 231 5.47 28.96 -29.05
CA GLY D 231 5.61 29.86 -30.18
C GLY D 231 4.83 29.40 -31.39
N ILE D 232 4.80 28.08 -31.62
CA ILE D 232 4.05 27.55 -32.77
C ILE D 232 2.57 27.82 -32.61
N THR D 233 2.01 27.50 -31.42
CA THR D 233 0.58 27.73 -31.22
C THR D 233 0.26 29.21 -31.18
N LEU D 234 1.20 30.04 -30.73
CA LEU D 234 1.00 31.48 -30.76
C LEU D 234 0.91 31.99 -32.18
N LEU D 235 1.83 31.54 -33.05
CA LEU D 235 1.78 31.94 -34.45
C LEU D 235 0.50 31.44 -35.11
N GLN D 236 0.07 30.22 -34.77
CA GLN D 236 -1.15 29.69 -35.34
C GLN D 236 -2.37 30.52 -34.94
N SER D 237 -2.47 30.87 -33.67
CA SER D 237 -3.59 31.68 -33.21
C SER D 237 -3.55 33.08 -33.83
N ALA D 238 -2.35 33.65 -33.97
CA ALA D 238 -2.25 34.97 -34.59
C ALA D 238 -2.66 34.92 -36.06
N SER D 239 -2.25 33.88 -36.77
CA SER D 239 -2.64 33.74 -38.17
C SER D 239 -4.14 33.53 -38.30
N LYS D 240 -4.73 32.77 -37.39
CA LYS D 240 -6.18 32.57 -37.41
C LYS D 240 -6.91 33.88 -37.17
N GLY D 241 -6.48 34.63 -36.16
CA GLY D 241 -7.11 35.91 -35.88
C GLY D 241 -6.93 36.93 -37.00
N ALA D 242 -5.81 36.84 -37.72
CA ALA D 242 -5.60 37.74 -38.85
C ALA D 242 -6.47 37.35 -40.04
N GLN D 243 -6.56 36.05 -40.32
CA GLN D 243 -7.40 35.58 -41.42
C GLN D 243 -8.88 35.79 -41.15
N TYR D 244 -9.30 35.81 -39.88
CA TYR D 244 -10.71 36.05 -39.58
C TYR D 244 -11.14 37.43 -40.07
N LEU D 245 -10.29 38.45 -39.87
CA LEU D 245 -10.63 39.79 -40.32
C LEU D 245 -10.65 39.90 -41.84
N GLY D 246 -9.88 39.07 -42.54
CA GLY D 246 -9.86 39.09 -43.99
C GLY D 246 -9.20 40.29 -44.62
N ASP D 247 -8.56 41.17 -43.83
CA ASP D 247 -7.91 42.34 -44.39
C ASP D 247 -6.64 41.98 -45.15
N GLY D 248 -6.01 40.85 -44.84
CA GLY D 248 -4.80 40.44 -45.51
C GLY D 248 -3.55 41.18 -45.10
N LYS D 249 -3.66 42.15 -44.19
CA LYS D 249 -2.49 42.91 -43.76
C LYS D 249 -1.58 42.04 -42.89
N ASN D 250 -0.37 42.55 -42.66
CA ASN D 250 0.59 41.83 -41.84
C ASN D 250 0.20 41.89 -40.37
N ILE D 251 0.87 41.06 -39.57
CA ILE D 251 0.65 41.01 -38.13
C ILE D 251 1.81 41.74 -37.45
N THR D 252 1.47 42.66 -36.55
CA THR D 252 2.48 43.44 -35.86
C THR D 252 2.92 42.73 -34.57
N SER D 253 4.01 43.21 -33.99
CA SER D 253 4.47 42.68 -32.72
C SER D 253 3.45 42.93 -31.62
N THR D 254 2.79 44.09 -31.66
CA THR D 254 1.73 44.37 -30.68
C THR D 254 0.59 43.38 -30.82
N GLN D 255 0.25 43.03 -32.06
CA GLN D 255 -0.85 42.10 -32.29
C GLN D 255 -0.60 40.75 -31.64
N VAL D 256 0.63 40.26 -31.69
CA VAL D 256 0.92 38.94 -31.15
C VAL D 256 1.17 39.02 -29.65
N GLU D 257 1.75 40.13 -29.17
CA GLU D 257 1.95 40.25 -27.73
C GLU D 257 0.67 40.56 -26.97
N GLU D 258 -0.38 41.03 -27.66
CA GLU D 258 -1.64 41.29 -26.97
C GLU D 258 -2.32 40.00 -26.53
N LEU D 259 -2.20 38.93 -27.32
CA LEU D 259 -2.84 37.66 -27.02
C LEU D 259 -1.88 36.64 -26.42
N ALA D 260 -0.62 36.99 -26.24
CA ALA D 260 0.36 36.08 -25.66
C ALA D 260 0.45 36.18 -24.14
N GLY D 261 -0.44 36.93 -23.50
CA GLY D 261 -0.34 37.20 -22.08
C GLY D 261 0.62 38.30 -21.72
N VAL D 262 1.39 38.80 -22.69
CA VAL D 262 2.33 39.89 -22.42
C VAL D 262 1.56 41.14 -22.02
N VAL D 263 1.90 41.67 -20.84
CA VAL D 263 1.24 42.85 -20.31
C VAL D 263 1.72 44.06 -21.10
N PRO D 264 0.83 45.01 -21.44
CA PRO D 264 1.27 46.18 -22.21
C PRO D 264 2.34 46.98 -21.48
N HIS D 265 3.15 47.70 -22.26
CA HIS D 265 4.28 48.42 -21.70
C HIS D 265 3.85 49.67 -20.94
N ASP D 266 2.76 50.31 -21.37
CA ASP D 266 2.31 51.54 -20.72
C ASP D 266 1.85 51.28 -19.29
N ILE D 267 1.05 50.23 -19.09
CA ILE D 267 0.59 49.92 -17.74
C ILE D 267 1.76 49.40 -16.90
N LEU D 268 2.79 48.82 -17.53
CA LEU D 268 3.99 48.46 -16.80
C LEU D 268 4.73 49.70 -16.31
N ILE D 269 4.84 50.71 -17.17
CA ILE D 269 5.45 51.98 -16.76
C ILE D 269 4.64 52.62 -15.65
N GLU D 270 3.31 52.48 -15.71
CA GLU D 270 2.47 53.00 -14.62
C GLU D 270 2.73 52.25 -13.32
N ILE D 271 2.90 50.94 -13.39
CA ILE D 271 3.27 50.15 -12.22
C ILE D 271 4.58 50.65 -11.63
N VAL D 272 5.59 50.85 -12.49
CA VAL D 272 6.89 51.31 -12.00
C VAL D 272 6.77 52.70 -11.39
N GLU D 273 5.92 53.55 -11.96
CA GLU D 273 5.73 54.89 -11.41
C GLU D 273 5.06 54.82 -10.03
N LYS D 274 4.12 53.89 -9.86
CA LYS D 274 3.52 53.70 -8.54
C LYS D 274 4.53 53.15 -7.55
N VAL D 275 5.43 52.28 -7.99
CA VAL D 275 6.45 51.73 -7.10
C VAL D 275 7.45 52.79 -6.69
N LYS D 276 7.85 53.67 -7.62
CA LYS D 276 8.90 54.65 -7.33
C LYS D 276 8.52 55.57 -6.18
N SER D 277 7.22 55.84 -6.00
CA SER D 277 6.76 56.67 -4.91
C SER D 277 5.31 56.31 -4.62
N GLY D 278 5.01 56.03 -3.35
CA GLY D 278 3.66 55.67 -2.97
C GLY D 278 3.58 54.97 -1.63
N ASP D 279 2.50 55.22 -0.90
CA ASP D 279 2.30 54.58 0.40
C ASP D 279 1.78 53.16 0.21
N PHE D 280 1.43 52.52 1.33
CA PHE D 280 0.90 51.16 1.28
C PHE D 280 -0.48 51.14 0.66
N ASP D 281 -1.32 52.13 1.00
CA ASP D 281 -2.71 52.11 0.56
C ASP D 281 -2.83 52.32 -0.94
N GLU D 282 -2.05 53.26 -1.49
CA GLU D 282 -2.09 53.52 -2.92
C GLU D 282 -1.65 52.30 -3.72
N ILE D 283 -0.54 51.67 -3.29
CA ILE D 283 -0.05 50.49 -3.98
C ILE D 283 -1.04 49.34 -3.86
N LYS D 284 -1.67 49.19 -2.70
CA LYS D 284 -2.66 48.14 -2.51
C LYS D 284 -3.86 48.35 -3.43
N LYS D 285 -4.34 49.59 -3.52
CA LYS D 285 -5.48 49.89 -4.38
C LYS D 285 -5.14 49.64 -5.84
N TYR D 286 -3.95 50.07 -6.27
CA TYR D 286 -3.59 49.87 -7.67
C TYR D 286 -3.35 48.39 -7.98
N VAL D 287 -2.84 47.63 -7.01
CA VAL D 287 -2.66 46.20 -7.22
C VAL D 287 -4.00 45.50 -7.31
N ASN D 288 -4.98 45.90 -6.50
CA ASN D 288 -6.32 45.34 -6.62
C ASN D 288 -6.92 45.67 -7.98
N THR D 289 -6.79 46.93 -8.42
CA THR D 289 -7.34 47.32 -9.72
C THR D 289 -6.66 46.56 -10.86
N PHE D 290 -5.36 46.28 -10.72
CA PHE D 290 -4.64 45.53 -11.74
C PHE D 290 -5.08 44.07 -11.76
N MET D 291 -5.23 43.47 -10.58
CA MET D 291 -5.69 42.09 -10.50
C MET D 291 -7.14 41.94 -10.91
N LYS D 292 -7.90 43.03 -10.96
CA LYS D 292 -9.25 42.96 -11.52
C LYS D 292 -9.22 42.42 -12.94
N SER D 293 -8.21 42.80 -13.72
CA SER D 293 -8.02 42.22 -15.04
C SER D 293 -7.22 40.92 -14.93
N GLY D 294 -7.30 40.11 -15.98
CA GLY D 294 -6.62 38.83 -16.00
C GLY D 294 -5.19 38.91 -16.49
N TRP D 295 -4.23 38.94 -15.56
CA TRP D 295 -2.82 38.98 -15.90
C TRP D 295 -2.09 37.93 -15.07
N SER D 296 -1.38 37.04 -15.75
CA SER D 296 -0.60 36.02 -15.05
C SER D 296 0.52 36.67 -14.27
N ALA D 297 0.61 36.36 -12.98
CA ALA D 297 1.61 36.98 -12.12
C ALA D 297 3.02 36.63 -12.56
N ALA D 298 3.22 35.44 -13.12
CA ALA D 298 4.55 35.05 -13.59
C ALA D 298 5.04 35.97 -14.70
N SER D 299 4.17 36.29 -15.66
CA SER D 299 4.56 37.17 -16.75
C SER D 299 4.84 38.59 -16.24
N VAL D 300 4.04 39.07 -15.29
CA VAL D 300 4.27 40.40 -14.74
C VAL D 300 5.59 40.45 -14.00
N VAL D 301 5.90 39.41 -13.22
CA VAL D 301 7.18 39.36 -12.52
C VAL D 301 8.33 39.31 -13.51
N ASN D 302 8.18 38.53 -14.58
CA ASN D 302 9.24 38.43 -15.58
C ASN D 302 9.48 39.78 -16.26
N GLN D 303 8.40 40.49 -16.61
CA GLN D 303 8.57 41.77 -17.29
C GLN D 303 9.14 42.83 -16.36
N LEU D 304 8.71 42.83 -15.09
CA LEU D 304 9.29 43.76 -14.12
C LEU D 304 10.77 43.49 -13.95
N HIS D 305 11.15 42.22 -13.83
CA HIS D 305 12.56 41.86 -13.71
C HIS D 305 13.35 42.32 -14.92
N GLU D 306 12.82 42.07 -16.12
CA GLU D 306 13.51 42.49 -17.34
C GLU D 306 13.71 44.00 -17.36
N TYR D 307 12.64 44.76 -17.10
CA TYR D 307 12.73 46.22 -17.13
C TYR D 307 13.71 46.75 -16.09
N TYR D 308 13.74 46.14 -14.90
CA TYR D 308 14.59 46.68 -13.84
C TYR D 308 16.05 46.30 -14.04
N ILE D 309 16.31 45.10 -14.58
CA ILE D 309 17.69 44.67 -14.76
C ILE D 309 18.31 45.33 -15.99
N THR D 310 17.57 45.38 -17.11
CA THR D 310 18.12 45.97 -18.32
C THR D 310 18.36 47.46 -18.16
N ASN D 311 17.74 48.09 -17.15
CA ASN D 311 17.94 49.51 -16.92
C ASN D 311 19.31 49.77 -16.31
N ASP D 312 19.76 51.02 -16.41
CA ASP D 312 21.04 51.45 -15.86
C ASP D 312 20.90 52.68 -14.97
N ASN D 313 19.68 52.99 -14.54
CA ASN D 313 19.42 54.18 -13.73
C ASN D 313 19.45 53.92 -12.23
N PHE D 314 19.68 52.67 -11.81
CA PHE D 314 19.68 52.31 -10.41
C PHE D 314 21.08 51.92 -9.95
N ASP D 315 21.23 51.78 -8.64
CA ASP D 315 22.51 51.48 -8.02
C ASP D 315 22.63 49.98 -7.75
N THR D 316 23.88 49.51 -7.62
CA THR D 316 24.13 48.09 -7.40
C THR D 316 23.51 47.61 -6.10
N ASN D 317 23.57 48.44 -5.04
CA ASN D 317 22.95 48.09 -3.77
C ASN D 317 21.43 47.97 -3.88
N PHE D 318 20.83 48.51 -4.94
CA PHE D 318 19.43 48.28 -5.24
C PHE D 318 19.25 47.08 -6.16
N LYS D 319 20.19 46.88 -7.10
CA LYS D 319 20.04 45.81 -8.08
C LYS D 319 20.14 44.43 -7.42
N ASN D 320 21.09 44.24 -6.50
CA ASN D 320 21.21 42.94 -5.85
C ASN D 320 19.97 42.61 -5.04
N GLN D 321 19.49 43.58 -4.26
CA GLN D 321 18.31 43.36 -3.44
C GLN D 321 17.08 43.10 -4.29
N ILE D 322 16.90 43.84 -5.38
CA ILE D 322 15.72 43.63 -6.21
C ILE D 322 15.81 42.28 -6.93
N SER D 323 17.02 41.84 -7.31
CA SER D 323 17.16 40.53 -7.92
C SER D 323 16.79 39.43 -6.93
N TRP D 324 17.27 39.54 -5.68
CA TRP D 324 16.93 38.54 -4.68
C TRP D 324 15.44 38.54 -4.38
N LEU D 325 14.81 39.72 -4.33
CA LEU D 325 13.38 39.79 -4.05
C LEU D 325 12.56 39.17 -5.19
N LEU D 326 12.95 39.47 -6.43
CA LEU D 326 12.25 38.89 -7.57
C LEU D 326 12.42 37.37 -7.61
N PHE D 327 13.61 36.89 -7.28
CA PHE D 327 13.82 35.45 -7.23
C PHE D 327 12.95 34.80 -6.16
N THR D 328 12.86 35.43 -4.98
CA THR D 328 12.02 34.90 -3.92
C THR D 328 10.55 34.88 -4.34
N THR D 329 10.10 35.96 -5.00
CA THR D 329 8.72 36.01 -5.46
C THR D 329 8.44 34.93 -6.50
N ASP D 330 9.40 34.68 -7.40
CA ASP D 330 9.21 33.63 -8.40
C ASP D 330 9.17 32.25 -7.75
N SER D 331 10.05 32.01 -6.78
CA SER D 331 10.02 30.73 -6.06
C SER D 331 8.71 30.55 -5.31
N ARG D 332 8.15 31.63 -4.78
CA ARG D 332 6.84 31.54 -4.13
C ARG D 332 5.75 31.22 -5.14
N LEU D 333 5.73 31.93 -6.26
CA LEU D 333 4.67 31.74 -7.26
C LEU D 333 4.74 30.39 -7.92
N ASN D 334 5.94 29.77 -7.96
CA ASN D 334 6.08 28.49 -8.63
C ASN D 334 5.42 27.35 -7.86
N ASN D 335 5.08 27.54 -6.58
CA ASN D 335 4.44 26.51 -5.78
C ASN D 335 2.92 26.56 -5.88
N GLY D 336 2.38 27.33 -6.81
CA GLY D 336 0.94 27.40 -6.99
C GLY D 336 0.20 28.11 -5.88
N THR D 337 0.65 29.30 -5.51
CA THR D 337 0.00 30.08 -4.47
C THR D 337 -0.87 31.16 -5.09
N ASN D 338 -1.46 31.99 -4.22
CA ASN D 338 -2.32 33.08 -4.69
C ASN D 338 -1.47 34.15 -5.38
N GLU D 339 -1.89 34.56 -6.58
CA GLU D 339 -1.12 35.54 -7.33
C GLU D 339 -1.25 36.94 -6.73
N HIS D 340 -2.44 37.27 -6.23
CA HIS D 340 -2.68 38.63 -5.74
C HIS D 340 -1.80 38.94 -4.53
N ILE D 341 -1.79 38.05 -3.54
CA ILE D 341 -1.02 38.29 -2.32
C ILE D 341 0.46 38.37 -2.63
N GLN D 342 0.96 37.46 -3.46
CA GLN D 342 2.39 37.46 -3.78
C GLN D 342 2.79 38.69 -4.56
N LEU D 343 1.95 39.11 -5.52
CA LEU D 343 2.27 40.31 -6.30
C LEU D 343 2.26 41.56 -5.41
N LEU D 344 1.27 41.66 -4.51
CA LEU D 344 1.21 42.80 -3.61
C LEU D 344 2.42 42.82 -2.68
N ASN D 345 2.81 41.66 -2.15
CA ASN D 345 3.97 41.60 -1.28
C ASN D 345 5.24 41.99 -2.03
N LEU D 346 5.38 41.51 -3.27
CA LEU D 346 6.54 41.87 -4.07
C LEU D 346 6.60 43.38 -4.31
N LEU D 347 5.46 43.98 -4.65
CA LEU D 347 5.46 45.42 -4.93
C LEU D 347 5.75 46.23 -3.67
N VAL D 348 5.21 45.81 -2.52
CA VAL D 348 5.49 46.51 -1.27
C VAL D 348 6.97 46.39 -0.93
N LYS D 349 7.54 45.20 -1.07
CA LYS D 349 8.94 44.99 -0.71
C LYS D 349 9.89 45.72 -1.65
N ILE D 350 9.51 45.84 -2.93
CA ILE D 350 10.35 46.60 -3.87
C ILE D 350 10.17 48.10 -3.68
N SER D 351 9.03 48.55 -3.16
CA SER D 351 8.88 49.96 -2.82
C SER D 351 9.55 50.32 -1.50
N GLN D 352 9.77 49.34 -0.61
CA GLN D 352 10.42 49.64 0.66
C GLN D 352 11.87 50.06 0.47
N LEU D 353 12.51 49.60 -0.60
CA LEU D 353 13.91 49.96 -0.85
C LEU D 353 14.06 51.43 -1.20
N TRP E 4 -32.22 37.53 -12.17
CA TRP E 4 -31.76 36.29 -11.56
C TRP E 4 -30.48 35.80 -12.24
N VAL E 5 -29.71 34.99 -11.53
CA VAL E 5 -28.43 34.52 -12.03
C VAL E 5 -28.62 33.58 -13.22
N ASP E 6 -29.41 32.52 -13.03
CA ASP E 6 -29.49 31.47 -14.06
C ASP E 6 -30.40 31.86 -15.21
N LYS E 7 -31.33 32.79 -14.99
CA LYS E 7 -32.33 33.10 -16.00
C LYS E 7 -31.73 33.87 -17.17
N TYR E 8 -31.18 35.05 -16.92
CA TYR E 8 -30.68 35.94 -17.96
C TYR E 8 -29.21 35.63 -18.21
N ARG E 9 -28.94 34.75 -19.17
CA ARG E 9 -27.57 34.38 -19.53
C ARG E 9 -27.48 34.24 -21.05
N PRO E 10 -26.46 34.81 -21.68
CA PRO E 10 -26.32 34.66 -23.13
C PRO E 10 -26.11 33.20 -23.51
N LYS E 11 -26.61 32.82 -24.68
CA LYS E 11 -26.52 31.45 -25.16
C LYS E 11 -25.88 31.37 -26.54
N SER E 12 -25.10 32.38 -26.90
CA SER E 12 -24.41 32.41 -28.19
C SER E 12 -23.33 33.48 -28.12
N LEU E 13 -22.59 33.64 -29.21
CA LEU E 13 -21.53 34.64 -29.29
C LEU E 13 -22.04 36.02 -29.68
N ASN E 14 -23.18 36.09 -30.36
CA ASN E 14 -23.78 37.38 -30.69
C ASN E 14 -24.53 38.01 -29.52
N ALA E 15 -24.51 37.38 -28.35
CA ALA E 15 -25.21 37.89 -27.19
C ALA E 15 -24.27 38.31 -26.04
N LEU E 16 -22.98 38.02 -26.14
CA LEU E 16 -22.04 38.49 -25.14
C LEU E 16 -21.95 40.01 -25.19
N SER E 17 -22.26 40.65 -24.07
CA SER E 17 -22.39 42.11 -24.02
C SER E 17 -21.29 42.78 -23.18
N HIS E 18 -20.14 42.15 -23.05
CA HIS E 18 -19.01 42.77 -22.38
C HIS E 18 -17.72 42.12 -22.87
N ASN E 19 -16.64 42.89 -22.82
CA ASN E 19 -15.33 42.47 -23.33
C ASN E 19 -15.41 42.08 -24.81
N GLU E 20 -15.71 43.09 -25.63
CA GLU E 20 -15.92 42.85 -27.06
C GLU E 20 -14.68 42.30 -27.74
N GLU E 21 -13.50 42.62 -27.22
CA GLU E 21 -12.26 42.07 -27.81
C GLU E 21 -12.21 40.56 -27.63
N LEU E 22 -12.54 40.07 -26.43
CA LEU E 22 -12.55 38.64 -26.19
C LEU E 22 -13.62 37.95 -27.03
N THR E 23 -14.75 38.62 -27.24
CA THR E 23 -15.80 38.05 -28.09
C THR E 23 -15.35 37.96 -29.53
N ASN E 24 -14.65 38.99 -30.03
CA ASN E 24 -14.12 38.94 -31.39
C ASN E 24 -13.07 37.84 -31.51
N PHE E 25 -12.23 37.67 -30.49
CA PHE E 25 -11.24 36.59 -30.53
C PHE E 25 -11.90 35.23 -30.54
N LEU E 26 -12.99 35.07 -29.77
CA LEU E 26 -13.72 33.81 -29.75
C LEU E 26 -14.37 33.53 -31.10
N LYS E 27 -14.94 34.57 -31.72
CA LYS E 27 -15.51 34.41 -33.05
C LYS E 27 -14.43 34.04 -34.06
N SER E 28 -13.22 34.58 -33.90
CA SER E 28 -12.11 34.19 -34.75
C SER E 28 -11.76 32.73 -34.55
N LEU E 29 -11.75 32.27 -33.30
CA LEU E 29 -11.47 30.87 -33.01
C LEU E 29 -12.62 29.95 -33.40
N SER E 30 -13.79 30.51 -33.73
CA SER E 30 -14.96 29.72 -34.11
C SER E 30 -15.18 29.70 -35.61
N ASP E 31 -14.23 30.20 -36.40
CA ASP E 31 -14.38 30.19 -37.85
C ASP E 31 -14.01 28.84 -38.43
N GLN E 32 -12.82 28.34 -38.11
CA GLN E 32 -12.38 27.02 -38.53
C GLN E 32 -12.44 26.06 -37.35
N PRO E 33 -13.51 25.29 -37.18
CA PRO E 33 -13.62 24.42 -36.00
C PRO E 33 -12.64 23.26 -36.03
N ARG E 34 -12.40 22.72 -37.23
CA ARG E 34 -11.55 21.54 -37.37
C ARG E 34 -10.09 21.79 -37.04
N ASP E 35 -9.70 23.03 -36.71
CA ASP E 35 -8.32 23.35 -36.34
C ASP E 35 -8.24 24.09 -35.02
N LEU E 36 -9.21 23.88 -34.13
CA LEU E 36 -9.19 24.54 -32.84
C LEU E 36 -8.32 23.76 -31.86
N PRO E 37 -7.21 24.32 -31.38
CA PRO E 37 -6.37 23.60 -30.43
C PRO E 37 -7.00 23.60 -29.03
N HIS E 38 -6.27 23.00 -28.10
CA HIS E 38 -6.71 22.98 -26.71
C HIS E 38 -6.71 24.40 -26.14
N LEU E 39 -7.66 24.68 -25.27
CA LEU E 39 -7.85 26.01 -24.71
C LEU E 39 -7.74 25.98 -23.19
N LEU E 40 -7.25 27.08 -22.61
CA LEU E 40 -7.15 27.24 -21.17
C LEU E 40 -7.56 28.66 -20.83
N LEU E 41 -8.72 28.80 -20.19
CA LEU E 41 -9.24 30.10 -19.79
C LEU E 41 -8.77 30.42 -18.38
N TYR E 42 -8.23 31.63 -18.20
CA TYR E 42 -7.78 32.08 -16.89
C TYR E 42 -8.22 33.52 -16.68
N GLY E 43 -8.51 33.84 -15.42
CA GLY E 43 -9.01 35.15 -15.05
C GLY E 43 -9.61 35.15 -13.66
N PRO E 44 -10.21 36.26 -13.26
CA PRO E 44 -10.81 36.34 -11.94
C PRO E 44 -12.05 35.44 -11.83
N ASN E 45 -12.43 35.17 -10.59
CA ASN E 45 -13.60 34.33 -10.33
C ASN E 45 -14.88 35.07 -10.68
N GLY E 46 -15.86 34.32 -11.17
CA GLY E 46 -17.14 34.93 -11.52
C GLY E 46 -17.04 35.95 -12.63
N THR E 47 -16.13 35.75 -13.56
CA THR E 47 -15.96 36.63 -14.71
C THR E 47 -16.87 36.25 -15.86
N GLY E 48 -17.39 35.02 -15.87
CA GLY E 48 -18.18 34.54 -16.99
C GLY E 48 -17.36 33.68 -17.93
N LYS E 49 -16.62 32.72 -17.37
CA LYS E 49 -15.77 31.82 -18.13
C LYS E 49 -16.53 30.60 -18.64
N LYS E 50 -17.35 29.99 -17.79
CA LYS E 50 -18.11 28.81 -18.21
C LYS E 50 -19.15 29.18 -19.27
N THR E 51 -19.79 30.35 -19.12
CA THR E 51 -20.80 30.74 -20.08
C THR E 51 -20.18 31.04 -21.45
N ARG E 52 -19.03 31.69 -21.46
CA ARG E 52 -18.33 31.92 -22.73
C ARG E 52 -17.84 30.61 -23.33
N CYS E 53 -17.41 29.67 -22.50
CA CYS E 53 -16.98 28.37 -23.00
C CYS E 53 -18.15 27.65 -23.67
N MET E 54 -19.28 27.56 -23.00
CA MET E 54 -20.47 26.93 -23.56
C MET E 54 -21.06 27.71 -24.73
N ALA E 55 -20.74 29.00 -24.85
CA ALA E 55 -21.17 29.78 -26.01
C ALA E 55 -20.29 29.51 -27.22
N LEU E 56 -18.98 29.44 -27.03
CA LEU E 56 -18.09 29.01 -28.12
C LEU E 56 -18.42 27.60 -28.56
N LEU E 57 -18.72 26.72 -27.59
CA LEU E 57 -19.08 25.35 -27.90
C LEU E 57 -20.38 25.27 -28.70
N GLU E 58 -21.31 26.20 -28.45
CA GLU E 58 -22.53 26.25 -29.26
C GLU E 58 -22.26 26.86 -30.63
N SER E 59 -21.31 27.80 -30.70
CA SER E 59 -20.99 28.42 -31.98
C SER E 59 -20.33 27.44 -32.93
N ILE E 60 -19.48 26.55 -32.42
CA ILE E 60 -18.79 25.59 -33.28
C ILE E 60 -19.65 24.37 -33.58
N PHE E 61 -20.42 23.91 -32.60
CA PHE E 61 -21.36 22.81 -32.79
C PHE E 61 -22.74 23.37 -33.12
N GLY E 62 -23.75 22.51 -33.08
CA GLY E 62 -25.11 22.94 -33.26
C GLY E 62 -25.67 23.60 -32.01
N PRO E 63 -26.87 24.16 -32.14
CA PRO E 63 -27.50 24.83 -30.99
C PRO E 63 -28.00 23.89 -29.92
N GLY E 64 -28.08 22.59 -30.19
CA GLY E 64 -28.53 21.61 -29.23
C GLY E 64 -27.50 21.15 -28.23
N VAL E 65 -26.46 21.96 -27.99
CA VAL E 65 -25.42 21.56 -27.04
C VAL E 65 -25.81 21.89 -25.61
N TYR E 66 -26.81 22.76 -25.41
CA TYR E 66 -27.14 23.21 -24.06
C TYR E 66 -27.95 22.18 -23.29
N ARG E 67 -28.62 21.26 -23.97
CA ARG E 67 -29.38 20.23 -23.26
C ARG E 67 -28.45 19.20 -22.65
N LEU E 68 -28.20 19.33 -21.34
CA LEU E 68 -27.26 18.48 -20.63
C LEU E 68 -28.00 17.39 -19.85
N LYS E 69 -27.24 16.41 -19.38
CA LYS E 69 -27.78 15.37 -18.53
C LYS E 69 -26.66 14.86 -17.62
N ILE E 70 -26.99 14.59 -16.36
CA ILE E 70 -26.02 14.12 -15.40
C ILE E 70 -26.02 12.60 -15.39
N ASP E 71 -24.82 12.02 -15.44
CA ASP E 71 -24.62 10.58 -15.36
C ASP E 71 -23.66 10.25 -14.21
N VAL E 72 -23.70 9.00 -13.78
CA VAL E 72 -22.87 8.54 -12.67
C VAL E 72 -21.91 7.47 -13.20
N ARG E 73 -20.63 7.61 -12.88
CA ARG E 73 -19.61 6.64 -13.26
C ARG E 73 -18.89 6.16 -12.01
N GLN E 74 -18.73 4.84 -11.90
CA GLN E 74 -18.12 4.22 -10.73
C GLN E 74 -16.76 3.65 -11.14
N PHE E 75 -15.71 4.14 -10.49
CA PHE E 75 -14.36 3.62 -10.68
C PHE E 75 -13.89 2.92 -9.42
N VAL E 76 -12.81 2.16 -9.56
CA VAL E 76 -12.20 1.43 -8.44
C VAL E 76 -10.70 1.70 -8.45
N THR E 77 -10.14 1.95 -7.28
CA THR E 77 -8.70 2.17 -7.14
C THR E 77 -7.99 0.83 -7.07
N ALA E 78 -6.71 0.86 -6.71
CA ALA E 78 -5.95 -0.37 -6.53
C ALA E 78 -6.59 -1.25 -5.45
N SER E 79 -7.11 -0.62 -4.40
CA SER E 79 -7.78 -1.33 -3.33
C SER E 79 -9.27 -1.49 -3.67
N ASN E 80 -10.07 -1.87 -2.67
CA ASN E 80 -11.49 -2.12 -2.86
C ASN E 80 -12.32 -0.83 -2.77
N ARG E 81 -11.70 0.28 -2.37
CA ARG E 81 -12.43 1.54 -2.20
C ARG E 81 -12.99 2.00 -3.53
N LYS E 82 -14.31 1.89 -3.68
CA LYS E 82 -14.98 2.29 -4.92
C LYS E 82 -15.35 3.76 -4.84
N LEU E 83 -15.01 4.51 -5.89
CA LEU E 83 -15.32 5.92 -5.97
C LEU E 83 -16.37 6.16 -7.05
N GLU E 84 -17.13 7.24 -6.90
CA GLU E 84 -18.21 7.60 -7.81
C GLU E 84 -18.05 9.05 -8.22
N LEU E 85 -18.28 9.32 -9.50
CA LEU E 85 -18.17 10.66 -10.06
C LEU E 85 -19.40 10.97 -10.90
N ASN E 86 -19.72 12.26 -11.01
CA ASN E 86 -20.81 12.74 -11.84
C ASN E 86 -20.24 13.40 -13.08
N VAL E 87 -20.87 13.13 -14.22
CA VAL E 87 -20.43 13.60 -15.53
C VAL E 87 -21.59 14.34 -16.18
N VAL E 88 -21.36 15.57 -16.60
CA VAL E 88 -22.40 16.37 -17.24
C VAL E 88 -22.24 16.21 -18.75
N SER E 89 -23.00 15.28 -19.33
CA SER E 89 -22.82 14.88 -20.72
C SER E 89 -23.86 15.55 -21.60
N SER E 90 -23.48 15.82 -22.84
CA SER E 90 -24.31 16.37 -23.89
C SER E 90 -23.92 15.71 -25.20
N PRO E 91 -24.86 15.61 -26.16
CA PRO E 91 -24.55 14.89 -27.40
C PRO E 91 -23.36 15.43 -28.19
N TYR E 92 -22.72 16.49 -27.69
CA TYR E 92 -21.54 17.03 -28.34
C TYR E 92 -20.34 17.22 -27.40
N HIS E 93 -20.48 16.97 -26.11
CA HIS E 93 -19.37 17.23 -25.18
C HIS E 93 -19.66 16.55 -23.85
N LEU E 94 -18.71 16.69 -22.93
CA LEU E 94 -18.91 16.20 -21.56
C LEU E 94 -18.07 17.04 -20.62
N GLU E 95 -18.63 17.38 -19.46
CA GLU E 95 -17.97 18.19 -18.45
C GLU E 95 -17.69 17.35 -17.22
N ILE E 96 -16.47 17.50 -16.69
CA ILE E 96 -16.00 16.77 -15.52
C ILE E 96 -15.56 17.78 -14.48
N THR E 97 -15.69 17.40 -13.21
CA THR E 97 -15.15 18.15 -12.09
C THR E 97 -14.21 17.23 -11.33
N PRO E 98 -12.99 17.03 -11.83
CA PRO E 98 -12.09 16.05 -11.20
C PRO E 98 -11.64 16.44 -9.79
N SER E 99 -11.85 17.69 -9.39
CA SER E 99 -11.45 18.13 -8.06
C SER E 99 -12.23 17.45 -6.95
N ASP E 100 -13.29 16.72 -7.27
CA ASP E 100 -14.10 16.07 -6.24
C ASP E 100 -13.30 15.03 -5.47
N MET E 101 -12.62 14.12 -6.20
CA MET E 101 -11.81 13.11 -5.54
C MET E 101 -10.58 13.75 -4.92
N GLY E 102 -10.26 13.33 -3.70
CA GLY E 102 -9.15 13.93 -2.96
C GLY E 102 -7.80 13.73 -3.60
N ASN E 103 -7.32 12.49 -3.63
CA ASN E 103 -6.00 12.17 -4.20
C ASN E 103 -6.10 11.01 -5.17
N ASN E 104 -7.27 10.82 -5.79
CA ASN E 104 -7.48 9.76 -6.77
C ASN E 104 -7.82 10.34 -8.15
N ASP E 105 -7.41 11.59 -8.39
CA ASP E 105 -7.67 12.22 -9.67
C ASP E 105 -6.86 11.56 -10.79
N ARG E 106 -5.67 11.06 -10.47
CA ARG E 106 -4.84 10.41 -11.47
C ARG E 106 -5.52 9.19 -12.08
N ILE E 107 -6.37 8.51 -11.33
CA ILE E 107 -7.09 7.35 -11.83
C ILE E 107 -8.22 7.83 -12.72
N VAL E 108 -8.98 8.82 -12.23
CA VAL E 108 -10.15 9.30 -12.97
C VAL E 108 -9.74 9.83 -14.33
N ILE E 109 -8.70 10.65 -14.39
CA ILE E 109 -8.26 11.22 -15.66
C ILE E 109 -7.80 10.12 -16.60
N GLN E 110 -6.78 9.36 -16.18
CA GLN E 110 -6.18 8.36 -17.05
C GLN E 110 -7.16 7.27 -17.46
N GLU E 111 -8.29 7.13 -16.76
CA GLU E 111 -9.32 6.18 -17.15
C GLU E 111 -10.34 6.80 -18.10
N LEU E 112 -10.99 7.89 -17.68
CA LEU E 112 -12.09 8.43 -18.47
C LEU E 112 -11.60 9.09 -19.75
N LEU E 113 -10.52 9.88 -19.67
CA LEU E 113 -10.03 10.53 -20.88
C LEU E 113 -9.57 9.49 -21.91
N LYS E 114 -8.89 8.44 -21.46
CA LYS E 114 -8.50 7.37 -22.38
C LYS E 114 -9.72 6.68 -22.96
N GLU E 115 -10.71 6.38 -22.13
CA GLU E 115 -11.92 5.70 -22.61
C GLU E 115 -12.61 6.52 -23.69
N VAL E 116 -12.71 7.84 -23.51
CA VAL E 116 -13.42 8.66 -24.48
C VAL E 116 -12.53 8.93 -25.69
N ALA E 117 -11.21 8.80 -25.53
CA ALA E 117 -10.30 9.05 -26.65
C ALA E 117 -10.20 7.85 -27.59
N GLN E 118 -10.20 6.63 -27.06
CA GLN E 118 -10.04 5.45 -27.91
C GLN E 118 -11.20 5.32 -28.89
N MET E 119 -12.42 5.20 -28.37
CA MET E 119 -13.60 5.03 -29.22
C MET E 119 -14.09 6.39 -29.71
N GLU E 120 -15.23 6.40 -30.40
CA GLU E 120 -15.78 7.63 -30.96
C GLU E 120 -17.26 7.73 -30.60
N GLN E 121 -17.90 8.77 -31.11
CA GLN E 121 -19.28 9.11 -30.78
C GLN E 121 -20.19 8.73 -31.93
N VAL E 122 -21.33 8.10 -31.62
CA VAL E 122 -22.34 7.75 -32.60
C VAL E 122 -23.69 8.24 -32.10
N ASP E 123 -24.40 8.99 -32.94
CA ASP E 123 -25.71 9.53 -32.60
C ASP E 123 -26.33 10.09 -33.85
N PHE E 124 -27.66 10.04 -33.92
CA PHE E 124 -28.43 10.61 -35.02
C PHE E 124 -29.25 11.79 -34.51
N GLN E 125 -29.18 12.90 -35.22
CA GLN E 125 -29.91 14.11 -34.83
C GLN E 125 -30.18 14.99 -36.05
N ASP E 129 -23.83 8.36 -43.14
CA ASP E 129 -24.38 9.39 -42.26
C ASP E 129 -24.81 8.80 -40.92
N GLY E 130 -24.07 7.82 -40.43
CA GLY E 130 -24.39 7.17 -39.18
C GLY E 130 -23.35 7.36 -38.10
N LEU E 131 -22.09 7.50 -38.50
CA LEU E 131 -21.00 7.62 -37.54
C LEU E 131 -20.06 8.79 -37.81
N ALA E 132 -19.93 9.26 -39.05
CA ALA E 132 -18.97 10.31 -39.38
C ALA E 132 -19.30 11.60 -38.63
N HIS E 133 -18.44 11.97 -37.68
CA HIS E 133 -18.61 13.19 -36.91
C HIS E 133 -17.22 13.73 -36.58
N ARG E 134 -17.19 14.92 -35.99
CA ARG E 134 -15.95 15.56 -35.61
C ARG E 134 -15.53 15.11 -34.22
N TYR E 135 -14.55 15.82 -33.64
CA TYR E 135 -14.01 15.47 -32.33
C TYR E 135 -15.07 15.63 -31.24
N LYS E 136 -14.76 15.10 -30.06
CA LYS E 136 -15.56 15.26 -28.87
C LYS E 136 -14.84 16.20 -27.89
N CYS E 137 -15.61 17.05 -27.22
CA CYS E 137 -15.06 18.07 -26.34
C CYS E 137 -15.20 17.65 -24.89
N VAL E 138 -14.13 17.84 -24.13
CA VAL E 138 -14.12 17.59 -22.69
C VAL E 138 -13.83 18.90 -21.98
N ILE E 139 -14.75 19.26 -21.08
CA ILE E 139 -14.64 20.48 -20.28
C ILE E 139 -14.18 20.09 -18.89
N ILE E 140 -13.20 20.82 -18.36
CA ILE E 140 -12.62 20.54 -17.05
C ILE E 140 -12.74 21.80 -16.19
N ASN E 141 -13.59 21.74 -15.18
CA ASN E 141 -13.82 22.86 -14.28
C ASN E 141 -12.86 22.77 -13.10
N GLU E 142 -12.34 23.93 -12.69
CA GLU E 142 -11.35 24.02 -11.61
C GLU E 142 -10.13 23.14 -11.92
N ALA E 143 -9.45 23.48 -13.01
CA ALA E 143 -8.25 22.75 -13.38
C ALA E 143 -7.06 23.13 -12.50
N ASN E 144 -7.13 24.28 -11.82
CA ASN E 144 -6.02 24.70 -10.98
C ASN E 144 -5.87 23.81 -9.76
N SER E 145 -6.91 23.07 -9.39
CA SER E 145 -6.87 22.17 -8.24
C SER E 145 -6.42 20.77 -8.61
N LEU E 146 -6.03 20.55 -9.87
CA LEU E 146 -5.60 19.22 -10.29
C LEU E 146 -4.28 18.85 -9.62
N THR E 147 -4.14 17.56 -9.30
CA THR E 147 -2.90 17.07 -8.71
C THR E 147 -1.82 16.95 -9.78
N LYS E 148 -0.56 17.02 -9.34
CA LYS E 148 0.55 17.07 -10.27
C LYS E 148 0.64 15.82 -11.13
N ASP E 149 0.45 14.64 -10.52
CA ASP E 149 0.47 13.41 -11.30
C ASP E 149 -0.72 13.33 -12.24
N ALA E 150 -1.90 13.74 -11.76
CA ALA E 150 -3.05 13.82 -12.65
C ALA E 150 -2.81 14.83 -13.76
N GLN E 151 -2.12 15.93 -13.44
CA GLN E 151 -1.78 16.91 -14.47
C GLN E 151 -0.86 16.31 -15.52
N ALA E 152 0.10 15.50 -15.10
CA ALA E 152 1.00 14.86 -16.05
C ALA E 152 0.25 13.88 -16.95
N ALA E 153 -0.65 13.09 -16.35
CA ALA E 153 -1.47 12.17 -17.15
C ALA E 153 -2.31 12.93 -18.17
N LEU E 154 -2.94 14.02 -17.74
CA LEU E 154 -3.78 14.81 -18.64
C LEU E 154 -2.94 15.46 -19.73
N ARG E 155 -1.72 15.91 -19.40
CA ARG E 155 -0.87 16.53 -20.40
C ARG E 155 -0.41 15.51 -21.43
N ARG E 156 -0.20 14.25 -21.01
CA ARG E 156 0.25 13.24 -21.95
C ARG E 156 -0.90 12.75 -22.82
N THR E 157 -2.12 12.73 -22.27
CA THR E 157 -3.27 12.32 -23.06
C THR E 157 -3.82 13.51 -23.82
N MET E 158 -2.95 14.26 -24.50
CA MET E 158 -3.35 15.40 -25.32
C MET E 158 -2.91 15.20 -26.76
N GLU E 159 -1.65 14.82 -26.95
CA GLU E 159 -1.09 14.74 -28.30
C GLU E 159 -1.26 13.35 -28.91
N LYS E 160 -1.30 12.31 -28.08
CA LYS E 160 -1.47 10.95 -28.59
C LYS E 160 -2.74 10.83 -29.41
N TYR E 161 -3.86 11.24 -28.84
CA TYR E 161 -5.17 11.21 -29.50
C TYR E 161 -5.67 12.64 -29.61
N SER E 162 -5.28 13.33 -30.68
CA SER E 162 -5.62 14.73 -30.88
C SER E 162 -6.76 14.95 -31.85
N LYS E 163 -7.04 13.99 -32.73
CA LYS E 163 -8.13 14.11 -33.69
C LYS E 163 -9.48 13.73 -33.10
N ASN E 164 -9.54 13.41 -31.82
CA ASN E 164 -10.79 13.02 -31.16
C ASN E 164 -11.12 13.87 -29.94
N ILE E 165 -10.13 14.29 -29.17
CA ILE E 165 -10.34 15.01 -27.92
C ILE E 165 -9.76 16.41 -28.04
N ARG E 166 -10.56 17.41 -27.69
CA ARG E 166 -10.10 18.79 -27.54
C ARG E 166 -10.36 19.21 -26.11
N LEU E 167 -9.28 19.57 -25.41
CA LEU E 167 -9.35 19.88 -23.98
C LEU E 167 -9.51 21.39 -23.81
N ILE E 168 -10.66 21.80 -23.27
CA ILE E 168 -10.94 23.18 -22.96
C ILE E 168 -11.08 23.28 -21.44
N MET E 169 -10.01 23.71 -20.77
CA MET E 169 -9.97 23.83 -19.33
C MET E 169 -10.17 25.28 -18.91
N VAL E 170 -10.73 25.47 -17.72
CA VAL E 170 -10.92 26.80 -17.16
C VAL E 170 -10.46 26.79 -15.72
N CYS E 171 -9.85 27.90 -15.28
CA CYS E 171 -9.37 28.01 -13.91
C CYS E 171 -8.97 29.44 -13.62
N ASP E 172 -9.20 29.85 -12.38
CA ASP E 172 -8.69 31.11 -11.85
C ASP E 172 -7.37 30.87 -11.15
N SER E 173 -6.53 31.90 -11.11
CA SER E 173 -5.21 31.81 -10.49
C SER E 173 -4.40 30.66 -11.11
N MET E 174 -4.06 30.86 -12.38
CA MET E 174 -3.44 29.83 -13.21
C MET E 174 -2.10 29.32 -12.69
N SER E 175 -1.58 29.86 -11.58
CA SER E 175 -0.22 29.54 -11.17
C SER E 175 0.01 28.05 -10.86
N PRO E 176 -0.90 27.29 -10.17
CA PRO E 176 -0.65 25.86 -9.94
C PRO E 176 -0.92 24.98 -11.15
N ILE E 177 -0.39 25.38 -12.30
CA ILE E 177 -0.45 24.60 -13.53
C ILE E 177 0.98 24.42 -14.01
N ILE E 178 1.40 23.16 -14.17
CA ILE E 178 2.77 22.84 -14.55
C ILE E 178 3.08 23.44 -15.92
N ALA E 179 4.36 23.71 -16.16
CA ALA E 179 4.78 24.33 -17.41
C ALA E 179 4.40 23.56 -18.67
N PRO E 180 4.46 22.22 -18.71
CA PRO E 180 4.05 21.52 -19.95
C PRO E 180 2.61 21.80 -20.34
N ILE E 181 1.68 21.77 -19.39
CA ILE E 181 0.28 22.07 -19.72
C ILE E 181 0.14 23.54 -20.13
N LYS E 182 0.87 24.43 -19.45
CA LYS E 182 0.83 25.84 -19.82
C LYS E 182 1.33 26.06 -21.24
N SER E 183 2.23 25.20 -21.72
CA SER E 183 2.84 25.38 -23.02
C SER E 183 2.06 24.72 -24.15
N ARG E 184 1.64 23.48 -23.95
CA ARG E 184 1.02 22.73 -25.05
C ARG E 184 -0.41 23.12 -25.32
N CYS E 185 -0.94 24.21 -24.75
CA CYS E 185 -2.30 24.65 -25.00
C CYS E 185 -2.32 26.17 -25.12
N LEU E 186 -3.38 26.69 -25.75
CA LEU E 186 -3.58 28.12 -25.89
C LEU E 186 -4.08 28.70 -24.57
N LEU E 187 -3.64 29.92 -24.28
CA LEU E 187 -3.96 30.60 -23.03
C LEU E 187 -4.82 31.82 -23.34
N ILE E 188 -6.06 31.81 -22.87
CA ILE E 188 -7.01 32.90 -23.10
C ILE E 188 -7.35 33.53 -21.76
N ARG E 189 -7.16 34.85 -21.66
CA ARG E 189 -7.48 35.59 -20.44
C ARG E 189 -8.88 36.19 -20.54
N CYS E 190 -9.58 36.17 -19.41
CA CYS E 190 -10.94 36.67 -19.30
C CYS E 190 -10.96 37.80 -18.30
N PRO E 191 -10.79 39.04 -18.74
CA PRO E 191 -10.80 40.18 -17.82
C PRO E 191 -12.19 40.43 -17.26
N ALA E 192 -12.22 40.85 -16.00
CA ALA E 192 -13.49 41.19 -15.38
C ALA E 192 -14.10 42.41 -16.06
N PRO E 193 -15.41 42.46 -16.25
CA PRO E 193 -16.01 43.60 -16.95
C PRO E 193 -15.89 44.89 -16.16
N SER E 194 -15.78 45.99 -16.89
CA SER E 194 -15.64 47.30 -16.26
C SER E 194 -16.95 47.71 -15.59
N ASP E 195 -16.88 48.79 -14.82
CA ASP E 195 -18.06 49.27 -14.12
C ASP E 195 -19.14 49.75 -15.09
N SER E 196 -18.74 50.40 -16.18
CA SER E 196 -19.70 50.89 -17.16
C SER E 196 -20.43 49.76 -17.89
N GLU E 197 -19.92 48.54 -17.84
CA GLU E 197 -20.56 47.39 -18.48
C GLU E 197 -21.37 46.55 -17.50
N ILE E 198 -20.84 46.32 -16.30
CA ILE E 198 -21.64 45.64 -15.28
C ILE E 198 -22.83 46.49 -14.87
N SER E 199 -22.71 47.81 -14.91
CA SER E 199 -23.86 48.67 -14.65
C SER E 199 -24.91 48.51 -15.74
N THR E 200 -24.49 48.34 -16.99
CA THR E 200 -25.44 48.10 -18.08
C THR E 200 -26.10 46.74 -17.93
N ILE E 201 -25.34 45.73 -17.50
CA ILE E 201 -25.92 44.43 -17.22
C ILE E 201 -27.00 44.55 -16.14
N LEU E 202 -26.69 45.25 -15.06
CA LEU E 202 -27.67 45.46 -14.00
C LEU E 202 -28.87 46.25 -14.52
N SER E 203 -28.65 47.22 -15.41
CA SER E 203 -29.76 47.99 -15.95
C SER E 203 -30.68 47.12 -16.79
N ASP E 204 -30.11 46.25 -17.61
CA ASP E 204 -30.93 45.29 -18.35
C ASP E 204 -31.70 44.36 -17.42
N VAL E 205 -31.06 43.89 -16.35
CA VAL E 205 -31.75 43.01 -15.41
C VAL E 205 -32.91 43.73 -14.73
N VAL E 206 -32.69 44.99 -14.33
CA VAL E 206 -33.72 45.72 -13.61
C VAL E 206 -34.85 46.16 -14.54
N THR E 207 -34.58 46.40 -15.83
CA THR E 207 -35.67 46.75 -16.73
C THR E 207 -36.42 45.50 -17.18
N ASN E 208 -35.77 44.34 -17.13
CA ASN E 208 -36.44 43.09 -17.49
C ASN E 208 -37.22 42.50 -16.32
N GLU E 209 -36.67 42.57 -15.10
CA GLU E 209 -37.34 42.00 -13.95
C GLU E 209 -38.30 42.96 -13.27
N ARG E 210 -38.36 44.21 -13.70
CA ARG E 210 -39.28 45.21 -13.16
C ARG E 210 -39.10 45.39 -11.65
N ILE E 211 -37.92 45.88 -11.28
CA ILE E 211 -37.63 46.27 -9.91
C ILE E 211 -37.70 47.78 -9.82
N GLN E 212 -38.22 48.28 -8.71
CA GLN E 212 -38.41 49.72 -8.51
C GLN E 212 -37.13 50.31 -7.95
N LEU E 213 -36.39 51.03 -8.79
CA LEU E 213 -35.19 51.74 -8.38
C LEU E 213 -35.36 53.23 -8.61
N GLU E 214 -34.73 54.03 -7.75
CA GLU E 214 -34.84 55.48 -7.86
C GLU E 214 -33.92 56.03 -8.95
N THR E 215 -32.61 55.78 -8.81
CA THR E 215 -31.64 56.30 -9.76
C THR E 215 -30.59 55.25 -10.11
N LYS E 216 -29.55 55.67 -10.83
CA LYS E 216 -28.50 54.76 -11.27
C LYS E 216 -27.37 54.63 -10.27
N ASP E 217 -27.42 55.35 -9.15
CA ASP E 217 -26.33 55.28 -8.17
C ASP E 217 -26.33 53.94 -7.43
N ILE E 218 -27.49 53.31 -7.30
CA ILE E 218 -27.55 52.03 -6.60
C ILE E 218 -26.78 50.97 -7.36
N LEU E 219 -26.95 50.91 -8.69
CA LEU E 219 -26.19 49.94 -9.48
C LEU E 219 -24.70 50.23 -9.45
N LYS E 220 -24.33 51.51 -9.41
CA LYS E 220 -22.92 51.88 -9.32
C LYS E 220 -22.33 51.41 -8.00
N ARG E 221 -23.06 51.61 -6.89
CA ARG E 221 -22.59 51.15 -5.59
C ARG E 221 -22.47 49.63 -5.56
N ILE E 222 -23.43 48.93 -6.18
CA ILE E 222 -23.38 47.48 -6.23
C ILE E 222 -22.15 47.03 -7.00
N ALA E 223 -21.88 47.65 -8.14
CA ALA E 223 -20.71 47.29 -8.94
C ALA E 223 -19.42 47.59 -8.18
N GLN E 224 -19.39 48.68 -7.42
CA GLN E 224 -18.20 49.02 -6.66
C GLN E 224 -17.98 48.05 -5.51
N ALA E 225 -19.06 47.54 -4.93
CA ALA E 225 -18.93 46.62 -3.79
C ALA E 225 -18.53 45.23 -4.24
N SER E 226 -18.97 44.81 -5.42
CA SER E 226 -18.73 43.46 -5.90
C SER E 226 -17.29 43.26 -6.36
N ASN E 227 -16.52 44.35 -6.42
CA ASN E 227 -15.10 44.32 -6.75
C ASN E 227 -14.87 43.88 -8.19
N GLY E 228 -15.93 43.73 -8.97
CA GLY E 228 -15.81 43.35 -10.36
C GLY E 228 -16.47 42.03 -10.68
N ASN E 229 -16.86 41.30 -9.64
CA ASN E 229 -17.46 39.98 -9.80
C ASN E 229 -18.90 40.13 -10.28
N LEU E 230 -19.20 39.61 -11.47
CA LEU E 230 -20.52 39.80 -12.07
C LEU E 230 -21.57 38.94 -11.37
N ARG E 231 -21.23 37.67 -11.11
CA ARG E 231 -22.21 36.77 -10.50
C ARG E 231 -22.58 37.22 -9.10
N VAL E 232 -21.58 37.60 -8.29
CA VAL E 232 -21.85 38.07 -6.93
C VAL E 232 -22.65 39.37 -6.96
N SER E 233 -22.37 40.23 -7.94
CA SER E 233 -23.13 41.48 -8.03
C SER E 233 -24.59 41.20 -8.37
N LEU E 234 -24.84 40.32 -9.33
CA LEU E 234 -26.22 39.96 -9.67
C LEU E 234 -26.93 39.32 -8.49
N LEU E 235 -26.24 38.45 -7.76
CA LEU E 235 -26.84 37.77 -6.61
C LEU E 235 -27.15 38.76 -5.49
N MET E 236 -26.23 39.70 -5.23
CA MET E 236 -26.47 40.71 -4.21
C MET E 236 -27.61 41.64 -4.62
N LEU E 237 -27.71 41.95 -5.91
CA LEU E 237 -28.82 42.77 -6.40
C LEU E 237 -30.15 42.06 -6.17
N GLU E 238 -30.19 40.77 -6.47
CA GLU E 238 -31.43 40.01 -6.26
C GLU E 238 -31.78 39.94 -4.78
N SER E 239 -30.77 39.75 -3.91
CA SER E 239 -31.04 39.69 -2.48
C SER E 239 -31.51 41.04 -1.94
N MET E 240 -30.93 42.14 -2.46
CA MET E 240 -31.39 43.46 -2.07
C MET E 240 -32.82 43.71 -2.54
N ALA E 241 -33.17 43.25 -3.74
CA ALA E 241 -34.53 43.40 -4.21
C ALA E 241 -35.50 42.58 -3.37
N LEU E 242 -35.07 41.40 -2.93
CA LEU E 242 -35.92 40.55 -2.10
C LEU E 242 -36.15 41.16 -0.72
N ASN E 243 -35.07 41.63 -0.09
CA ASN E 243 -35.20 42.18 1.25
C ASN E 243 -35.90 43.53 1.25
N ASN E 244 -35.68 44.33 0.20
CA ASN E 244 -36.25 45.68 0.17
C ASN E 244 -37.69 45.67 -0.32
N GLU E 245 -38.28 44.49 -0.51
CA GLU E 245 -39.69 44.35 -0.88
C GLU E 245 -40.02 45.04 -2.20
N LEU E 246 -39.28 44.70 -3.25
CA LEU E 246 -39.56 45.15 -4.61
C LEU E 246 -39.46 46.68 -4.70
N ALA E 247 -38.52 47.26 -3.96
CA ALA E 247 -38.33 48.71 -3.96
C ALA E 247 -36.89 49.03 -3.57
N LEU E 248 -36.06 49.34 -4.57
CA LEU E 248 -34.68 49.75 -4.32
C LEU E 248 -34.62 51.26 -4.11
N LYS E 249 -33.98 51.68 -3.02
CA LYS E 249 -33.85 53.09 -2.70
C LYS E 249 -32.38 53.47 -2.58
N SER E 250 -32.13 54.78 -2.55
CA SER E 250 -30.76 55.29 -2.45
C SER E 250 -30.13 55.00 -1.10
N SER E 251 -30.93 54.61 -0.09
CA SER E 251 -30.43 54.29 1.25
C SER E 251 -30.75 52.83 1.52
N SER E 252 -29.85 51.94 1.13
CA SER E 252 -30.01 50.51 1.35
C SER E 252 -28.68 49.92 1.82
N PRO E 253 -28.69 49.16 2.91
CA PRO E 253 -27.43 48.55 3.39
C PRO E 253 -26.99 47.43 2.46
N ILE E 254 -25.74 47.52 2.00
CA ILE E 254 -25.18 46.50 1.11
C ILE E 254 -25.10 45.17 1.87
N ILE E 255 -25.71 44.14 1.31
CA ILE E 255 -25.77 42.84 1.97
C ILE E 255 -24.48 42.06 1.72
N LYS E 256 -23.58 42.10 2.69
CA LYS E 256 -22.39 41.26 2.62
C LYS E 256 -22.72 39.85 3.07
N PRO E 257 -22.19 38.83 2.42
CA PRO E 257 -22.43 37.45 2.88
C PRO E 257 -21.98 37.26 4.31
N ASP E 258 -22.51 36.19 4.93
CA ASP E 258 -22.29 35.97 6.36
C ASP E 258 -20.80 35.78 6.67
N TRP E 259 -20.08 35.05 5.81
CA TRP E 259 -18.67 34.81 6.07
C TRP E 259 -17.85 36.09 5.98
N ILE E 260 -18.24 37.01 5.10
CA ILE E 260 -17.56 38.31 5.05
C ILE E 260 -17.72 39.04 6.38
N ILE E 261 -18.92 39.01 6.95
CA ILE E 261 -19.13 39.68 8.24
C ILE E 261 -18.36 38.97 9.34
N VAL E 262 -18.25 37.64 9.26
CA VAL E 262 -17.47 36.90 10.26
C VAL E 262 -16.00 37.29 10.17
N ILE E 263 -15.47 37.39 8.96
CA ILE E 263 -14.07 37.78 8.78
C ILE E 263 -13.84 39.21 9.24
N HIS E 264 -14.82 40.10 9.01
CA HIS E 264 -14.68 41.48 9.48
C HIS E 264 -14.68 41.55 11.00
N LYS E 265 -15.57 40.81 11.66
CA LYS E 265 -15.55 40.75 13.12
C LYS E 265 -14.24 40.14 13.63
N LEU E 266 -13.71 39.17 12.89
CA LEU E 266 -12.42 38.58 13.25
C LEU E 266 -11.30 39.60 13.16
N THR E 267 -11.27 40.41 12.11
CA THR E 267 -10.26 41.46 11.99
C THR E 267 -10.41 42.49 13.09
N ARG E 268 -11.65 42.84 13.44
CA ARG E 268 -11.86 43.75 14.57
C ARG E 268 -11.30 43.16 15.86
N LYS E 269 -11.61 41.90 16.14
CA LYS E 269 -11.09 41.24 17.32
C LYS E 269 -9.56 41.20 17.31
N ILE E 270 -8.97 41.02 16.13
CA ILE E 270 -7.51 40.98 16.03
C ILE E 270 -6.91 42.35 16.35
N VAL E 271 -7.44 43.39 15.71
CA VAL E 271 -6.82 44.71 15.85
C VAL E 271 -7.09 45.31 17.23
N LYS E 272 -8.17 44.87 17.88
CA LYS E 272 -8.50 45.43 19.18
C LYS E 272 -7.64 44.84 20.29
N GLU E 273 -7.71 43.52 20.48
CA GLU E 273 -7.02 42.84 21.57
C GLU E 273 -5.94 41.94 21.00
N ARG E 274 -4.69 42.22 21.33
CA ARG E 274 -3.56 41.40 20.89
C ARG E 274 -3.06 40.56 22.06
N SER E 275 -3.71 39.42 22.26
CA SER E 275 -3.37 38.51 23.35
C SER E 275 -3.67 37.07 22.95
N VAL E 276 -3.09 36.13 23.71
CA VAL E 276 -3.33 34.72 23.43
C VAL E 276 -4.75 34.34 23.80
N ASN E 277 -5.33 35.01 24.79
CA ASN E 277 -6.72 34.76 25.13
C ASN E 277 -7.64 35.09 23.96
N SER E 278 -7.30 36.12 23.19
CA SER E 278 -8.03 36.40 21.96
C SER E 278 -7.67 35.38 20.87
N LEU E 279 -6.45 34.84 20.94
CA LEU E 279 -6.05 33.82 19.97
C LEU E 279 -6.87 32.55 20.12
N ILE E 280 -7.29 32.22 21.34
CA ILE E 280 -8.14 31.05 21.54
C ILE E 280 -9.48 31.22 20.84
N GLU E 281 -10.12 32.39 21.03
CA GLU E 281 -11.37 32.66 20.33
C GLU E 281 -11.15 32.74 18.83
N CYS E 282 -9.97 33.21 18.40
CA CYS E 282 -9.65 33.21 16.97
C CYS E 282 -9.61 31.80 16.41
N ARG E 283 -8.98 30.88 17.15
CA ARG E 283 -8.94 29.49 16.72
C ARG E 283 -10.34 28.89 16.69
N ALA E 284 -11.18 29.25 17.66
CA ALA E 284 -12.56 28.77 17.66
C ALA E 284 -13.32 29.28 16.44
N VAL E 285 -13.14 30.55 16.09
CA VAL E 285 -13.80 31.12 14.92
C VAL E 285 -13.30 30.46 13.65
N LEU E 286 -11.99 30.18 13.58
CA LEU E 286 -11.44 29.53 12.39
C LEU E 286 -11.96 28.10 12.27
N TYR E 287 -12.10 27.40 13.39
CA TYR E 287 -12.74 26.08 13.37
C TYR E 287 -14.16 26.16 12.85
N ASP E 288 -14.96 27.08 13.38
CA ASP E 288 -16.35 27.23 12.94
C ASP E 288 -16.43 27.63 11.47
N LEU E 289 -15.44 28.35 10.96
CA LEU E 289 -15.46 28.76 9.56
C LEU E 289 -15.06 27.62 8.64
N LEU E 290 -13.97 26.91 8.97
CA LEU E 290 -13.49 25.83 8.12
C LEU E 290 -14.45 24.65 8.13
N ALA E 291 -15.10 24.41 9.27
CA ALA E 291 -16.01 23.27 9.37
C ALA E 291 -17.24 23.42 8.47
N HIS E 292 -17.54 24.63 8.01
CA HIS E 292 -18.71 24.89 7.18
C HIS E 292 -18.37 25.08 5.71
N CYS E 293 -17.40 24.33 5.20
CA CYS E 293 -17.06 24.26 3.78
C CYS E 293 -16.67 25.65 3.24
N ILE E 294 -15.58 26.16 3.81
CA ILE E 294 -14.99 27.41 3.33
C ILE E 294 -13.51 27.17 3.02
N PRO E 295 -13.06 27.47 1.80
CA PRO E 295 -11.64 27.25 1.48
C PRO E 295 -10.73 28.11 2.32
N ALA E 296 -9.66 27.50 2.83
CA ALA E 296 -8.77 28.20 3.75
C ALA E 296 -8.03 29.33 3.05
N ASN E 297 -7.70 29.17 1.77
CA ASN E 297 -7.01 30.23 1.05
C ASN E 297 -7.88 31.47 0.91
N ILE E 298 -9.18 31.27 0.70
CA ILE E 298 -10.10 32.41 0.63
C ILE E 298 -10.21 33.09 1.98
N ILE E 299 -10.27 32.31 3.07
CA ILE E 299 -10.26 32.88 4.41
C ILE E 299 -9.02 33.73 4.62
N LEU E 300 -7.85 33.19 4.25
CA LEU E 300 -6.61 33.93 4.45
C LEU E 300 -6.59 35.21 3.64
N LYS E 301 -7.01 35.15 2.37
CA LYS E 301 -7.01 36.33 1.53
C LYS E 301 -7.93 37.40 2.09
N GLU E 302 -9.16 37.02 2.45
CA GLU E 302 -10.11 37.99 3.00
C GLU E 302 -9.60 38.59 4.30
N LEU E 303 -9.07 37.74 5.19
CA LEU E 303 -8.55 38.23 6.46
C LEU E 303 -7.42 39.23 6.25
N THR E 304 -6.49 38.91 5.35
CA THR E 304 -5.35 39.80 5.13
C THR E 304 -5.79 41.11 4.50
N PHE E 305 -6.69 41.07 3.52
CA PHE E 305 -7.10 42.31 2.87
C PHE E 305 -7.93 43.17 3.81
N SER E 306 -8.75 42.56 4.66
CA SER E 306 -9.48 43.34 5.65
C SER E 306 -8.55 43.91 6.71
N LEU E 307 -7.46 43.21 7.01
CA LEU E 307 -6.47 43.75 7.95
C LEU E 307 -5.75 44.94 7.36
N LEU E 308 -5.38 44.87 6.07
CA LEU E 308 -4.79 46.02 5.41
C LEU E 308 -5.79 47.16 5.27
N ASP E 309 -7.08 46.84 5.25
CA ASP E 309 -8.10 47.88 5.17
C ASP E 309 -8.13 48.72 6.44
N VAL E 310 -7.74 48.14 7.57
CA VAL E 310 -7.72 48.83 8.85
C VAL E 310 -6.80 50.05 8.76
N GLU E 311 -7.31 51.21 9.16
CA GLU E 311 -6.58 52.46 8.98
C GLU E 311 -5.68 52.80 10.16
N THR E 312 -5.92 52.25 11.35
CA THR E 312 -5.13 52.62 12.51
C THR E 312 -3.73 52.02 12.52
N LEU E 313 -3.35 51.29 11.47
CA LEU E 313 -2.03 50.66 11.38
C LEU E 313 -1.16 51.47 10.42
N ASN E 314 0.12 51.59 10.77
CA ASN E 314 1.04 52.37 9.95
C ASN E 314 1.59 51.52 8.81
N THR E 315 2.63 52.05 8.16
CA THR E 315 3.19 51.40 6.98
C THR E 315 3.91 50.11 7.32
N THR E 316 4.76 50.14 8.36
CA THR E 316 5.58 48.98 8.68
C THR E 316 4.72 47.80 9.14
N ASN E 317 3.63 48.09 9.87
CA ASN E 317 2.74 47.03 10.30
C ASN E 317 2.10 46.33 9.12
N LYS E 318 1.56 47.11 8.17
CA LYS E 318 0.93 46.51 6.99
C LYS E 318 1.94 45.77 6.14
N SER E 319 3.17 46.28 6.06
CA SER E 319 4.21 45.62 5.28
C SER E 319 4.55 44.26 5.88
N SER E 320 4.80 44.22 7.19
CA SER E 320 5.10 42.93 7.82
C SER E 320 3.89 41.99 7.75
N ILE E 321 2.68 42.55 7.80
CA ILE E 321 1.48 41.73 7.68
C ILE E 321 1.42 41.07 6.31
N ILE E 322 1.68 41.84 5.25
CA ILE E 322 1.59 41.28 3.90
C ILE E 322 2.73 40.28 3.68
N GLU E 323 3.88 40.51 4.31
CA GLU E 323 4.97 39.55 4.21
C GLU E 323 4.62 38.23 4.87
N TYR E 324 4.10 38.28 6.11
CA TYR E 324 3.69 37.06 6.79
C TYR E 324 2.55 36.36 6.04
N SER E 325 1.66 37.14 5.41
CA SER E 325 0.58 36.53 4.64
C SER E 325 1.12 35.78 3.43
N SER E 326 2.08 36.38 2.72
CA SER E 326 2.69 35.68 1.59
C SER E 326 3.39 34.41 2.05
N VAL E 327 4.08 34.47 3.19
CA VAL E 327 4.78 33.30 3.70
C VAL E 327 3.79 32.19 4.03
N PHE E 328 2.73 32.52 4.77
CA PHE E 328 1.78 31.48 5.18
C PHE E 328 0.89 31.04 4.03
N ASP E 329 0.80 31.84 2.98
CA ASP E 329 0.09 31.41 1.78
C ASP E 329 0.93 30.42 1.00
N GLU E 330 2.24 30.65 0.91
CA GLU E 330 3.13 29.64 0.37
C GLU E 330 3.05 28.35 1.18
N ARG E 331 3.01 28.47 2.50
CA ARG E 331 2.93 27.29 3.35
C ARG E 331 1.57 26.60 3.26
N LEU E 332 0.52 27.34 2.88
CA LEU E 332 -0.82 26.77 2.83
C LEU E 332 -1.01 25.82 1.66
N SER E 333 -0.34 26.06 0.54
CA SER E 333 -0.47 25.21 -0.64
C SER E 333 0.41 23.97 -0.57
N LEU E 334 1.20 23.82 0.50
CA LEU E 334 2.07 22.67 0.66
C LEU E 334 1.70 21.83 1.88
N GLY E 335 0.49 22.01 2.42
CA GLY E 335 0.05 21.27 3.57
C GLY E 335 -1.39 20.83 3.43
N ASN E 336 -1.84 20.04 4.40
CA ASN E 336 -3.21 19.53 4.42
C ASN E 336 -4.03 20.10 5.57
N LYS E 337 -3.46 20.14 6.78
CA LYS E 337 -4.13 20.73 7.92
C LYS E 337 -4.01 22.24 7.82
N ALA E 338 -5.07 22.90 7.35
CA ALA E 338 -5.00 24.33 7.07
C ALA E 338 -5.03 25.16 8.34
N ILE E 339 -5.74 24.68 9.36
CA ILE E 339 -5.79 25.40 10.63
C ILE E 339 -4.40 25.52 11.23
N PHE E 340 -3.55 24.52 11.01
CA PHE E 340 -2.18 24.56 11.53
C PHE E 340 -1.41 25.76 11.01
N HIS E 341 -1.74 26.23 9.80
CA HIS E 341 -1.08 27.38 9.21
C HIS E 341 -1.82 28.67 9.53
N LEU E 342 -3.15 28.60 9.59
CA LEU E 342 -3.94 29.81 9.88
C LEU E 342 -3.70 30.30 11.31
N GLU E 343 -3.64 29.38 12.27
CA GLU E 343 -3.34 29.75 13.64
C GLU E 343 -1.94 30.37 13.74
N GLY E 344 -0.98 29.82 13.01
CA GLY E 344 0.36 30.39 13.01
C GLY E 344 0.38 31.79 12.42
N PHE E 345 -0.35 32.01 11.34
CA PHE E 345 -0.41 33.34 10.74
C PHE E 345 -1.06 34.34 11.70
N ILE E 346 -2.12 33.91 12.40
CA ILE E 346 -2.77 34.80 13.35
C ILE E 346 -1.83 35.13 14.51
N ALA E 347 -1.10 34.14 15.00
CA ALA E 347 -0.14 34.39 16.08
C ALA E 347 0.96 35.33 15.61
N LYS E 348 1.42 35.18 14.38
CA LYS E 348 2.43 36.07 13.83
C LYS E 348 1.93 37.49 13.68
N VAL E 349 0.69 37.68 13.21
CA VAL E 349 0.17 39.04 13.06
C VAL E 349 -0.08 39.66 14.43
N MET E 350 -0.43 38.83 15.43
CA MET E 350 -0.57 39.34 16.79
C MET E 350 0.76 39.79 17.37
N CYS E 351 1.82 39.00 17.14
CA CYS E 351 3.15 39.40 17.59
C CYS E 351 3.65 40.62 16.84
N CYS E 352 3.24 40.79 15.58
CA CYS E 352 3.64 41.94 14.79
C CYS E 352 2.96 43.22 15.28
N LEU E 353 1.65 43.17 15.49
CA LEU E 353 0.92 44.37 15.87
C LEU E 353 1.41 44.94 17.19
N ASP E 354 1.90 44.09 18.08
CA ASP E 354 2.47 44.55 19.34
C ASP E 354 3.40 43.49 19.95
N MET F 6 12.31 -24.73 -40.07
CA MET F 6 10.92 -25.11 -39.84
C MET F 6 10.80 -26.15 -38.74
N LEU F 7 9.58 -26.29 -38.21
CA LEU F 7 9.30 -27.30 -37.19
C LEU F 7 7.80 -27.53 -37.16
N GLU F 8 7.38 -28.77 -37.42
CA GLU F 8 5.97 -29.12 -37.43
C GLU F 8 5.77 -30.38 -36.61
N ALA F 9 5.00 -30.28 -35.53
CA ALA F 9 4.73 -31.41 -34.64
C ALA F 9 3.23 -31.54 -34.47
N LYS F 10 2.63 -32.54 -35.11
CA LYS F 10 1.19 -32.78 -35.05
C LYS F 10 0.94 -33.93 -34.08
N PHE F 11 0.23 -33.65 -33.01
CA PHE F 11 -0.11 -34.67 -32.03
C PHE F 11 -1.24 -35.57 -32.54
N GLU F 12 -1.40 -36.72 -31.89
CA GLU F 12 -2.53 -37.59 -32.21
C GLU F 12 -3.82 -37.09 -31.55
N GLU F 13 -3.73 -36.59 -30.31
CA GLU F 13 -4.89 -36.05 -29.63
C GLU F 13 -4.60 -34.63 -29.14
N ALA F 14 -5.49 -34.07 -28.34
CA ALA F 14 -5.35 -32.71 -27.82
C ALA F 14 -5.04 -32.67 -26.33
N SER F 15 -5.74 -33.47 -25.53
CA SER F 15 -5.54 -33.45 -24.08
C SER F 15 -4.22 -34.05 -23.65
N LEU F 16 -3.46 -34.66 -24.57
CA LEU F 16 -2.18 -35.24 -24.21
C LEU F 16 -1.21 -34.16 -23.72
N PHE F 17 -1.03 -33.10 -24.50
CA PHE F 17 -0.15 -32.01 -24.10
C PHE F 17 -0.67 -31.30 -22.86
N LYS F 18 -2.00 -31.19 -22.71
CA LYS F 18 -2.56 -30.58 -21.52
C LYS F 18 -2.21 -31.37 -20.27
N ARG F 19 -2.42 -32.69 -20.31
CA ARG F 19 -2.07 -33.52 -19.16
C ARG F 19 -0.56 -33.53 -18.91
N ILE F 20 0.23 -33.44 -19.99
CA ILE F 20 1.68 -33.40 -19.83
C ILE F 20 2.12 -32.13 -19.12
N ILE F 21 1.56 -30.98 -19.50
CA ILE F 21 1.93 -29.72 -18.87
C ILE F 21 1.38 -29.65 -17.45
N ASP F 22 0.22 -30.27 -17.19
CA ASP F 22 -0.38 -30.22 -15.86
C ASP F 22 0.46 -30.90 -14.79
N GLY F 23 1.49 -31.66 -15.17
CA GLY F 23 2.33 -32.30 -14.18
C GLY F 23 3.15 -31.30 -13.38
N PHE F 24 3.71 -30.31 -14.07
CA PHE F 24 4.54 -29.27 -13.45
C PHE F 24 3.97 -27.89 -13.74
N LYS F 25 2.64 -27.78 -13.65
CA LYS F 25 1.96 -26.51 -13.94
C LYS F 25 2.37 -25.44 -12.94
N ASP F 26 2.14 -25.69 -11.66
CA ASP F 26 2.41 -24.73 -10.59
C ASP F 26 3.73 -25.02 -9.88
N CYS F 27 4.63 -25.75 -10.54
CA CYS F 27 5.93 -26.06 -9.98
C CYS F 27 7.07 -25.24 -10.59
N VAL F 28 7.03 -25.00 -11.90
CA VAL F 28 8.03 -24.19 -12.58
C VAL F 28 7.28 -23.13 -13.37
N GLN F 29 7.97 -22.03 -13.67
CA GLN F 29 7.38 -20.91 -14.37
C GLN F 29 7.87 -20.78 -15.81
N LEU F 30 9.17 -20.89 -16.04
CA LEU F 30 9.75 -20.67 -17.36
C LEU F 30 10.48 -21.94 -17.83
N VAL F 31 10.12 -22.44 -19.00
CA VAL F 31 10.74 -23.62 -19.57
C VAL F 31 11.33 -23.27 -20.93
N ASN F 32 12.07 -24.21 -21.52
CA ASN F 32 12.70 -24.04 -22.83
C ASN F 32 12.74 -25.41 -23.54
N PHE F 33 11.86 -25.58 -24.52
CA PHE F 33 11.80 -26.82 -25.27
C PHE F 33 12.85 -26.83 -26.38
N GLN F 34 13.67 -27.87 -26.40
CA GLN F 34 14.60 -28.11 -27.50
C GLN F 34 14.01 -29.20 -28.40
N CYS F 35 13.79 -28.86 -29.66
CA CYS F 35 13.22 -29.77 -30.65
C CYS F 35 14.33 -30.21 -31.60
N LYS F 36 14.53 -31.52 -31.71
CA LYS F 36 15.51 -32.08 -32.63
C LYS F 36 14.87 -33.22 -33.43
N GLU F 37 15.70 -33.97 -34.17
CA GLU F 37 15.16 -35.09 -34.94
C GLU F 37 14.74 -36.24 -34.04
N ASP F 38 15.25 -36.29 -32.80
CA ASP F 38 14.90 -37.37 -31.88
C ASP F 38 13.57 -37.12 -31.19
N GLY F 39 13.27 -35.86 -30.86
CA GLY F 39 12.05 -35.53 -30.16
C GLY F 39 12.16 -34.25 -29.36
N ILE F 40 11.15 -33.96 -28.54
CA ILE F 40 11.15 -32.73 -27.76
C ILE F 40 11.72 -33.02 -26.37
N ILE F 41 12.77 -32.29 -26.00
CA ILE F 41 13.36 -32.40 -24.67
C ILE F 41 13.18 -31.04 -23.99
N ALA F 42 13.18 -31.06 -22.65
CA ALA F 42 13.03 -29.84 -21.89
C ALA F 42 13.56 -30.05 -20.49
N GLN F 43 14.13 -28.98 -19.93
CA GLN F 43 14.57 -29.00 -18.54
C GLN F 43 14.49 -27.59 -17.98
N ALA F 44 13.93 -27.47 -16.78
CA ALA F 44 13.64 -26.17 -16.19
C ALA F 44 13.87 -26.21 -14.69
N VAL F 45 14.50 -25.18 -14.16
CA VAL F 45 14.83 -25.10 -12.74
C VAL F 45 13.71 -24.36 -12.01
N ASP F 46 13.49 -24.74 -10.76
CA ASP F 46 12.47 -24.10 -9.94
C ASP F 46 12.89 -22.66 -9.62
N ASP F 47 11.92 -21.88 -9.13
CA ASP F 47 12.19 -20.49 -8.77
C ASP F 47 13.24 -20.40 -7.67
N SER F 48 13.23 -21.34 -6.73
CA SER F 48 14.17 -21.35 -5.62
C SER F 48 15.41 -22.19 -5.90
N ARG F 49 15.52 -22.73 -7.11
CA ARG F 49 16.67 -23.54 -7.52
C ARG F 49 16.92 -24.69 -6.56
N VAL F 50 15.89 -25.51 -6.39
CA VAL F 50 15.93 -26.69 -5.52
C VAL F 50 15.65 -27.97 -6.30
N LEU F 51 14.64 -27.94 -7.17
CA LEU F 51 14.27 -29.08 -8.00
C LEU F 51 14.31 -28.68 -9.47
N LEU F 52 14.47 -29.67 -10.34
CA LEU F 52 14.52 -29.44 -11.77
C LEU F 52 13.60 -30.43 -12.48
N VAL F 53 12.75 -29.92 -13.35
CA VAL F 53 11.85 -30.76 -14.14
C VAL F 53 12.50 -31.05 -15.48
N SER F 54 12.54 -32.33 -15.85
CA SER F 54 13.14 -32.75 -17.12
C SER F 54 12.17 -33.66 -17.84
N LEU F 55 11.73 -33.24 -19.03
CA LEU F 55 10.75 -33.96 -19.81
C LEU F 55 11.35 -34.38 -21.14
N GLU F 56 11.11 -35.63 -21.54
CA GLU F 56 11.55 -36.12 -22.85
C GLU F 56 10.40 -36.85 -23.51
N ILE F 57 9.97 -36.36 -24.67
CA ILE F 57 8.89 -36.96 -25.44
C ILE F 57 9.40 -37.23 -26.85
N GLY F 58 9.46 -38.51 -27.21
CA GLY F 58 9.97 -38.90 -28.51
C GLY F 58 9.00 -38.64 -29.64
N VAL F 59 9.23 -39.27 -30.79
CA VAL F 59 8.39 -39.07 -31.96
C VAL F 59 7.28 -40.11 -31.98
N GLU F 60 7.12 -40.84 -30.88
CA GLU F 60 6.11 -41.87 -30.78
C GLU F 60 4.73 -41.31 -30.45
N ALA F 61 4.67 -40.30 -29.58
CA ALA F 61 3.41 -39.68 -29.22
C ALA F 61 2.87 -38.74 -30.30
N PHE F 62 3.72 -38.28 -31.21
CA PHE F 62 3.31 -37.38 -32.27
C PHE F 62 2.74 -38.16 -33.45
N GLN F 63 1.62 -37.66 -33.99
CA GLN F 63 1.10 -38.23 -35.23
C GLN F 63 2.01 -37.91 -36.40
N GLU F 64 2.59 -36.71 -36.43
CA GLU F 64 3.52 -36.30 -37.46
C GLU F 64 4.62 -35.46 -36.84
N TYR F 65 5.85 -35.62 -37.34
CA TYR F 65 6.97 -34.88 -36.80
C TYR F 65 7.93 -34.52 -37.93
N ARG F 66 8.33 -33.26 -37.99
CA ARG F 66 9.28 -32.80 -38.99
C ARG F 66 10.09 -31.66 -38.41
N CYS F 67 11.39 -31.88 -38.25
CA CYS F 67 12.32 -30.88 -37.72
C CYS F 67 13.65 -31.05 -38.43
N ASP F 68 14.08 -30.00 -39.15
CA ASP F 68 15.31 -30.09 -39.94
C ASP F 68 16.54 -29.89 -39.08
N HIS F 69 16.62 -28.78 -38.35
CA HIS F 69 17.75 -28.44 -37.50
C HIS F 69 17.29 -28.26 -36.07
N PRO F 70 18.17 -28.51 -35.10
CA PRO F 70 17.78 -28.37 -33.69
C PRO F 70 17.40 -26.94 -33.35
N VAL F 71 16.20 -26.76 -32.83
CA VAL F 71 15.66 -25.45 -32.48
C VAL F 71 15.43 -25.39 -30.98
N THR F 72 15.56 -24.19 -30.42
CA THR F 72 15.30 -23.95 -29.00
C THR F 72 14.20 -22.90 -28.89
N LEU F 73 13.23 -23.16 -28.02
CA LEU F 73 12.04 -22.33 -27.90
C LEU F 73 11.77 -22.11 -26.43
N GLY F 74 12.07 -20.92 -25.93
CA GLY F 74 11.81 -20.61 -24.54
C GLY F 74 10.48 -19.92 -24.33
N MET F 75 9.79 -20.28 -23.25
CA MET F 75 8.46 -19.73 -23.00
C MET F 75 8.10 -19.94 -21.54
N ASP F 76 7.21 -19.09 -21.05
CA ASP F 76 6.68 -19.23 -19.70
C ASP F 76 5.53 -20.23 -19.68
N LEU F 77 5.32 -20.85 -18.52
CA LEU F 77 4.28 -21.87 -18.43
C LEU F 77 2.90 -21.29 -18.19
N THR F 78 2.80 -20.08 -17.63
CA THR F 78 1.50 -19.48 -17.38
C THR F 78 0.78 -19.17 -18.69
N SER F 79 1.44 -18.47 -19.61
CA SER F 79 0.83 -18.17 -20.90
C SER F 79 0.60 -19.45 -21.71
N LEU F 80 1.50 -20.42 -21.60
CA LEU F 80 1.31 -21.69 -22.29
C LEU F 80 0.06 -22.40 -21.79
N SER F 81 -0.16 -22.38 -20.48
CA SER F 81 -1.37 -23.00 -19.93
C SER F 81 -2.61 -22.21 -20.32
N LYS F 82 -2.49 -20.89 -20.40
CA LYS F 82 -3.61 -20.08 -20.89
C LYS F 82 -3.97 -20.45 -22.32
N ILE F 83 -2.95 -20.72 -23.16
CA ILE F 83 -3.22 -21.08 -24.54
C ILE F 83 -3.80 -22.49 -24.64
N LEU F 84 -3.31 -23.41 -23.82
CA LEU F 84 -3.85 -24.77 -23.84
C LEU F 84 -5.25 -24.85 -23.26
N ARG F 85 -5.62 -23.91 -22.39
CA ARG F 85 -6.96 -23.97 -21.79
C ARG F 85 -8.03 -23.50 -22.76
N CYS F 86 -7.70 -22.53 -23.63
CA CYS F 86 -8.68 -22.01 -24.58
C CYS F 86 -8.85 -22.90 -25.80
N GLY F 87 -8.35 -24.13 -25.78
CA GLY F 87 -8.53 -25.08 -26.86
C GLY F 87 -9.42 -26.23 -26.43
N ASN F 88 -10.33 -26.63 -27.31
CA ASN F 88 -11.22 -27.75 -27.00
C ASN F 88 -10.46 -29.06 -27.07
N ASN F 89 -10.78 -29.97 -26.16
CA ASN F 89 -10.05 -31.23 -26.02
C ASN F 89 -10.32 -32.22 -27.14
N THR F 90 -11.12 -31.86 -28.14
CA THR F 90 -11.44 -32.77 -29.24
C THR F 90 -10.76 -32.40 -30.55
N ASP F 91 -9.97 -31.33 -30.57
CA ASP F 91 -9.28 -30.90 -31.78
C ASP F 91 -7.98 -31.69 -31.94
N THR F 92 -7.22 -31.34 -32.98
CA THR F 92 -5.87 -31.83 -33.20
C THR F 92 -4.91 -30.67 -33.06
N LEU F 93 -3.86 -30.88 -32.27
CA LEU F 93 -2.89 -29.84 -31.97
C LEU F 93 -1.65 -29.97 -32.83
N THR F 94 -1.15 -28.83 -33.32
CA THR F 94 0.07 -28.81 -34.12
C THR F 94 0.93 -27.65 -33.61
N LEU F 95 2.16 -27.96 -33.23
CA LEU F 95 3.16 -26.93 -32.93
C LEU F 95 3.91 -26.58 -34.21
N ILE F 96 4.02 -25.28 -34.49
CA ILE F 96 4.65 -24.80 -35.72
C ILE F 96 5.69 -23.75 -35.34
N ALA F 97 6.88 -23.87 -35.93
CA ALA F 97 7.95 -22.90 -35.75
C ALA F 97 8.59 -22.61 -37.09
N ASP F 98 8.95 -21.35 -37.32
CA ASP F 98 9.51 -20.92 -38.59
C ASP F 98 11.00 -21.29 -38.63
N ASN F 99 11.71 -20.74 -39.63
CA ASN F 99 13.14 -21.01 -39.76
C ASN F 99 13.90 -20.51 -38.54
N THR F 100 13.81 -19.19 -38.28
CA THR F 100 14.42 -18.65 -37.08
C THR F 100 13.46 -18.75 -35.91
N PRO F 101 13.98 -18.95 -34.69
CA PRO F 101 13.08 -19.12 -33.54
C PRO F 101 12.32 -17.85 -33.20
N ASP F 102 11.02 -17.85 -33.49
CA ASP F 102 10.14 -16.73 -33.21
C ASP F 102 8.90 -17.26 -32.47
N SER F 103 7.89 -16.40 -32.34
CA SER F 103 6.62 -16.76 -31.72
C SER F 103 6.11 -18.11 -32.23
N ILE F 104 5.98 -19.06 -31.31
CA ILE F 104 5.54 -20.40 -31.69
C ILE F 104 4.04 -20.38 -31.98
N ILE F 105 3.62 -21.16 -32.98
CA ILE F 105 2.24 -21.17 -33.43
C ILE F 105 1.60 -22.47 -32.96
N LEU F 106 0.63 -22.36 -32.06
CA LEU F 106 -0.18 -23.50 -31.66
C LEU F 106 -1.47 -23.49 -32.47
N LEU F 107 -1.72 -24.59 -33.19
CA LEU F 107 -2.85 -24.64 -34.10
C LEU F 107 -3.77 -25.79 -33.72
N PHE F 108 -5.02 -25.46 -33.43
CA PHE F 108 -6.06 -26.44 -33.13
C PHE F 108 -6.95 -26.58 -34.36
N GLU F 109 -7.11 -27.82 -34.83
CA GLU F 109 -7.94 -28.10 -36.01
C GLU F 109 -8.85 -29.27 -35.68
N ASP F 110 -10.15 -29.02 -35.69
CA ASP F 110 -11.12 -30.08 -35.44
C ASP F 110 -11.09 -31.12 -36.56
N THR F 111 -11.62 -32.30 -36.27
CA THR F 111 -11.61 -33.40 -37.22
C THR F 111 -12.88 -33.51 -38.04
N LYS F 112 -13.96 -32.85 -37.62
CA LYS F 112 -15.23 -32.90 -38.35
C LYS F 112 -15.60 -31.58 -39.00
N LYS F 113 -15.65 -30.49 -38.25
CA LYS F 113 -15.96 -29.17 -38.78
C LYS F 113 -14.70 -28.34 -38.84
N ASP F 114 -14.61 -27.48 -39.85
CA ASP F 114 -13.43 -26.64 -40.06
C ASP F 114 -13.37 -25.55 -39.00
N ARG F 115 -12.54 -25.76 -37.98
CA ARG F 115 -12.28 -24.75 -36.94
C ARG F 115 -10.78 -24.60 -36.80
N ILE F 116 -10.24 -23.53 -37.36
CA ILE F 116 -8.81 -23.25 -37.32
C ILE F 116 -8.56 -22.25 -36.20
N ALA F 117 -7.98 -22.71 -35.09
CA ALA F 117 -7.64 -21.84 -33.97
C ALA F 117 -6.12 -21.70 -33.95
N GLU F 118 -5.63 -20.56 -34.43
CA GLU F 118 -4.20 -20.30 -34.56
C GLU F 118 -3.79 -19.28 -33.51
N TYR F 119 -3.12 -19.75 -32.46
CA TYR F 119 -2.63 -18.87 -31.41
C TYR F 119 -1.12 -18.73 -31.52
N SER F 120 -0.63 -17.53 -31.21
CA SER F 120 0.80 -17.27 -31.20
C SER F 120 1.28 -17.10 -29.76
N LEU F 121 2.54 -17.48 -29.53
CA LEU F 121 3.13 -17.34 -28.22
C LEU F 121 4.53 -16.76 -28.39
N LYS F 122 4.73 -15.53 -27.91
CA LYS F 122 6.02 -14.88 -28.04
C LYS F 122 7.05 -15.52 -27.13
N LEU F 123 8.20 -15.86 -27.69
CA LEU F 123 9.22 -16.58 -26.94
C LEU F 123 9.94 -15.65 -25.96
N MET F 124 10.38 -16.25 -24.86
CA MET F 124 11.31 -15.58 -23.97
C MET F 124 12.74 -15.92 -24.36
N ASP F 125 13.66 -15.04 -23.98
CA ASP F 125 15.09 -15.23 -24.25
C ASP F 125 15.73 -15.83 -23.00
N ILE F 126 15.60 -17.14 -22.86
CA ILE F 126 16.21 -17.86 -21.75
C ILE F 126 17.62 -18.28 -22.14
N ASP F 127 18.57 -18.04 -21.25
CA ASP F 127 19.95 -18.45 -21.48
C ASP F 127 20.00 -19.97 -21.65
N ALA F 128 20.65 -20.43 -22.73
CA ALA F 128 20.69 -21.84 -23.03
C ALA F 128 21.75 -22.57 -22.22
N ASP F 129 21.53 -22.69 -20.91
CA ASP F 129 22.44 -23.46 -20.05
C ASP F 129 21.93 -24.91 -19.96
N PHE F 130 22.05 -25.61 -21.08
CA PHE F 130 21.56 -26.99 -21.16
C PHE F 130 22.36 -27.87 -20.21
N LEU F 131 21.64 -28.60 -19.36
CA LEU F 131 22.24 -29.39 -18.29
C LEU F 131 22.24 -30.87 -18.63
N LYS F 132 23.26 -31.57 -18.14
CA LYS F 132 23.48 -32.99 -18.41
C LYS F 132 23.60 -33.74 -17.08
N ILE F 133 22.48 -34.29 -16.62
CA ILE F 133 22.41 -35.12 -15.43
C ILE F 133 21.89 -36.48 -15.90
N GLU F 134 21.68 -37.42 -14.96
CA GLU F 134 21.19 -38.79 -15.18
C GLU F 134 22.30 -39.72 -15.67
N GLU F 135 23.55 -39.28 -15.64
CA GLU F 135 24.69 -40.15 -15.92
C GLU F 135 25.42 -40.58 -14.67
N LEU F 136 24.87 -40.28 -13.49
CA LEU F 136 25.51 -40.57 -12.21
C LEU F 136 24.94 -41.88 -11.67
N GLN F 137 25.83 -42.80 -11.28
CA GLN F 137 25.41 -44.08 -10.75
C GLN F 137 24.74 -43.91 -9.40
N TYR F 138 23.47 -44.29 -9.32
CA TYR F 138 22.69 -44.14 -8.11
C TYR F 138 22.92 -45.32 -7.17
N ASP F 139 22.90 -45.04 -5.86
CA ASP F 139 23.13 -46.10 -4.88
C ASP F 139 21.93 -47.02 -4.75
N SER F 140 20.72 -46.46 -4.73
CA SER F 140 19.52 -47.26 -4.54
C SER F 140 18.47 -46.87 -5.58
N THR F 141 17.78 -47.87 -6.11
CA THR F 141 16.68 -47.66 -7.05
C THR F 141 15.47 -48.43 -6.56
N LEU F 142 14.28 -47.86 -6.77
CA LEU F 142 13.06 -48.53 -6.37
C LEU F 142 11.93 -48.08 -7.27
N SER F 143 10.83 -48.83 -7.24
CA SER F 143 9.66 -48.52 -8.05
C SER F 143 8.42 -49.01 -7.30
N LEU F 144 7.39 -48.18 -7.26
CA LEU F 144 6.19 -48.52 -6.51
C LEU F 144 5.00 -47.77 -7.10
N PRO F 145 3.78 -48.25 -6.87
CA PRO F 145 2.61 -47.61 -7.47
C PRO F 145 2.46 -46.15 -7.05
N SER F 146 1.94 -45.33 -7.96
CA SER F 146 1.81 -43.90 -7.70
C SER F 146 0.80 -43.61 -6.60
N SER F 147 -0.28 -44.40 -6.54
CA SER F 147 -1.32 -44.15 -5.55
C SER F 147 -0.78 -44.31 -4.13
N GLU F 148 0.02 -45.36 -3.90
CA GLU F 148 0.57 -45.57 -2.57
C GLU F 148 1.52 -44.45 -2.18
N PHE F 149 2.38 -44.03 -3.09
CA PHE F 149 3.31 -42.93 -2.81
C PHE F 149 2.55 -41.65 -2.49
N SER F 150 1.54 -41.33 -3.30
CA SER F 150 0.76 -40.12 -3.06
C SER F 150 0.07 -40.18 -1.70
N LYS F 151 -0.56 -41.31 -1.39
CA LYS F 151 -1.23 -41.47 -0.10
C LYS F 151 -0.25 -41.27 1.05
N ILE F 152 0.89 -41.95 0.99
CA ILE F 152 1.86 -41.89 2.08
C ILE F 152 2.37 -40.45 2.26
N VAL F 153 2.69 -39.78 1.15
CA VAL F 153 3.30 -38.46 1.26
C VAL F 153 2.29 -37.43 1.73
N ARG F 154 1.05 -37.50 1.26
CA ARG F 154 0.07 -36.50 1.66
C ARG F 154 -0.54 -36.85 3.02
N ASP F 155 -0.26 -38.05 3.53
CA ASP F 155 -0.63 -38.35 4.91
C ASP F 155 0.47 -37.88 5.87
N LEU F 156 1.73 -38.01 5.45
CA LEU F 156 2.83 -37.57 6.30
C LEU F 156 3.02 -36.06 6.27
N SER F 157 2.54 -35.39 5.22
CA SER F 157 2.69 -33.95 5.14
C SER F 157 1.84 -33.20 6.16
N GLN F 158 0.83 -33.85 6.75
CA GLN F 158 -0.01 -33.18 7.74
C GLN F 158 0.63 -33.14 9.12
N LEU F 159 1.76 -33.82 9.32
CA LEU F 159 2.40 -33.89 10.62
C LEU F 159 3.67 -33.05 10.70
N SER F 160 4.25 -32.66 9.57
CA SER F 160 5.51 -31.94 9.57
C SER F 160 5.71 -31.31 8.19
N ASP F 161 6.89 -30.72 8.01
CA ASP F 161 7.29 -30.18 6.72
C ASP F 161 8.49 -30.89 6.12
N SER F 162 9.09 -31.83 6.85
CA SER F 162 10.22 -32.61 6.36
C SER F 162 9.88 -34.09 6.40
N ILE F 163 10.42 -34.84 5.43
CA ILE F 163 10.18 -36.27 5.30
C ILE F 163 11.51 -36.96 5.08
N ASN F 164 11.85 -37.89 5.96
CA ASN F 164 13.10 -38.65 5.85
C ASN F 164 12.82 -39.98 5.17
N ILE F 165 13.48 -40.21 4.04
CA ILE F 165 13.42 -41.48 3.34
C ILE F 165 14.66 -42.28 3.70
N MET F 166 14.45 -43.51 4.16
CA MET F 166 15.54 -44.39 4.57
C MET F 166 15.38 -45.72 3.85
N ILE F 167 16.34 -46.04 2.98
CA ILE F 167 16.38 -47.33 2.30
C ILE F 167 17.42 -48.19 3.00
N THR F 168 16.95 -49.23 3.69
CA THR F 168 17.78 -50.18 4.41
C THR F 168 17.52 -51.56 3.79
N LYS F 169 18.09 -52.60 4.40
CA LYS F 169 18.16 -53.93 3.79
C LYS F 169 16.74 -54.45 3.59
N GLU F 170 16.30 -54.47 2.33
CA GLU F 170 14.93 -54.85 1.95
C GLU F 170 13.86 -54.11 2.75
N THR F 171 14.11 -52.85 3.09
CA THR F 171 13.12 -52.04 3.82
C THR F 171 13.15 -50.61 3.30
N ILE F 172 11.96 -50.06 3.05
CA ILE F 172 11.79 -48.64 2.73
C ILE F 172 11.03 -47.99 3.87
N LYS F 173 11.53 -46.86 4.35
CA LYS F 173 10.94 -46.21 5.52
C LYS F 173 10.75 -44.72 5.23
N PHE F 174 9.51 -44.26 5.31
CA PHE F 174 9.17 -42.85 5.25
C PHE F 174 8.85 -42.39 6.65
N VAL F 175 9.60 -41.40 7.15
CA VAL F 175 9.46 -40.94 8.53
C VAL F 175 9.16 -39.45 8.50
N ALA F 176 8.05 -39.06 9.13
CA ALA F 176 7.71 -37.66 9.33
C ALA F 176 7.78 -37.34 10.81
N ASP F 177 8.51 -36.29 11.15
CA ASP F 177 8.69 -35.85 12.54
C ASP F 177 8.38 -34.37 12.61
N GLY F 178 7.34 -34.02 13.38
CA GLY F 178 6.92 -32.64 13.48
C GLY F 178 6.75 -32.16 14.92
N ASP F 179 5.72 -31.34 15.15
CA ASP F 179 5.45 -30.79 16.47
C ASP F 179 4.34 -31.54 17.18
N ILE F 180 3.24 -31.84 16.48
CA ILE F 180 2.13 -32.54 17.10
C ILE F 180 2.37 -34.04 17.25
N GLY F 181 3.29 -34.61 16.48
CA GLY F 181 3.55 -36.04 16.59
C GLY F 181 4.54 -36.49 15.54
N SER F 182 4.49 -37.79 15.25
CA SER F 182 5.39 -38.38 14.26
C SER F 182 4.64 -39.47 13.52
N GLY F 183 5.29 -40.05 12.51
CA GLY F 183 4.71 -41.11 11.71
C GLY F 183 5.77 -41.87 10.93
N SER F 184 5.61 -43.18 10.83
CA SER F 184 6.60 -44.03 10.18
C SER F 184 5.88 -45.07 9.33
N VAL F 185 6.09 -45.04 8.02
CA VAL F 185 5.54 -46.03 7.11
C VAL F 185 6.69 -46.88 6.58
N ILE F 186 6.65 -48.18 6.86
CA ILE F 186 7.69 -49.12 6.48
C ILE F 186 7.10 -50.13 5.52
N ILE F 187 7.65 -50.21 4.32
CA ILE F 187 7.21 -51.17 3.33
C ILE F 187 8.38 -52.07 2.95
N LYS F 188 8.04 -53.23 2.39
CA LYS F 188 8.99 -54.26 2.00
C LYS F 188 8.77 -54.66 0.55
N PRO F 189 9.84 -55.02 -0.16
CA PRO F 189 9.68 -55.41 -1.56
C PRO F 189 8.96 -56.75 -1.69
N PHE F 190 7.95 -56.78 -2.57
CA PHE F 190 7.22 -58.00 -2.86
C PHE F 190 6.59 -57.86 -4.25
N VAL F 191 6.55 -58.96 -4.99
CA VAL F 191 6.06 -58.97 -6.36
C VAL F 191 4.91 -59.95 -6.46
N ASP F 192 3.82 -59.54 -7.11
CA ASP F 192 2.69 -60.42 -7.34
C ASP F 192 2.59 -60.81 -8.82
N MET F 193 2.13 -62.04 -9.06
CA MET F 193 1.96 -62.54 -10.41
C MET F 193 0.63 -62.15 -11.03
N GLU F 194 -0.44 -62.09 -10.23
CA GLU F 194 -1.74 -61.72 -10.77
C GLU F 194 -1.83 -60.23 -11.09
N HIS F 195 -1.14 -59.39 -10.31
CA HIS F 195 -1.14 -57.95 -10.51
C HIS F 195 0.29 -57.46 -10.57
N PRO F 196 0.91 -57.45 -11.75
CA PRO F 196 2.30 -57.00 -11.88
C PRO F 196 2.49 -55.52 -11.64
N GLU F 197 1.42 -54.72 -11.58
CA GLU F 197 1.54 -53.28 -11.40
C GLU F 197 1.59 -52.86 -9.93
N THR F 198 1.12 -53.70 -9.02
CA THR F 198 1.12 -53.39 -7.60
C THR F 198 2.44 -53.76 -6.93
N SER F 199 3.35 -54.42 -7.64
CA SER F 199 4.60 -54.86 -7.06
C SER F 199 5.52 -53.68 -6.79
N ILE F 200 6.23 -53.75 -5.66
CA ILE F 200 7.25 -52.77 -5.30
C ILE F 200 8.62 -53.41 -5.48
N LYS F 201 9.44 -52.82 -6.35
CA LYS F 201 10.75 -53.36 -6.66
C LYS F 201 11.83 -52.49 -6.00
N LEU F 202 12.90 -53.14 -5.55
CA LEU F 202 13.98 -52.46 -4.84
C LEU F 202 15.29 -53.12 -5.21
N GLU F 203 16.26 -52.30 -5.65
CA GLU F 203 17.63 -52.75 -5.90
C GLU F 203 18.57 -51.75 -5.24
N MET F 204 19.26 -52.19 -4.20
CA MET F 204 20.14 -51.33 -3.41
C MET F 204 21.57 -51.84 -3.46
N ASP F 205 22.51 -50.92 -3.20
CA ASP F 205 23.90 -51.27 -2.95
C ASP F 205 24.39 -50.82 -1.58
N GLN F 206 23.88 -49.70 -1.07
CA GLN F 206 24.23 -49.18 0.24
C GLN F 206 22.99 -48.58 0.86
N PRO F 207 22.81 -48.70 2.18
CA PRO F 207 21.66 -48.06 2.83
C PRO F 207 21.80 -46.54 2.78
N VAL F 208 20.70 -45.87 2.46
CA VAL F 208 20.72 -44.43 2.20
C VAL F 208 19.61 -43.77 3.01
N ASP F 209 19.96 -42.79 3.84
CA ASP F 209 19.00 -42.04 4.64
C ASP F 209 19.15 -40.56 4.33
N LEU F 210 18.07 -39.93 3.89
CA LEU F 210 18.14 -38.52 3.50
C LEU F 210 16.76 -37.89 3.56
N THR F 211 16.73 -36.58 3.79
CA THR F 211 15.51 -35.84 4.04
C THR F 211 15.14 -34.96 2.85
N PHE F 212 13.84 -34.66 2.75
CA PHE F 212 13.32 -33.75 1.75
C PHE F 212 12.24 -32.88 2.38
N GLY F 213 11.84 -31.84 1.66
CA GLY F 213 10.74 -31.02 2.11
C GLY F 213 9.39 -31.57 1.70
N ALA F 214 8.35 -31.14 2.41
CA ALA F 214 7.00 -31.62 2.15
C ALA F 214 6.33 -30.88 1.00
N LYS F 215 6.59 -29.58 0.85
CA LYS F 215 5.97 -28.81 -0.24
C LYS F 215 6.43 -29.33 -1.60
N TYR F 216 7.72 -29.60 -1.75
CA TYR F 216 8.25 -30.08 -3.02
C TYR F 216 7.71 -31.47 -3.34
N LEU F 217 7.57 -32.33 -2.32
CA LEU F 217 6.99 -33.64 -2.55
C LEU F 217 5.52 -33.54 -2.95
N LEU F 218 4.76 -32.65 -2.31
CA LEU F 218 3.37 -32.46 -2.68
C LEU F 218 3.23 -31.91 -4.09
N ASP F 219 4.17 -31.06 -4.52
CA ASP F 219 4.15 -30.57 -5.89
C ASP F 219 4.61 -31.62 -6.89
N ILE F 220 5.48 -32.54 -6.47
CA ILE F 220 5.97 -33.57 -7.38
C ILE F 220 4.90 -34.64 -7.61
N ILE F 221 4.20 -35.04 -6.55
CA ILE F 221 3.22 -36.11 -6.67
C ILE F 221 2.02 -35.71 -7.52
N LYS F 222 1.94 -34.44 -7.92
CA LYS F 222 0.88 -34.03 -8.84
C LYS F 222 1.03 -34.71 -10.19
N GLY F 223 2.25 -35.14 -10.53
CA GLY F 223 2.49 -35.86 -11.78
C GLY F 223 2.03 -37.29 -11.78
N SER F 224 1.41 -37.76 -10.70
CA SER F 224 0.92 -39.13 -10.63
C SER F 224 -0.27 -39.38 -11.55
N SER F 225 -0.85 -38.34 -12.15
CA SER F 225 -1.96 -38.53 -13.06
C SER F 225 -1.51 -39.01 -14.43
N LEU F 226 -0.20 -39.02 -14.70
CA LEU F 226 0.30 -39.45 -16.00
C LEU F 226 0.49 -40.97 -16.04
N SER F 227 1.29 -41.50 -15.11
CA SER F 227 1.59 -42.92 -15.05
C SER F 227 1.06 -43.50 -13.74
N ASP F 228 1.37 -44.78 -13.52
CA ASP F 228 0.94 -45.48 -12.31
C ASP F 228 2.08 -46.09 -11.51
N ARG F 229 3.28 -46.16 -12.06
CA ARG F 229 4.44 -46.77 -11.38
C ARG F 229 5.53 -45.71 -11.28
N VAL F 230 5.66 -45.11 -10.09
CA VAL F 230 6.67 -44.08 -9.87
C VAL F 230 8.00 -44.76 -9.53
N GLY F 231 9.07 -44.31 -10.19
CA GLY F 231 10.40 -44.76 -9.84
C GLY F 231 11.15 -43.73 -9.02
N ILE F 232 11.89 -44.21 -8.03
CA ILE F 232 12.64 -43.33 -7.12
C ILE F 232 14.08 -43.81 -7.10
N ARG F 233 15.01 -42.92 -7.47
CA ARG F 233 16.43 -43.20 -7.42
C ARG F 233 17.08 -42.29 -6.39
N LEU F 234 17.72 -42.89 -5.40
CA LEU F 234 18.33 -42.16 -4.30
C LEU F 234 19.81 -42.47 -4.21
N SER F 235 20.58 -41.46 -3.80
CA SER F 235 22.03 -41.59 -3.68
C SER F 235 22.54 -40.46 -2.81
N SER F 236 23.53 -40.78 -1.97
CA SER F 236 24.14 -39.78 -1.13
C SER F 236 24.95 -38.81 -1.98
N GLU F 237 24.81 -37.51 -1.71
CA GLU F 237 25.44 -36.44 -2.48
C GLU F 237 25.04 -36.56 -3.96
N ALA F 238 23.73 -36.50 -4.17
CA ALA F 238 23.12 -36.60 -5.49
C ALA F 238 21.65 -36.23 -5.38
N PRO F 239 21.10 -35.56 -6.39
CA PRO F 239 19.68 -35.21 -6.34
C PRO F 239 18.79 -36.45 -6.53
N ALA F 240 17.76 -36.54 -5.69
CA ALA F 240 16.81 -37.64 -5.79
C ALA F 240 16.03 -37.55 -7.10
N LEU F 241 15.86 -38.69 -7.76
CA LEU F 241 15.21 -38.76 -9.06
C LEU F 241 13.83 -39.38 -8.90
N PHE F 242 12.78 -38.61 -9.20
CA PHE F 242 11.40 -39.11 -9.18
C PHE F 242 10.93 -39.18 -10.63
N GLN F 243 10.79 -40.38 -11.16
CA GLN F 243 10.51 -40.59 -12.58
C GLN F 243 9.11 -41.13 -12.78
N PHE F 244 8.36 -40.49 -13.68
CA PHE F 244 7.10 -40.99 -14.20
C PHE F 244 7.30 -41.39 -15.65
N ASP F 245 6.98 -42.64 -15.98
CA ASP F 245 7.21 -43.19 -17.30
C ASP F 245 5.98 -42.97 -18.18
N LEU F 246 6.16 -42.22 -19.25
CA LEU F 246 5.10 -41.96 -20.22
C LEU F 246 5.11 -43.05 -21.29
N LYS F 247 4.09 -43.01 -22.16
CA LYS F 247 4.00 -44.00 -23.24
C LYS F 247 5.02 -43.74 -24.34
N SER F 248 5.61 -42.56 -24.40
CA SER F 248 6.63 -42.24 -25.41
C SER F 248 7.93 -41.78 -24.79
N GLY F 249 7.88 -40.99 -23.72
CA GLY F 249 9.07 -40.53 -23.05
C GLY F 249 8.97 -40.67 -21.54
N PHE F 250 9.49 -39.70 -20.81
CA PHE F 250 9.40 -39.75 -19.35
C PHE F 250 9.56 -38.34 -18.78
N LEU F 251 9.00 -38.15 -17.58
CA LEU F 251 9.06 -36.89 -16.86
C LEU F 251 9.72 -37.15 -15.51
N GLN F 252 10.86 -36.50 -15.28
CA GLN F 252 11.67 -36.77 -14.11
C GLN F 252 11.91 -35.49 -13.31
N PHE F 253 11.68 -35.55 -12.01
CA PHE F 253 11.96 -34.46 -11.10
C PHE F 253 13.25 -34.74 -10.35
N PHE F 254 14.16 -33.77 -10.36
CA PHE F 254 15.41 -33.85 -9.62
C PHE F 254 15.28 -32.97 -8.38
N LEU F 255 15.11 -33.61 -7.23
CA LEU F 255 14.92 -32.91 -5.97
C LEU F 255 16.22 -32.84 -5.18
N ALA F 256 16.42 -31.73 -4.48
CA ALA F 256 17.63 -31.60 -3.69
C ALA F 256 17.37 -31.98 -2.24
N PRO F 257 18.20 -32.84 -1.66
CA PRO F 257 17.96 -33.27 -0.28
C PRO F 257 18.32 -32.18 0.72
N LYS F 258 17.59 -32.17 1.83
CA LYS F 258 17.83 -31.22 2.91
C LYS F 258 18.87 -31.79 3.86
N PHE F 259 19.96 -31.04 4.06
CA PHE F 259 21.01 -31.51 4.95
C PHE F 259 20.60 -31.34 6.40
N ASN F 260 21.23 -32.12 7.27
CA ASN F 260 20.94 -32.12 8.70
C ASN F 260 22.07 -31.43 9.45
N ASP F 261 21.71 -30.56 10.39
CA ASP F 261 22.71 -29.85 11.18
C ASP F 261 23.44 -30.80 12.12
N GLU F 262 22.76 -31.84 12.58
CA GLU F 262 23.36 -32.81 13.50
C GLU F 262 24.43 -33.65 12.80
N MET G 6 3.33 -49.96 31.04
CA MET G 6 3.31 -50.31 29.62
C MET G 6 2.01 -51.03 29.27
N LEU G 7 1.12 -50.32 28.57
CA LEU G 7 -0.16 -50.86 28.16
C LEU G 7 -0.13 -51.17 26.66
N GLU G 8 -0.76 -52.28 26.28
CA GLU G 8 -0.87 -52.68 24.88
C GLU G 8 -2.28 -53.18 24.61
N ALA G 9 -3.00 -52.48 23.75
CA ALA G 9 -4.33 -52.87 23.33
C ALA G 9 -4.35 -53.10 21.83
N LYS G 10 -5.13 -54.09 21.40
CA LYS G 10 -5.20 -54.47 20.00
C LYS G 10 -6.65 -54.72 19.63
N PHE G 11 -7.18 -53.89 18.73
CA PHE G 11 -8.54 -54.06 18.21
C PHE G 11 -8.52 -55.03 17.05
N GLU G 12 -9.70 -55.59 16.74
CA GLU G 12 -9.81 -56.45 15.57
C GLU G 12 -10.00 -55.65 14.29
N GLU G 13 -10.47 -54.40 14.39
CA GLU G 13 -10.72 -53.58 13.22
C GLU G 13 -10.76 -52.13 13.68
N ALA G 14 -10.08 -51.25 12.94
CA ALA G 14 -9.93 -49.86 13.37
C ALA G 14 -11.20 -49.04 13.19
N SER G 15 -12.16 -49.51 12.39
CA SER G 15 -13.36 -48.72 12.13
C SER G 15 -14.19 -48.53 13.39
N LEU G 16 -14.15 -49.48 14.32
CA LEU G 16 -14.87 -49.32 15.57
C LEU G 16 -14.39 -48.09 16.33
N PHE G 17 -13.09 -48.02 16.59
CA PHE G 17 -12.53 -46.85 17.30
C PHE G 17 -12.69 -45.59 16.47
N LYS G 18 -12.63 -45.72 15.13
CA LYS G 18 -12.84 -44.57 14.27
C LYS G 18 -14.23 -43.97 14.48
N ARG G 19 -15.27 -44.83 14.49
CA ARG G 19 -16.62 -44.34 14.73
C ARG G 19 -16.78 -43.83 16.17
N ILE G 20 -16.11 -44.47 17.13
CA ILE G 20 -16.19 -44.03 18.51
C ILE G 20 -15.69 -42.60 18.64
N ILE G 21 -14.51 -42.30 18.07
CA ILE G 21 -14.00 -40.94 18.13
C ILE G 21 -14.82 -40.02 17.22
N ASP G 22 -15.46 -40.59 16.20
CA ASP G 22 -16.32 -39.80 15.32
C ASP G 22 -17.58 -39.35 16.02
N GLY G 23 -18.00 -40.06 17.07
CA GLY G 23 -19.26 -39.74 17.72
C GLY G 23 -19.25 -38.40 18.42
N PHE G 24 -18.13 -38.05 19.07
CA PHE G 24 -18.10 -36.88 19.95
C PHE G 24 -16.85 -36.04 19.72
N LYS G 25 -16.38 -35.92 18.49
CA LYS G 25 -15.19 -35.11 18.21
C LYS G 25 -15.51 -33.64 18.10
N ASP G 26 -16.77 -33.23 18.26
CA ASP G 26 -17.15 -31.84 18.05
C ASP G 26 -17.60 -31.11 19.31
N CYS G 27 -17.95 -31.85 20.37
CA CYS G 27 -18.40 -31.23 21.61
C CYS G 27 -17.27 -30.93 22.58
N VAL G 28 -16.13 -31.61 22.45
CA VAL G 28 -14.98 -31.40 23.33
C VAL G 28 -13.72 -31.40 22.46
N GLN G 29 -12.61 -30.99 23.09
CA GLN G 29 -11.32 -30.95 22.41
C GLN G 29 -10.23 -31.73 23.12
N LEU G 30 -10.41 -32.09 24.39
CA LEU G 30 -9.43 -32.82 25.17
C LEU G 30 -10.14 -33.91 25.94
N VAL G 31 -9.49 -35.06 26.11
CA VAL G 31 -10.10 -36.20 26.76
C VAL G 31 -9.06 -36.94 27.58
N ASN G 32 -9.48 -37.38 28.77
CA ASN G 32 -8.66 -38.19 29.66
C ASN G 32 -9.17 -39.63 29.64
N PHE G 33 -8.39 -40.51 29.02
CA PHE G 33 -8.69 -41.93 28.92
C PHE G 33 -8.09 -42.62 30.14
N GLN G 34 -8.95 -43.14 31.01
CA GLN G 34 -8.45 -43.97 32.10
C GLN G 34 -8.24 -45.39 31.60
N CYS G 35 -7.23 -46.06 32.16
CA CYS G 35 -6.87 -47.40 31.75
C CYS G 35 -6.68 -48.25 33.00
N LYS G 36 -7.63 -49.14 33.23
CA LYS G 36 -7.66 -50.07 34.34
C LYS G 36 -7.42 -51.49 33.82
N GLU G 37 -7.57 -52.47 34.72
CA GLU G 37 -7.49 -53.87 34.30
C GLU G 37 -8.77 -54.32 33.63
N ASP G 38 -9.92 -53.74 34.01
CA ASP G 38 -11.20 -54.21 33.51
C ASP G 38 -11.51 -53.62 32.13
N GLY G 39 -11.04 -52.42 31.84
CA GLY G 39 -11.33 -51.80 30.57
C GLY G 39 -10.87 -50.36 30.55
N ILE G 40 -11.39 -49.61 29.59
CA ILE G 40 -11.03 -48.20 29.39
C ILE G 40 -12.26 -47.33 29.60
N ILE G 41 -12.13 -46.34 30.48
CA ILE G 41 -13.20 -45.36 30.69
C ILE G 41 -12.61 -43.98 30.47
N ALA G 42 -13.40 -43.10 29.87
CA ALA G 42 -12.92 -41.77 29.52
C ALA G 42 -14.07 -40.78 29.52
N GLN G 43 -13.91 -39.67 30.23
CA GLN G 43 -14.90 -38.62 30.26
C GLN G 43 -14.24 -37.28 29.97
N ALA G 44 -14.96 -36.43 29.23
CA ALA G 44 -14.47 -35.12 28.82
C ALA G 44 -15.60 -34.11 28.94
N VAL G 45 -15.29 -32.95 29.50
CA VAL G 45 -16.26 -31.89 29.72
C VAL G 45 -16.17 -30.88 28.58
N ASP G 46 -17.33 -30.38 28.15
CA ASP G 46 -17.37 -29.35 27.12
C ASP G 46 -16.60 -28.11 27.57
N ASP G 47 -16.05 -27.38 26.60
CA ASP G 47 -15.30 -26.18 26.93
C ASP G 47 -16.16 -25.09 27.56
N SER G 48 -17.48 -25.18 27.40
CA SER G 48 -18.41 -24.30 28.09
C SER G 48 -18.95 -24.91 29.38
N ARG G 49 -18.58 -26.15 29.68
CA ARG G 49 -18.93 -26.82 30.94
C ARG G 49 -20.44 -26.92 31.13
N VAL G 50 -21.13 -27.40 30.09
CA VAL G 50 -22.56 -27.61 30.15
C VAL G 50 -22.89 -29.06 29.77
N LEU G 51 -22.01 -29.69 28.99
CA LEU G 51 -22.25 -31.01 28.43
C LEU G 51 -21.02 -31.89 28.68
N LEU G 52 -21.24 -33.07 29.23
CA LEU G 52 -20.16 -33.99 29.58
C LEU G 52 -20.34 -35.30 28.81
N VAL G 53 -19.26 -35.81 28.21
CA VAL G 53 -19.30 -37.02 27.41
C VAL G 53 -18.41 -38.06 28.07
N SER G 54 -18.99 -39.19 28.48
CA SER G 54 -18.21 -40.26 29.05
C SER G 54 -18.50 -41.56 28.29
N LEU G 55 -17.53 -42.47 28.33
CA LEU G 55 -17.62 -43.71 27.57
C LEU G 55 -16.80 -44.79 28.27
N GLU G 56 -17.30 -46.03 28.17
CA GLU G 56 -16.63 -47.18 28.79
C GLU G 56 -16.61 -48.33 27.81
N ILE G 57 -15.43 -48.88 27.56
CA ILE G 57 -15.25 -50.02 26.66
C ILE G 57 -14.52 -51.13 27.42
N GLY G 58 -15.13 -52.31 27.45
CA GLY G 58 -14.55 -53.45 28.13
C GLY G 58 -13.60 -54.23 27.25
N VAL G 59 -13.06 -55.32 27.83
CA VAL G 59 -12.11 -56.16 27.12
C VAL G 59 -12.75 -56.98 26.01
N GLU G 60 -14.07 -56.99 25.91
CA GLU G 60 -14.73 -57.75 24.86
C GLU G 60 -14.51 -57.10 23.48
N ALA G 61 -14.35 -55.79 23.44
CA ALA G 61 -14.10 -55.10 22.18
C ALA G 61 -12.66 -55.24 21.70
N PHE G 62 -11.73 -55.53 22.60
CA PHE G 62 -10.33 -55.68 22.24
C PHE G 62 -10.04 -57.12 21.83
N GLN G 63 -9.37 -57.29 20.68
CA GLN G 63 -8.84 -58.60 20.34
C GLN G 63 -7.76 -59.02 21.33
N GLU G 64 -6.98 -58.06 21.80
CA GLU G 64 -5.95 -58.32 22.80
C GLU G 64 -5.87 -57.14 23.76
N TYR G 65 -5.59 -57.43 25.03
CA TYR G 65 -5.50 -56.38 26.04
C TYR G 65 -4.44 -56.74 27.06
N ARG G 66 -3.62 -55.77 27.43
CA ARG G 66 -2.60 -55.96 28.46
C ARG G 66 -2.38 -54.64 29.17
N CYS G 67 -2.74 -54.59 30.45
CA CYS G 67 -2.57 -53.40 31.28
C CYS G 67 -2.01 -53.83 32.63
N ASP G 68 -0.73 -53.55 32.87
CA ASP G 68 -0.09 -53.95 34.11
C ASP G 68 -0.43 -53.02 35.27
N HIS G 69 -0.48 -51.72 35.03
CA HIS G 69 -0.86 -50.75 36.04
C HIS G 69 -1.75 -49.68 35.43
N PRO G 70 -2.73 -49.18 36.19
CA PRO G 70 -3.65 -48.18 35.64
C PRO G 70 -2.93 -46.90 35.24
N VAL G 71 -3.30 -46.36 34.08
CA VAL G 71 -2.66 -45.16 33.54
C VAL G 71 -3.71 -44.21 33.02
N THR G 72 -3.44 -42.90 33.13
CA THR G 72 -4.32 -41.86 32.64
C THR G 72 -3.67 -41.20 31.43
N LEU G 73 -4.38 -41.18 30.30
CA LEU G 73 -3.87 -40.65 29.05
C LEU G 73 -4.65 -39.40 28.68
N GLY G 74 -4.02 -38.24 28.80
CA GLY G 74 -4.67 -37.00 28.41
C GLY G 74 -4.29 -36.56 27.02
N MET G 75 -5.23 -36.59 26.09
CA MET G 75 -4.93 -36.37 24.68
C MET G 75 -5.98 -35.49 24.02
N ASP G 76 -5.55 -34.76 23.00
CA ASP G 76 -6.45 -33.96 22.19
C ASP G 76 -7.17 -34.84 21.18
N LEU G 77 -8.33 -34.36 20.73
CA LEU G 77 -9.16 -35.10 19.79
C LEU G 77 -8.92 -34.69 18.34
N THR G 78 -8.70 -33.40 18.09
CA THR G 78 -8.46 -32.94 16.72
C THR G 78 -7.20 -33.59 16.14
N SER G 79 -6.11 -33.59 16.92
CA SER G 79 -4.89 -34.23 16.47
C SER G 79 -5.07 -35.75 16.37
N LEU G 80 -5.77 -36.34 17.33
CA LEU G 80 -6.01 -37.77 17.29
C LEU G 80 -6.89 -38.14 16.09
N SER G 81 -7.87 -37.29 15.76
CA SER G 81 -8.68 -37.53 14.57
C SER G 81 -7.84 -37.40 13.31
N LYS G 82 -6.95 -36.41 13.26
CA LYS G 82 -6.06 -36.26 12.12
C LYS G 82 -5.19 -37.49 11.93
N ILE G 83 -4.69 -38.05 13.03
CA ILE G 83 -3.87 -39.25 12.95
C ILE G 83 -4.70 -40.46 12.52
N LEU G 84 -5.91 -40.59 13.07
CA LEU G 84 -6.75 -41.74 12.75
C LEU G 84 -7.26 -41.68 11.31
N ARG G 85 -7.32 -40.48 10.73
CA ARG G 85 -7.75 -40.36 9.34
C ARG G 85 -6.79 -41.06 8.39
N CYS G 86 -5.51 -41.19 8.79
CA CYS G 86 -4.53 -41.82 7.91
C CYS G 86 -4.77 -43.32 7.79
N GLY G 87 -5.29 -43.95 8.85
CA GLY G 87 -5.50 -45.37 8.82
C GLY G 87 -6.67 -45.76 7.93
N ASN G 88 -6.64 -47.02 7.49
CA ASN G 88 -7.69 -47.61 6.67
C ASN G 88 -8.51 -48.60 7.51
N ASN G 89 -9.72 -48.88 7.06
CA ASN G 89 -10.63 -49.75 7.79
C ASN G 89 -10.20 -51.21 7.81
N THR G 90 -9.23 -51.59 6.97
CA THR G 90 -8.80 -52.97 6.87
C THR G 90 -7.58 -53.29 7.74
N ASP G 91 -7.04 -52.31 8.45
CA ASP G 91 -5.86 -52.50 9.27
C ASP G 91 -6.24 -52.76 10.72
N THR G 92 -5.50 -53.66 11.37
CA THR G 92 -5.65 -53.87 12.80
C THR G 92 -4.93 -52.75 13.55
N LEU G 93 -5.62 -52.18 14.52
CA LEU G 93 -5.15 -51.02 15.26
C LEU G 93 -4.62 -51.46 16.62
N THR G 94 -3.51 -50.85 17.04
CA THR G 94 -2.92 -51.14 18.34
C THR G 94 -2.52 -49.84 19.03
N LEU G 95 -2.83 -49.77 20.31
CA LEU G 95 -2.40 -48.68 21.19
C LEU G 95 -1.28 -49.20 22.08
N ILE G 96 -0.14 -48.53 22.06
CA ILE G 96 1.02 -48.90 22.85
C ILE G 96 1.43 -47.70 23.70
N ALA G 97 1.73 -47.96 24.97
CA ALA G 97 2.15 -46.90 25.88
C ALA G 97 3.21 -47.45 26.83
N ASP G 98 4.27 -46.69 27.02
CA ASP G 98 5.35 -47.06 27.92
C ASP G 98 5.14 -46.40 29.28
N ASN G 99 5.89 -46.88 30.28
CA ASN G 99 5.83 -46.29 31.61
C ASN G 99 6.18 -44.81 31.53
N THR G 100 5.51 -44.00 32.36
CA THR G 100 5.53 -42.54 32.26
C THR G 100 5.20 -42.16 30.82
N PRO G 101 3.95 -42.30 30.39
CA PRO G 101 3.59 -42.18 28.96
C PRO G 101 3.63 -40.76 28.41
N ASP G 102 4.83 -40.33 28.03
CA ASP G 102 4.98 -39.05 27.35
C ASP G 102 4.52 -39.11 25.90
N SER G 103 4.35 -40.30 25.34
CA SER G 103 3.87 -40.45 23.97
C SER G 103 3.12 -41.77 23.87
N ILE G 104 2.16 -41.82 22.94
CA ILE G 104 1.36 -43.01 22.70
C ILE G 104 1.50 -43.41 21.24
N ILE G 105 1.66 -44.70 20.99
CA ILE G 105 1.89 -45.22 19.64
C ILE G 105 0.61 -45.87 19.13
N LEU G 106 0.07 -45.33 18.04
CA LEU G 106 -1.04 -45.92 17.31
C LEU G 106 -0.46 -46.62 16.09
N LEU G 107 -0.57 -47.94 16.06
CA LEU G 107 0.06 -48.74 15.02
C LEU G 107 -1.03 -49.43 14.19
N PHE G 108 -0.98 -49.23 12.88
CA PHE G 108 -1.86 -49.90 11.93
C PHE G 108 -1.06 -51.00 11.25
N GLU G 109 -1.52 -52.24 11.40
CA GLU G 109 -0.88 -53.39 10.79
C GLU G 109 -1.81 -54.02 9.75
N ASP G 110 -1.27 -54.35 8.59
CA ASP G 110 -2.04 -54.97 7.52
C ASP G 110 -1.86 -56.48 7.55
N THR G 111 -2.96 -57.20 7.43
CA THR G 111 -2.91 -58.66 7.51
C THR G 111 -2.35 -59.26 6.22
N LYS G 112 -2.95 -58.91 5.08
CA LYS G 112 -2.55 -59.45 3.79
C LYS G 112 -1.45 -58.66 3.12
N LYS G 113 -0.89 -57.64 3.79
CA LYS G 113 0.16 -56.83 3.22
C LYS G 113 1.19 -56.51 4.30
N ASP G 114 2.44 -56.33 3.88
CA ASP G 114 3.52 -56.02 4.81
C ASP G 114 3.73 -54.51 4.90
N ARG G 115 2.67 -53.82 5.31
CA ARG G 115 2.68 -52.37 5.47
C ARG G 115 2.27 -52.05 6.90
N ILE G 116 3.27 -51.83 7.76
CA ILE G 116 3.03 -51.42 9.15
C ILE G 116 3.30 -49.93 9.26
N ALA G 117 2.39 -49.21 9.92
CA ALA G 117 2.47 -47.76 10.02
C ALA G 117 2.27 -47.34 11.47
N GLU G 118 3.30 -46.77 12.08
CA GLU G 118 3.22 -46.28 13.44
C GLU G 118 3.08 -44.77 13.45
N TYR G 119 2.30 -44.25 14.41
CA TYR G 119 2.11 -42.82 14.59
C TYR G 119 2.21 -42.52 16.07
N SER G 120 3.15 -41.66 16.44
CA SER G 120 3.32 -41.26 17.84
C SER G 120 2.58 -39.96 18.10
N LEU G 121 1.81 -39.94 19.19
CA LEU G 121 1.07 -38.77 19.60
C LEU G 121 1.58 -38.31 20.96
N LYS G 122 1.76 -37.00 21.09
CA LYS G 122 2.25 -36.38 22.32
C LYS G 122 1.06 -35.98 23.18
N LEU G 123 1.04 -36.46 24.41
CA LEU G 123 -0.10 -36.25 25.29
C LEU G 123 -0.07 -34.87 25.93
N MET G 124 -1.24 -34.46 26.41
CA MET G 124 -1.40 -33.19 27.11
C MET G 124 -1.47 -33.42 28.62
N ASP G 125 -1.11 -32.40 29.37
CA ASP G 125 -1.14 -32.44 30.84
C ASP G 125 -2.41 -31.73 31.29
N ILE G 126 -3.48 -32.49 31.44
CA ILE G 126 -4.79 -31.95 31.79
C ILE G 126 -5.00 -32.14 33.29
N ASP G 127 -5.73 -31.21 33.90
CA ASP G 127 -6.10 -31.34 35.30
C ASP G 127 -7.16 -32.41 35.48
N ALA G 128 -6.74 -33.64 35.80
CA ALA G 128 -7.63 -34.77 35.85
C ALA G 128 -8.52 -34.76 37.09
N ASP G 129 -9.49 -33.83 37.12
CA ASP G 129 -10.48 -33.78 38.21
C ASP G 129 -11.58 -34.79 37.91
N PHE G 130 -11.24 -36.07 38.12
CA PHE G 130 -12.12 -37.18 37.80
C PHE G 130 -13.32 -37.15 38.74
N LEU G 131 -14.46 -36.70 38.24
CA LEU G 131 -15.69 -36.62 39.04
C LEU G 131 -16.46 -37.93 38.91
N LYS G 132 -17.01 -38.37 40.04
CA LYS G 132 -17.70 -39.65 40.10
C LYS G 132 -19.01 -39.61 39.33
N ILE G 133 -19.44 -40.77 38.83
CA ILE G 133 -20.65 -40.89 38.06
C ILE G 133 -21.60 -41.81 38.83
N GLU G 134 -21.50 -41.76 40.16
CA GLU G 134 -22.34 -42.62 41.00
C GLU G 134 -23.81 -42.41 40.69
N GLU G 135 -24.59 -43.48 40.82
CA GLU G 135 -25.95 -43.51 40.29
C GLU G 135 -26.87 -42.63 41.14
N LEU G 136 -27.62 -41.77 40.45
CA LEU G 136 -28.71 -41.01 41.05
C LEU G 136 -30.02 -41.50 40.44
N GLN G 137 -31.00 -41.79 41.29
CA GLN G 137 -32.28 -42.27 40.80
C GLN G 137 -32.96 -41.23 39.93
N TYR G 138 -33.23 -41.60 38.68
CA TYR G 138 -33.88 -40.71 37.72
C TYR G 138 -35.37 -40.95 37.71
N ASP G 139 -36.14 -39.85 37.57
CA ASP G 139 -37.59 -39.96 37.56
C ASP G 139 -38.08 -40.71 36.32
N SER G 140 -37.72 -40.24 35.13
CA SER G 140 -38.20 -40.84 33.89
C SER G 140 -37.06 -41.53 33.15
N THR G 141 -37.31 -42.75 32.68
CA THR G 141 -36.34 -43.50 31.90
C THR G 141 -37.05 -44.04 30.66
N LEU G 142 -36.64 -43.59 29.48
CA LEU G 142 -37.28 -43.98 28.23
C LEU G 142 -36.23 -44.53 27.27
N SER G 143 -36.69 -45.34 26.32
CA SER G 143 -35.85 -45.90 25.27
C SER G 143 -36.57 -45.70 23.94
N LEU G 144 -35.83 -45.16 22.97
CA LEU G 144 -36.40 -44.72 21.71
C LEU G 144 -35.36 -44.88 20.62
N PRO G 145 -35.75 -45.28 19.40
CA PRO G 145 -34.78 -45.42 18.32
C PRO G 145 -34.00 -44.14 18.07
N SER G 146 -32.69 -44.31 17.88
CA SER G 146 -31.80 -43.15 17.77
C SER G 146 -32.07 -42.36 16.49
N SER G 147 -32.42 -43.05 15.41
CA SER G 147 -32.66 -42.38 14.13
C SER G 147 -33.86 -41.45 14.24
N GLU G 148 -34.96 -41.92 14.83
CA GLU G 148 -36.14 -41.09 15.00
C GLU G 148 -35.82 -39.88 15.87
N PHE G 149 -35.02 -40.08 16.92
CA PHE G 149 -34.64 -38.97 17.79
C PHE G 149 -33.84 -37.92 17.04
N SER G 150 -32.84 -38.35 16.27
CA SER G 150 -32.06 -37.42 15.47
C SER G 150 -32.94 -36.67 14.49
N LYS G 151 -33.88 -37.38 13.85
CA LYS G 151 -34.76 -36.71 12.89
C LYS G 151 -35.61 -35.65 13.57
N ILE G 152 -36.24 -35.99 14.70
CA ILE G 152 -37.18 -35.05 15.33
C ILE G 152 -36.42 -33.85 15.89
N VAL G 153 -35.21 -34.06 16.40
CA VAL G 153 -34.46 -32.91 16.91
C VAL G 153 -33.95 -32.06 15.76
N ARG G 154 -33.67 -32.68 14.61
CA ARG G 154 -33.32 -31.90 13.43
C ARG G 154 -34.51 -31.05 12.98
N ASP G 155 -35.72 -31.58 13.11
CA ASP G 155 -36.91 -30.80 12.75
C ASP G 155 -37.11 -29.64 13.71
N LEU G 156 -37.04 -29.90 15.02
CA LEU G 156 -37.29 -28.83 15.99
C LEU G 156 -36.18 -27.78 15.99
N SER G 157 -34.94 -28.17 15.72
CA SER G 157 -33.83 -27.22 15.79
C SER G 157 -33.95 -26.15 14.72
N GLN G 158 -34.57 -26.48 13.59
CA GLN G 158 -34.71 -25.51 12.50
C GLN G 158 -35.69 -24.40 12.82
N LEU G 159 -36.43 -24.51 13.93
CA LEU G 159 -37.41 -23.48 14.29
C LEU G 159 -36.83 -22.50 15.32
N SER G 160 -36.18 -23.00 16.36
CA SER G 160 -35.60 -22.14 17.38
C SER G 160 -34.41 -22.87 18.00
N ASP G 161 -33.88 -22.32 19.09
CA ASP G 161 -32.76 -22.90 19.81
C ASP G 161 -33.20 -23.67 21.06
N SER G 162 -34.17 -23.16 21.80
CA SER G 162 -34.62 -23.83 23.02
C SER G 162 -35.62 -24.93 22.69
N ILE G 163 -35.52 -26.05 23.40
CA ILE G 163 -36.39 -27.20 23.19
C ILE G 163 -36.91 -27.65 24.55
N ASN G 164 -38.22 -27.77 24.69
CA ASN G 164 -38.85 -28.22 25.92
C ASN G 164 -39.20 -29.69 25.81
N ILE G 165 -38.94 -30.45 26.88
CA ILE G 165 -39.22 -31.88 26.94
C ILE G 165 -40.18 -32.12 28.10
N MET G 166 -41.29 -32.78 27.80
CA MET G 166 -42.37 -33.06 28.74
C MET G 166 -42.59 -34.57 28.82
N ILE G 167 -42.57 -35.10 30.04
CA ILE G 167 -42.90 -36.50 30.30
C ILE G 167 -44.09 -36.51 31.24
N THR G 168 -45.30 -36.59 30.67
CA THR G 168 -46.52 -36.47 31.46
C THR G 168 -47.52 -37.54 31.04
N LYS G 169 -48.00 -38.30 32.04
CA LYS G 169 -49.06 -39.29 31.85
C LYS G 169 -48.66 -40.31 30.79
N GLU G 170 -47.42 -40.78 30.89
CA GLU G 170 -46.84 -41.72 29.93
C GLU G 170 -46.92 -41.17 28.50
N THR G 171 -46.75 -39.86 28.36
CA THR G 171 -46.75 -39.21 27.06
C THR G 171 -45.53 -38.30 26.96
N ILE G 172 -44.95 -38.25 25.78
CA ILE G 172 -43.72 -37.51 25.52
C ILE G 172 -44.07 -36.32 24.65
N LYS G 173 -43.57 -35.14 25.02
CA LYS G 173 -43.81 -33.92 24.26
C LYS G 173 -42.48 -33.25 23.99
N PHE G 174 -42.13 -33.08 22.72
CA PHE G 174 -40.94 -32.32 22.34
C PHE G 174 -41.42 -31.05 21.66
N VAL G 175 -41.28 -29.91 22.34
CA VAL G 175 -41.84 -28.65 21.90
C VAL G 175 -40.70 -27.72 21.49
N ALA G 176 -40.88 -27.03 20.36
CA ALA G 176 -39.91 -26.05 19.89
C ALA G 176 -40.58 -24.68 19.88
N ASP G 177 -40.05 -23.76 20.68
CA ASP G 177 -40.62 -22.42 20.78
C ASP G 177 -39.59 -21.36 20.42
N GLY G 183 -43.77 -25.51 16.76
CA GLY G 183 -43.19 -26.83 16.58
C GLY G 183 -43.37 -27.72 17.80
N SER G 184 -44.02 -28.86 17.60
CA SER G 184 -44.27 -29.80 18.68
C SER G 184 -44.53 -31.19 18.11
N VAL G 185 -43.95 -32.20 18.74
CA VAL G 185 -44.16 -33.59 18.37
C VAL G 185 -44.53 -34.38 19.61
N ILE G 186 -45.60 -35.17 19.51
CA ILE G 186 -46.16 -35.90 20.63
C ILE G 186 -45.97 -37.39 20.38
N ILE G 187 -45.46 -38.10 21.38
CA ILE G 187 -45.14 -39.52 21.28
C ILE G 187 -45.88 -40.29 22.38
N LYS G 188 -46.41 -41.44 22.02
CA LYS G 188 -47.01 -42.41 22.93
C LYS G 188 -46.22 -43.71 22.91
N PRO G 189 -46.08 -44.38 24.06
CA PRO G 189 -45.24 -45.58 24.13
C PRO G 189 -45.97 -46.79 23.55
N PHE G 190 -45.37 -47.40 22.54
CA PHE G 190 -45.91 -48.58 21.89
C PHE G 190 -44.89 -49.71 21.96
N VAL G 191 -45.29 -50.83 22.54
CA VAL G 191 -44.44 -52.01 22.67
C VAL G 191 -44.95 -53.07 21.70
N ASP G 192 -44.18 -53.33 20.65
CA ASP G 192 -44.53 -54.29 19.61
C ASP G 192 -43.57 -55.48 19.67
N MET G 193 -44.13 -56.69 19.72
CA MET G 193 -43.30 -57.89 19.78
C MET G 193 -42.64 -58.17 18.43
N GLU G 194 -43.27 -57.74 17.34
CA GLU G 194 -42.74 -58.05 16.01
C GLU G 194 -41.42 -57.34 15.75
N HIS G 195 -41.32 -56.07 16.11
CA HIS G 195 -40.14 -55.26 15.84
C HIS G 195 -39.64 -54.65 17.13
N PRO G 196 -38.70 -55.30 17.83
CA PRO G 196 -38.24 -54.73 19.12
C PRO G 196 -37.38 -53.49 18.96
N GLU G 197 -36.82 -53.25 17.76
CA GLU G 197 -35.97 -52.08 17.58
C GLU G 197 -36.75 -50.78 17.69
N THR G 198 -38.05 -50.79 17.34
CA THR G 198 -38.88 -49.62 17.46
C THR G 198 -39.76 -49.65 18.71
N SER G 199 -39.40 -50.48 19.68
CA SER G 199 -40.20 -50.59 20.91
C SER G 199 -39.82 -49.47 21.85
N ILE G 200 -40.53 -48.36 21.76
CA ILE G 200 -40.29 -47.20 22.61
C ILE G 200 -40.82 -47.49 24.01
N LYS G 201 -39.92 -47.67 24.96
CA LYS G 201 -40.32 -48.00 26.33
C LYS G 201 -40.22 -46.76 27.22
N LEU G 202 -41.02 -46.74 28.28
CA LEU G 202 -41.05 -45.59 29.18
C LEU G 202 -41.43 -46.04 30.57
N GLU G 203 -40.63 -45.68 31.57
CA GLU G 203 -40.95 -45.86 32.98
C GLU G 203 -40.91 -44.48 33.62
N MET G 204 -42.07 -44.03 34.11
CA MET G 204 -42.22 -42.69 34.65
C MET G 204 -42.66 -42.76 36.11
N ASP G 205 -42.04 -41.95 36.95
CA ASP G 205 -42.40 -41.81 38.36
C ASP G 205 -43.10 -40.50 38.67
N GLN G 206 -42.69 -39.42 38.03
CA GLN G 206 -43.27 -38.10 38.23
C GLN G 206 -43.36 -37.39 36.89
N PRO G 207 -44.26 -36.42 36.75
CA PRO G 207 -44.28 -35.61 35.52
C PRO G 207 -43.01 -34.76 35.42
N VAL G 208 -42.24 -34.97 34.36
CA VAL G 208 -40.93 -34.36 34.19
C VAL G 208 -41.03 -33.20 33.20
N ASP G 209 -40.37 -32.10 33.53
CA ASP G 209 -40.39 -30.87 32.72
C ASP G 209 -38.95 -30.35 32.64
N LEU G 210 -38.32 -30.46 31.46
CA LEU G 210 -37.00 -29.89 31.28
C LEU G 210 -36.94 -29.04 30.01
N THR G 211 -35.86 -28.27 29.89
CA THR G 211 -35.63 -27.42 28.73
C THR G 211 -34.15 -27.45 28.43
N PHE G 212 -33.80 -27.62 27.16
CA PHE G 212 -32.41 -27.72 26.72
C PHE G 212 -32.17 -26.79 25.53
N GLY G 213 -30.90 -26.72 25.11
CA GLY G 213 -30.51 -25.93 23.97
C GLY G 213 -30.47 -26.73 22.69
N ALA G 214 -30.14 -26.04 21.60
CA ALA G 214 -30.13 -26.67 20.29
C ALA G 214 -28.82 -27.41 20.03
N LYS G 215 -27.69 -26.69 20.03
CA LYS G 215 -26.43 -27.26 19.57
C LYS G 215 -26.00 -28.45 20.40
N TYR G 216 -26.34 -28.46 21.70
CA TYR G 216 -26.02 -29.62 22.52
C TYR G 216 -26.72 -30.87 22.00
N LEU G 217 -28.01 -30.76 21.67
CA LEU G 217 -28.72 -31.90 21.10
C LEU G 217 -28.20 -32.26 19.71
N LEU G 218 -27.88 -31.24 18.90
CA LEU G 218 -27.35 -31.51 17.57
C LEU G 218 -26.02 -32.25 17.62
N ASP G 219 -25.21 -31.97 18.64
CA ASP G 219 -23.92 -32.65 18.75
C ASP G 219 -24.04 -34.00 19.46
N ILE G 220 -25.06 -34.17 20.30
CA ILE G 220 -25.30 -35.48 20.89
C ILE G 220 -25.82 -36.45 19.83
N ILE G 221 -26.71 -35.99 18.95
CA ILE G 221 -27.28 -36.90 17.95
C ILE G 221 -26.26 -37.29 16.89
N LYS G 222 -25.10 -36.62 16.86
CA LYS G 222 -24.04 -37.05 15.95
C LYS G 222 -23.56 -38.46 16.29
N GLY G 223 -23.77 -38.89 17.53
CA GLY G 223 -23.47 -40.25 17.94
C GLY G 223 -24.57 -41.26 17.66
N SER G 224 -25.59 -40.88 16.90
CA SER G 224 -26.66 -41.81 16.57
C SER G 224 -26.28 -42.69 15.39
N SER G 225 -25.10 -43.30 15.47
CA SER G 225 -24.64 -44.25 14.46
C SER G 225 -24.01 -45.49 15.07
N LEU G 226 -23.68 -45.48 16.37
CA LEU G 226 -23.18 -46.64 17.07
C LEU G 226 -24.28 -47.51 17.64
N SER G 227 -25.43 -46.91 17.96
CA SER G 227 -26.56 -47.61 18.55
C SER G 227 -27.83 -47.26 17.79
N ASP G 228 -28.67 -48.29 17.55
CA ASP G 228 -29.96 -48.06 16.92
C ASP G 228 -31.01 -47.57 17.91
N ARG G 229 -30.76 -47.68 19.21
CA ARG G 229 -31.69 -47.24 20.25
C ARG G 229 -30.93 -46.45 21.30
N VAL G 230 -31.52 -45.34 21.73
CA VAL G 230 -30.95 -44.47 22.75
C VAL G 230 -31.85 -44.51 23.97
N GLY G 231 -31.22 -44.52 25.14
CA GLY G 231 -31.93 -44.43 26.40
C GLY G 231 -31.80 -43.05 27.00
N ILE G 232 -32.90 -42.35 27.15
CA ILE G 232 -32.91 -40.97 27.63
C ILE G 232 -33.53 -40.96 29.01
N ARG G 233 -32.80 -40.39 29.98
CA ARG G 233 -33.22 -40.38 31.38
C ARG G 233 -33.29 -38.93 31.86
N LEU G 234 -34.41 -38.59 32.48
CA LEU G 234 -34.70 -37.23 32.90
C LEU G 234 -35.05 -37.18 34.39
N SER G 235 -34.62 -36.08 35.00
CA SER G 235 -34.97 -35.73 36.37
C SER G 235 -35.11 -34.21 36.43
N SER G 236 -36.09 -33.74 37.21
CA SER G 236 -36.40 -32.31 37.22
C SER G 236 -35.25 -31.48 37.77
N GLU G 237 -34.44 -32.05 38.67
CA GLU G 237 -33.34 -31.31 39.29
C GLU G 237 -31.99 -31.99 39.03
N ALA G 238 -31.87 -32.71 37.92
CA ALA G 238 -30.63 -33.38 37.58
C ALA G 238 -30.42 -33.31 36.07
N PRO G 239 -29.18 -33.32 35.61
CA PRO G 239 -28.93 -33.27 34.16
C PRO G 239 -29.45 -34.50 33.44
N ALA G 240 -29.88 -34.29 32.20
CA ALA G 240 -30.40 -35.37 31.38
C ALA G 240 -29.27 -36.29 30.93
N LEU G 241 -29.59 -37.59 30.85
CA LEU G 241 -28.63 -38.62 30.47
C LEU G 241 -29.07 -39.21 29.14
N PHE G 242 -28.14 -39.28 28.19
CA PHE G 242 -28.38 -39.88 26.87
C PHE G 242 -27.39 -41.03 26.71
N GLN G 243 -27.91 -42.26 26.73
CA GLN G 243 -27.09 -43.46 26.72
C GLN G 243 -27.21 -44.17 25.38
N PHE G 244 -26.06 -44.53 24.80
CA PHE G 244 -25.99 -45.34 23.59
C PHE G 244 -25.18 -46.60 23.91
N ASP G 245 -25.73 -47.75 23.54
CA ASP G 245 -25.05 -49.01 23.83
C ASP G 245 -24.02 -49.33 22.76
N LEU G 246 -23.06 -50.19 23.11
CA LEU G 246 -22.01 -50.64 22.22
C LEU G 246 -21.93 -52.15 22.29
N LYS G 247 -21.11 -52.75 21.42
CA LYS G 247 -20.94 -54.21 21.44
C LYS G 247 -20.29 -54.66 22.75
N SER G 248 -19.48 -53.81 23.35
CA SER G 248 -18.83 -54.11 24.63
C SER G 248 -19.19 -53.12 25.73
N GLY G 249 -19.11 -51.82 25.44
CA GLY G 249 -19.36 -50.82 26.46
C GLY G 249 -20.56 -49.94 26.19
N PHE G 250 -20.46 -48.66 26.55
CA PHE G 250 -21.57 -47.73 26.39
C PHE G 250 -21.04 -46.31 26.48
N LEU G 251 -21.75 -45.39 25.80
CA LEU G 251 -21.36 -43.99 25.69
C LEU G 251 -22.53 -43.12 26.15
N GLN G 252 -22.32 -42.30 27.17
CA GLN G 252 -23.39 -41.50 27.75
C GLN G 252 -23.02 -40.03 27.81
N PHE G 253 -24.01 -39.20 27.49
CA PHE G 253 -23.93 -37.74 27.54
C PHE G 253 -24.75 -37.22 28.71
N PHE G 254 -24.21 -36.22 29.39
CA PHE G 254 -24.86 -35.54 30.50
C PHE G 254 -25.06 -34.09 30.10
N LEU G 255 -26.32 -33.65 30.08
CA LEU G 255 -26.66 -32.31 29.57
C LEU G 255 -27.36 -31.53 30.69
N ALA G 256 -26.86 -30.33 30.94
CA ALA G 256 -27.36 -29.52 32.06
C ALA G 256 -28.68 -28.84 31.70
N PRO G 257 -29.55 -28.63 32.69
CA PRO G 257 -30.86 -28.04 32.39
C PRO G 257 -30.80 -26.55 32.05
N LYS G 258 -31.98 -25.96 31.86
CA LYS G 258 -32.14 -24.55 31.55
C LYS G 258 -32.78 -23.83 32.72
N PHE G 259 -32.57 -22.51 32.77
CA PHE G 259 -33.23 -21.70 33.79
C PHE G 259 -34.74 -21.69 33.58
N ASN G 260 -35.48 -21.72 34.67
CA ASN G 260 -36.93 -21.75 34.62
C ASN G 260 -37.47 -20.32 34.54
N ASP G 261 -38.40 -20.08 33.62
CA ASP G 261 -38.97 -18.76 33.43
C ASP G 261 -40.50 -18.82 33.51
N MET H 6 -53.40 2.99 -19.29
CA MET H 6 -53.95 1.78 -18.70
C MET H 6 -53.40 0.55 -19.41
N LEU H 7 -52.20 0.14 -19.02
CA LEU H 7 -51.51 -0.98 -19.64
C LEU H 7 -51.50 -2.17 -18.69
N GLU H 8 -51.65 -3.36 -19.26
CA GLU H 8 -51.56 -4.59 -18.49
C GLU H 8 -51.05 -5.70 -19.40
N ALA H 9 -49.95 -6.33 -19.00
CA ALA H 9 -49.37 -7.46 -19.73
C ALA H 9 -49.20 -8.64 -18.78
N LYS H 10 -49.32 -9.84 -19.35
CA LYS H 10 -49.27 -11.07 -18.57
C LYS H 10 -48.39 -12.09 -19.26
N PHE H 11 -47.43 -12.64 -18.51
CA PHE H 11 -46.54 -13.69 -18.98
C PHE H 11 -46.79 -14.95 -18.15
N GLU H 12 -46.90 -16.09 -18.84
CA GLU H 12 -47.31 -17.32 -18.18
C GLU H 12 -46.22 -17.83 -17.23
N GLU H 13 -44.96 -17.54 -17.53
CA GLU H 13 -43.84 -18.00 -16.72
C GLU H 13 -42.85 -16.88 -16.49
N ALA H 14 -42.16 -16.93 -15.36
CA ALA H 14 -41.15 -15.92 -15.03
C ALA H 14 -39.89 -16.06 -15.87
N SER H 15 -39.63 -17.23 -16.45
CA SER H 15 -38.36 -17.47 -17.12
C SER H 15 -38.17 -16.57 -18.34
N LEU H 16 -39.23 -16.34 -19.12
CA LEU H 16 -39.10 -15.56 -20.34
C LEU H 16 -38.58 -14.15 -20.06
N PHE H 17 -39.11 -13.50 -19.04
CA PHE H 17 -38.63 -12.17 -18.67
C PHE H 17 -37.33 -12.22 -17.86
N LYS H 18 -37.17 -13.23 -17.00
CA LYS H 18 -35.94 -13.31 -16.21
C LYS H 18 -34.72 -13.46 -17.09
N ARG H 19 -34.81 -14.29 -18.14
CA ARG H 19 -33.65 -14.48 -19.01
C ARG H 19 -33.22 -13.17 -19.66
N ILE H 20 -34.16 -12.42 -20.23
CA ILE H 20 -33.80 -11.19 -20.92
C ILE H 20 -33.28 -10.16 -19.93
N ILE H 21 -33.90 -10.07 -18.74
CA ILE H 21 -33.44 -9.12 -17.76
C ILE H 21 -32.01 -9.43 -17.32
N ASP H 22 -31.72 -10.70 -17.05
CA ASP H 22 -30.33 -11.07 -16.76
C ASP H 22 -29.44 -10.87 -17.97
N GLY H 23 -30.02 -10.83 -19.16
CA GLY H 23 -29.27 -10.56 -20.36
C GLY H 23 -28.76 -9.13 -20.50
N PHE H 24 -29.64 -8.13 -20.31
CA PHE H 24 -29.25 -6.75 -20.59
C PHE H 24 -29.23 -5.86 -19.35
N LYS H 25 -29.06 -6.43 -18.15
CA LYS H 25 -29.02 -5.58 -16.97
C LYS H 25 -27.62 -5.03 -16.69
N ASP H 26 -26.59 -5.60 -17.32
CA ASP H 26 -25.22 -5.26 -16.95
C ASP H 26 -24.81 -3.90 -17.52
N CYS H 27 -25.03 -3.68 -18.82
CA CYS H 27 -24.52 -2.48 -19.48
C CYS H 27 -25.34 -1.24 -19.11
N VAL H 28 -26.62 -1.25 -19.43
CA VAL H 28 -27.47 -0.09 -19.22
C VAL H 28 -28.35 -0.34 -18.00
N GLN H 29 -28.54 0.72 -17.21
CA GLN H 29 -29.36 0.62 -16.00
C GLN H 29 -30.71 1.29 -16.21
N LEU H 30 -30.77 2.28 -17.09
CA LEU H 30 -31.99 3.03 -17.36
C LEU H 30 -32.34 2.90 -18.85
N VAL H 31 -33.43 2.19 -19.13
CA VAL H 31 -33.92 1.98 -20.49
C VAL H 31 -35.39 2.34 -20.53
N ASN H 32 -35.78 3.12 -21.55
CA ASN H 32 -37.15 3.60 -21.65
C ASN H 32 -37.97 2.64 -22.50
N PHE H 33 -39.07 2.15 -21.94
CA PHE H 33 -39.99 1.27 -22.65
C PHE H 33 -41.14 2.09 -23.20
N GLN H 34 -41.72 1.61 -24.29
CA GLN H 34 -42.99 2.14 -24.79
C GLN H 34 -43.89 0.96 -25.14
N CYS H 35 -45.17 1.06 -24.78
CA CYS H 35 -46.13 0.01 -25.01
C CYS H 35 -47.23 0.53 -25.93
N LYS H 36 -47.58 -0.29 -26.93
CA LYS H 36 -48.61 0.04 -27.90
C LYS H 36 -49.34 -1.25 -28.26
N GLU H 37 -50.13 -1.20 -29.34
CA GLU H 37 -50.88 -2.37 -29.77
C GLU H 37 -49.99 -3.45 -30.37
N ASP H 38 -48.73 -3.14 -30.70
CA ASP H 38 -47.83 -4.12 -31.31
C ASP H 38 -47.02 -4.86 -30.24
N GLY H 39 -46.27 -4.13 -29.42
CA GLY H 39 -45.48 -4.78 -28.40
C GLY H 39 -44.76 -3.76 -27.54
N ILE H 40 -43.73 -4.24 -26.84
CA ILE H 40 -42.91 -3.42 -25.98
C ILE H 40 -41.63 -3.06 -26.74
N ILE H 41 -41.40 -1.77 -26.93
CA ILE H 41 -40.23 -1.27 -27.63
C ILE H 41 -39.41 -0.50 -26.62
N ALA H 42 -38.27 -1.05 -26.22
CA ALA H 42 -37.39 -0.42 -25.26
C ALA H 42 -36.15 0.12 -25.96
N GLN H 43 -35.69 1.28 -25.52
CA GLN H 43 -34.53 1.92 -26.11
C GLN H 43 -33.66 2.54 -25.02
N ALA H 44 -32.34 2.49 -25.23
CA ALA H 44 -31.43 3.16 -24.33
C ALA H 44 -30.08 3.35 -25.02
N VAL H 45 -29.34 4.35 -24.54
CA VAL H 45 -28.00 4.64 -25.02
C VAL H 45 -27.03 4.51 -23.86
N ASP H 46 -25.78 4.17 -24.17
CA ASP H 46 -24.77 3.97 -23.15
C ASP H 46 -24.29 5.31 -22.59
N ASP H 47 -23.40 5.23 -21.61
CA ASP H 47 -22.89 6.44 -20.96
C ASP H 47 -21.95 7.21 -21.87
N SER H 48 -21.25 6.53 -22.77
CA SER H 48 -20.30 7.17 -23.67
C SER H 48 -20.76 7.16 -25.12
N ARG H 49 -22.03 6.87 -25.37
CA ARG H 49 -22.59 6.80 -26.73
C ARG H 49 -21.82 5.79 -27.57
N VAL H 50 -21.59 4.61 -27.02
CA VAL H 50 -20.85 3.56 -27.71
C VAL H 50 -21.65 2.28 -27.92
N LEU H 51 -22.71 2.05 -27.13
CA LEU H 51 -23.50 0.83 -27.24
C LEU H 51 -24.97 1.21 -27.05
N LEU H 52 -25.72 1.23 -28.15
CA LEU H 52 -27.15 1.58 -28.14
C LEU H 52 -27.95 0.28 -28.10
N VAL H 53 -28.78 0.13 -27.08
CA VAL H 53 -29.56 -1.09 -26.89
C VAL H 53 -31.01 -0.84 -27.27
N SER H 54 -31.61 -1.82 -27.95
CA SER H 54 -33.00 -1.73 -28.39
C SER H 54 -33.66 -3.09 -28.24
N LEU H 55 -34.66 -3.16 -27.37
CA LEU H 55 -35.38 -4.40 -27.09
C LEU H 55 -36.75 -4.38 -27.75
N GLU H 56 -37.14 -5.52 -28.30
CA GLU H 56 -38.43 -5.69 -29.00
C GLU H 56 -39.11 -6.92 -28.43
N ILE H 57 -40.11 -6.71 -27.59
CA ILE H 57 -40.82 -7.80 -26.92
C ILE H 57 -42.20 -7.92 -27.54
N GLY H 58 -42.51 -9.10 -28.10
CA GLY H 58 -43.81 -9.32 -28.69
C GLY H 58 -44.87 -9.58 -27.62
N VAL H 59 -46.11 -9.18 -27.95
CA VAL H 59 -47.21 -9.36 -27.02
C VAL H 59 -47.70 -10.79 -26.94
N GLU H 60 -47.19 -11.68 -27.81
CA GLU H 60 -47.63 -13.07 -27.80
C GLU H 60 -47.11 -13.83 -26.59
N ALA H 61 -46.05 -13.35 -25.95
CA ALA H 61 -45.49 -14.03 -24.79
C ALA H 61 -46.40 -13.85 -23.57
N GLU H 64 -50.96 -12.36 -22.79
CA GLU H 64 -52.02 -11.37 -22.66
C GLU H 64 -51.42 -9.96 -22.79
N TYR H 65 -52.17 -9.07 -23.42
CA TYR H 65 -51.74 -7.68 -23.58
C TYR H 65 -52.97 -6.79 -23.71
N ARG H 66 -52.91 -5.63 -23.06
CA ARG H 66 -53.98 -4.65 -23.19
C ARG H 66 -53.40 -3.26 -22.94
N CYS H 67 -53.38 -2.44 -23.98
CA CYS H 67 -52.88 -1.07 -23.89
C CYS H 67 -53.83 -0.18 -24.67
N ASP H 68 -54.48 0.76 -23.97
CA ASP H 68 -55.41 1.66 -24.64
C ASP H 68 -54.70 2.61 -25.59
N HIS H 69 -53.57 3.17 -25.15
CA HIS H 69 -52.79 4.10 -25.97
C HIS H 69 -51.31 3.82 -25.75
N PRO H 70 -50.48 4.02 -26.78
CA PRO H 70 -49.03 3.83 -26.61
C PRO H 70 -48.47 4.84 -25.61
N VAL H 71 -47.91 4.32 -24.52
CA VAL H 71 -47.37 5.18 -23.47
C VAL H 71 -45.97 4.71 -23.12
N THR H 72 -45.16 5.64 -22.61
CA THR H 72 -43.76 5.40 -22.31
C THR H 72 -43.54 5.32 -20.81
N LEU H 73 -42.66 4.41 -20.40
CA LEU H 73 -42.35 4.13 -19.01
C LEU H 73 -40.84 4.01 -18.84
N GLY H 74 -40.41 4.06 -17.59
CA GLY H 74 -39.01 3.88 -17.25
C GLY H 74 -38.84 3.23 -15.89
N MET H 75 -38.04 2.17 -15.83
CA MET H 75 -37.84 1.41 -14.61
C MET H 75 -36.43 0.84 -14.59
N ASP H 76 -35.84 0.78 -13.39
CA ASP H 76 -34.47 0.30 -13.22
C ASP H 76 -34.47 -1.23 -13.21
N LEU H 77 -33.44 -1.82 -13.80
CA LEU H 77 -33.37 -3.28 -13.91
C LEU H 77 -32.82 -3.96 -12.66
N THR H 78 -32.12 -3.21 -11.80
CA THR H 78 -31.49 -3.82 -10.62
C THR H 78 -32.54 -4.36 -9.65
N SER H 79 -33.52 -3.53 -9.30
CA SER H 79 -34.57 -3.97 -8.38
C SER H 79 -35.38 -5.12 -8.99
N LEU H 80 -35.60 -5.09 -10.30
CA LEU H 80 -36.29 -6.18 -10.96
C LEU H 80 -35.49 -7.47 -10.86
N SER H 81 -34.16 -7.36 -10.97
CA SER H 81 -33.32 -8.55 -10.81
C SER H 81 -33.32 -9.06 -9.39
N LYS H 82 -33.38 -8.17 -8.40
CA LYS H 82 -33.42 -8.63 -7.01
C LYS H 82 -34.75 -9.27 -6.66
N ILE H 83 -35.86 -8.72 -7.15
CA ILE H 83 -37.16 -9.23 -6.73
C ILE H 83 -37.54 -10.50 -7.48
N LEU H 84 -37.00 -10.69 -8.70
CA LEU H 84 -37.25 -11.93 -9.45
C LEU H 84 -36.16 -12.97 -9.23
N ARG H 85 -35.50 -12.98 -8.09
CA ARG H 85 -34.47 -13.98 -7.80
C ARG H 85 -35.09 -15.36 -7.62
N ASP H 91 -46.12 -19.96 -11.50
CA ASP H 91 -45.78 -18.61 -11.07
C ASP H 91 -45.79 -17.65 -12.25
N THR H 92 -46.97 -17.18 -12.63
CA THR H 92 -47.12 -16.25 -13.73
C THR H 92 -46.86 -14.82 -13.26
N LEU H 93 -46.49 -13.96 -14.19
CA LEU H 93 -46.21 -12.55 -13.91
C LEU H 93 -47.22 -11.66 -14.61
N THR H 94 -47.57 -10.55 -13.99
CA THR H 94 -48.43 -9.56 -14.62
C THR H 94 -47.98 -8.16 -14.23
N LEU H 95 -47.67 -7.35 -15.24
CA LEU H 95 -47.27 -5.97 -15.06
C LEU H 95 -48.43 -5.07 -15.41
N ILE H 96 -48.77 -4.14 -14.50
CA ILE H 96 -49.90 -3.24 -14.68
C ILE H 96 -49.44 -1.81 -14.41
N ALA H 97 -50.04 -0.87 -15.12
CA ALA H 97 -49.81 0.55 -14.90
C ALA H 97 -51.04 1.33 -15.34
N ASP H 98 -51.30 2.43 -14.66
CA ASP H 98 -52.46 3.27 -14.94
C ASP H 98 -52.03 4.56 -15.65
N ASN H 99 -53.01 5.44 -15.88
CA ASN H 99 -52.74 6.68 -16.61
C ASN H 99 -51.75 7.55 -15.85
N THR H 100 -50.85 8.18 -16.61
CA THR H 100 -49.69 8.89 -16.05
C THR H 100 -48.96 7.94 -15.11
N PRO H 101 -48.27 6.93 -15.64
CA PRO H 101 -47.73 5.84 -14.80
C PRO H 101 -46.55 6.25 -13.92
N ASP H 102 -46.88 6.90 -12.80
CA ASP H 102 -45.87 7.23 -11.81
C ASP H 102 -45.57 6.07 -10.87
N SER H 103 -46.37 5.00 -10.91
CA SER H 103 -46.14 3.82 -10.09
C SER H 103 -46.58 2.59 -10.87
N ILE H 104 -45.65 1.66 -11.08
CA ILE H 104 -45.92 0.44 -11.84
C ILE H 104 -46.04 -0.71 -10.87
N ILE H 105 -47.12 -1.48 -10.99
CA ILE H 105 -47.39 -2.56 -10.06
C ILE H 105 -47.15 -3.90 -10.77
N LEU H 106 -46.65 -4.87 -10.01
CA LEU H 106 -46.32 -6.19 -10.52
C LEU H 106 -46.92 -7.24 -9.58
N LEU H 107 -47.66 -8.18 -10.16
CA LEU H 107 -48.26 -9.27 -9.38
C LEU H 107 -47.68 -10.59 -9.86
N PHE H 108 -47.40 -11.47 -8.90
CA PHE H 108 -46.81 -12.77 -9.18
C PHE H 108 -47.90 -13.83 -9.35
N ALA H 117 -48.96 -11.69 -4.65
CA ALA H 117 -47.93 -10.71 -4.28
C ALA H 117 -48.09 -9.43 -5.08
N GLU H 118 -47.71 -8.31 -4.47
CA GLU H 118 -47.78 -7.00 -5.10
C GLU H 118 -46.46 -6.28 -4.89
N TYR H 119 -45.91 -5.73 -5.97
CA TYR H 119 -44.64 -4.98 -5.92
C TYR H 119 -44.82 -3.69 -6.70
N SER H 120 -44.67 -2.56 -6.02
CA SER H 120 -44.84 -1.24 -6.63
C SER H 120 -43.47 -0.59 -6.81
N LEU H 121 -43.19 -0.17 -8.04
CA LEU H 121 -41.94 0.50 -8.38
C LEU H 121 -42.22 1.90 -8.90
N LYS H 122 -41.30 2.82 -8.62
CA LYS H 122 -41.42 4.20 -9.04
C LYS H 122 -40.75 4.43 -10.38
N LEU H 123 -41.19 5.46 -11.09
CA LEU H 123 -40.66 5.80 -12.39
C LEU H 123 -39.65 6.95 -12.28
N MET H 124 -38.57 6.85 -13.05
CA MET H 124 -37.54 7.87 -13.09
C MET H 124 -37.66 8.69 -14.36
N ASP H 125 -37.45 10.00 -14.25
CA ASP H 125 -37.50 10.88 -15.40
C ASP H 125 -36.23 10.72 -16.23
N ILE H 126 -36.40 10.24 -17.47
CA ILE H 126 -35.27 9.97 -18.36
C ILE H 126 -35.42 10.84 -19.60
N ASP H 127 -34.37 11.59 -19.93
CA ASP H 127 -34.34 12.44 -21.12
C ASP H 127 -33.70 11.74 -22.30
N ALA H 128 -34.22 10.55 -22.64
CA ALA H 128 -33.71 9.78 -23.78
C ALA H 128 -34.57 10.07 -25.00
N ASP H 129 -34.01 10.82 -25.94
CA ASP H 129 -34.70 11.15 -27.18
C ASP H 129 -34.90 9.88 -28.00
N PHE H 130 -36.16 9.55 -28.26
CA PHE H 130 -36.50 8.37 -29.05
C PHE H 130 -35.91 8.50 -30.46
N LEU H 131 -34.96 7.63 -30.79
CA LEU H 131 -34.34 7.61 -32.11
C LEU H 131 -34.90 6.46 -32.94
N LYS H 132 -35.00 6.69 -34.23
CA LYS H 132 -35.59 5.70 -35.14
C LYS H 132 -34.64 4.52 -35.30
N ILE H 133 -35.20 3.34 -35.54
CA ILE H 133 -34.44 2.12 -35.79
C ILE H 133 -34.55 1.83 -37.28
N GLU H 134 -33.43 1.88 -37.98
CA GLU H 134 -33.42 1.78 -39.44
C GLU H 134 -32.89 0.42 -39.87
N GLU H 135 -33.51 -0.13 -40.91
CA GLU H 135 -33.01 -1.33 -41.58
C GLU H 135 -32.31 -0.90 -42.87
N LEU H 136 -31.10 -0.39 -42.73
CA LEU H 136 -30.29 0.01 -43.87
C LEU H 136 -29.60 -1.20 -44.49
N GLN H 137 -28.80 -0.93 -45.52
CA GLN H 137 -28.03 -1.98 -46.16
C GLN H 137 -26.78 -2.28 -45.35
N TYR H 138 -26.39 -3.55 -45.32
CA TYR H 138 -25.24 -4.01 -44.56
C TYR H 138 -24.28 -4.73 -45.49
N ASP H 139 -22.99 -4.42 -45.34
CA ASP H 139 -21.98 -5.03 -46.20
C ASP H 139 -21.85 -6.52 -45.93
N SER H 140 -22.16 -6.97 -44.72
CA SER H 140 -22.11 -8.39 -44.41
C SER H 140 -23.14 -8.72 -43.35
N THR H 141 -23.82 -9.85 -43.52
CA THR H 141 -24.82 -10.32 -42.58
C THR H 141 -24.62 -11.81 -42.34
N LEU H 142 -24.28 -12.18 -41.10
CA LEU H 142 -23.99 -13.57 -40.80
C LEU H 142 -24.80 -14.01 -39.59
N SER H 143 -24.89 -15.32 -39.41
CA SER H 143 -25.61 -15.91 -38.29
C SER H 143 -24.87 -17.16 -37.83
N LEU H 144 -24.64 -17.24 -36.52
CA LEU H 144 -23.80 -18.28 -35.94
C LEU H 144 -24.33 -18.58 -34.54
N PRO H 145 -24.29 -19.84 -34.11
CA PRO H 145 -24.85 -20.19 -32.79
C PRO H 145 -24.24 -19.35 -31.67
N SER H 146 -25.00 -19.24 -30.57
CA SER H 146 -24.63 -18.32 -29.50
C SER H 146 -23.51 -18.88 -28.62
N SER H 147 -23.54 -20.18 -28.34
CA SER H 147 -22.55 -20.76 -27.44
C SER H 147 -21.14 -20.67 -28.04
N GLU H 148 -21.02 -20.94 -29.34
CA GLU H 148 -19.71 -20.85 -29.99
C GLU H 148 -19.18 -19.43 -30.00
N PHE H 149 -20.04 -18.45 -30.30
CA PHE H 149 -19.61 -17.06 -30.26
C PHE H 149 -19.20 -16.65 -28.86
N SER H 150 -19.95 -17.09 -27.85
CA SER H 150 -19.60 -16.76 -26.48
C SER H 150 -18.26 -17.36 -26.09
N LYS H 151 -18.02 -18.61 -26.48
CA LYS H 151 -16.73 -19.24 -26.19
C LYS H 151 -15.60 -18.52 -26.91
N ILE H 152 -15.81 -18.13 -28.16
CA ILE H 152 -14.78 -17.41 -28.92
C ILE H 152 -14.45 -16.10 -28.24
N VAL H 153 -15.47 -15.39 -27.77
CA VAL H 153 -15.24 -14.10 -27.11
C VAL H 153 -14.51 -14.30 -25.78
N ARG H 154 -14.96 -15.26 -24.97
CA ARG H 154 -14.29 -15.53 -23.71
C ARG H 154 -12.87 -16.02 -23.90
N ASP H 155 -12.56 -16.61 -25.05
CA ASP H 155 -11.21 -17.12 -25.32
C ASP H 155 -10.30 -16.05 -25.88
N LEU H 156 -10.83 -15.13 -26.69
CA LEU H 156 -10.01 -14.07 -27.25
C LEU H 156 -9.84 -12.89 -26.29
N SER H 157 -10.75 -12.76 -25.32
CA SER H 157 -10.65 -11.67 -24.38
C SER H 157 -9.50 -11.87 -23.39
N GLN H 158 -9.04 -13.11 -23.20
CA GLN H 158 -7.93 -13.34 -22.28
C GLN H 158 -6.62 -12.84 -22.85
N LEU H 159 -6.50 -12.75 -24.17
CA LEU H 159 -5.24 -12.32 -24.77
C LEU H 159 -5.12 -10.80 -24.80
N SER H 160 -6.04 -10.14 -25.51
CA SER H 160 -6.00 -8.69 -25.69
C SER H 160 -7.27 -8.06 -25.14
N ASP H 161 -7.42 -6.76 -25.43
CA ASP H 161 -8.60 -5.99 -25.03
C ASP H 161 -9.33 -5.39 -26.22
N SER H 162 -9.03 -5.85 -27.43
CA SER H 162 -9.68 -5.33 -28.63
C SER H 162 -9.78 -6.46 -29.64
N ILE H 163 -11.00 -6.84 -30.00
CA ILE H 163 -11.25 -7.94 -30.93
C ILE H 163 -11.52 -7.37 -32.31
N ASN H 164 -10.80 -7.88 -33.31
CA ASN H 164 -10.93 -7.43 -34.68
C ASN H 164 -11.73 -8.48 -35.47
N ILE H 165 -12.82 -8.04 -36.09
CA ILE H 165 -13.64 -8.89 -36.95
C ILE H 165 -13.35 -8.52 -38.39
N MET H 166 -12.91 -9.50 -39.18
CA MET H 166 -12.66 -9.30 -40.61
C MET H 166 -13.47 -10.33 -41.39
N ILE H 167 -14.35 -9.83 -42.25
CA ILE H 167 -15.16 -10.67 -43.13
C ILE H 167 -14.62 -10.49 -44.54
N THR H 168 -14.00 -11.53 -45.07
CA THR H 168 -13.37 -11.49 -46.39
C THR H 168 -13.51 -12.83 -47.08
N LYS H 169 -13.89 -12.78 -48.36
CA LYS H 169 -13.99 -13.95 -49.25
C LYS H 169 -14.69 -15.11 -48.55
N GLU H 170 -15.95 -14.86 -48.19
CA GLU H 170 -16.81 -15.85 -47.54
C GLU H 170 -16.13 -16.52 -46.35
N THR H 171 -15.31 -15.77 -45.62
CA THR H 171 -14.63 -16.27 -44.44
C THR H 171 -14.67 -15.21 -43.34
N ILE H 172 -15.01 -15.64 -42.13
CA ILE H 172 -15.04 -14.77 -40.95
C ILE H 172 -13.75 -15.02 -40.19
N LYS H 173 -13.17 -13.96 -39.63
CA LYS H 173 -11.93 -14.08 -38.88
C LYS H 173 -11.97 -13.17 -37.66
N PHE H 174 -11.86 -13.76 -36.48
CA PHE H 174 -11.76 -13.02 -35.23
C PHE H 174 -10.30 -13.04 -34.78
N VAL H 175 -9.70 -11.85 -34.69
CA VAL H 175 -8.29 -11.70 -34.36
C VAL H 175 -8.18 -10.94 -33.05
N ALA H 176 -7.16 -11.30 -32.26
CA ALA H 176 -6.90 -10.62 -31.00
C ALA H 176 -5.40 -10.62 -30.77
N ASP H 177 -4.76 -9.46 -30.93
CA ASP H 177 -3.32 -9.31 -30.77
C ASP H 177 -3.04 -8.69 -29.40
N GLY H 178 -2.55 -9.51 -28.47
CA GLY H 178 -2.25 -9.08 -27.13
C GLY H 178 -0.77 -8.91 -26.89
N ASP H 179 -0.39 -8.99 -25.61
CA ASP H 179 1.01 -8.84 -25.22
C ASP H 179 1.74 -10.17 -25.19
N ILE H 180 1.11 -11.21 -24.64
CA ILE H 180 1.75 -12.52 -24.57
C ILE H 180 1.71 -13.25 -25.91
N GLY H 181 0.79 -12.88 -26.80
CA GLY H 181 0.71 -13.52 -28.10
C GLY H 181 -0.35 -12.94 -29.00
N SER H 182 -0.95 -13.77 -29.85
CA SER H 182 -1.98 -13.32 -30.78
C SER H 182 -2.80 -14.52 -31.23
N GLY H 183 -4.11 -14.42 -31.08
CA GLY H 183 -5.03 -15.47 -31.50
C GLY H 183 -5.80 -15.05 -32.73
N SER H 184 -6.20 -16.04 -33.53
CA SER H 184 -6.94 -15.78 -34.76
C SER H 184 -7.75 -17.03 -35.10
N VAL H 185 -9.07 -16.92 -35.05
CA VAL H 185 -9.97 -18.02 -35.37
C VAL H 185 -10.73 -17.66 -36.64
N ILE H 186 -10.66 -18.52 -37.65
CA ILE H 186 -11.32 -18.31 -38.94
C ILE H 186 -12.40 -19.38 -39.10
N ILE H 187 -13.55 -18.97 -39.61
CA ILE H 187 -14.71 -19.83 -39.78
C ILE H 187 -15.26 -19.65 -41.19
N LYS H 188 -15.70 -20.77 -41.79
CA LYS H 188 -16.35 -20.83 -43.09
C LYS H 188 -17.81 -21.22 -42.93
N PRO H 189 -18.68 -20.80 -43.84
CA PRO H 189 -20.11 -21.16 -43.72
C PRO H 189 -20.30 -22.66 -43.81
N PHE H 190 -21.04 -23.19 -42.84
CA PHE H 190 -21.32 -24.63 -42.76
C PHE H 190 -22.76 -24.84 -42.34
N VAL H 191 -23.42 -25.79 -43.00
CA VAL H 191 -24.81 -26.12 -42.73
C VAL H 191 -24.91 -27.60 -42.38
N ASP H 192 -25.86 -27.94 -41.51
CA ASP H 192 -26.07 -29.31 -41.07
C ASP H 192 -27.56 -29.61 -41.04
N MET H 193 -27.89 -30.86 -41.36
CA MET H 193 -29.28 -31.31 -41.36
C MET H 193 -29.66 -32.09 -40.11
N GLU H 194 -28.72 -32.82 -39.51
CA GLU H 194 -29.03 -33.56 -38.30
C GLU H 194 -29.29 -32.63 -37.12
N HIS H 195 -28.53 -31.54 -37.03
CA HIS H 195 -28.73 -30.53 -35.98
C HIS H 195 -28.92 -29.17 -36.66
N PRO H 196 -30.16 -28.70 -36.80
CA PRO H 196 -30.38 -27.40 -37.46
C PRO H 196 -29.88 -26.21 -36.66
N GLU H 197 -29.49 -26.40 -35.40
CA GLU H 197 -29.00 -25.29 -34.59
C GLU H 197 -27.54 -24.95 -34.85
N THR H 198 -26.72 -25.94 -35.18
CA THR H 198 -25.30 -25.73 -35.43
C THR H 198 -25.08 -25.46 -36.92
N SER H 199 -25.51 -24.28 -37.35
CA SER H 199 -25.38 -23.84 -38.73
C SER H 199 -24.86 -22.41 -38.76
N ILE H 200 -24.00 -22.12 -39.74
CA ILE H 200 -23.39 -20.81 -39.89
C ILE H 200 -23.77 -20.29 -41.27
N LYS H 201 -24.60 -19.26 -41.32
CA LYS H 201 -25.01 -18.66 -42.58
C LYS H 201 -24.31 -17.32 -42.76
N LEU H 202 -24.09 -16.92 -44.01
CA LEU H 202 -23.35 -15.70 -44.30
C LEU H 202 -23.78 -15.14 -45.65
N GLU H 203 -23.88 -13.82 -45.71
CA GLU H 203 -24.15 -13.10 -46.95
C GLU H 203 -23.19 -11.91 -47.01
N MET H 204 -22.34 -11.91 -48.04
CA MET H 204 -21.26 -10.93 -48.17
C MET H 204 -21.35 -10.22 -49.51
N ASP H 205 -20.97 -8.93 -49.50
CA ASP H 205 -20.80 -8.17 -50.73
C ASP H 205 -19.51 -7.36 -50.76
N GLN H 206 -18.89 -7.11 -49.61
CA GLN H 206 -17.69 -6.29 -49.53
C GLN H 206 -16.81 -6.72 -48.37
N PRO H 207 -15.49 -6.84 -48.56
CA PRO H 207 -14.59 -7.20 -47.46
C PRO H 207 -14.54 -6.10 -46.42
N VAL H 208 -14.85 -6.46 -45.17
CA VAL H 208 -14.89 -5.49 -44.07
C VAL H 208 -13.90 -5.94 -43.00
N ASP H 209 -13.41 -4.97 -42.23
CA ASP H 209 -12.51 -5.24 -41.11
C ASP H 209 -12.64 -4.11 -40.10
N LEU H 210 -13.12 -4.45 -38.90
CA LEU H 210 -13.33 -3.46 -37.85
C LEU H 210 -12.83 -4.01 -36.52
N THR H 211 -12.71 -3.12 -35.54
CA THR H 211 -12.24 -3.47 -34.21
C THR H 211 -13.27 -3.03 -33.17
N PHE H 212 -13.43 -3.82 -32.12
CA PHE H 212 -14.39 -3.51 -31.07
C PHE H 212 -13.76 -3.80 -29.71
N GLY H 213 -14.28 -3.12 -28.69
CA GLY H 213 -13.75 -3.30 -27.35
C GLY H 213 -14.14 -4.66 -26.79
N ALA H 214 -13.20 -5.27 -26.06
CA ALA H 214 -13.43 -6.60 -25.52
C ALA H 214 -14.39 -6.58 -24.33
N LYS H 215 -14.36 -5.53 -23.51
CA LYS H 215 -15.23 -5.47 -22.35
C LYS H 215 -16.68 -5.23 -22.74
N TYR H 216 -16.93 -4.80 -23.99
CA TYR H 216 -18.30 -4.71 -24.48
C TYR H 216 -18.82 -6.07 -24.90
N LEU H 217 -18.05 -6.81 -25.72
CA LEU H 217 -18.48 -8.15 -26.11
C LEU H 217 -18.56 -9.09 -24.91
N LEU H 218 -17.73 -8.86 -23.89
CA LEU H 218 -17.71 -9.73 -22.73
C LEU H 218 -19.05 -9.71 -21.99
N ASP H 219 -19.78 -8.60 -22.06
CA ASP H 219 -21.12 -8.54 -21.49
C ASP H 219 -22.22 -8.75 -22.53
N ILE H 220 -21.94 -8.49 -23.81
CA ILE H 220 -22.91 -8.78 -24.85
C ILE H 220 -23.16 -10.29 -24.94
N ILE H 221 -22.10 -11.08 -24.78
CA ILE H 221 -22.23 -12.54 -24.85
C ILE H 221 -22.99 -13.13 -23.67
N LYS H 222 -23.24 -12.34 -22.62
CA LYS H 222 -23.99 -12.84 -21.48
C LYS H 222 -25.44 -13.14 -21.85
N GLY H 223 -25.93 -12.62 -22.97
CA GLY H 223 -27.27 -12.91 -23.41
C GLY H 223 -27.36 -14.17 -24.26
N SER H 224 -26.35 -15.05 -24.12
CA SER H 224 -26.33 -16.29 -24.87
C SER H 224 -27.42 -17.26 -24.45
N SER H 225 -28.03 -17.07 -23.29
CA SER H 225 -29.02 -18.00 -22.77
C SER H 225 -30.44 -17.69 -23.24
N LEU H 226 -30.67 -16.57 -23.92
CA LEU H 226 -32.02 -16.22 -24.35
C LEU H 226 -32.38 -16.83 -25.70
N SER H 227 -31.38 -17.13 -26.53
CA SER H 227 -31.63 -17.68 -27.86
C SER H 227 -30.55 -18.69 -28.17
N ASP H 228 -30.66 -19.31 -29.35
CA ASP H 228 -29.72 -20.33 -29.79
C ASP H 228 -28.65 -19.78 -30.73
N ARG H 229 -28.98 -18.80 -31.56
CA ARG H 229 -28.01 -18.23 -32.50
C ARG H 229 -28.06 -16.72 -32.42
N VAL H 230 -27.00 -16.09 -32.97
CA VAL H 230 -26.84 -14.65 -32.97
C VAL H 230 -26.56 -14.22 -34.41
N GLY H 231 -27.10 -13.07 -34.78
CA GLY H 231 -26.83 -12.45 -36.08
C GLY H 231 -25.87 -11.28 -35.91
N ILE H 232 -24.86 -11.25 -36.77
CA ILE H 232 -23.85 -10.19 -36.75
C ILE H 232 -23.91 -9.46 -38.08
N ARG H 233 -24.09 -8.15 -38.03
CA ARG H 233 -24.24 -7.31 -39.21
C ARG H 233 -23.15 -6.25 -39.21
N LEU H 234 -22.36 -6.22 -40.27
CA LEU H 234 -21.24 -5.30 -40.40
C LEU H 234 -21.41 -4.43 -41.63
N SER H 235 -21.06 -3.16 -41.50
CA SER H 235 -21.10 -2.21 -42.60
C SER H 235 -19.77 -1.47 -42.67
N SER H 236 -19.63 -0.61 -43.67
CA SER H 236 -18.38 0.12 -43.86
C SER H 236 -18.20 1.19 -42.80
N GLU H 237 -19.12 2.16 -42.74
CA GLU H 237 -19.05 3.24 -41.78
C GLU H 237 -20.11 3.18 -40.70
N ALA H 238 -21.04 2.24 -40.78
CA ALA H 238 -22.08 2.13 -39.77
C ALA H 238 -21.63 1.24 -38.62
N PRO H 239 -22.14 1.49 -37.40
CA PRO H 239 -21.79 0.64 -36.27
C PRO H 239 -22.25 -0.79 -36.48
N ALA H 240 -21.62 -1.71 -35.76
CA ALA H 240 -21.94 -3.12 -35.89
C ALA H 240 -23.26 -3.44 -35.18
N LEU H 241 -24.01 -4.38 -35.73
CA LEU H 241 -25.30 -4.81 -35.18
C LEU H 241 -25.17 -6.23 -34.65
N PHE H 242 -25.46 -6.40 -33.37
CA PHE H 242 -25.56 -7.72 -32.76
C PHE H 242 -27.03 -7.98 -32.45
N GLN H 243 -27.60 -8.99 -33.10
CA GLN H 243 -29.03 -9.27 -33.04
C GLN H 243 -29.27 -10.62 -32.39
N PHE H 244 -30.12 -10.63 -31.37
CA PHE H 244 -30.55 -11.84 -30.69
C PHE H 244 -32.04 -12.04 -30.94
N ASP H 245 -32.39 -13.25 -31.38
CA ASP H 245 -33.78 -13.58 -31.68
C ASP H 245 -34.51 -14.04 -30.42
N GLY H 249 -37.66 -12.96 -27.71
CA GLY H 249 -37.62 -11.51 -27.80
C GLY H 249 -36.44 -11.00 -28.60
N PHE H 250 -36.69 -10.01 -29.44
CA PHE H 250 -35.63 -9.44 -30.28
C PHE H 250 -34.78 -8.47 -29.47
N LEU H 251 -33.48 -8.48 -29.73
CA LEU H 251 -32.56 -7.60 -29.01
C LEU H 251 -31.48 -7.14 -29.97
N GLN H 252 -31.38 -5.82 -30.18
CA GLN H 252 -30.40 -5.25 -31.10
C GLN H 252 -29.43 -4.37 -30.34
N PHE H 253 -28.15 -4.68 -30.46
CA PHE H 253 -27.07 -3.87 -29.90
C PHE H 253 -26.30 -3.22 -31.03
N PHE H 254 -26.29 -1.89 -31.05
CA PHE H 254 -25.48 -1.13 -31.99
C PHE H 254 -24.20 -0.73 -31.28
N LEU H 255 -23.09 -1.33 -31.71
CA LEU H 255 -21.79 -1.12 -31.09
C LEU H 255 -20.90 -0.30 -32.01
N ALA H 256 -20.29 0.75 -31.45
CA ALA H 256 -19.42 1.62 -32.23
C ALA H 256 -17.99 1.08 -32.24
N PRO H 257 -17.39 0.97 -33.41
CA PRO H 257 -15.99 0.49 -33.48
C PRO H 257 -15.00 1.55 -33.07
N LYS H 258 -13.70 1.26 -33.23
CA LYS H 258 -12.64 2.22 -33.02
C LYS H 258 -12.28 2.88 -34.34
N PHE H 259 -11.99 4.17 -34.30
CA PHE H 259 -11.85 4.97 -35.52
C PHE H 259 -10.69 4.49 -36.39
N ASN H 260 -9.48 4.40 -35.83
CA ASN H 260 -8.30 4.05 -36.60
C ASN H 260 -7.14 3.64 -35.70
N ASP H 261 -5.95 3.53 -36.28
CA ASP H 261 -4.73 3.19 -35.56
C ASP H 261 -4.87 1.87 -34.81
#